data_2JUL
#
_entry.id   2JUL
#
loop_
_entity.id
_entity.type
_entity.pdbx_description
1 polymer Calsenilin
2 non-polymer 'CALCIUM ION'
#
_entity_poly.entity_id   1
_entity_poly.type   'polypeptide(L)'
_entity_poly.pdbx_seq_one_letter_code
;MQRTKEAVKASDGNLLGDPGRIPLSKRESIKWQRPRFTRQALMRCCLIKWILSSAAPQGSDSSDSELELSTVRHQPEGLD
QLQAQTKFTKKELQSLYRGFKNECPTGLVDEDTFKLIYSQFFPQGDATTYAHFLFNAFDADGNGAIHFEDFVVGLSILLR
GTVHEKLKWAFNLYDINKDGCITKEEMLAIMKSIYDMMGRHTYPILREDAPLEHVERFFQKMDRNQDGVVTIDEFLETCQ
KDENIMNSMQLFENVI
;
_entity_poly.pdbx_strand_id   A
#
# COMPACT_ATOMS: atom_id res chain seq x y z
N PRO A 76 -27.92 15.55 5.33
CA PRO A 76 -28.03 15.15 6.74
C PRO A 76 -26.84 15.63 7.54
N GLU A 77 -26.78 15.24 8.78
CA GLU A 77 -25.66 15.68 9.65
C GLU A 77 -24.49 14.70 9.54
N GLY A 78 -24.55 13.82 8.57
CA GLY A 78 -23.45 12.83 8.41
C GLY A 78 -22.13 13.54 8.14
N LEU A 79 -22.20 14.77 7.72
CA LEU A 79 -20.95 15.51 7.45
C LEU A 79 -20.31 15.99 8.74
N ASP A 80 -20.92 16.95 9.37
CA ASP A 80 -20.34 17.46 10.64
C ASP A 80 -19.93 16.31 11.54
N GLN A 81 -20.74 15.27 11.54
CA GLN A 81 -20.42 14.11 12.39
C GLN A 81 -19.08 13.49 11.99
N LEU A 82 -18.95 13.21 10.73
CA LEU A 82 -17.67 12.61 10.26
C LEU A 82 -16.51 13.52 10.61
N GLN A 83 -16.69 14.80 10.41
CA GLN A 83 -15.62 15.75 10.72
C GLN A 83 -15.18 15.61 12.18
N ALA A 84 -16.13 15.50 13.05
CA ALA A 84 -15.80 15.36 14.49
C ALA A 84 -14.86 14.18 14.71
N GLN A 85 -15.17 13.08 14.08
CA GLN A 85 -14.31 11.88 14.23
C GLN A 85 -12.92 12.13 13.65
N THR A 86 -12.89 12.40 12.36
CA THR A 86 -11.57 12.66 11.71
C THR A 86 -10.90 13.89 12.31
N LYS A 87 -9.64 14.06 12.00
CA LYS A 87 -8.89 15.23 12.53
C LYS A 87 -8.66 16.27 11.42
N PHE A 88 -9.75 16.74 10.86
CA PHE A 88 -9.64 17.75 9.77
C PHE A 88 -10.64 18.88 9.98
N THR A 89 -10.63 19.84 9.10
CA THR A 89 -11.57 20.97 9.22
C THR A 89 -12.80 20.73 8.37
N LYS A 90 -13.91 21.27 8.79
CA LYS A 90 -15.15 21.07 8.00
C LYS A 90 -14.89 21.36 6.52
N LYS A 91 -13.91 22.17 6.26
CA LYS A 91 -13.60 22.49 4.85
C LYS A 91 -12.91 21.32 4.18
N GLU A 92 -11.80 20.91 4.74
CA GLU A 92 -11.08 19.77 4.16
C GLU A 92 -11.95 18.53 4.18
N LEU A 93 -12.83 18.46 5.15
CA LEU A 93 -13.71 17.29 5.24
C LEU A 93 -14.69 17.28 4.07
N GLN A 94 -15.30 18.41 3.84
CA GLN A 94 -16.26 18.48 2.71
C GLN A 94 -15.52 18.30 1.40
N SER A 95 -14.23 18.52 1.43
CA SER A 95 -13.43 18.35 0.20
C SER A 95 -13.19 16.88 -0.07
N LEU A 96 -12.67 16.19 0.91
CA LEU A 96 -12.40 14.75 0.73
C LEU A 96 -13.69 14.01 0.43
N TYR A 97 -14.78 14.53 0.92
CA TYR A 97 -16.08 13.87 0.68
C TYR A 97 -16.46 14.03 -0.79
N ARG A 98 -16.33 15.22 -1.30
CA ARG A 98 -16.67 15.44 -2.72
C ARG A 98 -15.84 14.54 -3.61
N GLY A 99 -14.56 14.49 -3.33
CA GLY A 99 -13.68 13.62 -4.16
C GLY A 99 -14.24 12.21 -4.21
N PHE A 100 -14.65 11.72 -3.07
CA PHE A 100 -15.21 10.35 -3.02
C PHE A 100 -16.52 10.29 -3.80
N LYS A 101 -17.21 11.41 -3.84
CA LYS A 101 -18.49 11.44 -4.57
C LYS A 101 -18.23 11.65 -6.06
N ASN A 102 -17.12 12.28 -6.37
CA ASN A 102 -16.79 12.53 -7.79
C ASN A 102 -16.14 11.30 -8.40
N GLU A 103 -15.38 10.60 -7.59
CA GLU A 103 -14.71 9.38 -8.12
C GLU A 103 -15.58 8.15 -7.92
N CYS A 104 -16.64 8.31 -7.16
CA CYS A 104 -17.55 7.17 -6.93
C CYS A 104 -18.92 7.65 -6.46
N PRO A 105 -19.58 8.37 -7.33
CA PRO A 105 -20.91 8.90 -7.04
C PRO A 105 -21.93 7.79 -6.85
N THR A 106 -21.47 6.64 -6.44
CA THR A 106 -22.40 5.50 -6.23
C THR A 106 -22.88 5.46 -4.78
N GLY A 107 -21.98 5.70 -3.86
CA GLY A 107 -22.36 5.68 -2.42
C GLY A 107 -21.35 4.87 -1.63
N LEU A 108 -21.34 3.58 -1.86
CA LEU A 108 -20.39 2.70 -1.14
C LEU A 108 -19.33 2.17 -2.11
N VAL A 109 -18.22 1.73 -1.57
CA VAL A 109 -17.14 1.20 -2.43
C VAL A 109 -16.97 -0.30 -2.22
N ASP A 110 -16.46 -0.97 -3.23
CA ASP A 110 -16.25 -2.44 -3.11
C ASP A 110 -14.93 -2.86 -3.75
N GLU A 111 -14.46 -4.01 -3.37
CA GLU A 111 -13.19 -4.50 -3.95
C GLU A 111 -13.15 -4.26 -5.45
N ASP A 112 -14.20 -4.64 -6.12
CA ASP A 112 -14.24 -4.45 -7.59
C ASP A 112 -13.97 -3.00 -7.93
N THR A 113 -14.66 -2.11 -7.27
CA THR A 113 -14.45 -0.68 -7.56
C THR A 113 -12.99 -0.31 -7.36
N PHE A 114 -12.44 -0.71 -6.23
CA PHE A 114 -11.02 -0.38 -5.97
C PHE A 114 -10.18 -0.66 -7.20
N LYS A 115 -10.50 -1.74 -7.88
CA LYS A 115 -9.73 -2.08 -9.09
C LYS A 115 -9.97 -1.05 -10.19
N LEU A 116 -11.21 -0.66 -10.34
CA LEU A 116 -11.54 0.34 -11.37
C LEU A 116 -10.81 1.64 -11.10
N ILE A 117 -10.60 1.93 -9.84
CA ILE A 117 -9.90 3.18 -9.47
C ILE A 117 -8.44 3.11 -9.92
N TYR A 118 -7.74 2.09 -9.47
CA TYR A 118 -6.32 1.96 -9.86
C TYR A 118 -6.20 1.81 -11.36
N SER A 119 -7.24 1.29 -11.96
CA SER A 119 -7.21 1.11 -13.44
C SER A 119 -7.24 2.46 -14.14
N GLN A 120 -8.03 3.36 -13.62
CA GLN A 120 -8.12 4.70 -14.24
C GLN A 120 -6.77 5.41 -14.17
N PHE A 121 -6.14 5.31 -13.03
CA PHE A 121 -4.82 5.97 -12.87
C PHE A 121 -3.71 5.11 -13.44
N PHE A 122 -4.04 3.91 -13.81
CA PHE A 122 -3.02 3.00 -14.39
C PHE A 122 -3.67 1.94 -15.28
N PRO A 123 -4.27 2.41 -16.35
CA PRO A 123 -4.94 1.52 -17.30
C PRO A 123 -3.97 0.51 -17.91
N GLN A 124 -2.97 1.00 -18.59
CA GLN A 124 -1.99 0.08 -19.21
C GLN A 124 -1.28 -0.74 -18.13
N GLY A 125 -0.96 -1.97 -18.46
CA GLY A 125 -0.26 -2.83 -17.46
C GLY A 125 -1.27 -3.71 -16.72
N ASP A 126 -0.81 -4.39 -15.70
CA ASP A 126 -1.73 -5.25 -14.94
C ASP A 126 -2.34 -4.50 -13.76
N ALA A 127 -1.61 -4.44 -12.68
CA ALA A 127 -2.13 -3.73 -11.49
C ALA A 127 -3.32 -4.46 -10.89
N THR A 128 -3.70 -5.56 -11.50
CA THR A 128 -4.84 -6.33 -10.96
C THR A 128 -4.46 -7.05 -9.68
N THR A 129 -3.35 -7.71 -9.70
CA THR A 129 -2.92 -8.43 -8.49
C THR A 129 -2.57 -7.44 -7.38
N TYR A 130 -1.82 -6.44 -7.73
CA TYR A 130 -1.44 -5.44 -6.73
C TYR A 130 -2.66 -4.67 -6.26
N ALA A 131 -3.66 -4.58 -7.12
CA ALA A 131 -4.89 -3.86 -6.72
C ALA A 131 -5.57 -4.56 -5.57
N HIS A 132 -5.66 -5.86 -5.68
CA HIS A 132 -6.31 -6.62 -4.59
C HIS A 132 -5.55 -6.41 -3.29
N PHE A 133 -4.25 -6.52 -3.36
CA PHE A 133 -3.44 -6.31 -2.14
C PHE A 133 -3.71 -4.95 -1.55
N LEU A 134 -3.88 -3.98 -2.41
CA LEU A 134 -4.16 -2.61 -1.92
C LEU A 134 -5.40 -2.61 -1.05
N PHE A 135 -6.45 -3.24 -1.53
CA PHE A 135 -7.69 -3.29 -0.74
C PHE A 135 -7.40 -3.77 0.68
N ASN A 136 -6.72 -4.88 0.77
CA ASN A 136 -6.41 -5.41 2.12
C ASN A 136 -5.82 -4.31 2.98
N ALA A 137 -5.01 -3.48 2.38
CA ALA A 137 -4.39 -2.38 3.14
C ALA A 137 -5.46 -1.48 3.75
N PHE A 138 -6.46 -1.19 2.96
CA PHE A 138 -7.56 -0.33 3.47
C PHE A 138 -8.54 -1.14 4.31
N ASP A 139 -9.72 -0.63 4.47
CA ASP A 139 -10.74 -1.36 5.27
C ASP A 139 -10.35 -1.39 6.75
N ALA A 140 -11.28 -1.79 7.58
CA ALA A 140 -11.00 -1.86 9.03
C ALA A 140 -11.69 -3.05 9.67
N ASP A 141 -11.04 -4.17 9.64
CA ASP A 141 -11.65 -5.39 10.25
C ASP A 141 -13.10 -5.54 9.80
N GLY A 142 -13.37 -5.16 8.58
CA GLY A 142 -14.77 -5.28 8.06
C GLY A 142 -14.83 -6.33 6.95
N ASN A 143 -15.93 -6.38 6.26
CA ASN A 143 -16.07 -7.37 5.17
C ASN A 143 -15.44 -6.85 3.89
N GLY A 144 -16.18 -6.93 2.81
CA GLY A 144 -15.64 -6.43 1.51
C GLY A 144 -16.25 -5.07 1.16
N ALA A 145 -17.22 -4.65 1.94
CA ALA A 145 -17.86 -3.35 1.66
C ALA A 145 -17.20 -2.23 2.47
N ILE A 146 -16.73 -1.22 1.77
CA ILE A 146 -16.07 -0.08 2.45
C ILE A 146 -16.84 1.21 2.19
N HIS A 147 -16.38 2.30 2.77
CA HIS A 147 -17.08 3.60 2.55
C HIS A 147 -16.09 4.74 2.41
N PHE A 148 -16.59 5.95 2.50
CA PHE A 148 -15.69 7.12 2.38
C PHE A 148 -14.99 7.43 3.69
N GLU A 149 -15.53 6.93 4.77
CA GLU A 149 -14.89 7.20 6.08
C GLU A 149 -13.54 6.51 6.16
N ASP A 150 -13.55 5.21 6.19
CA ASP A 150 -12.25 4.49 6.27
C ASP A 150 -11.29 5.04 5.23
N PHE A 151 -11.83 5.62 4.19
CA PHE A 151 -10.96 6.20 3.15
C PHE A 151 -10.38 7.52 3.61
N VAL A 152 -11.21 8.33 4.23
CA VAL A 152 -10.71 9.64 4.72
C VAL A 152 -9.67 9.41 5.81
N VAL A 153 -9.88 8.41 6.61
CA VAL A 153 -8.92 8.11 7.68
C VAL A 153 -7.57 7.78 7.09
N GLY A 154 -7.58 6.88 6.14
CA GLY A 154 -6.29 6.50 5.50
C GLY A 154 -5.61 7.76 5.00
N LEU A 155 -6.37 8.61 4.37
CA LEU A 155 -5.78 9.85 3.86
C LEU A 155 -4.98 10.50 4.97
N SER A 156 -5.48 10.39 6.17
CA SER A 156 -4.77 10.99 7.33
C SER A 156 -3.43 10.29 7.52
N ILE A 157 -3.42 8.99 7.37
CA ILE A 157 -2.15 8.24 7.54
C ILE A 157 -1.13 8.69 6.51
N LEU A 158 -1.59 8.93 5.32
CA LEU A 158 -0.67 9.38 4.26
C LEU A 158 -0.35 10.86 4.40
N LEU A 159 -1.38 11.65 4.56
CA LEU A 159 -1.16 13.11 4.71
C LEU A 159 -0.42 13.41 6.02
N ARG A 160 -1.10 13.24 7.12
CA ARG A 160 -0.46 13.50 8.42
C ARG A 160 0.15 12.24 8.99
N GLY A 161 1.29 11.88 8.48
CA GLY A 161 1.97 10.65 8.97
C GLY A 161 3.45 10.67 8.60
N THR A 162 4.29 10.35 9.56
CA THR A 162 5.75 10.35 9.28
C THR A 162 6.16 9.07 8.58
N VAL A 163 7.45 8.83 8.53
CA VAL A 163 7.94 7.61 7.86
C VAL A 163 7.54 6.37 8.65
N HIS A 164 7.41 6.53 9.94
CA HIS A 164 7.01 5.38 10.77
C HIS A 164 5.65 4.86 10.35
N GLU A 165 4.65 5.70 10.47
CA GLU A 165 3.29 5.25 10.08
C GLU A 165 3.32 4.65 8.68
N LYS A 166 4.13 5.22 7.83
CA LYS A 166 4.22 4.71 6.45
C LYS A 166 4.83 3.31 6.46
N LEU A 167 5.87 3.15 7.24
CA LEU A 167 6.53 1.83 7.32
C LEU A 167 5.53 0.76 7.71
N LYS A 168 4.60 1.12 8.56
CA LYS A 168 3.58 0.15 8.99
C LYS A 168 2.62 -0.13 7.86
N TRP A 169 2.23 0.91 7.16
CA TRP A 169 1.29 0.73 6.03
C TRP A 169 1.93 -0.10 4.91
N ALA A 170 3.18 0.18 4.63
CA ALA A 170 3.87 -0.57 3.57
C ALA A 170 4.09 -2.01 4.01
N PHE A 171 4.40 -2.17 5.26
CA PHE A 171 4.64 -3.53 5.78
C PHE A 171 3.36 -4.35 5.71
N ASN A 172 2.26 -3.74 6.06
CA ASN A 172 0.98 -4.47 6.01
C ASN A 172 0.65 -4.90 4.59
N LEU A 173 1.00 -4.07 3.64
CA LEU A 173 0.71 -4.42 2.24
C LEU A 173 1.44 -5.69 1.83
N TYR A 174 2.70 -5.76 2.16
CA TYR A 174 3.48 -6.98 1.80
C TYR A 174 2.97 -8.20 2.57
N ASP A 175 1.68 -8.29 2.70
CA ASP A 175 1.10 -9.45 3.43
C ASP A 175 -0.41 -9.48 3.28
N ILE A 176 -0.92 -10.62 2.88
CA ILE A 176 -2.39 -10.76 2.69
C ILE A 176 -2.86 -12.11 3.19
N ASN A 177 -1.95 -13.03 3.30
CA ASN A 177 -2.32 -14.38 3.78
C ASN A 177 -2.48 -14.40 5.29
N LYS A 178 -2.62 -15.58 5.84
CA LYS A 178 -2.79 -15.68 7.31
C LYS A 178 -1.52 -15.22 8.02
N ASP A 179 -1.42 -15.56 9.29
CA ASP A 179 -0.22 -15.14 10.06
C ASP A 179 0.04 -13.65 9.93
N GLY A 180 1.12 -13.20 10.53
CA GLY A 180 1.46 -11.75 10.45
C GLY A 180 2.97 -11.57 10.26
N CYS A 181 3.60 -12.58 9.70
CA CYS A 181 5.07 -12.51 9.46
C CYS A 181 5.38 -12.50 7.98
N ILE A 182 6.56 -12.03 7.66
CA ILE A 182 6.99 -11.98 6.23
C ILE A 182 8.03 -13.04 5.96
N THR A 183 8.20 -13.35 4.71
CA THR A 183 9.21 -14.35 4.36
C THR A 183 9.73 -14.08 2.96
N LYS A 184 10.89 -14.59 2.64
CA LYS A 184 11.43 -14.34 1.28
C LYS A 184 10.49 -14.90 0.22
N GLU A 185 9.69 -15.86 0.63
CA GLU A 185 8.74 -16.46 -0.34
C GLU A 185 7.67 -15.45 -0.71
N GLU A 186 6.91 -15.05 0.28
CA GLU A 186 5.84 -14.06 0.02
C GLU A 186 6.43 -12.86 -0.72
N MET A 187 7.66 -12.57 -0.43
CA MET A 187 8.32 -11.42 -1.09
C MET A 187 8.56 -11.72 -2.56
N LEU A 188 8.78 -12.97 -2.87
CA LEU A 188 9.01 -13.34 -4.28
C LEU A 188 7.76 -13.09 -5.10
N ALA A 189 6.63 -13.46 -4.55
CA ALA A 189 5.36 -13.25 -5.29
C ALA A 189 5.09 -11.76 -5.45
N ILE A 190 5.46 -11.01 -4.44
CA ILE A 190 5.22 -9.55 -4.51
C ILE A 190 6.03 -8.94 -5.64
N MET A 191 7.26 -9.35 -5.76
CA MET A 191 8.11 -8.79 -6.85
C MET A 191 7.53 -9.16 -8.21
N LYS A 192 7.01 -10.35 -8.31
CA LYS A 192 6.42 -10.78 -9.60
C LYS A 192 5.25 -9.88 -9.97
N SER A 193 4.45 -9.54 -9.00
CA SER A 193 3.29 -8.65 -9.28
C SER A 193 3.76 -7.32 -9.83
N ILE A 194 4.68 -6.71 -9.13
CA ILE A 194 5.19 -5.41 -9.60
C ILE A 194 5.91 -5.57 -10.93
N TYR A 195 6.49 -6.71 -11.14
CA TYR A 195 7.21 -6.94 -12.41
C TYR A 195 6.22 -7.00 -13.57
N ASP A 196 5.10 -7.65 -13.35
CA ASP A 196 4.10 -7.74 -14.44
C ASP A 196 3.42 -6.40 -14.64
N MET A 197 3.46 -5.57 -13.64
CA MET A 197 2.83 -4.24 -13.75
C MET A 197 3.73 -3.28 -14.51
N MET A 198 5.02 -3.41 -14.30
CA MET A 198 5.97 -2.52 -15.00
C MET A 198 5.70 -2.49 -16.50
N GLY A 199 4.87 -1.58 -16.92
CA GLY A 199 4.55 -1.49 -18.37
C GLY A 199 5.48 -0.51 -19.08
N ARG A 200 6.42 0.03 -18.34
CA ARG A 200 7.37 1.00 -18.93
C ARG A 200 8.72 0.35 -19.19
N HIS A 201 9.29 0.66 -20.32
CA HIS A 201 10.62 0.06 -20.65
C HIS A 201 11.17 0.66 -21.94
N THR A 202 10.79 1.88 -22.23
CA THR A 202 11.28 2.53 -23.47
C THR A 202 12.79 2.70 -23.43
N TYR A 203 13.35 3.13 -24.54
CA TYR A 203 14.83 3.34 -24.60
C TYR A 203 15.59 2.01 -24.36
N PRO A 204 16.77 1.90 -24.96
CA PRO A 204 17.58 0.69 -24.80
C PRO A 204 17.89 0.41 -23.35
N ILE A 205 18.07 -0.85 -23.03
CA ILE A 205 18.39 -1.23 -21.64
C ILE A 205 19.14 -2.55 -21.60
N LEU A 206 20.22 -2.58 -20.87
CA LEU A 206 21.00 -3.84 -20.78
C LEU A 206 20.32 -4.85 -19.86
N ARG A 207 20.39 -4.58 -18.58
CA ARG A 207 19.76 -5.51 -17.60
C ARG A 207 18.39 -5.96 -18.09
N GLU A 208 18.13 -7.24 -17.98
CA GLU A 208 16.82 -7.78 -18.42
C GLU A 208 15.86 -7.94 -17.24
N ASP A 209 16.06 -8.99 -16.48
CA ASP A 209 15.16 -9.21 -15.31
C ASP A 209 15.86 -10.05 -14.24
N ALA A 210 15.53 -9.79 -13.01
CA ALA A 210 16.15 -10.56 -11.91
C ALA A 210 15.53 -10.18 -10.56
N PRO A 211 14.24 -10.41 -10.45
CA PRO A 211 13.49 -10.11 -9.23
C PRO A 211 13.96 -10.96 -8.05
N LEU A 212 14.91 -11.83 -8.31
CA LEU A 212 15.41 -12.69 -7.21
C LEU A 212 16.53 -12.01 -6.42
N GLU A 213 17.60 -11.70 -7.09
CA GLU A 213 18.73 -11.02 -6.39
C GLU A 213 18.23 -9.93 -5.47
N HIS A 214 17.19 -9.25 -5.88
CA HIS A 214 16.66 -8.16 -5.02
C HIS A 214 16.05 -8.73 -3.74
N VAL A 215 15.07 -9.57 -3.89
CA VAL A 215 14.42 -10.17 -2.71
C VAL A 215 15.45 -10.94 -1.87
N GLU A 216 16.55 -11.29 -2.49
CA GLU A 216 17.59 -12.04 -1.74
C GLU A 216 18.37 -11.11 -0.83
N ARG A 217 18.79 -9.99 -1.37
CA ARG A 217 19.55 -9.02 -0.54
C ARG A 217 18.67 -8.42 0.54
N PHE A 218 17.40 -8.32 0.24
CA PHE A 218 16.46 -7.73 1.23
C PHE A 218 16.26 -8.69 2.39
N PHE A 219 16.19 -9.96 2.08
CA PHE A 219 15.98 -10.96 3.15
C PHE A 219 17.28 -11.17 3.93
N GLN A 220 18.37 -11.17 3.22
CA GLN A 220 19.67 -11.36 3.90
C GLN A 220 20.01 -10.15 4.75
N LYS A 221 19.57 -8.99 4.33
CA LYS A 221 19.86 -7.77 5.11
C LYS A 221 18.93 -7.65 6.31
N MET A 222 17.70 -8.05 6.12
CA MET A 222 16.72 -7.98 7.23
C MET A 222 16.56 -9.34 7.90
N ASP A 223 15.81 -10.20 7.27
CA ASP A 223 15.60 -11.55 7.84
C ASP A 223 16.90 -12.11 8.43
N ARG A 224 16.81 -12.70 9.59
CA ARG A 224 18.05 -13.26 10.20
C ARG A 224 17.74 -14.11 11.43
N ASN A 225 17.05 -13.52 12.38
CA ASN A 225 16.72 -14.29 13.61
C ASN A 225 16.19 -15.67 13.28
N GLN A 226 16.20 -16.54 14.25
CA GLN A 226 15.70 -17.92 14.02
C GLN A 226 14.28 -17.94 13.48
N ASP A 227 13.45 -17.02 13.94
CA ASP A 227 12.04 -16.99 13.46
C ASP A 227 11.99 -17.19 11.94
N GLY A 228 13.08 -16.92 11.29
CA GLY A 228 13.11 -17.10 9.82
C GLY A 228 12.21 -16.07 9.12
N VAL A 229 11.03 -15.89 9.62
CA VAL A 229 10.12 -14.91 8.96
C VAL A 229 10.35 -13.51 9.51
N VAL A 230 10.17 -12.53 8.67
CA VAL A 230 10.37 -11.14 9.13
C VAL A 230 9.08 -10.58 9.70
N THR A 231 9.20 -9.98 10.85
CA THR A 231 8.01 -9.39 11.52
C THR A 231 8.20 -7.89 11.66
N ILE A 232 7.12 -7.18 11.87
CA ILE A 232 7.23 -5.70 12.02
C ILE A 232 8.47 -5.34 12.83
N ASP A 233 8.77 -6.13 13.82
CA ASP A 233 9.96 -5.83 14.65
C ASP A 233 11.23 -5.94 13.79
N GLU A 234 11.48 -7.12 13.29
CA GLU A 234 12.67 -7.32 12.44
C GLU A 234 12.68 -6.28 11.33
N PHE A 235 11.51 -5.98 10.85
CA PHE A 235 11.39 -4.98 9.76
C PHE A 235 11.84 -3.62 10.27
N LEU A 236 11.31 -3.25 11.41
CA LEU A 236 11.69 -1.95 11.96
C LEU A 236 13.17 -1.94 12.29
N GLU A 237 13.61 -2.96 12.99
CA GLU A 237 15.04 -3.02 13.35
C GLU A 237 15.90 -2.71 12.13
N THR A 238 15.43 -3.14 10.99
CA THR A 238 16.21 -2.88 9.75
C THR A 238 15.97 -1.46 9.25
N CYS A 239 14.75 -1.19 8.85
CA CYS A 239 14.43 0.17 8.35
C CYS A 239 14.93 1.27 9.30
N GLN A 240 15.09 0.93 10.55
CA GLN A 240 15.58 1.97 11.51
C GLN A 240 17.09 2.08 11.42
N LYS A 241 17.77 1.01 11.75
CA LYS A 241 19.25 1.05 11.69
C LYS A 241 19.72 1.00 10.24
N ASP A 242 18.80 1.29 9.35
CA ASP A 242 19.15 1.26 7.91
C ASP A 242 20.12 2.38 7.56
N GLU A 243 20.70 2.26 6.39
CA GLU A 243 21.67 3.27 5.92
C GLU A 243 21.19 3.85 4.60
N ASN A 244 20.54 3.02 3.83
CA ASN A 244 20.01 3.47 2.51
C ASN A 244 19.20 2.34 1.87
N ILE A 245 18.95 1.31 2.64
CA ILE A 245 18.17 0.16 2.12
C ILE A 245 16.69 0.48 2.03
N MET A 246 16.04 0.56 3.16
CA MET A 246 14.60 0.86 3.14
C MET A 246 14.36 2.22 2.51
N ASN A 247 15.40 3.02 2.47
CA ASN A 247 15.24 4.36 1.87
C ASN A 247 15.00 4.20 0.38
N SER A 248 15.66 3.22 -0.20
CA SER A 248 15.49 2.99 -1.64
C SER A 248 14.11 2.43 -1.90
N MET A 249 13.67 1.61 -0.98
CA MET A 249 12.33 1.00 -1.14
C MET A 249 11.27 2.09 -1.23
N GLN A 250 11.43 3.10 -0.42
CA GLN A 250 10.44 4.20 -0.43
C GLN A 250 10.48 4.91 -1.79
N LEU A 251 11.67 5.16 -2.27
CA LEU A 251 11.80 5.84 -3.57
C LEU A 251 11.15 5.01 -4.66
N PHE A 252 11.26 3.72 -4.53
CA PHE A 252 10.65 2.83 -5.55
C PHE A 252 9.14 2.75 -5.35
N GLU A 253 8.72 2.85 -4.12
CA GLU A 253 7.27 2.79 -3.84
C GLU A 253 6.60 4.12 -4.17
N ASN A 254 7.37 5.16 -4.16
CA ASN A 254 6.80 6.50 -4.47
C ASN A 254 6.04 6.48 -5.78
N VAL A 255 6.59 5.78 -6.75
CA VAL A 255 5.90 5.70 -8.06
C VAL A 255 4.58 4.98 -7.94
N ILE A 256 4.59 3.87 -7.25
CA ILE A 256 3.33 3.10 -7.08
C ILE A 256 2.34 3.87 -6.23
N PRO A 76 -23.49 17.14 16.93
CA PRO A 76 -24.31 17.85 15.93
C PRO A 76 -24.28 17.12 14.59
N GLU A 77 -24.34 17.89 13.53
CA GLU A 77 -24.33 17.26 12.17
C GLU A 77 -23.33 16.12 12.10
N GLY A 78 -23.75 15.03 11.49
CA GLY A 78 -22.83 13.87 11.37
C GLY A 78 -21.46 14.34 10.89
N LEU A 79 -21.47 15.28 9.99
CA LEU A 79 -20.18 15.79 9.47
C LEU A 79 -19.28 16.23 10.61
N ASP A 80 -19.82 17.05 11.47
CA ASP A 80 -19.02 17.52 12.62
C ASP A 80 -18.38 16.34 13.32
N GLN A 81 -19.18 15.33 13.60
CA GLN A 81 -18.62 14.15 14.28
C GLN A 81 -17.53 13.52 13.41
N LEU A 82 -17.83 13.40 12.15
CA LEU A 82 -16.84 12.81 11.22
C LEU A 82 -15.48 13.44 11.45
N GLN A 83 -15.48 14.74 11.63
CA GLN A 83 -14.19 15.42 11.87
C GLN A 83 -13.64 15.04 13.24
N ALA A 84 -14.51 14.87 14.18
CA ALA A 84 -14.05 14.50 15.54
C ALA A 84 -13.16 13.26 15.48
N GLN A 85 -13.41 12.41 14.53
CA GLN A 85 -12.58 11.17 14.41
C GLN A 85 -11.49 11.32 13.34
N THR A 86 -11.87 11.80 12.19
CA THR A 86 -10.87 11.97 11.10
C THR A 86 -10.07 13.27 11.28
N LYS A 87 -10.54 14.13 12.14
CA LYS A 87 -9.81 15.41 12.36
C LYS A 87 -9.35 16.02 11.03
N PHE A 88 -10.30 16.57 10.32
CA PHE A 88 -9.96 17.19 9.01
C PHE A 88 -10.86 18.40 8.74
N THR A 89 -10.26 19.49 8.33
CA THR A 89 -11.08 20.70 8.06
C THR A 89 -12.34 20.34 7.28
N LYS A 90 -13.47 20.59 7.87
CA LYS A 90 -14.75 20.26 7.19
C LYS A 90 -14.70 20.63 5.72
N LYS A 91 -13.92 21.61 5.38
CA LYS A 91 -13.84 22.00 3.95
C LYS A 91 -13.14 20.92 3.14
N GLU A 92 -11.97 20.53 3.56
CA GLU A 92 -11.25 19.48 2.80
C GLU A 92 -12.04 18.19 2.82
N LEU A 93 -12.69 17.94 3.93
CA LEU A 93 -13.49 16.69 4.03
C LEU A 93 -14.60 16.70 3.00
N GLN A 94 -15.27 17.81 2.89
CA GLN A 94 -16.38 17.90 1.90
C GLN A 94 -15.86 17.53 0.52
N SER A 95 -14.71 18.04 0.19
CA SER A 95 -14.13 17.73 -1.13
C SER A 95 -13.89 16.24 -1.27
N LEU A 96 -13.33 15.64 -0.24
CA LEU A 96 -13.06 14.19 -0.29
C LEU A 96 -14.37 13.42 -0.36
N TYR A 97 -15.34 13.87 0.39
CA TYR A 97 -16.65 13.17 0.38
C TYR A 97 -17.32 13.34 -0.97
N ARG A 98 -17.12 14.48 -1.58
CA ARG A 98 -17.74 14.73 -2.90
C ARG A 98 -17.17 13.78 -3.95
N GLY A 99 -15.87 13.61 -3.93
CA GLY A 99 -15.24 12.70 -4.91
C GLY A 99 -15.70 11.26 -4.65
N PHE A 100 -15.78 10.90 -3.40
CA PHE A 100 -16.23 9.53 -3.06
C PHE A 100 -17.69 9.34 -3.45
N LYS A 101 -18.42 10.42 -3.44
CA LYS A 101 -19.85 10.33 -3.81
C LYS A 101 -19.99 10.35 -5.32
N ASN A 102 -18.99 10.86 -5.99
CA ASN A 102 -19.04 10.91 -7.46
C ASN A 102 -18.84 9.53 -8.06
N GLU A 103 -18.06 8.72 -7.40
CA GLU A 103 -17.81 7.35 -7.90
C GLU A 103 -19.05 6.49 -7.71
N CYS A 104 -18.85 5.20 -7.61
CA CYS A 104 -20.02 4.30 -7.43
C CYS A 104 -20.91 4.82 -6.28
N PRO A 105 -22.22 4.82 -6.48
CA PRO A 105 -23.16 5.29 -5.46
C PRO A 105 -23.06 4.44 -4.20
N THR A 106 -24.12 4.44 -3.44
CA THR A 106 -24.12 3.64 -2.19
C THR A 106 -23.19 4.25 -1.16
N GLY A 107 -23.54 4.13 0.08
CA GLY A 107 -22.69 4.71 1.16
C GLY A 107 -21.34 3.98 1.21
N LEU A 108 -21.34 2.74 0.76
CA LEU A 108 -20.08 1.96 0.77
C LEU A 108 -19.54 1.77 -0.64
N VAL A 109 -18.23 1.79 -0.77
CA VAL A 109 -17.63 1.62 -2.11
C VAL A 109 -17.24 0.16 -2.34
N ASP A 110 -17.15 -0.22 -3.59
CA ASP A 110 -16.79 -1.63 -3.91
C ASP A 110 -15.36 -1.71 -4.45
N GLU A 111 -14.69 -2.79 -4.13
CA GLU A 111 -13.29 -2.93 -4.61
C GLU A 111 -13.23 -2.68 -6.12
N ASP A 112 -14.33 -2.90 -6.78
CA ASP A 112 -14.35 -2.68 -8.25
C ASP A 112 -13.94 -1.25 -8.57
N THR A 113 -14.35 -0.34 -7.72
CA THR A 113 -14.00 1.08 -7.96
C THR A 113 -12.49 1.26 -7.87
N PHE A 114 -11.91 0.71 -6.85
CA PHE A 114 -10.45 0.84 -6.68
C PHE A 114 -9.73 0.40 -7.95
N LYS A 115 -10.26 -0.62 -8.56
CA LYS A 115 -9.62 -1.13 -9.81
C LYS A 115 -9.66 -0.06 -10.89
N LEU A 116 -10.83 0.45 -11.16
CA LEU A 116 -10.95 1.50 -12.19
C LEU A 116 -10.06 2.68 -11.85
N ILE A 117 -10.04 3.03 -10.59
CA ILE A 117 -9.19 4.18 -10.17
C ILE A 117 -7.73 3.91 -10.54
N TYR A 118 -7.28 2.73 -10.26
CA TYR A 118 -5.87 2.40 -10.59
C TYR A 118 -5.69 2.42 -12.10
N SER A 119 -6.68 1.93 -12.79
CA SER A 119 -6.58 1.91 -14.26
C SER A 119 -6.33 3.31 -14.78
N GLN A 120 -6.81 4.29 -14.06
CA GLN A 120 -6.61 5.68 -14.51
C GLN A 120 -5.15 6.09 -14.27
N PHE A 121 -4.64 5.73 -13.11
CA PHE A 121 -3.24 6.09 -12.80
C PHE A 121 -2.33 5.78 -13.98
N PHE A 122 -2.20 4.50 -14.28
CA PHE A 122 -1.33 4.07 -15.41
C PHE A 122 -2.21 3.72 -16.62
N PRO A 123 -1.69 3.93 -17.82
CA PRO A 123 -2.43 3.63 -19.04
C PRO A 123 -2.92 2.17 -19.05
N GLN A 124 -2.66 1.48 -17.95
CA GLN A 124 -3.08 0.06 -17.83
C GLN A 124 -2.11 -0.88 -18.53
N GLY A 125 -1.65 -1.85 -17.78
CA GLY A 125 -0.69 -2.84 -18.33
C GLY A 125 -0.63 -4.02 -17.37
N ASP A 126 -1.78 -4.56 -17.07
CA ASP A 126 -1.85 -5.72 -16.15
C ASP A 126 -1.67 -5.25 -14.71
N ALA A 127 -2.30 -4.14 -14.41
CA ALA A 127 -2.20 -3.58 -13.04
C ALA A 127 -3.41 -3.96 -12.19
N THR A 128 -4.00 -5.08 -12.50
CA THR A 128 -5.19 -5.51 -11.72
C THR A 128 -4.76 -6.14 -10.40
N THR A 129 -3.66 -6.83 -10.43
CA THR A 129 -3.17 -7.49 -9.20
C THR A 129 -2.79 -6.44 -8.15
N TYR A 130 -1.87 -5.59 -8.50
CA TYR A 130 -1.44 -4.55 -7.54
C TYR A 130 -2.66 -3.77 -7.03
N ALA A 131 -3.64 -3.58 -7.89
CA ALA A 131 -4.84 -2.82 -7.46
C ALA A 131 -5.57 -3.57 -6.35
N HIS A 132 -5.73 -4.85 -6.54
CA HIS A 132 -6.43 -5.65 -5.50
C HIS A 132 -5.67 -5.60 -4.19
N PHE A 133 -4.37 -5.61 -4.28
CA PHE A 133 -3.56 -5.57 -3.04
C PHE A 133 -3.89 -4.32 -2.25
N LEU A 134 -4.06 -3.23 -2.94
CA LEU A 134 -4.39 -1.96 -2.24
C LEU A 134 -5.71 -2.09 -1.50
N PHE A 135 -6.70 -2.63 -2.17
CA PHE A 135 -8.01 -2.78 -1.52
C PHE A 135 -7.85 -3.53 -0.20
N ASN A 136 -7.07 -4.58 -0.22
CA ASN A 136 -6.86 -5.35 1.02
C ASN A 136 -6.34 -4.44 2.11
N ALA A 137 -5.43 -3.57 1.75
CA ALA A 137 -4.85 -2.64 2.75
C ALA A 137 -5.97 -1.94 3.50
N PHE A 138 -6.92 -1.43 2.76
CA PHE A 138 -8.05 -0.72 3.41
C PHE A 138 -8.96 -1.73 4.14
N ASP A 139 -10.23 -1.44 4.18
CA ASP A 139 -11.16 -2.36 4.88
C ASP A 139 -10.88 -2.41 6.37
N ALA A 140 -11.79 -3.00 7.10
CA ALA A 140 -11.60 -3.10 8.57
C ALA A 140 -12.11 -4.44 9.09
N ASP A 141 -13.34 -4.46 9.50
CA ASP A 141 -13.92 -5.72 10.02
C ASP A 141 -14.61 -6.51 8.91
N GLY A 142 -13.83 -7.22 8.14
CA GLY A 142 -14.43 -8.01 7.03
C GLY A 142 -15.35 -7.13 6.18
N ASN A 143 -16.22 -7.76 5.44
CA ASN A 143 -17.15 -6.96 4.59
C ASN A 143 -16.41 -6.34 3.42
N GLY A 144 -16.67 -6.87 2.24
CA GLY A 144 -15.98 -6.30 1.04
C GLY A 144 -16.49 -4.88 0.75
N ALA A 145 -17.42 -4.43 1.55
CA ALA A 145 -17.97 -3.07 1.35
C ALA A 145 -17.27 -2.07 2.26
N ILE A 146 -16.45 -1.23 1.68
CA ILE A 146 -15.72 -0.22 2.50
C ILE A 146 -16.47 1.10 2.51
N HIS A 147 -16.51 1.73 3.65
CA HIS A 147 -17.22 3.02 3.75
C HIS A 147 -16.28 4.19 3.49
N PHE A 148 -16.73 5.37 3.79
CA PHE A 148 -15.87 6.56 3.58
C PHE A 148 -14.99 6.82 4.79
N GLU A 149 -15.59 6.78 5.95
CA GLU A 149 -14.80 7.03 7.18
C GLU A 149 -13.48 6.27 7.14
N ASP A 150 -13.56 5.02 6.79
CA ASP A 150 -12.32 4.21 6.71
C ASP A 150 -11.38 4.79 5.67
N PHE A 151 -11.94 5.16 4.55
CA PHE A 151 -11.09 5.73 3.48
C PHE A 151 -10.43 7.03 3.95
N VAL A 152 -11.14 7.78 4.74
CA VAL A 152 -10.56 9.06 5.23
C VAL A 152 -9.35 8.77 6.11
N VAL A 153 -9.51 7.81 6.99
CA VAL A 153 -8.39 7.46 7.89
C VAL A 153 -7.13 7.23 7.07
N GLY A 154 -7.26 6.45 6.03
CA GLY A 154 -6.06 6.18 5.18
C GLY A 154 -5.55 7.49 4.60
N LEU A 155 -6.44 8.28 4.08
CA LEU A 155 -6.03 9.57 3.50
C LEU A 155 -5.18 10.34 4.49
N SER A 156 -5.45 10.11 5.76
CA SER A 156 -4.68 10.82 6.80
C SER A 156 -3.29 10.20 6.94
N ILE A 157 -3.21 8.91 6.74
CA ILE A 157 -1.90 8.24 6.85
C ILE A 157 -0.96 8.67 5.73
N LEU A 158 -1.53 8.99 4.60
CA LEU A 158 -0.70 9.43 3.46
C LEU A 158 -0.32 10.89 3.58
N LEU A 159 -1.29 11.71 3.86
CA LEU A 159 -1.00 13.17 4.01
C LEU A 159 -0.28 13.44 5.32
N ARG A 160 -0.95 13.17 6.41
CA ARG A 160 -0.34 13.41 7.73
C ARG A 160 0.32 12.13 8.27
N GLY A 161 0.57 12.11 9.54
CA GLY A 161 1.20 10.91 10.16
C GLY A 161 2.72 11.06 10.19
N THR A 162 3.33 10.44 11.16
CA THR A 162 4.81 10.54 11.28
C THR A 162 5.49 9.63 10.27
N VAL A 163 6.74 9.89 10.01
CA VAL A 163 7.48 9.04 9.04
C VAL A 163 7.28 7.56 9.35
N HIS A 164 7.40 7.22 10.60
CA HIS A 164 7.23 5.80 10.99
C HIS A 164 5.88 5.29 10.49
N GLU A 165 4.90 6.16 10.47
CA GLU A 165 3.57 5.73 10.00
C GLU A 165 3.62 5.32 8.53
N LYS A 166 4.43 6.01 7.78
CA LYS A 166 4.53 5.66 6.34
C LYS A 166 5.14 4.28 6.15
N LEU A 167 6.22 4.04 6.84
CA LEU A 167 6.87 2.71 6.71
C LEU A 167 5.91 1.62 7.15
N LYS A 168 5.02 1.97 8.03
CA LYS A 168 4.04 0.96 8.52
C LYS A 168 3.06 0.59 7.41
N TRP A 169 2.51 1.60 6.78
CA TRP A 169 1.55 1.31 5.69
C TRP A 169 2.21 0.50 4.59
N ALA A 170 3.43 0.85 4.29
CA ALA A 170 4.15 0.11 3.23
C ALA A 170 4.22 -1.38 3.58
N PHE A 171 4.49 -1.65 4.83
CA PHE A 171 4.58 -3.07 5.26
C PHE A 171 3.24 -3.76 5.05
N ASN A 172 2.18 -3.04 5.30
CA ASN A 172 0.83 -3.63 5.12
C ASN A 172 0.63 -4.06 3.68
N LEU A 173 1.10 -3.25 2.77
CA LEU A 173 0.94 -3.60 1.34
C LEU A 173 1.66 -4.89 1.02
N TYR A 174 2.90 -4.98 1.44
CA TYR A 174 3.67 -6.22 1.16
C TYR A 174 3.15 -7.38 1.98
N ASP A 175 1.85 -7.51 2.03
CA ASP A 175 1.25 -8.62 2.81
C ASP A 175 -0.23 -8.75 2.50
N ILE A 176 -0.65 -9.93 2.13
CA ILE A 176 -2.08 -10.13 1.81
C ILE A 176 -2.51 -11.56 2.12
N ASN A 177 -1.69 -12.26 2.87
CA ASN A 177 -2.04 -13.66 3.22
C ASN A 177 -3.02 -13.70 4.37
N LYS A 178 -2.89 -14.70 5.21
CA LYS A 178 -3.81 -14.82 6.37
C LYS A 178 -3.14 -14.32 7.65
N ASP A 179 -1.84 -14.40 7.68
CA ASP A 179 -1.11 -13.93 8.89
C ASP A 179 -0.81 -12.43 8.81
N GLY A 180 0.46 -12.10 8.80
CA GLY A 180 0.84 -10.67 8.73
C GLY A 180 2.36 -10.52 8.56
N CYS A 181 3.04 -11.63 8.52
CA CYS A 181 4.51 -11.59 8.37
C CYS A 181 4.92 -11.76 6.91
N ILE A 182 6.11 -11.33 6.59
CA ILE A 182 6.60 -11.46 5.20
C ILE A 182 7.56 -12.62 5.11
N THR A 183 7.78 -13.11 3.93
CA THR A 183 8.72 -14.23 3.80
C THR A 183 9.33 -14.26 2.40
N LYS A 184 10.44 -14.96 2.27
CA LYS A 184 11.09 -15.04 0.94
C LYS A 184 10.06 -15.30 -0.16
N GLU A 185 9.21 -16.26 0.05
CA GLU A 185 8.18 -16.57 -0.97
C GLU A 185 7.33 -15.34 -1.28
N GLU A 186 6.70 -14.81 -0.26
CA GLU A 186 5.86 -13.61 -0.48
C GLU A 186 6.67 -12.50 -1.12
N MET A 187 7.96 -12.50 -0.87
CA MET A 187 8.82 -11.45 -1.47
C MET A 187 8.96 -11.67 -2.97
N LEU A 188 8.89 -12.90 -3.39
CA LEU A 188 9.02 -13.19 -4.83
C LEU A 188 7.75 -12.78 -5.57
N ALA A 189 6.63 -13.07 -4.97
CA ALA A 189 5.35 -12.70 -5.61
C ALA A 189 5.18 -11.19 -5.69
N ILE A 190 5.62 -10.51 -4.67
CA ILE A 190 5.50 -9.03 -4.68
C ILE A 190 6.39 -8.44 -5.76
N MET A 191 7.55 -9.01 -5.93
CA MET A 191 8.47 -8.48 -6.97
C MET A 191 7.88 -8.71 -8.34
N LYS A 192 7.20 -9.81 -8.50
CA LYS A 192 6.60 -10.11 -9.82
C LYS A 192 5.47 -9.12 -10.11
N SER A 193 4.64 -8.90 -9.12
CA SER A 193 3.52 -7.94 -9.32
C SER A 193 4.06 -6.60 -9.78
N ILE A 194 5.12 -6.16 -9.15
CA ILE A 194 5.70 -4.86 -9.54
C ILE A 194 6.16 -4.91 -10.99
N TYR A 195 6.80 -5.99 -11.33
CA TYR A 195 7.29 -6.15 -12.71
C TYR A 195 6.11 -6.27 -13.66
N ASP A 196 5.07 -6.89 -13.20
CA ASP A 196 3.87 -7.07 -14.05
C ASP A 196 3.12 -5.75 -14.15
N MET A 197 2.92 -5.10 -13.04
CA MET A 197 2.18 -3.82 -13.06
C MET A 197 2.75 -2.91 -14.14
N MET A 198 4.05 -2.83 -14.21
CA MET A 198 4.67 -1.97 -15.24
C MET A 198 4.63 -2.64 -16.60
N GLY A 199 3.74 -2.19 -17.45
CA GLY A 199 3.64 -2.79 -18.81
C GLY A 199 5.03 -3.01 -19.42
N ARG A 200 6.02 -2.33 -18.88
CA ARG A 200 7.39 -2.50 -19.42
C ARG A 200 8.43 -2.03 -18.41
N HIS A 201 9.67 -2.35 -18.68
CA HIS A 201 10.75 -1.94 -17.75
C HIS A 201 11.31 -0.58 -18.14
N THR A 202 12.54 -0.33 -17.76
CA THR A 202 13.15 0.97 -18.11
C THR A 202 14.67 0.88 -18.15
N TYR A 203 15.23 0.17 -17.20
CA TYR A 203 16.71 0.01 -17.18
C TYR A 203 17.26 -0.24 -18.60
N PRO A 204 17.95 0.75 -19.17
CA PRO A 204 18.51 0.60 -20.51
C PRO A 204 19.60 -0.48 -20.55
N ILE A 205 20.78 -0.13 -20.10
CA ILE A 205 21.88 -1.12 -20.12
C ILE A 205 21.46 -2.42 -19.43
N LEU A 206 21.88 -3.52 -20.00
CA LEU A 206 21.52 -4.84 -19.41
C LEU A 206 22.71 -5.44 -18.66
N ARG A 207 22.57 -5.57 -17.36
CA ARG A 207 23.68 -6.14 -16.55
C ARG A 207 23.12 -7.12 -15.52
N GLU A 208 21.98 -6.76 -14.95
CA GLU A 208 21.37 -7.65 -13.94
C GLU A 208 19.86 -7.67 -14.10
N ASP A 209 19.33 -8.83 -14.37
CA ASP A 209 17.86 -8.96 -14.54
C ASP A 209 17.35 -10.24 -13.90
N ALA A 210 16.87 -10.12 -12.70
CA ALA A 210 16.35 -11.31 -11.99
C ALA A 210 15.69 -10.92 -10.65
N PRO A 211 14.36 -10.96 -10.60
CA PRO A 211 13.64 -10.62 -9.38
C PRO A 211 14.00 -11.57 -8.23
N LEU A 212 14.84 -12.52 -8.52
CA LEU A 212 15.23 -13.49 -7.46
C LEU A 212 16.46 -13.01 -6.70
N GLU A 213 17.51 -12.75 -7.43
CA GLU A 213 18.75 -12.28 -6.76
C GLU A 213 18.47 -11.04 -5.92
N HIS A 214 17.59 -10.21 -6.41
CA HIS A 214 17.25 -8.98 -5.64
C HIS A 214 16.53 -9.35 -4.35
N VAL A 215 15.52 -10.16 -4.46
CA VAL A 215 14.77 -10.56 -3.26
C VAL A 215 15.67 -11.31 -2.28
N GLU A 216 16.76 -11.83 -2.80
CA GLU A 216 17.70 -12.57 -1.91
C GLU A 216 18.48 -11.61 -1.04
N ARG A 217 18.98 -10.56 -1.64
CA ARG A 217 19.76 -9.57 -0.84
C ARG A 217 18.88 -8.94 0.22
N PHE A 218 17.65 -8.68 -0.14
CA PHE A 218 16.71 -8.06 0.83
C PHE A 218 16.50 -8.97 2.01
N PHE A 219 16.34 -10.24 1.74
CA PHE A 219 16.12 -11.19 2.85
C PHE A 219 17.42 -11.43 3.60
N GLN A 220 18.52 -11.33 2.88
CA GLN A 220 19.83 -11.54 3.54
C GLN A 220 20.11 -10.42 4.53
N LYS A 221 19.76 -9.22 4.16
CA LYS A 221 20.00 -8.08 5.08
C LYS A 221 18.90 -8.02 6.13
N MET A 222 17.76 -8.54 5.78
CA MET A 222 16.61 -8.53 6.73
C MET A 222 16.40 -9.92 7.32
N ASP A 223 15.16 -10.22 7.62
CA ASP A 223 14.86 -11.55 8.20
C ASP A 223 15.91 -11.94 9.25
N ARG A 224 15.78 -11.41 10.44
CA ARG A 224 16.76 -11.75 11.50
C ARG A 224 16.05 -12.00 12.83
N ASN A 225 15.91 -13.25 13.17
CA ASN A 225 15.23 -13.58 14.44
C ASN A 225 15.16 -15.10 14.62
N GLN A 226 14.71 -15.51 15.77
CA GLN A 226 14.61 -16.97 16.01
C GLN A 226 13.72 -17.61 14.94
N ASP A 227 12.95 -16.79 14.29
CA ASP A 227 12.05 -17.31 13.24
C ASP A 227 12.72 -17.27 11.88
N GLY A 228 12.13 -16.56 10.98
CA GLY A 228 12.72 -16.44 9.62
C GLY A 228 11.87 -15.50 8.77
N VAL A 229 10.65 -15.34 9.14
CA VAL A 229 9.76 -14.45 8.35
C VAL A 229 9.94 -13.01 8.80
N VAL A 230 9.71 -12.09 7.89
CA VAL A 230 9.88 -10.67 8.27
C VAL A 230 8.56 -10.12 8.78
N THR A 231 8.60 -9.68 10.03
CA THR A 231 7.37 -9.12 10.65
C THR A 231 7.43 -7.60 10.72
N ILE A 232 6.29 -7.00 10.87
CA ILE A 232 6.26 -5.52 10.94
C ILE A 232 7.23 -5.01 11.99
N ASP A 233 7.51 -5.82 12.97
CA ASP A 233 8.45 -5.38 14.03
C ASP A 233 9.88 -5.40 13.52
N GLU A 234 10.36 -6.57 13.17
CA GLU A 234 11.74 -6.66 12.66
C GLU A 234 11.87 -5.91 11.33
N PHE A 235 10.74 -5.51 10.79
CA PHE A 235 10.77 -4.77 9.50
C PHE A 235 10.96 -3.29 9.77
N LEU A 236 10.22 -2.77 10.71
CA LEU A 236 10.35 -1.34 11.03
C LEU A 236 11.68 -1.08 11.69
N GLU A 237 12.11 -2.00 12.51
CA GLU A 237 13.40 -1.81 13.20
C GLU A 237 14.55 -1.91 12.21
N THR A 238 14.45 -2.86 11.29
CA THR A 238 15.54 -3.01 10.30
C THR A 238 15.46 -1.94 9.24
N CYS A 239 14.27 -1.63 8.79
CA CYS A 239 14.11 -0.58 7.75
C CYS A 239 14.53 0.78 8.29
N GLN A 240 14.06 1.11 9.45
CA GLN A 240 14.42 2.43 10.04
C GLN A 240 15.94 2.53 10.20
N LYS A 241 16.50 1.66 10.99
CA LYS A 241 17.96 1.71 11.19
C LYS A 241 18.68 0.91 10.12
N ASP A 242 19.13 1.58 9.10
CA ASP A 242 19.84 0.87 8.01
C ASP A 242 20.65 1.83 7.14
N GLU A 243 20.98 1.38 5.96
CA GLU A 243 21.76 2.25 5.04
C GLU A 243 20.86 2.94 4.04
N ASN A 244 20.21 2.15 3.21
CA ASN A 244 19.30 2.75 2.19
C ASN A 244 18.51 1.67 1.46
N ILE A 245 18.57 0.46 1.95
CA ILE A 245 17.82 -0.63 1.27
C ILE A 245 16.34 -0.31 1.21
N MET A 246 15.71 -0.21 2.35
CA MET A 246 14.28 0.10 2.35
C MET A 246 14.06 1.50 1.80
N ASN A 247 15.05 2.33 1.98
CA ASN A 247 14.91 3.70 1.48
C ASN A 247 14.69 3.62 -0.03
N SER A 248 15.37 2.68 -0.64
CA SER A 248 15.22 2.51 -2.08
C SER A 248 13.81 2.04 -2.39
N MET A 249 13.30 1.18 -1.54
CA MET A 249 11.93 0.67 -1.75
C MET A 249 10.95 1.83 -1.79
N GLN A 250 11.09 2.73 -0.85
CA GLN A 250 10.18 3.90 -0.81
C GLN A 250 10.17 4.58 -2.16
N LEU A 251 11.34 4.89 -2.66
CA LEU A 251 11.41 5.56 -3.98
C LEU A 251 10.95 4.61 -5.08
N PHE A 252 10.84 3.36 -4.73
CA PHE A 252 10.40 2.35 -5.72
C PHE A 252 8.88 2.30 -5.78
N GLU A 253 8.25 2.78 -4.73
CA GLU A 253 6.77 2.77 -4.71
C GLU A 253 6.20 4.04 -5.31
N ASN A 254 6.83 5.15 -4.99
CA ASN A 254 6.34 6.44 -5.53
C ASN A 254 6.76 6.61 -6.99
N VAL A 255 6.00 7.39 -7.72
CA VAL A 255 6.31 7.64 -9.16
C VAL A 255 6.97 6.43 -9.81
N ILE A 256 6.27 5.32 -9.80
CA ILE A 256 6.84 4.10 -10.42
C ILE A 256 7.09 4.31 -11.91
N PRO A 76 -28.73 16.15 7.86
CA PRO A 76 -27.85 16.97 7.02
C PRO A 76 -26.47 17.13 7.64
N GLU A 77 -26.43 17.13 8.95
CA GLU A 77 -25.12 17.27 9.63
C GLU A 77 -24.24 16.06 9.38
N GLY A 78 -24.60 15.29 8.39
CA GLY A 78 -23.80 14.09 8.07
C GLY A 78 -22.32 14.45 7.93
N LEU A 79 -22.06 15.64 7.48
CA LEU A 79 -20.64 16.07 7.32
C LEU A 79 -19.95 16.14 8.67
N ASP A 80 -20.45 17.00 9.52
CA ASP A 80 -19.83 17.13 10.87
C ASP A 80 -19.57 15.75 11.46
N GLN A 81 -20.55 14.90 11.37
CA GLN A 81 -20.38 13.54 11.94
C GLN A 81 -19.14 12.89 11.35
N LEU A 82 -18.98 13.03 10.06
CA LEU A 82 -17.80 12.42 9.41
C LEU A 82 -16.52 12.96 10.02
N GLN A 83 -16.42 14.26 10.08
CA GLN A 83 -15.20 14.86 10.67
C GLN A 83 -14.90 14.26 12.04
N ALA A 84 -15.93 13.85 12.72
CA ALA A 84 -15.72 13.25 14.05
C ALA A 84 -15.22 11.81 13.92
N GLN A 85 -15.79 11.08 13.02
CA GLN A 85 -15.36 9.67 12.83
C GLN A 85 -13.91 9.62 12.36
N THR A 86 -13.46 10.69 11.75
CA THR A 86 -12.06 10.73 11.26
C THR A 86 -11.44 12.10 11.53
N LYS A 87 -11.05 12.32 12.76
CA LYS A 87 -10.44 13.61 13.12
C LYS A 87 -9.46 14.08 12.04
N PHE A 88 -9.73 15.22 11.47
CA PHE A 88 -8.83 15.75 10.41
C PHE A 88 -9.20 17.21 10.11
N THR A 89 -10.27 17.41 9.40
CA THR A 89 -10.69 18.80 9.06
C THR A 89 -12.01 18.79 8.30
N LYS A 90 -12.52 19.97 8.01
CA LYS A 90 -13.81 20.05 7.27
C LYS A 90 -13.62 20.57 5.85
N LYS A 91 -12.71 21.49 5.69
CA LYS A 91 -12.47 22.04 4.34
C LYS A 91 -11.93 20.95 3.42
N GLU A 92 -10.73 20.52 3.69
CA GLU A 92 -10.15 19.47 2.84
C GLU A 92 -11.09 18.27 2.77
N LEU A 93 -11.93 18.17 3.77
CA LEU A 93 -12.89 17.04 3.78
C LEU A 93 -13.83 17.15 2.60
N GLN A 94 -14.39 18.32 2.41
CA GLN A 94 -15.31 18.50 1.28
C GLN A 94 -14.59 18.17 -0.01
N SER A 95 -13.34 18.58 -0.09
CA SER A 95 -12.56 18.30 -1.31
C SER A 95 -12.43 16.80 -1.51
N LEU A 96 -11.90 16.14 -0.52
CA LEU A 96 -11.74 14.68 -0.64
C LEU A 96 -13.09 14.04 -0.91
N TYR A 97 -14.11 14.55 -0.25
CA TYR A 97 -15.45 13.99 -0.46
C TYR A 97 -15.87 14.20 -1.90
N ARG A 98 -15.45 15.31 -2.45
CA ARG A 98 -15.82 15.62 -3.85
C ARG A 98 -15.39 14.46 -4.74
N GLY A 99 -14.16 14.03 -4.56
CA GLY A 99 -13.67 12.89 -5.39
C GLY A 99 -14.57 11.68 -5.19
N PHE A 100 -14.90 11.41 -3.95
CA PHE A 100 -15.77 10.25 -3.65
C PHE A 100 -17.15 10.47 -4.26
N LYS A 101 -17.57 11.71 -4.28
CA LYS A 101 -18.89 12.02 -4.85
C LYS A 101 -18.90 11.72 -6.34
N ASN A 102 -17.75 11.81 -6.95
CA ASN A 102 -17.67 11.53 -8.40
C ASN A 102 -18.20 10.13 -8.70
N GLU A 103 -17.87 9.20 -7.83
CA GLU A 103 -18.35 7.82 -8.05
C GLU A 103 -19.87 7.78 -8.13
N CYS A 104 -20.39 6.65 -8.51
CA CYS A 104 -21.88 6.53 -8.61
C CYS A 104 -22.50 6.33 -7.23
N PRO A 105 -23.74 6.78 -7.06
CA PRO A 105 -24.43 6.64 -5.79
C PRO A 105 -24.52 5.18 -5.34
N THR A 106 -24.07 4.92 -4.16
CA THR A 106 -24.12 3.52 -3.65
C THR A 106 -23.72 3.48 -2.18
N GLY A 107 -23.38 4.62 -1.64
CA GLY A 107 -22.96 4.66 -0.21
C GLY A 107 -21.54 4.11 -0.06
N LEU A 108 -21.43 2.82 0.01
CA LEU A 108 -20.09 2.20 0.17
C LEU A 108 -19.50 1.85 -1.19
N VAL A 109 -18.20 1.68 -1.23
CA VAL A 109 -17.52 1.33 -2.51
C VAL A 109 -17.06 -0.12 -2.50
N ASP A 110 -16.84 -0.66 -3.68
CA ASP A 110 -16.38 -2.07 -3.78
C ASP A 110 -14.97 -2.15 -4.35
N GLU A 111 -14.24 -3.18 -4.00
CA GLU A 111 -12.86 -3.31 -4.52
C GLU A 111 -12.84 -3.22 -6.03
N ASP A 112 -13.98 -3.41 -6.64
CA ASP A 112 -14.04 -3.33 -8.12
C ASP A 112 -13.70 -1.92 -8.58
N THR A 113 -14.38 -0.96 -8.02
CA THR A 113 -14.11 0.44 -8.43
C THR A 113 -12.63 0.77 -8.24
N PHE A 114 -12.07 0.24 -7.19
CA PHE A 114 -10.63 0.49 -6.91
C PHE A 114 -9.79 0.11 -8.13
N LYS A 115 -10.05 -1.07 -8.64
CA LYS A 115 -9.29 -1.54 -9.81
C LYS A 115 -9.43 -0.56 -10.97
N LEU A 116 -10.64 -0.19 -11.27
CA LEU A 116 -10.87 0.75 -12.38
C LEU A 116 -10.19 2.10 -12.11
N ILE A 117 -10.25 2.53 -10.89
CA ILE A 117 -9.62 3.83 -10.54
C ILE A 117 -8.10 3.71 -10.53
N TYR A 118 -7.61 2.58 -10.11
CA TYR A 118 -6.15 2.39 -10.07
C TYR A 118 -5.60 2.13 -11.47
N SER A 119 -6.45 1.62 -12.33
CA SER A 119 -6.00 1.35 -13.72
C SER A 119 -5.92 2.65 -14.52
N GLN A 120 -6.82 3.55 -14.24
CA GLN A 120 -6.81 4.84 -14.97
C GLN A 120 -5.78 5.79 -14.39
N PHE A 121 -5.54 5.67 -13.11
CA PHE A 121 -4.55 6.57 -12.47
C PHE A 121 -3.13 6.15 -12.84
N PHE A 122 -3.04 5.09 -13.60
CA PHE A 122 -1.70 4.60 -14.02
C PHE A 122 -1.73 4.12 -15.48
N PRO A 123 -1.40 5.01 -16.40
CA PRO A 123 -1.40 4.69 -17.82
C PRO A 123 -0.37 3.61 -18.13
N GLN A 124 0.26 3.10 -17.11
CA GLN A 124 1.27 2.03 -17.32
C GLN A 124 0.62 0.66 -17.35
N GLY A 125 1.41 -0.35 -17.14
CA GLY A 125 0.83 -1.72 -17.15
C GLY A 125 -0.35 -1.81 -16.18
N ASP A 126 -1.09 -2.88 -16.26
CA ASP A 126 -2.25 -3.04 -15.36
C ASP A 126 -1.80 -3.14 -13.91
N ALA A 127 -2.69 -3.54 -13.05
CA ALA A 127 -2.33 -3.66 -11.63
C ALA A 127 -3.33 -4.53 -10.89
N THR A 128 -3.85 -5.52 -11.57
CA THR A 128 -4.85 -6.41 -10.93
C THR A 128 -4.26 -7.05 -9.67
N THR A 129 -3.09 -7.59 -9.79
CA THR A 129 -2.47 -8.22 -8.60
C THR A 129 -2.22 -7.19 -7.51
N TYR A 130 -1.54 -6.13 -7.86
CA TYR A 130 -1.28 -5.09 -6.85
C TYR A 130 -2.57 -4.43 -6.42
N ALA A 131 -3.54 -4.43 -7.30
CA ALA A 131 -4.83 -3.80 -6.97
C ALA A 131 -5.50 -4.58 -5.83
N HIS A 132 -5.41 -5.88 -5.90
CA HIS A 132 -6.03 -6.70 -4.85
C HIS A 132 -5.28 -6.51 -3.54
N PHE A 133 -3.97 -6.39 -3.65
CA PHE A 133 -3.17 -6.21 -2.42
C PHE A 133 -3.46 -4.85 -1.82
N LEU A 134 -3.57 -3.87 -2.68
CA LEU A 134 -3.86 -2.50 -2.20
C LEU A 134 -5.20 -2.46 -1.48
N PHE A 135 -6.20 -3.06 -2.10
CA PHE A 135 -7.53 -3.05 -1.46
C PHE A 135 -7.44 -3.68 -0.08
N ASN A 136 -6.61 -4.68 0.04
CA ASN A 136 -6.47 -5.34 1.36
C ASN A 136 -5.92 -4.35 2.38
N ALA A 137 -5.06 -3.49 1.92
CA ALA A 137 -4.48 -2.48 2.84
C ALA A 137 -5.52 -1.45 3.24
N PHE A 138 -6.29 -1.01 2.27
CA PHE A 138 -7.34 -0.01 2.57
C PHE A 138 -8.48 -0.65 3.34
N ASP A 139 -8.65 -1.94 3.16
CA ASP A 139 -9.74 -2.66 3.87
C ASP A 139 -9.17 -3.67 4.86
N ALA A 140 -9.30 -3.37 6.12
CA ALA A 140 -8.78 -4.30 7.15
C ALA A 140 -9.56 -5.61 7.17
N ASP A 141 -9.90 -6.06 8.35
CA ASP A 141 -10.68 -7.33 8.44
C ASP A 141 -12.07 -7.16 7.85
N GLY A 142 -13.00 -7.93 8.35
CA GLY A 142 -14.39 -7.83 7.83
C GLY A 142 -14.46 -8.40 6.41
N ASN A 143 -15.49 -8.04 5.71
CA ASN A 143 -15.63 -8.54 4.32
C ASN A 143 -15.08 -7.53 3.33
N GLY A 144 -15.56 -7.58 2.11
CA GLY A 144 -15.06 -6.62 1.08
C GLY A 144 -15.98 -5.41 0.99
N ALA A 145 -15.81 -4.49 1.90
CA ALA A 145 -16.67 -3.27 1.89
C ALA A 145 -15.92 -2.08 2.46
N ILE A 146 -15.74 -1.07 1.63
CA ILE A 146 -15.01 0.14 2.08
C ILE A 146 -15.93 1.36 2.01
N HIS A 147 -15.74 2.27 2.94
CA HIS A 147 -16.58 3.50 2.96
C HIS A 147 -15.70 4.74 2.88
N PHE A 148 -16.30 5.84 2.48
CA PHE A 148 -15.51 7.09 2.38
C PHE A 148 -14.75 7.36 3.68
N GLU A 149 -15.21 6.77 4.75
CA GLU A 149 -14.52 6.98 6.04
C GLU A 149 -13.15 6.32 6.03
N ASP A 150 -13.14 5.02 5.90
CA ASP A 150 -11.83 4.32 5.88
C ASP A 150 -10.90 4.99 4.88
N PHE A 151 -11.48 5.54 3.85
CA PHE A 151 -10.65 6.22 2.83
C PHE A 151 -10.06 7.49 3.39
N VAL A 152 -10.80 8.15 4.24
CA VAL A 152 -10.30 9.40 4.85
C VAL A 152 -9.18 9.08 5.82
N VAL A 153 -9.37 8.05 6.60
CA VAL A 153 -8.35 7.67 7.58
C VAL A 153 -7.02 7.40 6.89
N GLY A 154 -7.09 6.74 5.76
CA GLY A 154 -5.83 6.44 5.03
C GLY A 154 -5.15 7.75 4.64
N LEU A 155 -5.86 8.59 3.96
CA LEU A 155 -5.26 9.87 3.55
C LEU A 155 -4.59 10.53 4.75
N SER A 156 -5.23 10.40 5.88
CA SER A 156 -4.65 10.99 7.11
C SER A 156 -3.36 10.27 7.49
N ILE A 157 -3.30 8.99 7.22
CA ILE A 157 -2.08 8.23 7.57
C ILE A 157 -0.95 8.56 6.61
N LEU A 158 -1.29 8.74 5.36
CA LEU A 158 -0.26 9.07 4.36
C LEU A 158 0.15 10.53 4.46
N LEU A 159 -0.75 11.35 4.94
CA LEU A 159 -0.43 12.79 5.07
C LEU A 159 0.36 13.05 6.35
N ARG A 160 -0.32 12.99 7.46
CA ARG A 160 0.35 13.22 8.76
C ARG A 160 0.53 11.92 9.53
N GLY A 161 1.72 11.39 9.47
CA GLY A 161 1.97 10.11 10.19
C GLY A 161 3.45 10.01 10.61
N THR A 162 3.67 9.59 11.83
CA THR A 162 5.07 9.48 12.31
C THR A 162 5.84 8.46 11.48
N VAL A 163 7.14 8.51 11.57
CA VAL A 163 7.96 7.55 10.79
C VAL A 163 7.49 6.12 11.03
N HIS A 164 7.17 5.81 12.25
CA HIS A 164 6.70 4.44 12.56
C HIS A 164 5.35 4.18 11.89
N GLU A 165 4.48 5.15 11.94
CA GLU A 165 3.16 4.98 11.31
C GLU A 165 3.30 4.76 9.81
N LYS A 166 4.27 5.41 9.23
CA LYS A 166 4.48 5.26 7.77
C LYS A 166 4.98 3.86 7.45
N LEU A 167 5.99 3.44 8.14
CA LEU A 167 6.54 2.09 7.88
C LEU A 167 5.50 1.03 8.22
N LYS A 168 4.59 1.39 9.09
CA LYS A 168 3.54 0.43 9.48
C LYS A 168 2.60 0.16 8.31
N TRP A 169 2.22 1.20 7.64
CA TRP A 169 1.30 1.03 6.49
C TRP A 169 1.97 0.20 5.41
N ALA A 170 3.19 0.55 5.09
CA ALA A 170 3.91 -0.20 4.04
C ALA A 170 4.09 -1.65 4.46
N PHE A 171 4.34 -1.86 5.72
CA PHE A 171 4.52 -3.23 6.21
C PHE A 171 3.20 -4.00 6.17
N ASN A 172 2.12 -3.27 6.34
CA ASN A 172 0.79 -3.92 6.31
C ASN A 172 0.44 -4.34 4.90
N LEU A 173 0.97 -3.65 3.94
CA LEU A 173 0.67 -4.00 2.53
C LEU A 173 1.42 -5.26 2.12
N TYR A 174 2.69 -5.30 2.42
CA TYR A 174 3.49 -6.49 2.06
C TYR A 174 3.01 -7.71 2.83
N ASP A 175 1.85 -7.60 3.43
CA ASP A 175 1.29 -8.74 4.20
C ASP A 175 -0.13 -9.05 3.77
N ILE A 176 -0.28 -10.11 3.00
CA ILE A 176 -1.64 -10.50 2.52
C ILE A 176 -2.12 -11.77 3.22
N ASN A 177 -2.33 -11.68 4.50
CA ASN A 177 -2.80 -12.87 5.25
C ASN A 177 -3.06 -12.52 6.71
N LYS A 178 -2.75 -11.31 7.07
CA LYS A 178 -2.97 -10.88 8.47
C LYS A 178 -2.11 -11.71 9.43
N ASP A 179 -1.18 -12.45 8.88
CA ASP A 179 -0.30 -13.28 9.73
C ASP A 179 0.57 -12.40 10.64
N GLY A 180 0.71 -11.17 10.26
CA GLY A 180 1.55 -10.24 11.09
C GLY A 180 3.03 -10.55 10.89
N CYS A 181 3.34 -11.24 9.82
CA CYS A 181 4.76 -11.58 9.56
C CYS A 181 5.03 -11.68 8.07
N ILE A 182 6.28 -11.53 7.71
CA ILE A 182 6.68 -11.62 6.28
C ILE A 182 7.62 -12.79 6.07
N THR A 183 7.74 -13.22 4.86
CA THR A 183 8.64 -14.36 4.61
C THR A 183 9.17 -14.31 3.17
N LYS A 184 10.24 -15.01 2.92
CA LYS A 184 10.81 -15.02 1.54
C LYS A 184 9.72 -15.28 0.50
N GLU A 185 8.84 -16.18 0.80
CA GLU A 185 7.75 -16.50 -0.16
C GLU A 185 6.95 -15.26 -0.49
N GLU A 186 6.35 -14.68 0.51
CA GLU A 186 5.53 -13.46 0.27
C GLU A 186 6.37 -12.38 -0.41
N MET A 187 7.64 -12.39 -0.15
CA MET A 187 8.52 -11.36 -0.77
C MET A 187 8.73 -11.65 -2.25
N LEU A 188 8.64 -12.89 -2.61
CA LEU A 188 8.82 -13.26 -4.04
C LEU A 188 7.61 -12.83 -4.87
N ALA A 189 6.45 -13.09 -4.35
CA ALA A 189 5.22 -12.70 -5.09
C ALA A 189 5.10 -11.19 -5.18
N ILE A 190 5.52 -10.52 -4.14
CA ILE A 190 5.44 -9.04 -4.14
C ILE A 190 6.37 -8.44 -5.21
N MET A 191 7.53 -9.02 -5.33
CA MET A 191 8.49 -8.50 -6.34
C MET A 191 7.95 -8.69 -7.74
N LYS A 192 7.42 -9.85 -8.00
CA LYS A 192 6.87 -10.12 -9.36
C LYS A 192 5.71 -9.18 -9.65
N SER A 193 5.00 -8.81 -8.61
CA SER A 193 3.85 -7.89 -8.81
C SER A 193 4.35 -6.50 -9.19
N ILE A 194 5.32 -6.03 -8.47
CA ILE A 194 5.87 -4.69 -8.78
C ILE A 194 6.41 -4.64 -10.20
N TYR A 195 7.08 -5.69 -10.58
CA TYR A 195 7.64 -5.73 -11.95
C TYR A 195 6.52 -5.78 -12.99
N ASP A 196 5.53 -6.58 -12.73
CA ASP A 196 4.40 -6.68 -13.68
C ASP A 196 3.63 -5.37 -13.72
N MET A 197 3.78 -4.59 -12.68
CA MET A 197 3.06 -3.29 -12.65
C MET A 197 3.72 -2.29 -13.58
N MET A 198 5.04 -2.32 -13.62
CA MET A 198 5.76 -1.39 -14.51
C MET A 198 5.09 -1.30 -15.87
N GLY A 199 4.65 -2.44 -16.36
CA GLY A 199 3.98 -2.44 -17.69
C GLY A 199 5.01 -2.45 -18.81
N ARG A 200 4.76 -3.27 -19.81
CA ARG A 200 5.71 -3.34 -20.95
C ARG A 200 5.39 -2.25 -21.96
N HIS A 201 5.28 -2.63 -23.21
CA HIS A 201 4.97 -1.62 -24.26
C HIS A 201 6.18 -0.75 -24.53
N THR A 202 6.71 -0.86 -25.71
CA THR A 202 7.90 -0.04 -26.07
C THR A 202 9.05 -0.31 -25.11
N TYR A 203 10.16 0.31 -25.39
CA TYR A 203 11.36 0.11 -24.53
C TYR A 203 11.61 -1.37 -24.24
N PRO A 204 11.84 -2.12 -25.30
CA PRO A 204 12.10 -3.55 -25.18
C PRO A 204 13.41 -3.80 -24.42
N ILE A 205 14.10 -2.74 -24.09
CA ILE A 205 15.39 -2.89 -23.35
C ILE A 205 15.24 -3.86 -22.19
N LEU A 206 16.35 -4.44 -21.78
CA LEU A 206 16.30 -5.40 -20.65
C LEU A 206 16.77 -4.74 -19.36
N ARG A 207 17.99 -4.25 -19.37
CA ARG A 207 18.53 -3.58 -18.16
C ARG A 207 18.77 -4.60 -17.04
N GLU A 208 19.32 -5.73 -17.40
CA GLU A 208 19.59 -6.77 -16.38
C GLU A 208 18.31 -7.13 -15.62
N ASP A 209 17.65 -8.16 -16.07
CA ASP A 209 16.40 -8.58 -15.39
C ASP A 209 16.68 -9.61 -14.31
N ALA A 210 16.37 -9.28 -13.10
CA ALA A 210 16.62 -10.23 -11.99
C ALA A 210 15.97 -9.74 -10.69
N PRO A 211 14.65 -9.79 -10.66
CA PRO A 211 13.88 -9.36 -9.50
C PRO A 211 14.20 -10.22 -8.28
N LEU A 212 14.71 -11.39 -8.52
CA LEU A 212 15.04 -12.29 -7.39
C LEU A 212 16.17 -11.71 -6.55
N GLU A 213 17.19 -11.24 -7.20
CA GLU A 213 18.34 -10.66 -6.46
C GLU A 213 17.86 -9.70 -5.37
N HIS A 214 16.82 -8.97 -5.66
CA HIS A 214 16.31 -8.02 -4.66
C HIS A 214 15.80 -8.75 -3.43
N VAL A 215 14.92 -9.69 -3.65
CA VAL A 215 14.37 -10.45 -2.50
C VAL A 215 15.49 -11.06 -1.67
N GLU A 216 16.52 -11.50 -2.33
CA GLU A 216 17.65 -12.10 -1.59
C GLU A 216 18.35 -11.04 -0.74
N ARG A 217 18.72 -9.96 -1.37
CA ARG A 217 19.41 -8.88 -0.64
C ARG A 217 18.56 -8.37 0.52
N PHE A 218 17.27 -8.36 0.33
CA PHE A 218 16.38 -7.86 1.41
C PHE A 218 16.31 -8.86 2.55
N PHE A 219 16.18 -10.12 2.22
CA PHE A 219 16.10 -11.13 3.28
C PHE A 219 17.46 -11.34 3.93
N GLN A 220 18.50 -11.12 3.17
CA GLN A 220 19.86 -11.30 3.73
C GLN A 220 20.13 -10.23 4.77
N LYS A 221 19.65 -9.04 4.52
CA LYS A 221 19.86 -7.94 5.48
C LYS A 221 18.89 -8.05 6.65
N MET A 222 17.77 -8.68 6.39
CA MET A 222 16.74 -8.85 7.45
C MET A 222 16.68 -10.29 7.91
N ASP A 223 15.49 -10.76 8.20
CA ASP A 223 15.36 -12.17 8.65
C ASP A 223 16.46 -12.52 9.66
N ARG A 224 17.33 -13.41 9.28
CA ARG A 224 18.44 -13.80 10.18
C ARG A 224 17.95 -14.64 11.37
N ASN A 225 17.37 -13.97 12.34
CA ASN A 225 16.86 -14.70 13.54
C ASN A 225 16.28 -16.06 13.18
N GLN A 226 16.55 -17.03 14.02
CA GLN A 226 16.03 -18.40 13.75
C GLN A 226 14.60 -18.35 13.27
N ASP A 227 13.87 -17.36 13.73
CA ASP A 227 12.46 -17.24 13.31
C ASP A 227 12.37 -17.32 11.78
N GLY A 228 13.45 -16.97 11.13
CA GLY A 228 13.45 -17.01 9.64
C GLY A 228 12.52 -15.97 9.03
N VAL A 229 11.37 -15.80 9.60
CA VAL A 229 10.42 -14.81 9.04
C VAL A 229 10.70 -13.42 9.57
N VAL A 230 10.20 -12.44 8.86
CA VAL A 230 10.42 -11.04 9.27
C VAL A 230 9.20 -10.53 10.05
N THR A 231 9.46 -9.77 11.08
CA THR A 231 8.34 -9.23 11.90
C THR A 231 8.45 -7.71 12.00
N ILE A 232 7.36 -7.08 12.35
CA ILE A 232 7.38 -5.61 12.47
C ILE A 232 8.66 -5.15 13.17
N ASP A 233 9.00 -5.81 14.24
CA ASP A 233 10.23 -5.43 14.96
C ASP A 233 11.45 -5.61 14.07
N GLU A 234 11.56 -6.79 13.51
CA GLU A 234 12.71 -7.07 12.61
C GLU A 234 12.68 -6.12 11.42
N PHE A 235 11.49 -5.79 11.00
CA PHE A 235 11.33 -4.87 9.85
C PHE A 235 11.52 -3.43 10.27
N LEU A 236 11.13 -3.13 11.47
CA LEU A 236 11.29 -1.74 11.95
C LEU A 236 12.72 -1.49 12.39
N GLU A 237 13.34 -2.50 12.95
CA GLU A 237 14.73 -2.32 13.40
C GLU A 237 15.67 -2.21 12.20
N THR A 238 15.35 -2.95 11.16
CA THR A 238 16.21 -2.90 9.95
C THR A 238 16.06 -1.57 9.22
N CYS A 239 14.84 -1.15 9.02
CA CYS A 239 14.62 0.14 8.32
C CYS A 239 15.08 1.32 9.16
N GLN A 240 14.65 1.37 10.39
CA GLN A 240 15.05 2.49 11.26
C GLN A 240 16.56 2.73 11.23
N LYS A 241 17.32 1.70 11.54
CA LYS A 241 18.80 1.87 11.52
C LYS A 241 19.51 0.59 11.07
N ASP A 242 19.99 0.61 9.85
CA ASP A 242 20.70 -0.58 9.33
C ASP A 242 21.29 -0.30 7.95
N GLU A 243 20.48 0.24 7.08
CA GLU A 243 20.98 0.55 5.71
C GLU A 243 19.98 1.44 4.97
N ASN A 244 20.48 2.19 4.03
CA ASN A 244 19.58 3.07 3.24
C ASN A 244 18.71 2.26 2.28
N ILE A 245 18.72 0.96 2.45
CA ILE A 245 17.91 0.11 1.56
C ILE A 245 16.43 0.43 1.69
N MET A 246 15.96 0.50 2.89
CA MET A 246 14.53 0.81 3.08
C MET A 246 14.28 2.25 2.72
N ASN A 247 15.25 3.08 2.94
CA ASN A 247 15.07 4.51 2.59
C ASN A 247 14.73 4.58 1.11
N SER A 248 15.34 3.69 0.36
CA SER A 248 15.08 3.68 -1.09
C SER A 248 13.66 3.24 -1.34
N MET A 249 13.22 2.25 -0.59
CA MET A 249 11.83 1.76 -0.77
C MET A 249 10.86 2.92 -0.63
N GLN A 250 11.10 3.73 0.37
CA GLN A 250 10.20 4.88 0.59
C GLN A 250 10.14 5.71 -0.68
N LEU A 251 11.29 5.96 -1.25
CA LEU A 251 11.33 6.75 -2.50
C LEU A 251 10.46 6.08 -3.55
N PHE A 252 10.39 4.78 -3.48
CA PHE A 252 9.57 4.02 -4.46
C PHE A 252 8.12 4.44 -4.35
N GLU A 253 7.61 4.49 -3.15
CA GLU A 253 6.19 4.88 -2.96
C GLU A 253 5.97 6.32 -3.42
N ASN A 254 6.93 7.17 -3.14
CA ASN A 254 6.79 8.58 -3.55
C ASN A 254 6.83 8.71 -5.07
N VAL A 255 7.59 7.86 -5.69
CA VAL A 255 7.69 7.92 -7.17
C VAL A 255 8.45 6.72 -7.72
N ILE A 256 7.72 5.71 -8.12
CA ILE A 256 8.37 4.50 -8.65
C ILE A 256 9.32 4.85 -9.80
N PRO A 76 -27.93 19.86 8.71
CA PRO A 76 -26.58 19.51 8.25
C PRO A 76 -25.70 19.03 9.41
N GLU A 77 -26.32 18.81 10.53
CA GLU A 77 -25.54 18.34 11.71
C GLU A 77 -24.74 17.09 11.36
N GLY A 78 -25.21 16.35 10.40
CA GLY A 78 -24.49 15.11 10.00
C GLY A 78 -23.02 15.42 9.68
N LEU A 79 -22.81 16.47 8.93
CA LEU A 79 -21.41 16.83 8.57
C LEU A 79 -20.57 17.03 9.83
N ASP A 80 -21.02 17.90 10.69
CA ASP A 80 -20.25 18.15 11.93
C ASP A 80 -19.83 16.83 12.57
N GLN A 81 -20.74 15.89 12.60
CA GLN A 81 -20.41 14.58 13.21
C GLN A 81 -19.16 14.00 12.56
N LEU A 82 -19.16 13.94 11.26
CA LEU A 82 -17.99 13.39 10.54
C LEU A 82 -16.70 14.00 11.10
N GLN A 83 -16.70 15.30 11.20
CA GLN A 83 -15.48 15.98 11.72
C GLN A 83 -15.15 15.49 13.13
N ALA A 84 -16.17 15.22 13.90
CA ALA A 84 -15.93 14.74 15.29
C ALA A 84 -15.13 13.45 15.30
N GLN A 85 -15.46 12.56 14.40
CA GLN A 85 -14.73 11.28 14.33
C GLN A 85 -13.43 11.42 13.56
N THR A 86 -13.54 11.82 12.32
CA THR A 86 -12.32 11.99 11.50
C THR A 86 -11.68 13.34 11.76
N LYS A 87 -10.42 13.33 12.08
CA LYS A 87 -9.72 14.60 12.37
C LYS A 87 -9.42 15.36 11.08
N PHE A 88 -10.20 16.37 10.82
CA PHE A 88 -10.00 17.16 9.59
C PHE A 88 -10.77 18.48 9.64
N THR A 89 -10.26 19.46 8.96
CA THR A 89 -10.96 20.78 8.96
C THR A 89 -12.24 20.71 8.14
N LYS A 90 -13.30 21.23 8.69
CA LYS A 90 -14.59 21.21 7.95
C LYS A 90 -14.38 21.61 6.50
N LYS A 91 -13.59 22.63 6.31
CA LYS A 91 -13.33 23.09 4.92
C LYS A 91 -12.65 21.99 4.12
N GLU A 92 -11.54 21.53 4.61
CA GLU A 92 -10.82 20.46 3.90
C GLU A 92 -11.72 19.25 3.76
N LEU A 93 -12.49 18.98 4.78
CA LEU A 93 -13.39 17.81 4.73
C LEU A 93 -14.39 17.98 3.59
N GLN A 94 -14.89 19.18 3.45
CA GLN A 94 -15.86 19.43 2.36
C GLN A 94 -15.25 19.00 1.04
N SER A 95 -14.01 19.34 0.84
CA SER A 95 -13.34 18.95 -0.42
C SER A 95 -13.28 17.44 -0.53
N LEU A 96 -12.95 16.81 0.57
CA LEU A 96 -12.86 15.33 0.55
C LEU A 96 -14.22 14.72 0.24
N TYR A 97 -15.23 15.25 0.86
CA TYR A 97 -16.60 14.73 0.61
C TYR A 97 -16.96 14.90 -0.86
N ARG A 98 -16.43 15.94 -1.44
CA ARG A 98 -16.74 16.19 -2.88
C ARG A 98 -16.15 15.09 -3.74
N GLY A 99 -14.87 14.85 -3.59
CA GLY A 99 -14.23 13.78 -4.39
C GLY A 99 -14.98 12.48 -4.19
N PHE A 100 -15.51 12.30 -3.00
CA PHE A 100 -16.26 11.05 -2.71
C PHE A 100 -17.63 11.11 -3.38
N LYS A 101 -18.21 12.27 -3.39
CA LYS A 101 -19.55 12.41 -4.01
C LYS A 101 -19.46 12.06 -5.49
N ASN A 102 -18.29 12.21 -6.04
CA ASN A 102 -18.11 11.89 -7.47
C ASN A 102 -18.28 10.39 -7.71
N GLU A 103 -18.15 9.63 -6.65
CA GLU A 103 -18.29 8.16 -6.76
C GLU A 103 -19.41 7.66 -5.85
N CYS A 104 -20.59 7.53 -6.41
CA CYS A 104 -21.73 7.06 -5.59
C CYS A 104 -22.65 6.14 -6.40
N PRO A 105 -22.09 5.04 -6.83
CA PRO A 105 -22.83 4.06 -7.62
C PRO A 105 -23.97 3.46 -6.81
N THR A 106 -23.77 3.36 -5.52
CA THR A 106 -24.81 2.79 -4.64
C THR A 106 -24.69 3.33 -3.23
N GLY A 107 -23.50 3.72 -2.86
CA GLY A 107 -23.29 4.26 -1.50
C GLY A 107 -21.90 3.88 -0.97
N LEU A 108 -21.25 2.99 -1.68
CA LEU A 108 -19.91 2.55 -1.25
C LEU A 108 -19.07 2.15 -2.46
N VAL A 109 -17.77 2.11 -2.27
CA VAL A 109 -16.87 1.73 -3.40
C VAL A 109 -16.41 0.29 -3.26
N ASP A 110 -16.07 -0.32 -4.37
CA ASP A 110 -15.60 -1.74 -4.33
C ASP A 110 -14.20 -1.87 -4.92
N GLU A 111 -13.54 -2.93 -4.58
CA GLU A 111 -12.17 -3.13 -5.10
C GLU A 111 -12.13 -2.98 -6.62
N ASP A 112 -13.27 -3.10 -7.23
CA ASP A 112 -13.31 -2.96 -8.72
C ASP A 112 -12.86 -1.59 -9.15
N THR A 113 -13.56 -0.58 -8.71
CA THR A 113 -13.18 0.80 -9.09
C THR A 113 -11.68 1.01 -8.86
N PHE A 114 -11.20 0.53 -7.75
CA PHE A 114 -9.77 0.70 -7.45
C PHE A 114 -8.92 0.16 -8.61
N LYS A 115 -9.22 -1.05 -9.01
CA LYS A 115 -8.45 -1.65 -10.13
C LYS A 115 -8.74 -0.91 -11.43
N LEU A 116 -9.98 -0.51 -11.59
CA LEU A 116 -10.35 0.22 -12.83
C LEU A 116 -9.65 1.56 -12.88
N ILE A 117 -9.47 2.16 -11.73
CA ILE A 117 -8.79 3.48 -11.70
C ILE A 117 -7.29 3.33 -11.88
N TYR A 118 -6.76 2.26 -11.34
CA TYR A 118 -5.29 2.03 -11.47
C TYR A 118 -4.94 1.48 -12.84
N SER A 119 -5.90 0.84 -13.47
CA SER A 119 -5.64 0.26 -14.82
C SER A 119 -5.89 1.29 -15.91
N GLN A 120 -6.69 2.28 -15.58
CA GLN A 120 -6.99 3.32 -16.60
C GLN A 120 -6.00 4.47 -16.50
N PHE A 121 -5.43 4.66 -15.35
CA PHE A 121 -4.45 5.76 -15.19
C PHE A 121 -3.06 5.35 -15.66
N PHE A 122 -2.48 4.41 -14.96
CA PHE A 122 -1.13 3.95 -15.34
C PHE A 122 -1.16 3.20 -16.68
N PRO A 123 -0.02 3.17 -17.36
CA PRO A 123 0.10 2.49 -18.64
C PRO A 123 -0.25 1.01 -18.53
N GLN A 124 0.16 0.24 -19.51
CA GLN A 124 -0.13 -1.21 -19.48
C GLN A 124 0.61 -1.89 -18.34
N GLY A 125 -0.07 -2.75 -17.64
CA GLY A 125 0.60 -3.46 -16.50
C GLY A 125 -0.44 -4.19 -15.64
N ASP A 126 0.00 -5.18 -14.93
CA ASP A 126 -0.95 -5.94 -14.06
C ASP A 126 -1.11 -5.27 -12.71
N ALA A 127 -1.81 -4.17 -12.69
CA ALA A 127 -2.02 -3.45 -11.41
C ALA A 127 -2.99 -4.21 -10.51
N THR A 128 -3.76 -5.09 -11.10
CA THR A 128 -4.72 -5.86 -10.29
C THR A 128 -4.05 -6.47 -9.07
N THR A 129 -2.92 -7.09 -9.29
CA THR A 129 -2.19 -7.71 -8.16
C THR A 129 -1.84 -6.66 -7.12
N TYR A 130 -1.07 -5.69 -7.53
CA TYR A 130 -0.67 -4.63 -6.57
C TYR A 130 -1.91 -3.90 -6.06
N ALA A 131 -2.94 -3.87 -6.87
CA ALA A 131 -4.18 -3.18 -6.43
C ALA A 131 -4.82 -3.97 -5.31
N HIS A 132 -4.81 -5.27 -5.44
CA HIS A 132 -5.43 -6.11 -4.38
C HIS A 132 -4.77 -5.81 -3.04
N PHE A 133 -3.46 -5.80 -3.05
CA PHE A 133 -2.74 -5.53 -1.79
C PHE A 133 -3.11 -4.15 -1.26
N LEU A 134 -3.05 -3.17 -2.12
CA LEU A 134 -3.40 -1.79 -1.69
C LEU A 134 -4.79 -1.76 -1.10
N PHE A 135 -5.70 -2.46 -1.73
CA PHE A 135 -7.08 -2.48 -1.20
C PHE A 135 -7.09 -3.15 0.16
N ASN A 136 -6.40 -4.25 0.27
CA ASN A 136 -6.37 -4.95 1.56
C ASN A 136 -6.05 -3.98 2.68
N ALA A 137 -5.29 -2.97 2.36
CA ALA A 137 -4.92 -1.97 3.38
C ALA A 137 -6.06 -0.96 3.56
N PHE A 138 -6.82 -0.75 2.51
CA PHE A 138 -7.94 0.22 2.60
C PHE A 138 -9.21 -0.46 3.09
N ASP A 139 -9.27 -0.71 4.38
CA ASP A 139 -10.48 -1.37 4.94
C ASP A 139 -10.35 -1.56 6.44
N ALA A 140 -11.27 -2.29 7.01
CA ALA A 140 -11.22 -2.53 8.46
C ALA A 140 -11.72 -3.93 8.80
N ASP A 141 -11.82 -4.76 7.80
CA ASP A 141 -12.30 -6.13 8.04
C ASP A 141 -11.59 -7.12 7.12
N GLY A 142 -11.93 -7.08 5.87
CA GLY A 142 -11.28 -8.02 4.91
C GLY A 142 -12.15 -8.21 3.68
N ASN A 143 -13.29 -7.59 3.68
CA ASN A 143 -14.21 -7.72 2.50
C ASN A 143 -13.95 -6.61 1.50
N GLY A 144 -14.52 -6.76 0.33
CA GLY A 144 -14.33 -5.72 -0.72
C GLY A 144 -15.41 -4.63 -0.61
N ALA A 145 -15.34 -3.87 0.45
CA ALA A 145 -16.35 -2.79 0.63
C ALA A 145 -15.77 -1.61 1.39
N ILE A 146 -15.49 -0.54 0.67
CA ILE A 146 -14.92 0.67 1.33
C ILE A 146 -15.88 1.84 1.18
N HIS A 147 -15.81 2.79 2.08
CA HIS A 147 -16.71 3.97 2.01
C HIS A 147 -15.95 5.27 2.23
N PHE A 148 -16.62 6.24 2.78
CA PHE A 148 -15.95 7.53 3.04
C PHE A 148 -15.26 7.55 4.41
N GLU A 149 -15.91 6.99 5.39
CA GLU A 149 -15.31 6.96 6.74
C GLU A 149 -13.96 6.27 6.73
N ASP A 150 -13.94 5.04 6.32
CA ASP A 150 -12.66 4.30 6.28
C ASP A 150 -11.67 5.01 5.34
N PHE A 151 -12.20 5.65 4.34
CA PHE A 151 -11.33 6.36 3.38
C PHE A 151 -10.72 7.59 4.03
N VAL A 152 -11.54 8.33 4.74
CA VAL A 152 -11.01 9.55 5.41
C VAL A 152 -9.99 9.15 6.47
N VAL A 153 -10.29 8.10 7.18
CA VAL A 153 -9.37 7.64 8.23
C VAL A 153 -7.99 7.38 7.66
N GLY A 154 -7.95 6.70 6.55
CA GLY A 154 -6.63 6.40 5.94
C GLY A 154 -5.91 7.70 5.60
N LEU A 155 -6.58 8.56 4.87
CA LEU A 155 -5.96 9.84 4.52
C LEU A 155 -5.34 10.46 5.76
N SER A 156 -5.92 10.16 6.89
CA SER A 156 -5.40 10.72 8.16
C SER A 156 -4.09 10.04 8.54
N ILE A 157 -4.04 8.74 8.33
CA ILE A 157 -2.80 8.00 8.67
C ILE A 157 -1.64 8.46 7.80
N LEU A 158 -1.96 8.80 6.58
CA LEU A 158 -0.89 9.26 5.66
C LEU A 158 -0.51 10.70 5.97
N LEU A 159 -1.51 11.55 6.05
CA LEU A 159 -1.20 12.98 6.36
C LEU A 159 -0.67 13.11 7.77
N ARG A 160 -1.52 12.81 8.72
CA ARG A 160 -1.08 12.91 10.13
C ARG A 160 -0.26 11.69 10.50
N GLY A 161 -0.12 11.45 11.77
CA GLY A 161 0.69 10.27 12.20
C GLY A 161 2.18 10.48 11.84
N THR A 162 3.04 10.13 12.76
CA THR A 162 4.48 10.31 12.50
C THR A 162 5.01 9.19 11.60
N VAL A 163 6.20 9.37 11.08
CA VAL A 163 6.78 8.33 10.21
C VAL A 163 6.60 6.95 10.82
N HIS A 164 6.40 6.91 12.10
CA HIS A 164 6.22 5.62 12.78
C HIS A 164 4.96 4.91 12.25
N GLU A 165 3.86 5.59 12.31
CA GLU A 165 2.61 4.98 11.82
C GLU A 165 2.74 4.56 10.36
N LYS A 166 3.52 5.31 9.62
CA LYS A 166 3.71 4.97 8.19
C LYS A 166 4.45 3.64 8.05
N LEU A 167 5.51 3.49 8.80
CA LEU A 167 6.28 2.23 8.71
C LEU A 167 5.36 1.04 8.99
N LYS A 168 4.45 1.23 9.90
CA LYS A 168 3.52 0.13 10.23
C LYS A 168 2.56 -0.13 9.07
N TRP A 169 2.13 0.93 8.45
CA TRP A 169 1.18 0.77 7.30
C TRP A 169 1.88 0.13 6.12
N ALA A 170 3.12 0.51 5.90
CA ALA A 170 3.87 -0.07 4.77
C ALA A 170 4.16 -1.55 5.02
N PHE A 171 4.43 -1.87 6.26
CA PHE A 171 4.73 -3.29 6.59
C PHE A 171 3.49 -4.15 6.35
N ASN A 172 2.35 -3.61 6.67
CA ASN A 172 1.10 -4.38 6.47
C ASN A 172 0.81 -4.58 4.99
N LEU A 173 1.20 -3.62 4.21
CA LEU A 173 0.97 -3.73 2.75
C LEU A 173 1.78 -4.87 2.14
N TYR A 174 3.04 -4.90 2.47
CA TYR A 174 3.91 -5.97 1.92
C TYR A 174 3.57 -7.32 2.53
N ASP A 175 2.47 -7.87 2.13
CA ASP A 175 2.08 -9.19 2.69
C ASP A 175 0.89 -9.77 1.96
N ILE A 176 1.08 -10.94 1.42
CA ILE A 176 0.00 -11.63 0.67
C ILE A 176 -0.20 -13.01 1.26
N ASN A 177 0.48 -13.24 2.35
CA ASN A 177 0.39 -14.56 3.03
C ASN A 177 -0.70 -14.53 4.12
N LYS A 178 -1.53 -13.52 4.06
CA LYS A 178 -2.62 -13.40 5.06
C LYS A 178 -2.09 -12.93 6.42
N ASP A 179 -1.22 -13.71 7.00
CA ASP A 179 -0.65 -13.32 8.32
C ASP A 179 0.05 -11.98 8.23
N GLY A 180 0.74 -11.62 9.29
CA GLY A 180 1.48 -10.31 9.30
C GLY A 180 2.99 -10.54 9.34
N CYS A 181 3.47 -11.37 8.45
CA CYS A 181 4.94 -11.66 8.42
C CYS A 181 5.46 -11.55 6.99
N ILE A 182 6.73 -11.27 6.86
CA ILE A 182 7.33 -11.15 5.52
C ILE A 182 8.22 -12.34 5.25
N THR A 183 8.50 -12.57 4.01
CA THR A 183 9.36 -13.70 3.69
C THR A 183 10.07 -13.46 2.35
N LYS A 184 11.20 -14.08 2.17
CA LYS A 184 11.92 -13.88 0.89
C LYS A 184 11.03 -14.26 -0.29
N GLU A 185 10.15 -15.20 -0.05
CA GLU A 185 9.24 -15.64 -1.15
C GLU A 185 8.22 -14.55 -1.40
N GLU A 186 7.46 -14.23 -0.38
CA GLU A 186 6.44 -13.18 -0.55
C GLU A 186 7.07 -11.95 -1.15
N MET A 187 8.34 -11.79 -0.89
CA MET A 187 9.06 -10.62 -1.41
C MET A 187 9.17 -10.68 -2.93
N LEU A 188 9.52 -11.84 -3.43
CA LEU A 188 9.64 -11.99 -4.89
C LEU A 188 8.29 -11.76 -5.56
N ALA A 189 7.24 -12.06 -4.85
CA ALA A 189 5.89 -11.87 -5.43
C ALA A 189 5.54 -10.39 -5.48
N ILE A 190 5.90 -9.67 -4.45
CA ILE A 190 5.60 -8.22 -4.43
C ILE A 190 6.47 -7.48 -5.45
N MET A 191 7.70 -7.89 -5.54
CA MET A 191 8.60 -7.22 -6.50
C MET A 191 8.23 -7.59 -7.93
N LYS A 192 7.81 -8.82 -8.12
CA LYS A 192 7.42 -9.24 -9.48
C LYS A 192 6.17 -8.51 -9.91
N SER A 193 5.28 -8.29 -8.97
CA SER A 193 4.03 -7.58 -9.31
C SER A 193 4.33 -6.16 -9.75
N ILE A 194 5.11 -5.47 -8.97
CA ILE A 194 5.45 -4.08 -9.35
C ILE A 194 6.20 -4.06 -10.67
N TYR A 195 7.13 -4.97 -10.81
CA TYR A 195 7.91 -5.02 -12.06
C TYR A 195 6.98 -5.16 -13.26
N ASP A 196 5.91 -5.90 -13.06
CA ASP A 196 4.95 -6.09 -14.17
C ASP A 196 4.01 -4.89 -14.29
N MET A 197 3.73 -4.28 -13.17
CA MET A 197 2.83 -3.11 -13.20
C MET A 197 3.38 -2.04 -14.14
N MET A 198 4.68 -1.96 -14.21
CA MET A 198 5.30 -0.95 -15.10
C MET A 198 5.09 -1.33 -16.57
N GLY A 199 4.70 -2.56 -16.80
CA GLY A 199 4.48 -3.00 -18.20
C GLY A 199 5.80 -3.46 -18.82
N ARG A 200 5.70 -4.35 -19.79
CA ARG A 200 6.93 -4.86 -20.46
C ARG A 200 6.96 -4.44 -21.92
N HIS A 201 7.64 -3.35 -22.19
CA HIS A 201 7.73 -2.88 -23.59
C HIS A 201 8.54 -3.86 -24.44
N THR A 202 8.87 -3.45 -25.63
CA THR A 202 9.66 -4.35 -26.51
C THR A 202 11.10 -4.45 -26.02
N TYR A 203 11.91 -5.15 -26.76
CA TYR A 203 13.34 -5.32 -26.37
C TYR A 203 13.46 -5.96 -24.98
N PRO A 204 14.63 -6.47 -24.68
CA PRO A 204 14.89 -7.12 -23.40
C PRO A 204 14.66 -6.16 -22.23
N ILE A 205 14.48 -6.70 -21.07
CA ILE A 205 14.24 -5.82 -19.89
C ILE A 205 15.57 -5.33 -19.31
N LEU A 206 16.11 -4.30 -19.89
CA LEU A 206 17.39 -3.75 -19.39
C LEU A 206 18.39 -4.86 -19.11
N ARG A 207 18.35 -5.90 -19.92
CA ARG A 207 19.29 -7.03 -19.71
C ARG A 207 19.18 -7.59 -18.31
N GLU A 208 18.38 -6.95 -17.49
CA GLU A 208 18.22 -7.45 -16.10
C GLU A 208 17.58 -8.83 -16.09
N ASP A 209 16.27 -8.86 -16.20
CA ASP A 209 15.57 -10.16 -16.20
C ASP A 209 16.04 -11.04 -15.03
N ALA A 210 16.00 -10.50 -13.84
CA ALA A 210 16.44 -11.28 -12.66
C ALA A 210 16.20 -10.52 -11.36
N PRO A 211 14.94 -10.24 -11.09
CA PRO A 211 14.55 -9.53 -9.88
C PRO A 211 14.84 -10.33 -8.62
N LEU A 212 15.61 -11.38 -8.76
CA LEU A 212 15.93 -12.21 -7.57
C LEU A 212 17.07 -11.60 -6.77
N GLU A 213 18.15 -11.31 -7.43
CA GLU A 213 19.32 -10.70 -6.73
C GLU A 213 18.85 -9.60 -5.79
N HIS A 214 17.77 -8.96 -6.13
CA HIS A 214 17.25 -7.88 -5.26
C HIS A 214 16.59 -8.47 -4.02
N VAL A 215 15.66 -9.36 -4.24
CA VAL A 215 14.97 -9.98 -3.09
C VAL A 215 15.94 -10.78 -2.23
N GLU A 216 17.02 -11.22 -2.84
CA GLU A 216 18.01 -12.00 -2.06
C GLU A 216 18.83 -11.06 -1.19
N ARG A 217 19.22 -9.96 -1.76
CA ARG A 217 20.02 -8.99 -0.99
C ARG A 217 19.22 -8.47 0.19
N PHE A 218 17.95 -8.26 -0.03
CA PHE A 218 17.08 -7.76 1.05
C PHE A 218 17.06 -8.75 2.21
N PHE A 219 16.82 -9.99 1.89
CA PHE A 219 16.78 -11.01 2.97
C PHE A 219 18.16 -11.13 3.60
N GLN A 220 19.18 -11.11 2.79
CA GLN A 220 20.54 -11.22 3.35
C GLN A 220 20.72 -10.17 4.43
N LYS A 221 20.09 -9.05 4.24
CA LYS A 221 20.21 -7.97 5.24
C LYS A 221 19.23 -8.21 6.38
N MET A 222 18.07 -8.71 6.03
CA MET A 222 17.05 -8.99 7.06
C MET A 222 17.11 -10.46 7.47
N ASP A 223 15.96 -11.03 7.71
CA ASP A 223 15.93 -12.46 8.12
C ASP A 223 17.07 -12.74 9.12
N ARG A 224 18.06 -13.47 8.69
CA ARG A 224 19.19 -13.78 9.60
C ARG A 224 18.75 -14.66 10.77
N ASN A 225 17.95 -14.09 11.64
CA ASN A 225 17.47 -14.87 12.80
C ASN A 225 17.07 -16.28 12.39
N GLN A 226 17.13 -17.21 13.33
CA GLN A 226 16.75 -18.60 13.00
C GLN A 226 15.24 -18.76 12.96
N ASP A 227 14.65 -18.19 11.95
CA ASP A 227 13.18 -18.28 11.80
C ASP A 227 12.83 -18.28 10.33
N GLY A 228 13.53 -17.46 9.60
CA GLY A 228 13.29 -17.36 8.14
C GLY A 228 12.38 -16.18 7.82
N VAL A 229 11.22 -16.15 8.42
CA VAL A 229 10.29 -15.02 8.13
C VAL A 229 10.61 -13.81 8.96
N VAL A 230 10.37 -12.66 8.38
CA VAL A 230 10.63 -11.39 9.08
C VAL A 230 9.39 -10.92 9.82
N THR A 231 9.60 -10.30 10.95
CA THR A 231 8.46 -9.79 11.76
C THR A 231 8.51 -8.27 11.82
N ILE A 232 7.39 -7.66 12.14
CA ILE A 232 7.37 -6.18 12.22
C ILE A 232 8.61 -5.66 12.94
N ASP A 233 8.95 -6.31 14.01
CA ASP A 233 10.15 -5.87 14.76
C ASP A 233 11.39 -6.01 13.89
N GLU A 234 11.63 -7.21 13.44
CA GLU A 234 12.82 -7.46 12.58
C GLU A 234 12.80 -6.50 11.38
N PHE A 235 11.62 -6.19 10.93
CA PHE A 235 11.49 -5.28 9.75
C PHE A 235 11.69 -3.83 10.17
N LEU A 236 11.19 -3.49 11.33
CA LEU A 236 11.34 -2.10 11.81
C LEU A 236 12.76 -1.84 12.30
N GLU A 237 13.39 -2.87 12.83
CA GLU A 237 14.77 -2.68 13.34
C GLU A 237 15.76 -2.60 12.18
N THR A 238 15.44 -3.26 11.10
CA THR A 238 16.36 -3.22 9.94
C THR A 238 16.25 -1.91 9.15
N CYS A 239 15.06 -1.37 9.09
CA CYS A 239 14.87 -0.10 8.34
C CYS A 239 15.12 1.13 9.22
N GLN A 240 14.86 1.02 10.48
CA GLN A 240 15.09 2.20 11.38
C GLN A 240 16.56 2.33 11.78
N LYS A 241 17.21 1.22 12.01
CA LYS A 241 18.64 1.30 12.40
C LYS A 241 19.40 2.28 11.52
N ASP A 242 19.49 1.95 10.25
CA ASP A 242 20.21 2.86 9.33
C ASP A 242 20.03 2.42 7.88
N GLU A 243 21.05 1.83 7.33
CA GLU A 243 20.96 1.36 5.93
C GLU A 243 20.28 2.42 5.06
N ASN A 244 19.70 1.97 3.98
CA ASN A 244 19.02 2.93 3.08
C ASN A 244 18.13 2.18 2.09
N ILE A 245 17.96 0.91 2.32
CA ILE A 245 17.11 0.10 1.41
C ILE A 245 15.63 0.37 1.65
N MET A 246 15.18 0.08 2.84
CA MET A 246 13.75 0.31 3.13
C MET A 246 13.39 1.76 2.89
N ASN A 247 14.40 2.60 2.87
CA ASN A 247 14.12 4.03 2.64
C ASN A 247 13.60 4.21 1.23
N SER A 248 14.27 3.58 0.29
CA SER A 248 13.83 3.69 -1.10
C SER A 248 12.42 3.14 -1.25
N MET A 249 12.17 2.06 -0.55
CA MET A 249 10.83 1.45 -0.62
C MET A 249 9.77 2.45 -0.22
N GLN A 250 10.02 3.15 0.86
CA GLN A 250 9.03 4.16 1.31
C GLN A 250 8.70 5.10 0.17
N LEU A 251 9.72 5.66 -0.42
CA LEU A 251 9.48 6.59 -1.54
C LEU A 251 8.81 5.85 -2.69
N PHE A 252 9.07 4.56 -2.76
CA PHE A 252 8.47 3.74 -3.83
C PHE A 252 7.00 3.48 -3.56
N GLU A 253 6.61 3.60 -2.32
CA GLU A 253 5.19 3.37 -1.97
C GLU A 253 4.35 4.61 -2.20
N ASN A 254 4.91 5.75 -1.87
CA ASN A 254 4.16 7.02 -2.06
C ASN A 254 3.51 7.05 -3.44
N VAL A 255 4.32 7.10 -4.45
CA VAL A 255 3.76 7.15 -5.82
C VAL A 255 3.34 5.75 -6.28
N ILE A 256 4.26 5.05 -6.90
CA ILE A 256 3.92 3.68 -7.37
C ILE A 256 3.31 2.86 -6.25
N PRO A 76 -27.55 14.53 14.52
CA PRO A 76 -27.50 13.25 13.82
C PRO A 76 -27.00 13.42 12.39
N GLU A 77 -26.69 14.64 12.04
CA GLU A 77 -26.18 14.90 10.67
C GLU A 77 -25.00 14.00 10.36
N GLY A 78 -24.96 13.49 9.16
CA GLY A 78 -23.83 12.61 8.76
C GLY A 78 -22.53 13.43 8.64
N LEU A 79 -22.58 14.46 7.85
CA LEU A 79 -21.37 15.30 7.68
C LEU A 79 -20.90 15.86 9.02
N ASP A 80 -21.81 16.47 9.73
CA ASP A 80 -21.42 17.04 11.05
C ASP A 80 -20.77 15.96 11.91
N GLN A 81 -21.48 14.86 12.08
CA GLN A 81 -20.92 13.77 12.90
C GLN A 81 -19.58 13.32 12.31
N LEU A 82 -19.56 13.14 11.02
CA LEU A 82 -18.30 12.70 10.37
C LEU A 82 -17.17 13.63 10.79
N GLN A 83 -17.51 14.90 10.90
CA GLN A 83 -16.49 15.88 11.29
C GLN A 83 -15.88 15.50 12.63
N ALA A 84 -16.74 15.23 13.58
CA ALA A 84 -16.22 14.85 14.92
C ALA A 84 -15.23 13.71 14.81
N GLN A 85 -15.63 12.66 14.14
CA GLN A 85 -14.71 11.50 13.98
C GLN A 85 -13.47 11.91 13.19
N THR A 86 -13.66 12.17 11.92
CA THR A 86 -12.51 12.58 11.09
C THR A 86 -12.31 14.08 11.17
N LYS A 87 -11.63 14.52 12.20
CA LYS A 87 -11.39 15.98 12.34
C LYS A 87 -11.01 16.60 11.01
N PHE A 88 -11.81 17.51 10.55
CA PHE A 88 -11.52 18.17 9.26
C PHE A 88 -12.55 19.25 8.95
N THR A 89 -12.09 20.45 8.73
CA THR A 89 -13.02 21.57 8.43
C THR A 89 -14.06 21.11 7.42
N LYS A 90 -15.32 21.33 7.73
CA LYS A 90 -16.38 20.91 6.78
C LYS A 90 -16.02 21.33 5.37
N LYS A 91 -15.25 22.38 5.25
CA LYS A 91 -14.86 22.85 3.90
C LYS A 91 -13.89 21.86 3.28
N GLU A 92 -12.74 21.71 3.90
CA GLU A 92 -11.75 20.77 3.36
C GLU A 92 -12.39 19.38 3.25
N LEU A 93 -13.30 19.11 4.14
CA LEU A 93 -13.97 17.79 4.11
C LEU A 93 -14.77 17.67 2.83
N GLN A 94 -15.49 18.71 2.50
CA GLN A 94 -16.30 18.67 1.26
C GLN A 94 -15.44 18.25 0.10
N SER A 95 -14.27 18.83 0.00
CA SER A 95 -13.37 18.46 -1.11
C SER A 95 -13.15 16.96 -1.12
N LEU A 96 -12.76 16.43 0.01
CA LEU A 96 -12.53 14.96 0.09
C LEU A 96 -13.82 14.24 -0.21
N TYR A 97 -14.88 14.70 0.39
CA TYR A 97 -16.20 14.06 0.17
C TYR A 97 -16.52 14.04 -1.31
N ARG A 98 -16.23 15.13 -1.98
CA ARG A 98 -16.52 15.19 -3.43
C ARG A 98 -15.80 14.07 -4.15
N GLY A 99 -14.53 13.94 -3.87
CA GLY A 99 -13.75 12.85 -4.54
C GLY A 99 -14.52 11.55 -4.45
N PHE A 100 -15.02 11.26 -3.28
CA PHE A 100 -15.78 10.00 -3.10
C PHE A 100 -17.09 10.06 -3.90
N LYS A 101 -17.75 11.19 -3.82
CA LYS A 101 -19.02 11.32 -4.55
C LYS A 101 -18.77 11.23 -6.05
N ASN A 102 -17.66 11.77 -6.48
CA ASN A 102 -17.34 11.73 -7.93
C ASN A 102 -17.28 10.29 -8.41
N GLU A 103 -17.00 9.38 -7.51
CA GLU A 103 -16.94 7.95 -7.90
C GLU A 103 -18.26 7.25 -7.61
N CYS A 104 -19.26 7.55 -8.40
CA CYS A 104 -20.58 6.91 -8.19
C CYS A 104 -21.25 7.47 -6.91
N PRO A 105 -22.46 8.03 -7.05
CA PRO A 105 -23.18 8.59 -5.90
C PRO A 105 -23.47 7.52 -4.84
N THR A 106 -22.73 6.45 -4.88
CA THR A 106 -22.97 5.38 -3.88
C THR A 106 -22.18 5.66 -2.60
N GLY A 107 -22.63 5.10 -1.51
CA GLY A 107 -21.92 5.34 -0.21
C GLY A 107 -21.00 4.16 0.12
N LEU A 108 -20.80 3.29 -0.84
CA LEU A 108 -19.93 2.11 -0.61
C LEU A 108 -19.04 1.86 -1.81
N VAL A 109 -17.84 1.38 -1.56
CA VAL A 109 -16.91 1.09 -2.68
C VAL A 109 -16.34 -0.32 -2.57
N ASP A 110 -15.90 -0.83 -3.69
CA ASP A 110 -15.34 -2.21 -3.69
C ASP A 110 -14.05 -2.26 -4.50
N GLU A 111 -13.27 -3.28 -4.26
CA GLU A 111 -12.00 -3.40 -5.02
C GLU A 111 -12.22 -3.15 -6.50
N ASP A 112 -13.46 -3.19 -6.91
CA ASP A 112 -13.76 -2.95 -8.35
C ASP A 112 -13.35 -1.53 -8.74
N THR A 113 -13.97 -0.56 -8.12
CA THR A 113 -13.62 0.84 -8.46
C THR A 113 -12.13 1.07 -8.33
N PHE A 114 -11.54 0.46 -7.34
CA PHE A 114 -10.08 0.62 -7.15
C PHE A 114 -9.33 0.22 -8.40
N LYS A 115 -9.76 -0.83 -9.02
CA LYS A 115 -9.08 -1.28 -10.26
C LYS A 115 -9.28 -0.27 -11.38
N LEU A 116 -10.49 0.19 -11.53
CA LEU A 116 -10.76 1.17 -12.60
C LEU A 116 -9.89 2.40 -12.43
N ILE A 117 -9.60 2.74 -11.20
CA ILE A 117 -8.75 3.93 -10.96
C ILE A 117 -7.32 3.65 -11.39
N TYR A 118 -6.75 2.61 -10.84
CA TYR A 118 -5.36 2.26 -11.21
C TYR A 118 -5.27 1.85 -12.67
N SER A 119 -6.36 1.34 -13.18
CA SER A 119 -6.36 0.92 -14.61
C SER A 119 -6.54 2.12 -15.51
N GLN A 120 -7.22 3.12 -15.02
CA GLN A 120 -7.45 4.33 -15.85
C GLN A 120 -6.15 5.09 -16.04
N PHE A 121 -5.31 5.09 -15.03
CA PHE A 121 -4.03 5.81 -15.16
C PHE A 121 -3.03 5.01 -15.99
N PHE A 122 -2.92 3.74 -15.69
CA PHE A 122 -1.97 2.90 -16.46
C PHE A 122 -2.70 2.16 -17.61
N PRO A 123 -2.31 2.43 -18.85
CA PRO A 123 -2.96 1.78 -20.00
C PRO A 123 -2.81 0.26 -19.91
N GLN A 124 -1.67 -0.23 -20.33
CA GLN A 124 -1.44 -1.70 -20.30
C GLN A 124 -0.64 -2.08 -19.06
N GLY A 125 -1.12 -3.06 -18.35
CA GLY A 125 -0.38 -3.50 -17.12
C GLY A 125 -1.34 -4.19 -16.14
N ASP A 126 -1.05 -5.43 -15.84
CA ASP A 126 -1.92 -6.17 -14.89
C ASP A 126 -1.81 -5.58 -13.48
N ALA A 127 -2.06 -4.30 -13.38
CA ALA A 127 -1.97 -3.64 -12.04
C ALA A 127 -2.96 -4.26 -11.07
N THR A 128 -3.91 -4.99 -11.57
CA THR A 128 -4.91 -5.61 -10.67
C THR A 128 -4.21 -6.27 -9.48
N THR A 129 -3.03 -6.78 -9.72
CA THR A 129 -2.30 -7.43 -8.62
C THR A 129 -1.91 -6.40 -7.57
N TYR A 130 -1.06 -5.49 -7.94
CA TYR A 130 -0.65 -4.46 -6.97
C TYR A 130 -1.87 -3.72 -6.43
N ALA A 131 -2.92 -3.73 -7.21
CA ALA A 131 -4.15 -3.03 -6.76
C ALA A 131 -4.77 -3.80 -5.59
N HIS A 132 -4.76 -5.10 -5.70
CA HIS A 132 -5.35 -5.91 -4.61
C HIS A 132 -4.64 -5.63 -3.30
N PHE A 133 -3.34 -5.50 -3.38
CA PHE A 133 -2.57 -5.23 -2.13
C PHE A 133 -2.94 -3.85 -1.59
N LEU A 134 -2.98 -2.88 -2.47
CA LEU A 134 -3.33 -1.50 -2.03
C LEU A 134 -4.68 -1.52 -1.32
N PHE A 135 -5.58 -2.31 -1.84
CA PHE A 135 -6.92 -2.40 -1.21
C PHE A 135 -6.81 -2.98 0.19
N ASN A 136 -6.06 -4.05 0.31
CA ASN A 136 -5.91 -4.67 1.65
C ASN A 136 -5.31 -3.67 2.62
N ALA A 137 -4.42 -2.86 2.13
CA ALA A 137 -3.79 -1.86 3.02
C ALA A 137 -4.86 -0.97 3.66
N PHE A 138 -5.78 -0.51 2.86
CA PHE A 138 -6.84 0.36 3.44
C PHE A 138 -7.77 -0.45 4.35
N ASP A 139 -8.48 -1.37 3.76
CA ASP A 139 -9.40 -2.20 4.57
C ASP A 139 -8.73 -2.67 5.86
N ALA A 140 -9.52 -2.87 6.88
CA ALA A 140 -8.94 -3.33 8.16
C ALA A 140 -8.74 -4.85 8.16
N ASP A 141 -8.23 -5.36 7.07
CA ASP A 141 -8.00 -6.82 7.00
C ASP A 141 -9.30 -7.60 7.25
N GLY A 142 -10.40 -6.98 6.92
CA GLY A 142 -11.70 -7.67 7.13
C GLY A 142 -12.13 -8.43 5.87
N ASN A 143 -13.39 -8.31 5.54
CA ASN A 143 -13.89 -9.00 4.32
C ASN A 143 -13.38 -8.33 3.05
N GLY A 144 -14.25 -7.57 2.44
CA GLY A 144 -13.83 -6.87 1.18
C GLY A 144 -14.78 -5.71 0.87
N ALA A 145 -14.83 -4.76 1.77
CA ALA A 145 -15.72 -3.59 1.54
C ALA A 145 -15.15 -2.34 2.19
N ILE A 146 -15.10 -1.26 1.43
CA ILE A 146 -14.55 0.01 1.98
C ILE A 146 -15.58 1.13 1.85
N HIS A 147 -15.40 2.16 2.66
CA HIS A 147 -16.35 3.31 2.62
C HIS A 147 -15.60 4.62 2.51
N PHE A 148 -16.29 5.71 2.74
CA PHE A 148 -15.63 7.03 2.66
C PHE A 148 -14.98 7.39 3.98
N GLU A 149 -15.46 6.79 5.04
CA GLU A 149 -14.86 7.08 6.36
C GLU A 149 -13.46 6.51 6.46
N ASP A 150 -13.37 5.20 6.41
CA ASP A 150 -12.03 4.57 6.49
C ASP A 150 -11.10 5.20 5.48
N PHE A 151 -11.66 5.71 4.42
CA PHE A 151 -10.82 6.36 3.38
C PHE A 151 -10.24 7.65 3.92
N VAL A 152 -11.07 8.43 4.56
CA VAL A 152 -10.58 9.71 5.12
C VAL A 152 -9.56 9.44 6.21
N VAL A 153 -9.81 8.39 6.96
CA VAL A 153 -8.87 8.06 8.05
C VAL A 153 -7.48 7.80 7.49
N GLY A 154 -7.42 7.07 6.41
CA GLY A 154 -6.09 6.79 5.81
C GLY A 154 -5.40 8.10 5.46
N LEU A 155 -6.09 8.93 4.70
CA LEU A 155 -5.49 10.22 4.31
C LEU A 155 -4.86 10.86 5.55
N SER A 156 -5.48 10.65 6.67
CA SER A 156 -4.95 11.24 7.93
C SER A 156 -3.67 10.51 8.36
N ILE A 157 -3.65 9.22 8.12
CA ILE A 157 -2.44 8.44 8.50
C ILE A 157 -1.29 8.76 7.56
N LEU A 158 -1.60 8.94 6.30
CA LEU A 158 -0.53 9.24 5.32
C LEU A 158 0.01 10.65 5.56
N LEU A 159 -0.84 11.50 6.07
CA LEU A 159 -0.41 12.90 6.33
C LEU A 159 0.18 13.02 7.73
N ARG A 160 -0.64 12.78 8.72
CA ARG A 160 -0.16 12.87 10.13
C ARG A 160 0.11 11.49 10.70
N GLY A 161 0.99 11.44 11.67
CA GLY A 161 1.31 10.12 12.29
C GLY A 161 2.81 10.05 12.60
N THR A 162 3.13 9.36 13.67
CA THR A 162 4.56 9.24 14.05
C THR A 162 5.34 8.50 12.98
N VAL A 163 6.59 8.24 13.25
CA VAL A 163 7.42 7.52 12.26
C VAL A 163 7.11 6.03 12.27
N HIS A 164 6.65 5.55 13.39
CA HIS A 164 6.32 4.11 13.48
C HIS A 164 5.12 3.76 12.60
N GLU A 165 4.07 4.53 12.73
CA GLU A 165 2.87 4.26 11.91
C GLU A 165 3.22 4.19 10.43
N LYS A 166 4.21 4.95 10.04
CA LYS A 166 4.61 4.94 8.62
C LYS A 166 5.22 3.59 8.25
N LEU A 167 6.22 3.19 8.99
CA LEU A 167 6.86 1.88 8.70
C LEU A 167 5.85 0.75 8.81
N LYS A 168 4.73 1.05 9.41
CA LYS A 168 3.69 0.00 9.55
C LYS A 168 2.89 -0.13 8.27
N TRP A 169 2.48 0.99 7.73
CA TRP A 169 1.69 0.95 6.47
C TRP A 169 2.51 0.32 5.35
N ALA A 170 3.80 0.54 5.38
CA ALA A 170 4.65 -0.04 4.31
C ALA A 170 4.85 -1.52 4.56
N PHE A 171 5.22 -1.85 5.77
CA PHE A 171 5.44 -3.27 6.11
C PHE A 171 4.12 -4.03 6.03
N ASN A 172 3.04 -3.33 6.21
CA ASN A 172 1.71 -4.00 6.13
C ASN A 172 1.27 -4.13 4.69
N LEU A 173 1.74 -3.24 3.86
CA LEU A 173 1.36 -3.30 2.44
C LEU A 173 1.94 -4.55 1.78
N TYR A 174 3.17 -4.83 2.09
CA TYR A 174 3.81 -6.03 1.50
C TYR A 174 3.05 -7.30 1.87
N ASP A 175 2.09 -7.15 2.75
CA ASP A 175 1.29 -8.33 3.16
C ASP A 175 0.05 -8.48 2.30
N ILE A 176 -0.02 -9.58 1.58
CA ILE A 176 -1.19 -9.81 0.70
C ILE A 176 -2.07 -10.93 1.25
N ASN A 177 -1.44 -12.00 1.67
CA ASN A 177 -2.21 -13.13 2.21
C ASN A 177 -2.63 -12.85 3.66
N LYS A 178 -3.67 -13.50 4.09
CA LYS A 178 -4.14 -13.28 5.48
C LYS A 178 -3.06 -13.64 6.48
N ASP A 179 -2.19 -12.71 6.78
CA ASP A 179 -1.10 -12.99 7.74
C ASP A 179 -0.50 -11.69 8.27
N GLY A 180 0.44 -11.83 9.15
CA GLY A 180 1.10 -10.62 9.74
C GLY A 180 2.62 -10.77 9.71
N CYS A 181 3.09 -11.56 8.77
CA CYS A 181 4.56 -11.77 8.67
C CYS A 181 4.99 -11.83 7.21
N ILE A 182 6.22 -11.48 6.95
CA ILE A 182 6.72 -11.50 5.56
C ILE A 182 7.69 -12.65 5.38
N THR A 183 7.91 -13.02 4.16
CA THR A 183 8.84 -14.13 3.91
C THR A 183 9.46 -13.97 2.53
N LYS A 184 10.55 -14.61 2.30
CA LYS A 184 11.20 -14.49 0.98
C LYS A 184 10.20 -14.85 -0.12
N GLU A 185 9.20 -15.61 0.23
CA GLU A 185 8.19 -16.01 -0.78
C GLU A 185 7.27 -14.84 -1.11
N GLU A 186 6.61 -14.33 -0.10
CA GLU A 186 5.70 -13.19 -0.35
C GLU A 186 6.46 -12.01 -0.93
N MET A 187 7.74 -11.96 -0.66
CA MET A 187 8.55 -10.84 -1.19
C MET A 187 8.77 -11.02 -2.68
N LEU A 188 9.00 -12.24 -3.10
CA LEU A 188 9.22 -12.48 -4.55
C LEU A 188 7.99 -12.08 -5.34
N ALA A 189 6.83 -12.42 -4.81
CA ALA A 189 5.58 -12.07 -5.53
C ALA A 189 5.36 -10.57 -5.50
N ILE A 190 5.82 -9.94 -4.46
CA ILE A 190 5.64 -8.48 -4.35
C ILE A 190 6.54 -7.76 -5.36
N MET A 191 7.76 -8.21 -5.44
CA MET A 191 8.70 -7.58 -6.40
C MET A 191 8.26 -7.87 -7.83
N LYS A 192 7.86 -9.09 -8.07
CA LYS A 192 7.42 -9.44 -9.43
C LYS A 192 6.24 -8.57 -9.85
N SER A 193 5.41 -8.26 -8.89
CA SER A 193 4.23 -7.42 -9.21
C SER A 193 4.68 -6.02 -9.61
N ILE A 194 5.65 -5.50 -8.90
CA ILE A 194 6.15 -4.15 -9.24
C ILE A 194 6.62 -4.11 -10.69
N TYR A 195 7.25 -5.16 -11.12
CA TYR A 195 7.74 -5.20 -12.52
C TYR A 195 6.57 -5.33 -13.49
N ASP A 196 5.60 -6.10 -13.11
CA ASP A 196 4.42 -6.29 -13.99
C ASP A 196 3.55 -5.03 -13.98
N MET A 197 3.54 -4.35 -12.88
CA MET A 197 2.72 -3.13 -12.78
C MET A 197 3.27 -2.05 -13.71
N MET A 198 4.58 -1.98 -13.77
CA MET A 198 5.21 -0.97 -14.66
C MET A 198 5.29 -1.48 -16.08
N GLY A 199 4.79 -2.66 -16.30
CA GLY A 199 4.83 -3.24 -17.67
C GLY A 199 6.23 -3.03 -18.28
N ARG A 200 6.26 -2.78 -19.56
CA ARG A 200 7.58 -2.56 -20.22
C ARG A 200 8.28 -1.35 -19.62
N HIS A 201 8.95 -1.57 -18.52
CA HIS A 201 9.66 -0.44 -17.87
C HIS A 201 10.72 0.15 -18.81
N THR A 202 11.52 1.04 -18.28
CA THR A 202 12.58 1.67 -19.10
C THR A 202 13.63 0.66 -19.57
N TYR A 203 13.67 0.45 -20.87
CA TYR A 203 14.66 -0.51 -21.47
C TYR A 203 15.11 -1.59 -20.49
N PRO A 204 14.39 -2.70 -20.45
CA PRO A 204 14.73 -3.79 -19.55
C PRO A 204 16.09 -4.40 -19.91
N ILE A 205 16.34 -5.58 -19.39
CA ILE A 205 17.64 -6.23 -19.68
C ILE A 205 17.53 -7.13 -20.91
N LEU A 206 16.52 -6.92 -21.71
CA LEU A 206 16.35 -7.75 -22.92
C LEU A 206 15.97 -9.18 -22.54
N ARG A 207 16.79 -9.81 -21.74
CA ARG A 207 16.48 -11.19 -21.32
C ARG A 207 15.41 -11.20 -20.24
N GLU A 208 14.90 -12.37 -19.94
CA GLU A 208 13.86 -12.46 -18.90
C GLU A 208 14.26 -11.67 -17.66
N ASP A 209 13.30 -11.08 -17.01
CA ASP A 209 13.60 -10.29 -15.80
C ASP A 209 14.25 -11.17 -14.73
N ALA A 210 14.78 -10.55 -13.71
CA ALA A 210 15.42 -11.34 -12.63
C ALA A 210 15.37 -10.60 -11.29
N PRO A 211 14.17 -10.31 -10.84
CA PRO A 211 13.97 -9.61 -9.58
C PRO A 211 14.42 -10.48 -8.39
N LEU A 212 15.25 -11.44 -8.68
CA LEU A 212 15.74 -12.33 -7.60
C LEU A 212 16.80 -11.64 -6.75
N GLU A 213 17.94 -11.43 -7.32
CA GLU A 213 19.05 -10.76 -6.58
C GLU A 213 18.54 -9.62 -5.72
N HIS A 214 17.48 -9.00 -6.15
CA HIS A 214 16.93 -7.88 -5.36
C HIS A 214 16.26 -8.40 -4.10
N VAL A 215 15.22 -9.18 -4.28
CA VAL A 215 14.52 -9.72 -3.09
C VAL A 215 15.45 -10.63 -2.31
N GLU A 216 16.56 -10.99 -2.91
CA GLU A 216 17.52 -11.87 -2.21
C GLU A 216 18.35 -11.08 -1.23
N ARG A 217 18.89 -9.96 -1.68
CA ARG A 217 19.72 -9.15 -0.77
C ARG A 217 18.86 -8.58 0.35
N PHE A 218 17.60 -8.37 0.04
CA PHE A 218 16.68 -7.83 1.07
C PHE A 218 16.47 -8.85 2.17
N PHE A 219 16.13 -10.06 1.79
CA PHE A 219 15.92 -11.10 2.83
C PHE A 219 17.22 -11.41 3.53
N GLN A 220 18.30 -11.38 2.79
CA GLN A 220 19.61 -11.68 3.42
C GLN A 220 19.89 -10.70 4.54
N LYS A 221 19.46 -9.47 4.35
CA LYS A 221 19.70 -8.45 5.39
C LYS A 221 18.57 -8.49 6.41
N MET A 222 17.47 -9.10 6.02
CA MET A 222 16.30 -9.19 6.94
C MET A 222 16.24 -10.57 7.58
N ASP A 223 15.04 -11.03 7.84
CA ASP A 223 14.89 -12.37 8.47
C ASP A 223 15.97 -12.61 9.53
N ARG A 224 15.74 -12.10 10.72
CA ARG A 224 16.75 -12.29 11.81
C ARG A 224 16.25 -13.29 12.86
N ASN A 225 15.00 -13.19 13.21
CA ASN A 225 14.45 -14.14 14.22
C ASN A 225 14.75 -15.58 13.84
N GLN A 226 14.40 -16.48 14.73
CA GLN A 226 14.64 -17.92 14.45
C GLN A 226 13.60 -18.48 13.47
N ASP A 227 12.38 -18.02 13.60
CA ASP A 227 11.32 -18.51 12.69
C ASP A 227 11.79 -18.49 11.25
N GLY A 228 12.00 -17.30 10.74
CA GLY A 228 12.47 -17.16 9.34
C GLY A 228 11.68 -16.06 8.62
N VAL A 229 10.49 -15.80 9.06
CA VAL A 229 9.69 -14.74 8.40
C VAL A 229 10.04 -13.37 8.96
N VAL A 230 9.86 -12.36 8.13
CA VAL A 230 10.18 -11.00 8.61
C VAL A 230 8.97 -10.36 9.27
N THR A 231 9.20 -9.79 10.42
CA THR A 231 8.10 -9.14 11.17
C THR A 231 8.44 -7.68 11.42
N ILE A 232 7.43 -6.90 11.73
CA ILE A 232 7.66 -5.45 11.98
C ILE A 232 8.98 -5.24 12.73
N ASP A 233 9.34 -6.19 13.55
CA ASP A 233 10.60 -6.05 14.31
C ASP A 233 11.80 -6.10 13.37
N GLU A 234 11.99 -7.23 12.74
CA GLU A 234 13.14 -7.34 11.81
C GLU A 234 13.03 -6.28 10.72
N PHE A 235 11.82 -5.84 10.49
CA PHE A 235 11.61 -4.81 9.47
C PHE A 235 12.04 -3.45 9.96
N LEU A 236 11.57 -3.08 11.12
CA LEU A 236 11.95 -1.77 11.68
C LEU A 236 13.44 -1.73 11.99
N GLU A 237 13.98 -2.85 12.37
CA GLU A 237 15.42 -2.88 12.69
C GLU A 237 16.27 -2.70 11.42
N THR A 238 15.83 -3.31 10.36
CA THR A 238 16.59 -3.19 9.08
C THR A 238 16.42 -1.80 8.46
N CYS A 239 15.21 -1.31 8.49
CA CYS A 239 14.97 0.03 7.91
C CYS A 239 15.73 1.11 8.68
N GLN A 240 15.50 1.19 9.96
CA GLN A 240 16.21 2.22 10.75
C GLN A 240 17.72 2.07 10.60
N LYS A 241 18.16 0.86 10.43
CA LYS A 241 19.62 0.64 10.27
C LYS A 241 20.23 1.68 9.33
N ASP A 242 21.50 1.91 9.49
CA ASP A 242 22.17 2.92 8.62
C ASP A 242 21.85 2.69 7.14
N GLU A 243 21.85 1.44 6.74
CA GLU A 243 21.55 1.14 5.31
C GLU A 243 20.36 1.96 4.81
N ASN A 244 20.48 2.49 3.62
CA ASN A 244 19.38 3.30 3.05
C ASN A 244 18.51 2.48 2.12
N ILE A 245 18.78 1.20 2.05
CA ILE A 245 17.98 0.34 1.14
C ILE A 245 16.50 0.60 1.32
N MET A 246 16.06 0.67 2.55
CA MET A 246 14.62 0.93 2.78
C MET A 246 14.26 2.33 2.34
N ASN A 247 15.23 3.20 2.38
CA ASN A 247 14.95 4.60 1.97
C ASN A 247 14.60 4.62 0.49
N SER A 248 15.27 3.79 -0.27
CA SER A 248 14.98 3.76 -1.72
C SER A 248 13.58 3.22 -1.93
N MET A 249 13.24 2.21 -1.18
CA MET A 249 11.89 1.62 -1.32
C MET A 249 10.83 2.72 -1.25
N GLN A 250 10.99 3.59 -0.29
CA GLN A 250 9.99 4.69 -0.16
C GLN A 250 9.98 5.55 -1.41
N LEU A 251 11.15 5.88 -1.89
CA LEU A 251 11.23 6.72 -3.11
C LEU A 251 10.52 6.03 -4.27
N PHE A 252 10.57 4.72 -4.27
CA PHE A 252 9.92 3.97 -5.36
C PHE A 252 8.40 4.16 -5.32
N GLU A 253 7.85 4.10 -4.15
CA GLU A 253 6.39 4.28 -4.02
C GLU A 253 6.03 5.76 -3.92
N ASN A 254 6.99 6.56 -3.55
CA ASN A 254 6.72 8.02 -3.44
C ASN A 254 5.93 8.52 -4.64
N VAL A 255 6.41 8.22 -5.81
CA VAL A 255 5.69 8.67 -7.02
C VAL A 255 4.37 7.93 -7.19
N ILE A 256 4.35 6.69 -6.75
CA ILE A 256 3.11 5.90 -6.88
C ILE A 256 2.27 6.00 -5.61
N PRO A 76 -27.14 8.73 7.46
CA PRO A 76 -26.78 9.69 6.41
C PRO A 76 -26.11 10.92 7.00
N GLU A 77 -26.44 11.24 8.21
CA GLU A 77 -25.81 12.43 8.86
C GLU A 77 -24.34 12.19 9.10
N GLY A 78 -23.83 11.12 8.56
CA GLY A 78 -22.38 10.81 8.75
C GLY A 78 -21.53 12.04 8.43
N LEU A 79 -22.10 12.96 7.71
CA LEU A 79 -21.35 14.18 7.36
C LEU A 79 -20.92 14.92 8.62
N ASP A 80 -21.88 15.39 9.35
CA ASP A 80 -21.54 16.11 10.60
C ASP A 80 -20.75 15.20 11.52
N GLN A 81 -21.04 13.92 11.46
CA GLN A 81 -20.31 12.97 12.32
C GLN A 81 -18.84 12.98 11.97
N LEU A 82 -18.55 13.03 10.70
CA LEU A 82 -17.12 13.04 10.29
C LEU A 82 -16.44 14.27 10.84
N GLN A 83 -17.08 15.40 10.70
CA GLN A 83 -16.47 16.65 11.21
C GLN A 83 -15.97 16.42 12.63
N ALA A 84 -16.78 15.75 13.42
CA ALA A 84 -16.37 15.49 14.81
C ALA A 84 -15.14 14.60 14.84
N GLN A 85 -15.21 13.50 14.15
CA GLN A 85 -14.04 12.59 14.12
C GLN A 85 -12.95 13.18 13.25
N THR A 86 -12.91 12.81 12.01
CA THR A 86 -11.87 13.35 11.11
C THR A 86 -11.88 14.87 11.19
N LYS A 87 -10.72 15.47 11.24
CA LYS A 87 -10.68 16.95 11.33
C LYS A 87 -11.18 17.59 10.04
N PHE A 88 -10.39 18.52 9.52
CA PHE A 88 -10.78 19.22 8.26
C PHE A 88 -12.12 19.94 8.42
N THR A 89 -12.30 20.99 7.66
CA THR A 89 -13.58 21.73 7.75
C THR A 89 -14.62 21.10 6.85
N LYS A 90 -15.86 21.14 7.26
CA LYS A 90 -16.92 20.53 6.41
C LYS A 90 -16.72 20.92 4.96
N LYS A 91 -16.27 22.14 4.75
CA LYS A 91 -16.04 22.58 3.35
C LYS A 91 -14.87 21.82 2.76
N GLU A 92 -13.76 21.86 3.46
CA GLU A 92 -12.57 21.14 2.96
C GLU A 92 -12.89 19.66 2.85
N LEU A 93 -13.59 19.15 3.84
CA LEU A 93 -13.95 17.72 3.80
C LEU A 93 -14.72 17.45 2.53
N GLN A 94 -15.55 18.39 2.15
CA GLN A 94 -16.34 18.20 0.93
C GLN A 94 -15.40 17.93 -0.22
N SER A 95 -14.32 18.68 -0.27
CA SER A 95 -13.35 18.47 -1.37
C SER A 95 -12.98 17.01 -1.41
N LEU A 96 -12.53 16.49 -0.29
CA LEU A 96 -12.15 15.07 -0.27
C LEU A 96 -13.32 14.23 -0.74
N TYR A 97 -14.49 14.59 -0.27
CA TYR A 97 -15.69 13.84 -0.69
C TYR A 97 -15.83 13.90 -2.20
N ARG A 98 -15.53 15.06 -2.75
CA ARG A 98 -15.64 15.20 -4.22
C ARG A 98 -14.92 14.04 -4.88
N GLY A 99 -13.69 13.83 -4.50
CA GLY A 99 -12.93 12.71 -5.09
C GLY A 99 -13.77 11.45 -4.96
N PHE A 100 -14.45 11.35 -3.84
CA PHE A 100 -15.29 10.16 -3.61
C PHE A 100 -16.54 10.24 -4.49
N LYS A 101 -17.06 11.44 -4.62
CA LYS A 101 -18.28 11.60 -5.46
C LYS A 101 -17.98 11.15 -6.87
N ASN A 102 -16.76 11.38 -7.30
CA ASN A 102 -16.39 10.99 -8.67
C ASN A 102 -16.77 9.53 -8.89
N GLU A 103 -16.74 8.78 -7.83
CA GLU A 103 -17.10 7.34 -7.94
C GLU A 103 -18.61 7.18 -7.89
N CYS A 104 -19.30 8.28 -7.96
CA CYS A 104 -20.78 8.24 -7.91
C CYS A 104 -21.26 7.88 -6.51
N PRO A 105 -22.42 8.40 -6.13
CA PRO A 105 -22.99 8.12 -4.82
C PRO A 105 -23.18 6.62 -4.60
N THR A 106 -22.23 6.00 -3.94
CA THR A 106 -22.33 4.54 -3.68
C THR A 106 -22.42 4.25 -2.19
N GLY A 107 -22.07 5.22 -1.39
CA GLY A 107 -22.15 5.02 0.09
C GLY A 107 -20.94 4.20 0.57
N LEU A 108 -20.60 3.18 -0.19
CA LEU A 108 -19.45 2.34 0.20
C LEU A 108 -18.69 1.88 -1.04
N VAL A 109 -17.42 1.66 -0.87
CA VAL A 109 -16.59 1.21 -2.03
C VAL A 109 -16.35 -0.29 -1.96
N ASP A 110 -16.29 -0.92 -3.12
CA ASP A 110 -16.06 -2.39 -3.16
C ASP A 110 -14.73 -2.71 -3.83
N GLU A 111 -14.22 -3.89 -3.58
CA GLU A 111 -12.93 -4.27 -4.19
C GLU A 111 -12.96 -4.08 -5.71
N ASP A 112 -14.09 -4.34 -6.30
CA ASP A 112 -14.20 -4.17 -7.77
C ASP A 112 -13.83 -2.76 -8.18
N THR A 113 -14.51 -1.80 -7.62
CA THR A 113 -14.19 -0.39 -7.96
C THR A 113 -12.70 -0.13 -7.86
N PHE A 114 -12.10 -0.59 -6.80
CA PHE A 114 -10.65 -0.39 -6.61
C PHE A 114 -9.88 -0.94 -7.80
N LYS A 115 -10.18 -2.16 -8.17
CA LYS A 115 -9.46 -2.76 -9.32
C LYS A 115 -9.79 -1.99 -10.60
N LEU A 116 -10.98 -1.49 -10.69
CA LEU A 116 -11.37 -0.73 -11.90
C LEU A 116 -10.65 0.62 -11.94
N ILE A 117 -10.61 1.28 -10.82
CA ILE A 117 -9.92 2.60 -10.80
C ILE A 117 -8.43 2.43 -10.99
N TYR A 118 -7.90 1.31 -10.55
CA TYR A 118 -6.46 1.06 -10.71
C TYR A 118 -6.11 0.83 -12.17
N SER A 119 -7.01 0.18 -12.88
CA SER A 119 -6.75 -0.09 -14.31
C SER A 119 -6.96 1.16 -15.15
N GLN A 120 -7.76 2.06 -14.65
CA GLN A 120 -8.01 3.31 -15.42
C GLN A 120 -6.99 4.39 -15.04
N PHE A 121 -6.39 4.24 -13.90
CA PHE A 121 -5.38 5.25 -13.48
C PHE A 121 -4.10 5.11 -14.28
N PHE A 122 -3.38 4.05 -14.03
CA PHE A 122 -2.11 3.86 -14.78
C PHE A 122 -2.39 3.46 -16.23
N PRO A 123 -1.51 3.87 -17.14
CA PRO A 123 -1.68 3.56 -18.55
C PRO A 123 -1.71 2.05 -18.79
N GLN A 124 -2.88 1.53 -19.04
CA GLN A 124 -2.99 0.07 -19.28
C GLN A 124 -2.33 -0.70 -18.14
N GLY A 125 -1.49 -1.65 -18.48
CA GLY A 125 -0.82 -2.45 -17.42
C GLY A 125 -1.83 -3.27 -16.64
N ASP A 126 -1.35 -4.18 -15.83
CA ASP A 126 -2.27 -5.02 -15.04
C ASP A 126 -2.58 -4.37 -13.69
N ALA A 127 -1.61 -4.39 -12.81
CA ALA A 127 -1.84 -3.78 -11.48
C ALA A 127 -2.90 -4.54 -10.70
N THR A 128 -3.57 -5.45 -11.36
CA THR A 128 -4.62 -6.22 -10.66
C THR A 128 -4.09 -6.79 -9.35
N THR A 129 -2.90 -7.35 -9.41
CA THR A 129 -2.32 -7.93 -8.17
C THR A 129 -2.08 -6.83 -7.15
N TYR A 130 -1.40 -5.80 -7.56
CA TYR A 130 -1.12 -4.69 -6.62
C TYR A 130 -2.42 -4.08 -6.14
N ALA A 131 -3.41 -4.08 -6.99
CA ALA A 131 -4.73 -3.50 -6.60
C ALA A 131 -5.31 -4.28 -5.43
N HIS A 132 -5.16 -5.58 -5.47
CA HIS A 132 -5.70 -6.40 -4.37
C HIS A 132 -5.02 -6.02 -3.05
N PHE A 133 -3.72 -5.98 -3.07
CA PHE A 133 -3.00 -5.60 -1.83
C PHE A 133 -3.38 -4.21 -1.38
N LEU A 134 -3.64 -3.36 -2.34
CA LEU A 134 -4.03 -1.97 -1.98
C LEU A 134 -5.27 -2.00 -1.11
N PHE A 135 -6.25 -2.75 -1.54
CA PHE A 135 -7.50 -2.84 -0.75
C PHE A 135 -7.23 -3.47 0.61
N ASN A 136 -6.33 -4.40 0.64
CA ASN A 136 -6.01 -5.07 1.92
C ASN A 136 -5.35 -4.11 2.89
N ALA A 137 -4.77 -3.07 2.36
CA ALA A 137 -4.10 -2.09 3.25
C ALA A 137 -5.11 -1.10 3.84
N PHE A 138 -5.92 -0.53 2.99
CA PHE A 138 -6.93 0.45 3.48
C PHE A 138 -7.78 -0.16 4.59
N ASP A 139 -8.56 -1.14 4.24
CA ASP A 139 -9.42 -1.77 5.27
C ASP A 139 -8.59 -2.23 6.48
N ALA A 140 -7.31 -2.03 6.38
CA ALA A 140 -6.43 -2.45 7.51
C ALA A 140 -6.77 -3.86 8.00
N ASP A 141 -7.40 -3.94 9.14
CA ASP A 141 -7.76 -5.27 9.69
C ASP A 141 -8.95 -5.86 8.94
N GLY A 142 -10.14 -5.46 9.32
CA GLY A 142 -11.34 -6.00 8.65
C GLY A 142 -11.24 -5.82 7.13
N ASN A 143 -12.21 -6.34 6.43
CA ASN A 143 -12.19 -6.21 4.95
C ASN A 143 -13.60 -6.31 4.37
N GLY A 144 -13.68 -6.54 3.09
CA GLY A 144 -15.02 -6.65 2.44
C GLY A 144 -15.42 -5.33 1.79
N ALA A 145 -16.16 -4.53 2.53
CA ALA A 145 -16.61 -3.22 1.99
C ALA A 145 -16.01 -2.06 2.78
N ILE A 146 -15.46 -1.11 2.07
CA ILE A 146 -14.85 0.07 2.75
C ILE A 146 -15.74 1.29 2.59
N HIS A 147 -15.42 2.35 3.28
CA HIS A 147 -16.24 3.58 3.19
C HIS A 147 -15.37 4.81 2.96
N PHE A 148 -15.98 5.97 3.10
CA PHE A 148 -15.22 7.22 2.91
C PHE A 148 -14.44 7.60 4.16
N GLU A 149 -14.73 6.91 5.24
CA GLU A 149 -14.03 7.21 6.50
C GLU A 149 -12.58 6.75 6.43
N ASP A 150 -12.39 5.45 6.33
CA ASP A 150 -11.02 4.92 6.26
C ASP A 150 -10.22 5.65 5.17
N PHE A 151 -10.93 6.24 4.25
CA PHE A 151 -10.23 6.97 3.18
C PHE A 151 -9.73 8.32 3.68
N VAL A 152 -10.56 9.00 4.42
CA VAL A 152 -10.15 10.32 4.95
C VAL A 152 -9.01 10.15 5.95
N VAL A 153 -9.10 9.11 6.73
CA VAL A 153 -8.05 8.86 7.74
C VAL A 153 -6.72 8.57 7.05
N GLY A 154 -6.76 7.74 6.04
CA GLY A 154 -5.50 7.42 5.33
C GLY A 154 -4.90 8.70 4.78
N LEU A 155 -5.74 9.51 4.19
CA LEU A 155 -5.23 10.77 3.62
C LEU A 155 -4.34 11.46 4.65
N SER A 156 -4.87 11.61 5.83
CA SER A 156 -4.07 12.27 6.89
C SER A 156 -2.76 11.51 7.13
N ILE A 157 -2.82 10.21 6.98
CA ILE A 157 -1.59 9.41 7.20
C ILE A 157 -0.64 9.53 6.01
N LEU A 158 -1.15 9.27 4.84
CA LEU A 158 -0.29 9.36 3.64
C LEU A 158 0.28 10.77 3.48
N LEU A 159 -0.36 11.71 4.10
CA LEU A 159 0.12 13.11 3.99
C LEU A 159 1.11 13.42 5.11
N ARG A 160 0.58 13.70 6.28
CA ARG A 160 1.44 14.02 7.44
C ARG A 160 1.39 12.91 8.47
N GLY A 161 2.25 12.99 9.46
CA GLY A 161 2.26 11.94 10.52
C GLY A 161 3.70 11.58 10.89
N THR A 162 3.83 10.67 11.81
CA THR A 162 5.19 10.26 12.23
C THR A 162 5.76 9.21 11.28
N VAL A 163 7.02 8.92 11.42
CA VAL A 163 7.65 7.91 10.54
C VAL A 163 7.19 6.52 10.91
N HIS A 164 6.64 6.39 12.09
CA HIS A 164 6.16 5.05 12.52
C HIS A 164 4.90 4.65 11.78
N GLU A 165 4.06 5.61 11.52
CA GLU A 165 2.81 5.29 10.80
C GLU A 165 3.10 4.92 9.35
N LYS A 166 4.12 5.52 8.79
CA LYS A 166 4.47 5.20 7.38
C LYS A 166 5.05 3.79 7.29
N LEU A 167 5.91 3.46 8.21
CA LEU A 167 6.52 2.11 8.19
C LEU A 167 5.49 1.06 8.55
N LYS A 168 4.48 1.47 9.26
CA LYS A 168 3.42 0.50 9.66
C LYS A 168 2.49 0.23 8.49
N TRP A 169 2.11 1.28 7.81
CA TRP A 169 1.19 1.10 6.67
C TRP A 169 1.91 0.39 5.52
N ALA A 170 3.18 0.65 5.40
CA ALA A 170 3.95 0.00 4.32
C ALA A 170 4.18 -1.47 4.64
N PHE A 171 4.45 -1.73 5.89
CA PHE A 171 4.69 -3.14 6.30
C PHE A 171 3.41 -3.96 6.14
N ASN A 172 2.29 -3.34 6.42
CA ASN A 172 1.01 -4.06 6.28
C ASN A 172 0.71 -4.34 4.82
N LEU A 173 1.12 -3.43 3.98
CA LEU A 173 0.87 -3.62 2.52
C LEU A 173 1.58 -4.86 2.02
N TYR A 174 2.85 -4.96 2.31
CA TYR A 174 3.62 -6.14 1.85
C TYR A 174 3.11 -7.41 2.52
N ASP A 175 1.97 -7.86 2.08
CA ASP A 175 1.40 -9.11 2.67
C ASP A 175 0.27 -9.65 1.82
N ILE A 176 0.39 -10.90 1.45
CA ILE A 176 -0.67 -11.50 0.61
C ILE A 176 -1.73 -12.18 1.47
N ASN A 177 -1.29 -13.07 2.33
CA ASN A 177 -2.26 -13.76 3.21
C ASN A 177 -2.53 -12.96 4.48
N LYS A 178 -3.70 -13.12 5.02
CA LYS A 178 -4.03 -12.37 6.26
C LYS A 178 -3.23 -12.87 7.44
N ASP A 179 -2.10 -12.23 7.68
CA ASP A 179 -1.25 -12.66 8.82
C ASP A 179 -0.30 -11.54 9.23
N GLY A 180 0.31 -11.69 10.38
CA GLY A 180 1.26 -10.63 10.86
C GLY A 180 2.71 -11.10 10.69
N CYS A 181 3.00 -11.68 9.55
CA CYS A 181 4.37 -12.16 9.32
C CYS A 181 4.73 -12.10 7.84
N ILE A 182 6.00 -12.12 7.57
CA ILE A 182 6.48 -12.08 6.18
C ILE A 182 7.44 -13.21 5.91
N THR A 183 7.64 -13.51 4.67
CA THR A 183 8.57 -14.60 4.34
C THR A 183 9.20 -14.35 2.96
N LYS A 184 10.30 -15.00 2.71
CA LYS A 184 10.97 -14.81 1.39
C LYS A 184 9.98 -15.05 0.24
N GLU A 185 9.09 -15.99 0.43
CA GLU A 185 8.11 -16.28 -0.64
C GLU A 185 7.27 -15.04 -0.98
N GLU A 186 6.61 -14.50 -0.01
CA GLU A 186 5.78 -13.30 -0.26
C GLU A 186 6.59 -12.20 -0.93
N MET A 187 7.87 -12.19 -0.66
CA MET A 187 8.72 -11.15 -1.27
C MET A 187 8.84 -11.35 -2.76
N LEU A 188 8.92 -12.59 -3.17
CA LEU A 188 9.04 -12.87 -4.62
C LEU A 188 7.76 -12.45 -5.35
N ALA A 189 6.64 -12.83 -4.80
CA ALA A 189 5.36 -12.47 -5.45
C ALA A 189 5.17 -10.96 -5.50
N ILE A 190 5.56 -10.29 -4.44
CA ILE A 190 5.42 -8.82 -4.42
C ILE A 190 6.29 -8.17 -5.49
N MET A 191 7.48 -8.67 -5.65
CA MET A 191 8.37 -8.08 -6.67
C MET A 191 7.81 -8.29 -8.07
N LYS A 192 7.29 -9.47 -8.31
CA LYS A 192 6.73 -9.75 -9.65
C LYS A 192 5.64 -8.73 -9.97
N SER A 193 4.86 -8.39 -8.98
CA SER A 193 3.77 -7.41 -9.21
C SER A 193 4.34 -6.07 -9.67
N ILE A 194 5.25 -5.55 -8.89
CA ILE A 194 5.86 -4.25 -9.25
C ILE A 194 6.52 -4.34 -10.64
N TYR A 195 7.18 -5.44 -10.88
CA TYR A 195 7.85 -5.61 -12.20
C TYR A 195 6.83 -5.64 -13.34
N ASP A 196 5.69 -6.22 -13.07
CA ASP A 196 4.65 -6.30 -14.12
C ASP A 196 3.81 -5.03 -14.14
N MET A 197 3.77 -4.36 -13.01
CA MET A 197 2.97 -3.11 -12.93
C MET A 197 3.70 -1.95 -13.60
N MET A 198 4.99 -2.07 -13.71
CA MET A 198 5.77 -0.98 -14.34
C MET A 198 5.08 -0.48 -15.61
N GLY A 199 4.67 -1.40 -16.44
CA GLY A 199 3.99 -0.99 -17.70
C GLY A 199 4.96 -0.25 -18.62
N ARG A 200 4.57 0.91 -19.06
CA ARG A 200 5.46 1.69 -19.95
C ARG A 200 6.00 0.81 -21.08
N HIS A 201 7.25 0.44 -20.97
CA HIS A 201 7.85 -0.41 -22.02
C HIS A 201 7.77 0.28 -23.38
N THR A 202 8.27 1.49 -23.44
CA THR A 202 8.24 2.24 -24.73
C THR A 202 9.64 2.36 -25.34
N TYR A 203 10.64 2.26 -24.51
CA TYR A 203 12.01 2.36 -25.04
C TYR A 203 12.36 1.12 -25.89
N PRO A 204 12.97 1.35 -27.06
CA PRO A 204 13.34 0.25 -27.95
C PRO A 204 14.32 -0.70 -27.27
N ILE A 205 14.02 -1.98 -27.37
CA ILE A 205 14.92 -3.02 -26.74
C ILE A 205 15.10 -2.80 -25.24
N LEU A 206 14.65 -3.74 -24.47
CA LEU A 206 14.79 -3.63 -23.00
C LEU A 206 15.11 -4.98 -22.39
N ARG A 207 16.25 -5.07 -21.72
CA ARG A 207 16.66 -6.36 -21.10
C ARG A 207 17.13 -6.13 -19.67
N GLU A 208 17.87 -7.08 -19.16
CA GLU A 208 18.39 -6.95 -17.78
C GLU A 208 17.25 -7.04 -16.77
N ASP A 209 17.24 -8.12 -16.02
CA ASP A 209 16.18 -8.30 -15.01
C ASP A 209 16.45 -9.52 -14.14
N ALA A 210 16.09 -9.44 -12.89
CA ALA A 210 16.32 -10.59 -11.98
C ALA A 210 15.78 -10.31 -10.58
N PRO A 211 14.49 -10.20 -10.49
CA PRO A 211 13.80 -9.94 -9.23
C PRO A 211 13.98 -11.10 -8.24
N LEU A 212 14.86 -11.99 -8.57
CA LEU A 212 15.08 -13.15 -7.66
C LEU A 212 16.18 -12.87 -6.64
N GLU A 213 17.34 -12.49 -7.12
CA GLU A 213 18.45 -12.19 -6.18
C GLU A 213 18.11 -11.04 -5.26
N HIS A 214 17.65 -9.95 -5.82
CA HIS A 214 17.31 -8.78 -4.98
C HIS A 214 16.44 -9.20 -3.80
N VAL A 215 15.46 -10.01 -4.06
CA VAL A 215 14.58 -10.46 -2.96
C VAL A 215 15.35 -11.29 -1.94
N GLU A 216 16.23 -12.13 -2.43
CA GLU A 216 17.02 -12.97 -1.50
C GLU A 216 17.91 -12.10 -0.61
N ARG A 217 18.35 -11.00 -1.15
CA ARG A 217 19.21 -10.09 -0.36
C ARG A 217 18.41 -9.42 0.75
N PHE A 218 17.26 -8.94 0.40
CA PHE A 218 16.42 -8.26 1.42
C PHE A 218 16.06 -9.22 2.54
N PHE A 219 15.87 -10.46 2.20
CA PHE A 219 15.52 -11.45 3.25
C PHE A 219 16.72 -11.75 4.14
N GLN A 220 17.86 -11.89 3.54
CA GLN A 220 19.07 -12.17 4.34
C GLN A 220 19.37 -11.01 5.27
N LYS A 221 19.04 -9.83 4.81
CA LYS A 221 19.31 -8.63 5.65
C LYS A 221 18.12 -8.32 6.54
N MET A 222 17.00 -8.94 6.24
CA MET A 222 15.79 -8.70 7.06
C MET A 222 15.65 -9.73 8.17
N ASP A 223 15.24 -10.92 7.80
CA ASP A 223 15.08 -12.00 8.81
C ASP A 223 16.23 -11.93 9.84
N ARG A 224 15.89 -11.95 11.11
CA ARG A 224 16.97 -11.89 12.13
C ARG A 224 16.55 -12.62 13.42
N ASN A 225 15.28 -12.70 13.68
CA ASN A 225 14.83 -13.39 14.91
C ASN A 225 15.15 -14.88 14.84
N GLN A 226 15.95 -15.25 13.89
CA GLN A 226 16.32 -16.68 13.75
C GLN A 226 15.09 -17.55 13.48
N ASP A 227 13.93 -16.99 13.67
CA ASP A 227 12.69 -17.77 13.42
C ASP A 227 12.54 -18.07 11.94
N GLY A 228 13.22 -17.29 11.13
CA GLY A 228 13.12 -17.50 9.66
C GLY A 228 12.19 -16.48 9.01
N VAL A 229 10.96 -16.42 9.47
CA VAL A 229 10.01 -15.45 8.86
C VAL A 229 10.16 -14.08 9.50
N VAL A 230 9.81 -13.06 8.74
CA VAL A 230 9.91 -11.68 9.27
C VAL A 230 8.58 -11.17 9.80
N THR A 231 8.66 -10.26 10.72
CA THR A 231 7.43 -9.70 11.31
C THR A 231 7.63 -8.21 11.57
N ILE A 232 6.54 -7.50 11.73
CA ILE A 232 6.66 -6.04 11.98
C ILE A 232 7.81 -5.74 12.93
N ASP A 233 8.19 -6.71 13.70
CA ASP A 233 9.31 -6.51 14.65
C ASP A 233 10.63 -6.50 13.90
N GLU A 234 10.95 -7.60 13.27
CA GLU A 234 12.23 -7.66 12.51
C GLU A 234 12.27 -6.54 11.50
N PHE A 235 11.12 -5.97 11.23
CA PHE A 235 11.06 -4.87 10.26
C PHE A 235 11.62 -3.59 10.85
N LEU A 236 11.06 -3.18 11.95
CA LEU A 236 11.55 -1.94 12.58
C LEU A 236 12.96 -2.12 13.10
N GLU A 237 13.28 -3.33 13.48
CA GLU A 237 14.65 -3.59 14.00
C GLU A 237 15.66 -3.52 12.86
N THR A 238 15.25 -3.96 11.70
CA THR A 238 16.18 -3.93 10.54
C THR A 238 16.23 -2.55 9.90
N CYS A 239 15.07 -1.98 9.68
CA CYS A 239 15.03 -0.63 9.06
C CYS A 239 15.70 0.44 9.95
N GLN A 240 15.74 0.18 11.23
CA GLN A 240 16.37 1.18 12.14
C GLN A 240 17.86 0.92 12.32
N LYS A 241 18.19 -0.21 12.88
CA LYS A 241 19.62 -0.53 13.11
C LYS A 241 20.41 -0.55 11.80
N ASP A 242 21.42 0.30 11.73
CA ASP A 242 22.27 0.38 10.52
C ASP A 242 21.47 0.18 9.23
N GLU A 243 21.34 -1.06 8.83
CA GLU A 243 20.57 -1.40 7.58
C GLU A 243 19.58 -0.31 7.18
N ASN A 244 20.03 0.58 6.33
CA ASN A 244 19.14 1.69 5.89
C ASN A 244 18.45 1.31 4.59
N ILE A 245 18.76 0.15 4.10
CA ILE A 245 18.15 -0.30 2.83
C ILE A 245 16.66 0.01 2.82
N MET A 246 16.01 -0.28 3.91
CA MET A 246 14.56 0.00 4.00
C MET A 246 14.29 1.42 3.56
N ASN A 247 15.20 2.30 3.86
CA ASN A 247 14.99 3.71 3.47
C ASN A 247 14.90 3.82 1.95
N SER A 248 15.64 2.97 1.28
CA SER A 248 15.62 3.00 -0.21
C SER A 248 14.28 2.49 -0.71
N MET A 249 13.73 1.52 -0.02
CA MET A 249 12.43 0.97 -0.43
C MET A 249 11.35 2.05 -0.41
N GLN A 250 11.39 2.87 0.61
CA GLN A 250 10.39 3.95 0.72
C GLN A 250 10.55 4.95 -0.42
N LEU A 251 11.78 5.30 -0.69
CA LEU A 251 12.05 6.26 -1.78
C LEU A 251 11.63 5.68 -3.13
N PHE A 252 11.85 4.40 -3.29
CA PHE A 252 11.48 3.75 -4.57
C PHE A 252 9.97 3.52 -4.63
N GLU A 253 9.37 3.29 -3.49
CA GLU A 253 7.91 3.05 -3.47
C GLU A 253 7.15 4.37 -3.56
N ASN A 254 7.81 5.44 -3.23
CA ASN A 254 7.15 6.76 -3.29
C ASN A 254 6.88 7.16 -4.74
N VAL A 255 7.42 6.40 -5.65
CA VAL A 255 7.20 6.72 -7.09
C VAL A 255 7.15 5.45 -7.92
N ILE A 256 7.11 4.32 -7.24
CA ILE A 256 7.07 3.01 -7.95
C ILE A 256 7.88 3.04 -9.25
N PRO A 76 -26.79 14.14 6.85
CA PRO A 76 -26.23 12.88 7.35
C PRO A 76 -25.41 13.11 8.62
N GLU A 77 -25.36 12.11 9.45
CA GLU A 77 -24.59 12.24 10.70
C GLU A 77 -23.14 11.80 10.51
N GLY A 78 -22.77 11.55 9.28
CA GLY A 78 -21.38 11.12 8.99
C GLY A 78 -20.42 12.30 9.05
N LEU A 79 -20.69 13.30 8.26
CA LEU A 79 -19.80 14.50 8.27
C LEU A 79 -19.50 14.95 9.69
N ASP A 80 -20.54 15.13 10.45
CA ASP A 80 -20.34 15.58 11.86
C ASP A 80 -19.47 14.57 12.61
N GLN A 81 -19.81 13.32 12.48
CA GLN A 81 -19.01 12.28 13.17
C GLN A 81 -17.56 12.35 12.75
N LEU A 82 -17.34 12.58 11.47
CA LEU A 82 -15.96 12.67 10.98
C LEU A 82 -15.24 13.86 11.59
N GLN A 83 -15.86 15.00 11.48
CA GLN A 83 -15.24 16.22 12.05
C GLN A 83 -14.91 16.01 13.53
N ALA A 84 -15.61 15.09 14.14
CA ALA A 84 -15.36 14.82 15.58
C ALA A 84 -14.29 13.75 15.77
N GLN A 85 -14.25 12.80 14.86
CA GLN A 85 -13.23 11.71 14.98
C GLN A 85 -12.09 11.87 13.98
N THR A 86 -12.40 11.82 12.72
CA THR A 86 -11.34 11.98 11.69
C THR A 86 -10.68 13.35 11.77
N LYS A 87 -10.84 14.00 12.91
CA LYS A 87 -10.24 15.34 13.08
C LYS A 87 -10.37 16.19 11.82
N PHE A 88 -9.26 16.60 11.28
CA PHE A 88 -9.30 17.42 10.05
C PHE A 88 -10.37 18.50 10.15
N THR A 89 -11.41 18.34 9.36
CA THR A 89 -12.53 19.33 9.37
C THR A 89 -13.39 19.12 8.14
N LYS A 90 -14.68 19.26 8.31
CA LYS A 90 -15.57 19.07 7.14
C LYS A 90 -15.02 19.80 5.93
N LYS A 91 -14.12 20.71 6.17
CA LYS A 91 -13.54 21.47 5.04
C LYS A 91 -12.52 20.60 4.32
N GLU A 92 -11.45 20.30 4.99
CA GLU A 92 -10.41 19.46 4.36
C GLU A 92 -11.03 18.16 3.90
N LEU A 93 -12.03 17.72 4.61
CA LEU A 93 -12.69 16.46 4.22
C LEU A 93 -13.41 16.65 2.89
N GLN A 94 -14.09 17.77 2.76
CA GLN A 94 -14.80 18.01 1.49
C GLN A 94 -13.85 17.76 0.33
N SER A 95 -12.63 18.22 0.51
CA SER A 95 -11.63 18.01 -0.56
C SER A 95 -11.45 16.51 -0.81
N LEU A 96 -11.11 15.80 0.23
CA LEU A 96 -10.91 14.35 0.08
C LEU A 96 -12.20 13.71 -0.42
N TYR A 97 -13.31 14.22 0.04
CA TYR A 97 -14.60 13.67 -0.40
C TYR A 97 -14.80 13.93 -1.88
N ARG A 98 -14.31 15.05 -2.34
CA ARG A 98 -14.45 15.37 -3.77
C ARG A 98 -13.80 14.29 -4.61
N GLY A 99 -12.59 13.94 -4.27
CA GLY A 99 -11.90 12.88 -5.05
C GLY A 99 -12.73 11.61 -5.02
N PHE A 100 -13.35 11.35 -3.91
CA PHE A 100 -14.19 10.14 -3.79
C PHE A 100 -15.43 10.28 -4.65
N LYS A 101 -15.85 11.50 -4.85
CA LYS A 101 -17.04 11.72 -5.69
C LYS A 101 -16.70 11.60 -7.16
N ASN A 102 -15.47 11.89 -7.49
CA ASN A 102 -15.05 11.81 -8.90
C ASN A 102 -15.02 10.35 -9.37
N GLU A 103 -14.72 9.46 -8.46
CA GLU A 103 -14.69 8.02 -8.85
C GLU A 103 -16.04 7.36 -8.58
N CYS A 104 -16.74 7.08 -9.67
CA CYS A 104 -18.09 6.42 -9.54
C CYS A 104 -19.07 7.29 -8.74
N PRO A 105 -20.35 7.20 -9.07
CA PRO A 105 -21.37 7.98 -8.38
C PRO A 105 -21.30 7.78 -6.87
N THR A 106 -21.72 8.77 -6.13
CA THR A 106 -21.69 8.66 -4.66
C THR A 106 -22.21 7.30 -4.22
N GLY A 107 -21.74 6.84 -3.09
CA GLY A 107 -22.19 5.52 -2.57
C GLY A 107 -21.00 4.78 -1.96
N LEU A 108 -21.17 3.51 -1.72
CA LEU A 108 -20.06 2.72 -1.13
C LEU A 108 -19.19 2.13 -2.22
N VAL A 109 -17.97 1.78 -1.86
CA VAL A 109 -17.04 1.19 -2.85
C VAL A 109 -16.77 -0.27 -2.49
N ASP A 110 -16.32 -1.04 -3.44
CA ASP A 110 -16.03 -2.47 -3.15
C ASP A 110 -14.77 -2.96 -3.85
N GLU A 111 -14.23 -4.04 -3.36
CA GLU A 111 -13.00 -4.59 -3.98
C GLU A 111 -13.11 -4.62 -5.49
N ASP A 112 -14.21 -5.10 -5.98
CA ASP A 112 -14.39 -5.14 -7.45
C ASP A 112 -14.10 -3.79 -8.06
N THR A 113 -14.81 -2.80 -7.61
CA THR A 113 -14.58 -1.45 -8.16
C THR A 113 -13.11 -1.08 -8.02
N PHE A 114 -12.59 -1.29 -6.83
CA PHE A 114 -11.17 -0.97 -6.60
C PHE A 114 -10.31 -1.45 -7.77
N LYS A 115 -10.61 -2.63 -8.25
CA LYS A 115 -9.81 -3.16 -9.39
C LYS A 115 -10.05 -2.31 -10.63
N LEU A 116 -11.29 -2.07 -10.94
CA LEU A 116 -11.61 -1.26 -12.12
C LEU A 116 -11.03 0.14 -11.96
N ILE A 117 -11.03 0.63 -10.75
CA ILE A 117 -10.49 1.98 -10.50
C ILE A 117 -9.00 2.02 -10.80
N TYR A 118 -8.28 1.06 -10.29
CA TYR A 118 -6.82 1.04 -10.55
C TYR A 118 -6.53 0.77 -12.01
N SER A 119 -7.44 0.09 -12.66
CA SER A 119 -7.23 -0.22 -14.09
C SER A 119 -7.34 1.05 -14.92
N GLN A 120 -8.16 1.96 -14.49
CA GLN A 120 -8.32 3.23 -15.23
C GLN A 120 -7.33 4.29 -14.76
N PHE A 121 -6.75 4.06 -13.61
CA PHE A 121 -5.77 5.06 -13.08
C PHE A 121 -4.38 4.84 -13.68
N PHE A 122 -4.14 3.66 -14.18
CA PHE A 122 -2.80 3.37 -14.78
C PHE A 122 -2.93 2.72 -16.16
N PRO A 123 -3.11 3.55 -17.17
CA PRO A 123 -3.25 3.07 -18.53
C PRO A 123 -1.94 2.47 -19.05
N GLN A 124 -2.00 1.82 -20.17
CA GLN A 124 -0.77 1.21 -20.72
C GLN A 124 -0.03 0.42 -19.64
N GLY A 125 -0.68 -0.62 -19.15
CA GLY A 125 -0.03 -1.45 -18.10
C GLY A 125 -1.08 -1.95 -17.10
N ASP A 126 -0.86 -3.12 -16.57
CA ASP A 126 -1.83 -3.68 -15.59
C ASP A 126 -1.52 -3.20 -14.18
N ALA A 127 -2.54 -3.05 -13.39
CA ALA A 127 -2.33 -2.59 -11.99
C ALA A 127 -3.43 -3.10 -11.08
N THR A 128 -4.10 -4.13 -11.51
CA THR A 128 -5.20 -4.70 -10.68
C THR A 128 -4.64 -5.46 -9.48
N THR A 129 -3.49 -6.05 -9.67
CA THR A 129 -2.87 -6.81 -8.57
C THR A 129 -2.61 -5.90 -7.37
N TYR A 130 -1.78 -4.91 -7.58
CA TYR A 130 -1.47 -3.97 -6.48
C TYR A 130 -2.75 -3.47 -5.83
N ALA A 131 -3.77 -3.31 -6.63
CA ALA A 131 -5.06 -2.83 -6.07
C ALA A 131 -5.59 -3.82 -5.06
N HIS A 132 -5.46 -5.08 -5.36
CA HIS A 132 -5.95 -6.10 -4.42
C HIS A 132 -5.24 -5.98 -3.08
N PHE A 133 -3.93 -6.01 -3.11
CA PHE A 133 -3.17 -5.89 -1.84
C PHE A 133 -3.54 -4.60 -1.14
N LEU A 134 -3.66 -3.54 -1.89
CA LEU A 134 -4.01 -2.24 -1.27
C LEU A 134 -5.32 -2.36 -0.51
N PHE A 135 -6.27 -3.02 -1.11
CA PHE A 135 -7.57 -3.18 -0.42
C PHE A 135 -7.38 -3.85 0.93
N ASN A 136 -6.73 -4.98 0.92
CA ASN A 136 -6.49 -5.69 2.19
C ASN A 136 -5.90 -4.75 3.23
N ALA A 137 -5.18 -3.77 2.77
CA ALA A 137 -4.57 -2.81 3.72
C ALA A 137 -5.57 -1.73 4.11
N PHE A 138 -6.60 -1.58 3.32
CA PHE A 138 -7.61 -0.53 3.64
C PHE A 138 -8.70 -1.10 4.53
N ASP A 139 -9.66 -1.76 3.93
CA ASP A 139 -10.77 -2.34 4.73
C ASP A 139 -10.24 -3.03 5.97
N ALA A 140 -10.80 -2.65 7.11
CA ALA A 140 -10.36 -3.28 8.39
C ALA A 140 -11.48 -4.12 8.99
N ASP A 141 -12.47 -3.45 9.53
CA ASP A 141 -13.60 -4.19 10.14
C ASP A 141 -14.82 -4.19 9.20
N GLY A 142 -14.73 -4.96 8.16
CA GLY A 142 -15.86 -5.02 7.19
C GLY A 142 -15.76 -6.28 6.32
N ASN A 143 -16.87 -6.94 6.14
CA ASN A 143 -16.86 -8.16 5.30
C ASN A 143 -16.24 -7.89 3.94
N GLY A 144 -16.71 -6.85 3.30
CA GLY A 144 -16.17 -6.50 1.95
C GLY A 144 -16.83 -5.23 1.41
N ALA A 145 -16.79 -4.20 2.21
CA ALA A 145 -17.41 -2.92 1.77
C ALA A 145 -16.70 -1.73 2.40
N ILE A 146 -16.18 -0.86 1.55
CA ILE A 146 -15.46 0.33 2.07
C ILE A 146 -16.26 1.60 1.77
N HIS A 147 -16.12 2.57 2.63
CA HIS A 147 -16.87 3.86 2.45
C HIS A 147 -15.91 5.04 2.50
N PHE A 148 -16.46 6.23 2.47
CA PHE A 148 -15.59 7.43 2.52
C PHE A 148 -15.01 7.61 3.93
N GLU A 149 -15.80 7.29 4.91
CA GLU A 149 -15.31 7.43 6.30
C GLU A 149 -14.02 6.64 6.50
N ASP A 150 -14.07 5.38 6.19
CA ASP A 150 -12.85 4.55 6.34
C ASP A 150 -11.72 5.11 5.50
N PHE A 151 -12.07 5.57 4.33
CA PHE A 151 -11.03 6.13 3.45
C PHE A 151 -10.38 7.36 4.09
N VAL A 152 -11.14 8.07 4.89
CA VAL A 152 -10.57 9.27 5.55
C VAL A 152 -9.62 8.85 6.64
N VAL A 153 -9.98 7.80 7.34
CA VAL A 153 -9.11 7.32 8.43
C VAL A 153 -7.72 7.04 7.89
N GLY A 154 -7.66 6.39 6.76
CA GLY A 154 -6.33 6.09 6.18
C GLY A 154 -5.63 7.40 5.79
N LEU A 155 -6.36 8.26 5.15
CA LEU A 155 -5.76 9.55 4.73
C LEU A 155 -5.16 10.24 5.94
N SER A 156 -5.73 9.99 7.09
CA SER A 156 -5.21 10.61 8.31
C SER A 156 -3.92 9.93 8.75
N ILE A 157 -3.85 8.64 8.51
CA ILE A 157 -2.62 7.90 8.91
C ILE A 157 -1.49 8.21 7.93
N LEU A 158 -1.82 8.25 6.68
CA LEU A 158 -0.78 8.55 5.67
C LEU A 158 -0.27 9.97 5.81
N LEU A 159 -1.17 10.88 6.08
CA LEU A 159 -0.77 12.30 6.23
C LEU A 159 -0.43 12.61 7.68
N ARG A 160 -1.45 12.64 8.50
CA ARG A 160 -1.21 12.95 9.94
C ARG A 160 -0.47 11.79 10.63
N GLY A 161 0.73 11.55 10.19
CA GLY A 161 1.54 10.45 10.79
C GLY A 161 3.02 10.63 10.47
N THR A 162 3.84 10.52 11.47
CA THR A 162 5.29 10.67 11.24
C THR A 162 5.84 9.53 10.40
N VAL A 163 6.99 9.03 10.77
CA VAL A 163 7.58 7.91 10.01
C VAL A 163 7.11 6.57 10.55
N HIS A 164 6.92 6.50 11.83
CA HIS A 164 6.44 5.24 12.45
C HIS A 164 5.07 4.85 11.91
N GLU A 165 4.22 5.83 11.79
CA GLU A 165 2.85 5.54 11.28
C GLU A 165 2.91 5.04 9.84
N LYS A 166 3.70 5.73 9.05
CA LYS A 166 3.82 5.31 7.63
C LYS A 166 4.47 3.94 7.53
N LEU A 167 5.40 3.68 8.39
CA LEU A 167 6.09 2.37 8.37
C LEU A 167 5.12 1.25 8.73
N LYS A 168 4.26 1.52 9.66
CA LYS A 168 3.29 0.48 10.08
C LYS A 168 2.28 0.24 8.98
N TRP A 169 1.79 1.30 8.39
CA TRP A 169 0.79 1.14 7.31
C TRP A 169 1.45 0.50 6.10
N ALA A 170 2.68 0.86 5.86
CA ALA A 170 3.39 0.28 4.70
C ALA A 170 3.50 -1.23 4.85
N PHE A 171 3.78 -1.66 6.05
CA PHE A 171 3.90 -3.11 6.30
C PHE A 171 2.58 -3.80 5.98
N ASN A 172 1.51 -3.24 6.48
CA ASN A 172 0.18 -3.86 6.23
C ASN A 172 -0.03 -4.08 4.74
N LEU A 173 0.39 -3.14 3.94
CA LEU A 173 0.23 -3.29 2.48
C LEU A 173 0.97 -4.52 1.97
N TYR A 174 2.25 -4.53 2.19
CA TYR A 174 3.06 -5.69 1.74
C TYR A 174 2.53 -6.98 2.35
N ASP A 175 2.27 -6.93 3.63
CA ASP A 175 1.76 -8.13 4.31
C ASP A 175 0.48 -8.64 3.65
N ILE A 176 0.59 -9.77 2.99
CA ILE A 176 -0.59 -10.36 2.31
C ILE A 176 -0.96 -11.68 2.99
N ASN A 177 -1.79 -12.46 2.34
CA ASN A 177 -2.20 -13.77 2.93
C ASN A 177 -2.46 -13.63 4.43
N LYS A 178 -3.20 -12.62 4.79
CA LYS A 178 -3.50 -12.40 6.22
C LYS A 178 -2.25 -12.54 7.09
N ASP A 179 -2.47 -12.76 8.36
CA ASP A 179 -1.32 -12.91 9.28
C ASP A 179 -0.49 -11.62 9.30
N GLY A 180 0.63 -11.66 9.99
CA GLY A 180 1.50 -10.44 10.06
C GLY A 180 2.98 -10.82 9.92
N CYS A 181 3.32 -11.41 8.82
CA CYS A 181 4.73 -11.81 8.60
C CYS A 181 5.09 -11.74 7.13
N ILE A 182 6.34 -11.47 6.84
CA ILE A 182 6.78 -11.37 5.43
C ILE A 182 7.75 -12.49 5.12
N THR A 183 7.87 -12.80 3.88
CA THR A 183 8.80 -13.87 3.50
C THR A 183 9.28 -13.69 2.06
N LYS A 184 10.37 -14.32 1.73
CA LYS A 184 10.88 -14.18 0.35
C LYS A 184 9.76 -14.40 -0.66
N GLU A 185 8.89 -15.34 -0.36
CA GLU A 185 7.76 -15.62 -1.28
C GLU A 185 6.82 -14.43 -1.37
N GLU A 186 6.43 -13.91 -0.23
CA GLU A 186 5.51 -12.75 -0.22
C GLU A 186 6.14 -11.56 -0.93
N MET A 187 7.42 -11.40 -0.76
CA MET A 187 8.09 -10.26 -1.41
C MET A 187 8.21 -10.48 -2.91
N LEU A 188 8.16 -11.72 -3.31
CA LEU A 188 8.27 -12.02 -4.76
C LEU A 188 6.98 -11.63 -5.47
N ALA A 189 5.87 -11.88 -4.81
CA ALA A 189 4.57 -11.54 -5.44
C ALA A 189 4.42 -10.04 -5.53
N ILE A 190 4.74 -9.36 -4.46
CA ILE A 190 4.63 -7.89 -4.48
C ILE A 190 5.60 -7.29 -5.48
N MET A 191 6.80 -7.81 -5.49
CA MET A 191 7.80 -7.28 -6.45
C MET A 191 7.33 -7.50 -7.88
N LYS A 192 6.69 -8.60 -8.11
CA LYS A 192 6.19 -8.89 -9.47
C LYS A 192 5.17 -7.85 -9.89
N SER A 193 4.33 -7.47 -8.97
CA SER A 193 3.30 -6.46 -9.29
C SER A 193 3.95 -5.18 -9.78
N ILE A 194 4.92 -4.71 -9.03
CA ILE A 194 5.61 -3.46 -9.45
C ILE A 194 6.24 -3.64 -10.83
N TYR A 195 6.97 -4.72 -10.98
CA TYR A 195 7.61 -4.95 -12.30
C TYR A 195 6.58 -4.98 -13.41
N ASP A 196 5.41 -5.47 -13.10
CA ASP A 196 4.35 -5.52 -14.14
C ASP A 196 3.81 -4.12 -14.40
N MET A 197 3.89 -3.27 -13.41
CA MET A 197 3.38 -1.89 -13.59
C MET A 197 4.23 -1.13 -14.60
N MET A 198 5.52 -1.33 -14.53
CA MET A 198 6.42 -0.62 -15.47
C MET A 198 6.15 -1.06 -16.91
N GLY A 199 5.39 -0.28 -17.61
CA GLY A 199 5.08 -0.64 -19.02
C GLY A 199 6.27 -0.33 -19.93
N ARG A 200 7.22 0.40 -19.39
CA ARG A 200 8.42 0.75 -20.20
C ARG A 200 9.57 -0.19 -19.89
N HIS A 201 10.34 -0.53 -20.89
CA HIS A 201 11.49 -1.44 -20.65
C HIS A 201 12.66 -1.11 -21.57
N THR A 202 13.78 -1.71 -21.31
CA THR A 202 14.98 -1.43 -22.16
C THR A 202 15.12 -2.47 -23.26
N TYR A 203 16.32 -2.63 -23.74
CA TYR A 203 16.57 -3.62 -24.82
C TYR A 203 16.18 -5.05 -24.36
N PRO A 204 15.38 -5.74 -25.17
CA PRO A 204 14.95 -7.09 -24.82
C PRO A 204 16.15 -8.04 -24.73
N ILE A 205 17.29 -7.57 -25.17
CA ILE A 205 18.50 -8.43 -25.11
C ILE A 205 18.61 -9.14 -23.75
N LEU A 206 19.03 -10.39 -23.80
CA LEU A 206 19.18 -11.19 -22.54
C LEU A 206 17.84 -11.35 -21.82
N ARG A 207 17.68 -12.49 -21.16
CA ARG A 207 16.40 -12.72 -20.43
C ARG A 207 16.49 -12.15 -19.01
N GLU A 208 16.47 -10.85 -18.90
CA GLU A 208 16.54 -10.22 -17.56
C GLU A 208 15.29 -10.50 -16.74
N ASP A 209 14.76 -11.67 -16.89
CA ASP A 209 13.52 -12.02 -16.13
C ASP A 209 13.89 -12.66 -14.79
N ALA A 210 14.24 -11.84 -13.83
CA ALA A 210 14.60 -12.40 -12.49
C ALA A 210 14.58 -11.33 -11.41
N PRO A 211 13.41 -10.75 -11.21
CA PRO A 211 13.23 -9.70 -10.21
C PRO A 211 13.50 -10.22 -8.79
N LEU A 212 13.92 -11.45 -8.71
CA LEU A 212 14.20 -12.03 -7.37
C LEU A 212 15.49 -11.46 -6.79
N GLU A 213 16.31 -10.91 -7.63
CA GLU A 213 17.59 -10.34 -7.13
C GLU A 213 17.32 -9.15 -6.23
N HIS A 214 16.60 -8.18 -6.73
CA HIS A 214 16.30 -6.99 -5.89
C HIS A 214 15.74 -7.41 -4.54
N VAL A 215 14.74 -8.26 -4.57
CA VAL A 215 14.14 -8.72 -3.29
C VAL A 215 15.23 -9.24 -2.37
N GLU A 216 16.15 -10.00 -2.93
CA GLU A 216 17.24 -10.53 -2.10
C GLU A 216 17.94 -9.41 -1.35
N ARG A 217 18.13 -8.32 -2.03
CA ARG A 217 18.81 -7.17 -1.37
C ARG A 217 18.05 -6.74 -0.13
N PHE A 218 16.80 -6.40 -0.30
CA PHE A 218 15.99 -5.98 0.87
C PHE A 218 16.03 -7.06 1.93
N PHE A 219 16.18 -8.28 1.49
CA PHE A 219 16.22 -9.40 2.46
C PHE A 219 17.62 -9.51 3.04
N GLN A 220 18.58 -9.01 2.30
CA GLN A 220 19.98 -9.09 2.79
C GLN A 220 20.16 -8.15 3.98
N LYS A 221 19.50 -7.02 3.94
CA LYS A 221 19.63 -6.07 5.05
C LYS A 221 18.71 -6.46 6.19
N MET A 222 17.53 -6.90 5.84
CA MET A 222 16.56 -7.31 6.90
C MET A 222 16.65 -8.80 7.16
N ASP A 223 15.53 -9.44 7.12
CA ASP A 223 15.52 -10.90 7.38
C ASP A 223 16.41 -11.24 8.55
N ARG A 224 17.64 -11.59 8.25
CA ARG A 224 18.59 -11.93 9.33
C ARG A 224 18.04 -13.09 10.17
N ASN A 225 18.50 -13.20 11.39
CA ASN A 225 18.02 -14.31 12.27
C ASN A 225 18.06 -15.65 11.56
N GLN A 226 17.48 -16.64 12.17
CA GLN A 226 17.46 -18.00 11.56
C GLN A 226 16.06 -18.33 11.07
N ASP A 227 15.12 -17.48 11.38
CA ASP A 227 13.74 -17.74 10.94
C ASP A 227 13.57 -17.43 9.46
N GLY A 228 14.40 -16.54 8.97
CA GLY A 228 14.30 -16.18 7.53
C GLY A 228 13.06 -15.32 7.26
N VAL A 229 12.07 -15.46 8.08
CA VAL A 229 10.84 -14.66 7.86
C VAL A 229 10.98 -13.28 8.48
N VAL A 230 10.35 -12.30 7.86
CA VAL A 230 10.43 -10.92 8.39
C VAL A 230 9.09 -10.52 9.00
N THR A 231 9.15 -10.07 10.24
CA THR A 231 7.91 -9.66 10.95
C THR A 231 7.99 -8.18 11.32
N ILE A 232 6.85 -7.60 11.61
CA ILE A 232 6.83 -6.16 11.99
C ILE A 232 8.05 -5.81 12.83
N ASP A 233 8.56 -6.79 13.54
CA ASP A 233 9.74 -6.52 14.39
C ASP A 233 10.97 -6.30 13.50
N GLU A 234 11.31 -7.31 12.72
CA GLU A 234 12.50 -7.16 11.84
C GLU A 234 12.36 -5.90 11.00
N PHE A 235 11.14 -5.47 10.84
CA PHE A 235 10.88 -4.25 10.04
C PHE A 235 11.26 -3.02 10.82
N LEU A 236 10.60 -2.81 11.91
CA LEU A 236 10.92 -1.62 12.72
C LEU A 236 12.34 -1.69 13.26
N GLU A 237 12.85 -2.87 13.45
CA GLU A 237 14.23 -2.99 13.96
C GLU A 237 15.24 -2.65 12.87
N THR A 238 14.90 -3.00 11.66
CA THR A 238 15.82 -2.72 10.53
C THR A 238 15.71 -1.26 10.08
N CYS A 239 14.55 -0.69 10.25
CA CYS A 239 14.37 0.72 9.84
C CYS A 239 14.73 1.70 10.97
N GLN A 240 14.76 1.23 12.18
CA GLN A 240 15.11 2.15 13.30
C GLN A 240 16.61 2.18 13.54
N LYS A 241 17.19 1.03 13.75
CA LYS A 241 18.65 0.98 13.99
C LYS A 241 19.42 1.21 12.70
N ASP A 242 18.71 1.51 11.65
CA ASP A 242 19.40 1.75 10.36
C ASP A 242 18.49 2.50 9.39
N GLU A 243 19.09 3.36 8.61
CA GLU A 243 18.29 4.14 7.63
C GLU A 243 19.02 4.24 6.30
N ASN A 244 19.13 3.13 5.62
CA ASN A 244 19.83 3.12 4.31
C ASN A 244 19.06 2.30 3.29
N ILE A 245 18.70 1.11 3.66
CA ILE A 245 17.94 0.26 2.73
C ILE A 245 16.51 0.77 2.63
N MET A 246 15.94 1.07 3.75
CA MET A 246 14.56 1.57 3.72
C MET A 246 14.51 2.90 2.99
N ASN A 247 15.61 3.63 3.03
CA ASN A 247 15.63 4.92 2.33
C ASN A 247 15.17 4.71 0.90
N SER A 248 15.63 3.62 0.33
CA SER A 248 15.25 3.31 -1.06
C SER A 248 13.78 2.97 -1.09
N MET A 249 13.36 2.20 -0.11
CA MET A 249 11.93 1.81 -0.07
C MET A 249 11.05 3.05 -0.06
N GLN A 250 11.50 4.05 0.65
CA GLN A 250 10.71 5.31 0.71
C GLN A 250 10.57 5.90 -0.67
N LEU A 251 11.67 6.04 -1.35
CA LEU A 251 11.60 6.61 -2.72
C LEU A 251 10.63 5.82 -3.57
N PHE A 252 10.44 4.57 -3.22
CA PHE A 252 9.51 3.73 -3.98
C PHE A 252 8.07 4.15 -3.72
N GLU A 253 7.79 4.51 -2.49
CA GLU A 253 6.42 4.94 -2.15
C GLU A 253 6.08 6.28 -2.80
N ASN A 254 7.08 7.10 -2.99
CA ASN A 254 6.82 8.42 -3.62
C ASN A 254 6.03 8.26 -4.90
N VAL A 255 6.02 7.07 -5.42
CA VAL A 255 5.27 6.82 -6.67
C VAL A 255 5.03 5.33 -6.89
N ILE A 256 3.79 4.97 -7.05
CA ILE A 256 3.45 3.53 -7.26
C ILE A 256 2.37 3.38 -8.32
N PRO A 76 -24.66 16.22 7.75
CA PRO A 76 -25.48 16.32 8.96
C PRO A 76 -24.80 15.67 10.16
N GLU A 77 -25.59 15.13 11.05
CA GLU A 77 -25.02 14.48 12.25
C GLU A 77 -23.81 13.63 11.88
N GLY A 78 -23.93 12.87 10.83
CA GLY A 78 -22.78 12.01 10.42
C GLY A 78 -21.62 12.86 9.90
N LEU A 79 -21.93 14.02 9.37
CA LEU A 79 -20.86 14.89 8.86
C LEU A 79 -20.07 15.50 10.00
N ASP A 80 -20.68 16.41 10.72
CA ASP A 80 -19.96 17.06 11.84
C ASP A 80 -19.24 16.00 12.66
N GLN A 81 -19.92 14.91 12.92
CA GLN A 81 -19.29 13.84 13.71
C GLN A 81 -17.98 13.44 13.04
N LEU A 82 -18.02 13.35 11.74
CA LEU A 82 -16.80 12.95 10.99
C LEU A 82 -15.67 13.92 11.33
N GLN A 83 -16.02 15.16 11.49
CA GLN A 83 -14.99 16.16 11.81
C GLN A 83 -14.30 15.80 13.12
N ALA A 84 -15.08 15.50 14.12
CA ALA A 84 -14.48 15.13 15.43
C ALA A 84 -13.55 13.93 15.26
N GLN A 85 -14.05 12.89 14.69
CA GLN A 85 -13.20 11.68 14.50
C GLN A 85 -11.91 12.05 13.77
N THR A 86 -12.02 12.28 12.49
CA THR A 86 -10.81 12.65 11.72
C THR A 86 -10.30 14.02 12.16
N LYS A 87 -9.37 14.56 11.40
CA LYS A 87 -8.80 15.89 11.76
C LYS A 87 -8.77 16.80 10.54
N PHE A 88 -9.88 16.87 9.85
CA PHE A 88 -9.98 17.73 8.63
C PHE A 88 -11.00 18.83 8.83
N THR A 89 -10.63 20.04 8.54
CA THR A 89 -11.59 21.16 8.71
C THR A 89 -12.88 20.85 7.94
N LYS A 90 -13.99 21.06 8.59
CA LYS A 90 -15.29 20.78 7.90
C LYS A 90 -15.25 21.24 6.45
N LYS A 91 -14.51 22.28 6.20
CA LYS A 91 -14.42 22.77 4.80
C LYS A 91 -13.65 21.77 3.97
N GLU A 92 -12.40 21.58 4.32
CA GLU A 92 -11.58 20.62 3.55
C GLU A 92 -12.21 19.24 3.66
N LEU A 93 -12.82 18.98 4.78
CA LEU A 93 -13.45 17.66 4.97
C LEU A 93 -14.53 17.48 3.92
N GLN A 94 -15.32 18.50 3.74
CA GLN A 94 -16.40 18.40 2.73
C GLN A 94 -15.81 18.02 1.40
N SER A 95 -14.67 18.59 1.11
CA SER A 95 -14.00 18.28 -0.18
C SER A 95 -13.84 16.78 -0.32
N LEU A 96 -13.26 16.17 0.70
CA LEU A 96 -13.07 14.71 0.64
C LEU A 96 -14.41 14.02 0.51
N TYR A 97 -15.35 14.46 1.31
CA TYR A 97 -16.70 13.85 1.26
C TYR A 97 -17.33 14.12 -0.10
N ARG A 98 -17.10 15.30 -0.60
CA ARG A 98 -17.68 15.65 -1.91
C ARG A 98 -17.14 14.71 -2.98
N GLY A 99 -15.86 14.47 -2.94
CA GLY A 99 -15.26 13.55 -3.95
C GLY A 99 -16.02 12.23 -3.92
N PHE A 100 -16.29 11.76 -2.73
CA PHE A 100 -17.02 10.48 -2.60
C PHE A 100 -18.38 10.60 -3.29
N LYS A 101 -19.02 11.72 -3.08
CA LYS A 101 -20.35 11.92 -3.71
C LYS A 101 -20.20 12.05 -5.21
N ASN A 102 -19.14 12.71 -5.62
CA ASN A 102 -18.91 12.88 -7.07
C ASN A 102 -18.83 11.53 -7.76
N GLU A 103 -18.32 10.56 -7.06
CA GLU A 103 -18.20 9.21 -7.66
C GLU A 103 -19.55 8.52 -7.70
N CYS A 104 -19.92 8.04 -8.86
CA CYS A 104 -21.23 7.36 -8.97
C CYS A 104 -21.50 6.43 -7.77
N PRO A 105 -20.58 5.53 -7.49
CA PRO A 105 -20.73 4.61 -6.37
C PRO A 105 -20.87 5.37 -5.05
N THR A 106 -21.73 4.88 -4.19
CA THR A 106 -21.93 5.56 -2.88
C THR A 106 -22.07 4.55 -1.75
N GLY A 107 -22.38 5.03 -0.58
CA GLY A 107 -22.54 4.11 0.58
C GLY A 107 -21.21 3.44 0.90
N LEU A 108 -20.80 2.53 0.04
CA LEU A 108 -19.51 1.82 0.27
C LEU A 108 -18.73 1.74 -1.03
N VAL A 109 -17.43 1.52 -0.90
CA VAL A 109 -16.58 1.42 -2.11
C VAL A 109 -16.14 -0.03 -2.32
N ASP A 110 -16.15 -0.45 -3.57
CA ASP A 110 -15.73 -1.85 -3.88
C ASP A 110 -14.36 -1.86 -4.55
N GLU A 111 -13.72 -2.99 -4.50
CA GLU A 111 -12.38 -3.08 -5.12
C GLU A 111 -12.40 -2.62 -6.56
N ASP A 112 -13.55 -2.73 -7.18
CA ASP A 112 -13.66 -2.29 -8.60
C ASP A 112 -13.29 -0.82 -8.74
N THR A 113 -13.77 -0.02 -7.83
CA THR A 113 -13.46 1.42 -7.89
C THR A 113 -11.96 1.64 -7.80
N PHE A 114 -11.33 0.95 -6.90
CA PHE A 114 -9.86 1.11 -6.74
C PHE A 114 -9.14 0.77 -8.04
N LYS A 115 -9.52 -0.32 -8.64
CA LYS A 115 -8.86 -0.73 -9.91
C LYS A 115 -9.10 0.32 -10.99
N LEU A 116 -10.31 0.79 -11.07
CA LEU A 116 -10.62 1.81 -12.10
C LEU A 116 -9.73 3.04 -11.95
N ILE A 117 -9.45 3.39 -10.73
CA ILE A 117 -8.59 4.58 -10.50
C ILE A 117 -7.16 4.31 -10.92
N TYR A 118 -6.63 3.20 -10.45
CA TYR A 118 -5.22 2.87 -10.81
C TYR A 118 -5.13 2.46 -12.28
N SER A 119 -6.21 1.96 -12.82
CA SER A 119 -6.20 1.55 -14.24
C SER A 119 -6.26 2.79 -15.15
N GLN A 120 -6.87 3.82 -14.67
CA GLN A 120 -6.97 5.05 -15.49
C GLN A 120 -5.64 5.79 -15.54
N PHE A 121 -4.95 5.80 -14.42
CA PHE A 121 -3.64 6.49 -14.39
C PHE A 121 -2.54 5.64 -15.00
N PHE A 122 -2.90 4.50 -15.53
CA PHE A 122 -1.85 3.63 -16.14
C PHE A 122 -2.47 2.61 -17.10
N PRO A 123 -2.96 3.11 -18.20
CA PRO A 123 -3.60 2.25 -19.21
C PRO A 123 -2.58 1.31 -19.86
N GLN A 124 -1.35 1.40 -19.43
CA GLN A 124 -0.31 0.51 -20.01
C GLN A 124 -0.42 -0.91 -19.45
N GLY A 125 0.71 -1.46 -19.08
CA GLY A 125 0.68 -2.84 -18.51
C GLY A 125 -0.47 -3.01 -17.52
N ASP A 126 -0.90 -4.22 -17.35
CA ASP A 126 -2.03 -4.47 -16.41
C ASP A 126 -1.63 -4.13 -14.99
N ALA A 127 -2.51 -4.35 -14.07
CA ALA A 127 -2.20 -4.05 -12.66
C ALA A 127 -3.24 -4.66 -11.73
N THR A 128 -3.89 -5.68 -12.21
CA THR A 128 -4.93 -6.34 -11.37
C THR A 128 -4.31 -6.96 -10.12
N THR A 129 -3.15 -7.54 -10.29
CA THR A 129 -2.49 -8.16 -9.11
C THR A 129 -2.15 -7.11 -8.07
N TYR A 130 -1.36 -6.16 -8.46
CA TYR A 130 -0.99 -5.10 -7.50
C TYR A 130 -2.23 -4.35 -7.03
N ALA A 131 -3.22 -4.31 -7.89
CA ALA A 131 -4.46 -3.59 -7.50
C ALA A 131 -5.13 -4.29 -6.32
N HIS A 132 -5.12 -5.61 -6.37
CA HIS A 132 -5.75 -6.36 -5.26
C HIS A 132 -5.00 -6.10 -3.96
N PHE A 133 -3.70 -6.06 -4.05
CA PHE A 133 -2.89 -5.80 -2.84
C PHE A 133 -3.25 -4.45 -2.24
N LEU A 134 -3.32 -3.47 -3.08
CA LEU A 134 -3.67 -2.12 -2.60
C LEU A 134 -4.94 -2.15 -1.76
N PHE A 135 -5.93 -2.82 -2.26
CA PHE A 135 -7.20 -2.91 -1.51
C PHE A 135 -6.98 -3.58 -0.15
N ASN A 136 -6.21 -4.63 -0.16
CA ASN A 136 -5.94 -5.33 1.11
C ASN A 136 -5.23 -4.42 2.11
N ALA A 137 -4.61 -3.39 1.59
CA ALA A 137 -3.89 -2.45 2.50
C ALA A 137 -4.86 -1.49 3.15
N PHE A 138 -5.70 -0.89 2.36
CA PHE A 138 -6.69 0.07 2.94
C PHE A 138 -7.65 -0.64 3.89
N ASP A 139 -8.46 -1.50 3.34
CA ASP A 139 -9.42 -2.23 4.20
C ASP A 139 -8.73 -2.84 5.41
N ALA A 140 -9.28 -2.61 6.57
CA ALA A 140 -8.66 -3.16 7.79
C ALA A 140 -9.19 -4.56 8.09
N ASP A 141 -10.47 -4.64 8.36
CA ASP A 141 -11.07 -5.96 8.66
C ASP A 141 -12.59 -5.87 8.68
N GLY A 142 -13.18 -5.96 7.52
CA GLY A 142 -14.67 -5.89 7.45
C GLY A 142 -15.19 -6.56 6.17
N ASN A 143 -15.46 -7.82 6.26
CA ASN A 143 -15.96 -8.55 5.07
C ASN A 143 -15.06 -8.31 3.87
N GLY A 144 -15.35 -7.27 3.13
CA GLY A 144 -14.51 -6.97 1.93
C GLY A 144 -14.93 -5.64 1.30
N ALA A 145 -15.59 -4.81 2.08
CA ALA A 145 -16.05 -3.49 1.56
C ALA A 145 -15.48 -2.36 2.40
N ILE A 146 -14.97 -1.34 1.75
CA ILE A 146 -14.40 -0.19 2.51
C ILE A 146 -15.38 0.96 2.56
N HIS A 147 -15.05 1.99 3.31
CA HIS A 147 -15.96 3.15 3.42
C HIS A 147 -15.19 4.46 3.38
N PHE A 148 -15.84 5.52 3.78
CA PHE A 148 -15.16 6.84 3.77
C PHE A 148 -14.34 7.04 5.05
N GLU A 149 -14.60 6.24 6.04
CA GLU A 149 -13.83 6.38 7.30
C GLU A 149 -12.40 5.93 7.12
N ASP A 150 -12.22 4.64 6.96
CA ASP A 150 -10.85 4.12 6.79
C ASP A 150 -10.15 4.83 5.63
N PHE A 151 -10.93 5.39 4.75
CA PHE A 151 -10.34 6.12 3.60
C PHE A 151 -9.83 7.47 4.05
N VAL A 152 -10.51 8.05 5.00
CA VAL A 152 -10.07 9.38 5.51
C VAL A 152 -8.81 9.22 6.34
N VAL A 153 -8.84 8.28 7.25
CA VAL A 153 -7.66 8.06 8.11
C VAL A 153 -6.45 7.72 7.26
N GLY A 154 -6.70 7.01 6.17
CA GLY A 154 -5.57 6.64 5.28
C GLY A 154 -4.93 7.90 4.70
N LEU A 155 -5.75 8.76 4.16
CA LEU A 155 -5.19 9.99 3.58
C LEU A 155 -4.22 10.63 4.56
N SER A 156 -4.61 10.64 5.81
CA SER A 156 -3.73 11.24 6.83
C SER A 156 -2.48 10.38 7.03
N ILE A 157 -2.64 9.09 6.88
CA ILE A 157 -1.46 8.20 7.06
C ILE A 157 -0.47 8.38 5.91
N LEU A 158 -0.98 8.75 4.77
CA LEU A 158 -0.10 8.94 3.60
C LEU A 158 0.45 10.37 3.58
N LEU A 159 -0.39 11.30 3.97
CA LEU A 159 0.05 12.72 3.98
C LEU A 159 0.69 13.07 5.31
N ARG A 160 -0.08 13.00 6.35
CA ARG A 160 0.45 13.32 7.70
C ARG A 160 0.94 12.06 8.40
N GLY A 161 0.59 11.92 9.64
CA GLY A 161 1.01 10.71 10.41
C GLY A 161 2.54 10.72 10.59
N THR A 162 3.00 9.92 11.52
CA THR A 162 4.46 9.85 11.76
C THR A 162 5.10 8.72 10.95
N VAL A 163 6.40 8.65 11.01
CA VAL A 163 7.10 7.58 10.27
C VAL A 163 6.63 6.20 10.71
N HIS A 164 6.21 6.10 11.93
CA HIS A 164 5.74 4.79 12.44
C HIS A 164 4.52 4.32 11.67
N GLU A 165 3.53 5.17 11.58
CA GLU A 165 2.31 4.79 10.85
C GLU A 165 2.64 4.38 9.42
N LYS A 166 3.67 4.97 8.87
CA LYS A 166 4.06 4.64 7.48
C LYS A 166 4.56 3.20 7.41
N LEU A 167 5.49 2.86 8.27
CA LEU A 167 6.02 1.47 8.25
C LEU A 167 4.88 0.48 8.44
N LYS A 168 3.94 0.83 9.27
CA LYS A 168 2.81 -0.08 9.51
C LYS A 168 1.99 -0.26 8.24
N TRP A 169 1.65 0.83 7.61
CA TRP A 169 0.86 0.73 6.37
C TRP A 169 1.63 -0.06 5.31
N ALA A 170 2.90 0.21 5.21
CA ALA A 170 3.70 -0.52 4.21
C ALA A 170 3.81 -1.99 4.58
N PHE A 171 4.00 -2.23 5.85
CA PHE A 171 4.11 -3.64 6.30
C PHE A 171 2.82 -4.41 6.01
N ASN A 172 1.74 -3.68 5.90
CA ASN A 172 0.45 -4.34 5.61
C ASN A 172 0.25 -4.51 4.10
N LEU A 173 0.78 -3.58 3.36
CA LEU A 173 0.64 -3.67 1.89
C LEU A 173 1.29 -4.94 1.35
N TYR A 174 2.52 -5.15 1.74
CA TYR A 174 3.23 -6.37 1.27
C TYR A 174 2.52 -7.62 1.77
N ASP A 175 1.73 -7.46 2.80
CA ASP A 175 1.00 -8.62 3.35
C ASP A 175 -0.36 -8.78 2.68
N ILE A 176 -0.75 -10.00 2.43
CA ILE A 176 -2.06 -10.24 1.78
C ILE A 176 -2.80 -11.39 2.47
N ASN A 177 -2.10 -12.10 3.31
CA ASN A 177 -2.74 -13.23 4.01
C ASN A 177 -3.35 -12.77 5.33
N LYS A 178 -3.70 -13.72 6.18
CA LYS A 178 -4.32 -13.36 7.49
C LYS A 178 -3.35 -13.59 8.64
N ASP A 179 -2.09 -13.68 8.33
CA ASP A 179 -1.09 -13.90 9.42
C ASP A 179 -0.65 -12.57 10.02
N GLY A 180 0.55 -12.17 9.68
CA GLY A 180 1.07 -10.88 10.23
C GLY A 180 2.59 -10.83 10.07
N CYS A 181 3.12 -11.75 9.30
CA CYS A 181 4.59 -11.79 9.08
C CYS A 181 4.90 -11.90 7.60
N ILE A 182 6.10 -11.52 7.25
CA ILE A 182 6.52 -11.60 5.83
C ILE A 182 7.45 -12.76 5.63
N THR A 183 7.60 -13.19 4.43
CA THR A 183 8.50 -14.32 4.19
C THR A 183 9.04 -14.28 2.77
N LYS A 184 10.22 -14.78 2.57
CA LYS A 184 10.80 -14.76 1.20
C LYS A 184 9.78 -15.26 0.18
N GLU A 185 8.73 -15.89 0.66
CA GLU A 185 7.70 -16.39 -0.27
C GLU A 185 6.83 -15.25 -0.77
N GLU A 186 6.00 -14.72 0.10
CA GLU A 186 5.12 -13.61 -0.34
C GLU A 186 5.96 -12.45 -0.85
N MET A 187 7.24 -12.46 -0.55
CA MET A 187 8.11 -11.37 -1.02
C MET A 187 8.40 -11.54 -2.49
N LEU A 188 8.70 -12.75 -2.88
CA LEU A 188 8.99 -13.00 -4.31
C LEU A 188 7.77 -12.65 -5.15
N ALA A 189 6.63 -13.07 -4.67
CA ALA A 189 5.38 -12.77 -5.42
C ALA A 189 5.20 -11.28 -5.57
N ILE A 190 5.49 -10.55 -4.53
CA ILE A 190 5.35 -9.08 -4.58
C ILE A 190 6.27 -8.50 -5.65
N MET A 191 7.52 -8.89 -5.59
CA MET A 191 8.48 -8.38 -6.59
C MET A 191 8.06 -8.79 -7.99
N LYS A 192 7.42 -9.93 -8.08
CA LYS A 192 6.97 -10.40 -9.41
C LYS A 192 5.93 -9.46 -9.98
N SER A 193 5.05 -9.00 -9.12
CA SER A 193 4.00 -8.08 -9.60
C SER A 193 4.63 -6.78 -10.07
N ILE A 194 5.65 -6.36 -9.37
CA ILE A 194 6.33 -5.11 -9.76
C ILE A 194 6.84 -5.19 -11.19
N TYR A 195 7.54 -6.27 -11.47
CA TYR A 195 8.07 -6.43 -12.84
C TYR A 195 6.93 -6.43 -13.85
N ASP A 196 5.84 -7.06 -13.47
CA ASP A 196 4.69 -7.12 -14.38
C ASP A 196 4.06 -5.74 -14.49
N MET A 197 4.02 -5.04 -13.38
CA MET A 197 3.43 -3.69 -13.39
C MET A 197 4.12 -2.81 -14.40
N MET A 198 5.42 -2.95 -14.50
CA MET A 198 6.18 -2.13 -15.48
C MET A 198 5.55 -2.23 -16.85
N GLY A 199 4.95 -3.36 -17.13
CA GLY A 199 4.30 -3.54 -18.46
C GLY A 199 5.36 -3.74 -19.53
N ARG A 200 5.05 -4.57 -20.50
CA ARG A 200 6.01 -4.82 -21.60
C ARG A 200 6.70 -3.52 -22.03
N HIS A 201 6.05 -2.43 -21.76
CA HIS A 201 6.64 -1.11 -22.14
C HIS A 201 7.97 -0.90 -21.45
N THR A 202 8.99 -1.53 -21.96
CA THR A 202 10.34 -1.37 -21.35
C THR A 202 11.43 -1.86 -22.30
N TYR A 203 12.66 -1.54 -21.99
CA TYR A 203 13.76 -1.98 -22.88
C TYR A 203 15.10 -2.00 -22.14
N PRO A 204 15.22 -2.95 -21.24
CA PRO A 204 16.44 -3.11 -20.44
C PRO A 204 17.59 -3.66 -21.29
N ILE A 205 18.63 -2.85 -21.43
CA ILE A 205 19.80 -3.30 -22.24
C ILE A 205 20.98 -3.64 -21.34
N LEU A 206 20.72 -3.79 -20.07
CA LEU A 206 21.81 -4.12 -19.13
C LEU A 206 22.23 -5.58 -19.30
N ARG A 207 22.91 -6.10 -18.31
CA ARG A 207 23.37 -7.51 -18.39
C ARG A 207 22.37 -8.44 -17.71
N GLU A 208 21.59 -9.13 -18.50
CA GLU A 208 20.59 -10.06 -17.92
C GLU A 208 19.63 -9.32 -17.00
N ASP A 209 18.60 -10.01 -16.56
CA ASP A 209 17.62 -9.35 -15.66
C ASP A 209 17.01 -10.39 -14.71
N ALA A 210 16.69 -9.95 -13.51
CA ALA A 210 16.09 -10.89 -12.54
C ALA A 210 15.71 -10.16 -11.23
N PRO A 211 14.42 -10.07 -10.93
CA PRO A 211 13.97 -9.40 -9.71
C PRO A 211 14.45 -10.12 -8.45
N LEU A 212 14.52 -11.42 -8.54
CA LEU A 212 14.98 -12.21 -7.37
C LEU A 212 16.16 -11.54 -6.68
N GLU A 213 16.87 -10.73 -7.41
CA GLU A 213 18.04 -10.03 -6.82
C GLU A 213 17.59 -8.98 -5.81
N HIS A 214 16.55 -8.27 -6.13
CA HIS A 214 16.06 -7.23 -5.19
C HIS A 214 15.57 -7.86 -3.90
N VAL A 215 14.76 -8.88 -4.02
CA VAL A 215 14.24 -9.55 -2.80
C VAL A 215 15.39 -10.11 -1.98
N GLU A 216 16.38 -10.62 -2.65
CA GLU A 216 17.53 -11.20 -1.93
C GLU A 216 18.19 -10.14 -1.07
N ARG A 217 18.34 -8.97 -1.61
CA ARG A 217 18.98 -7.89 -0.82
C ARG A 217 18.09 -7.49 0.34
N PHE A 218 16.80 -7.55 0.13
CA PHE A 218 15.86 -7.18 1.21
C PHE A 218 15.89 -8.21 2.33
N PHE A 219 15.82 -9.46 1.95
CA PHE A 219 15.85 -10.51 3.00
C PHE A 219 17.24 -10.59 3.63
N GLN A 220 18.22 -10.17 2.87
CA GLN A 220 19.61 -10.20 3.40
C GLN A 220 19.72 -9.22 4.56
N LYS A 221 19.09 -8.09 4.40
CA LYS A 221 19.15 -7.07 5.47
C LYS A 221 18.04 -7.32 6.49
N MET A 222 17.09 -8.13 6.10
CA MET A 222 15.96 -8.45 7.02
C MET A 222 16.12 -9.85 7.59
N ASP A 223 15.03 -10.58 7.63
CA ASP A 223 15.08 -11.97 8.18
C ASP A 223 16.08 -12.09 9.33
N ARG A 224 16.77 -13.19 9.37
CA ARG A 224 17.77 -13.39 10.47
C ARG A 224 17.16 -13.17 11.84
N ASN A 225 16.72 -14.24 12.44
CA ASN A 225 16.10 -14.14 13.79
C ASN A 225 15.70 -15.50 14.32
N GLN A 226 14.98 -15.51 15.41
CA GLN A 226 14.55 -16.81 15.98
C GLN A 226 13.80 -17.64 14.95
N ASP A 227 13.65 -17.08 13.78
CA ASP A 227 12.94 -17.81 12.71
C ASP A 227 13.51 -17.45 11.34
N GLY A 228 12.63 -17.38 10.38
CA GLY A 228 13.08 -17.05 8.99
C GLY A 228 12.13 -16.02 8.37
N VAL A 229 10.97 -15.92 8.94
CA VAL A 229 9.98 -14.96 8.40
C VAL A 229 10.22 -13.58 8.99
N VAL A 230 9.83 -12.56 8.26
CA VAL A 230 10.03 -11.20 8.78
C VAL A 230 8.75 -10.70 9.44
N THR A 231 8.88 -10.27 10.66
CA THR A 231 7.69 -9.76 11.41
C THR A 231 7.80 -8.27 11.60
N ILE A 232 6.70 -7.64 11.90
CA ILE A 232 6.74 -6.17 12.10
C ILE A 232 7.95 -5.81 12.96
N ASP A 233 8.48 -6.80 13.63
CA ASP A 233 9.65 -6.55 14.49
C ASP A 233 10.91 -6.45 13.63
N GLU A 234 11.22 -7.51 12.92
CA GLU A 234 12.43 -7.46 12.06
C GLU A 234 12.29 -6.33 11.06
N PHE A 235 11.06 -5.94 10.83
CA PHE A 235 10.80 -4.84 9.88
C PHE A 235 11.24 -3.49 10.44
N LEU A 236 10.76 -3.18 11.62
CA LEU A 236 11.14 -1.90 12.24
C LEU A 236 12.62 -1.90 12.62
N GLU A 237 13.12 -3.02 13.04
CA GLU A 237 14.54 -3.08 13.42
C GLU A 237 15.42 -3.01 12.18
N THR A 238 14.90 -3.47 11.08
CA THR A 238 15.69 -3.43 9.82
C THR A 238 15.68 -2.02 9.24
N CYS A 239 14.52 -1.43 9.20
CA CYS A 239 14.43 -0.06 8.65
C CYS A 239 15.15 0.92 9.57
N GLN A 240 15.24 0.57 10.82
CA GLN A 240 15.93 1.47 11.78
C GLN A 240 17.42 1.49 11.51
N LYS A 241 18.01 0.32 11.46
CA LYS A 241 19.47 0.26 11.19
C LYS A 241 19.83 1.19 10.04
N ASP A 242 19.44 0.80 8.85
CA ASP A 242 19.73 1.64 7.67
C ASP A 242 18.50 2.46 7.29
N GLU A 243 18.30 3.55 7.98
CA GLU A 243 17.12 4.40 7.69
C GLU A 243 17.26 5.05 6.32
N ASN A 244 17.53 4.24 5.32
CA ASN A 244 17.67 4.79 3.96
C ASN A 244 17.24 3.78 2.91
N ILE A 245 17.32 2.51 3.24
CA ILE A 245 16.92 1.48 2.25
C ILE A 245 15.40 1.38 2.19
N MET A 246 14.78 1.31 3.34
CA MET A 246 13.31 1.21 3.34
C MET A 246 12.72 2.51 2.83
N ASN A 247 13.48 3.57 2.96
CA ASN A 247 12.97 4.86 2.47
C ASN A 247 12.78 4.76 0.97
N SER A 248 13.64 3.98 0.36
CA SER A 248 13.56 3.82 -1.10
C SER A 248 12.31 3.01 -1.42
N MET A 249 12.05 2.04 -0.59
CA MET A 249 10.86 1.19 -0.82
C MET A 249 9.62 2.05 -0.95
N GLN A 250 9.46 2.98 -0.03
CA GLN A 250 8.28 3.86 -0.09
C GLN A 250 8.34 4.73 -1.34
N LEU A 251 9.48 5.31 -1.59
CA LEU A 251 9.62 6.16 -2.79
C LEU A 251 9.49 5.32 -4.05
N PHE A 252 9.98 4.12 -3.99
CA PHE A 252 9.90 3.22 -5.17
C PHE A 252 8.46 2.78 -5.38
N GLU A 253 7.67 2.90 -4.35
CA GLU A 253 6.25 2.49 -4.45
C GLU A 253 5.39 3.65 -4.93
N ASN A 254 5.83 4.84 -4.64
CA ASN A 254 5.05 6.03 -5.08
C ASN A 254 4.55 5.85 -6.50
N VAL A 255 5.45 5.86 -7.43
CA VAL A 255 5.04 5.69 -8.84
C VAL A 255 6.21 5.22 -9.71
N ILE A 256 5.90 4.70 -10.86
CA ILE A 256 6.96 4.22 -11.77
C ILE A 256 6.63 4.53 -13.21
N PRO A 76 -27.16 17.02 8.47
CA PRO A 76 -27.39 16.62 9.85
C PRO A 76 -26.08 16.39 10.60
N GLU A 77 -26.15 15.65 11.66
CA GLU A 77 -24.91 15.37 12.45
C GLU A 77 -23.98 14.44 11.68
N GLY A 78 -24.32 14.17 10.45
CA GLY A 78 -23.47 13.26 9.63
C GLY A 78 -22.10 13.90 9.36
N LEU A 79 -22.12 15.10 8.84
CA LEU A 79 -20.83 15.79 8.55
C LEU A 79 -20.08 16.09 9.84
N ASP A 80 -20.70 16.81 10.72
CA ASP A 80 -20.03 17.15 11.99
C ASP A 80 -19.43 15.90 12.63
N GLN A 81 -20.11 14.79 12.48
CA GLN A 81 -19.59 13.53 13.07
C GLN A 81 -18.29 13.12 12.39
N LEU A 82 -18.30 13.19 11.07
CA LEU A 82 -17.08 12.81 10.32
C LEU A 82 -15.91 13.68 10.73
N GLN A 83 -16.21 14.93 10.99
CA GLN A 83 -15.13 15.87 11.41
C GLN A 83 -14.53 15.44 12.74
N ALA A 84 -15.37 15.20 13.70
CA ALA A 84 -14.86 14.78 15.03
C ALA A 84 -14.07 13.47 14.93
N GLN A 85 -14.58 12.56 14.16
CA GLN A 85 -13.87 11.27 14.01
C GLN A 85 -12.54 11.46 13.29
N THR A 86 -12.55 11.33 12.00
CA THR A 86 -11.29 11.49 11.24
C THR A 86 -10.85 12.95 11.23
N LYS A 87 -9.86 13.26 12.03
CA LYS A 87 -9.37 14.66 12.08
C LYS A 87 -9.03 15.16 10.69
N PHE A 88 -9.75 16.16 10.25
CA PHE A 88 -9.49 16.72 8.91
C PHE A 88 -10.27 18.02 8.72
N THR A 89 -9.57 19.05 8.31
CA THR A 89 -10.24 20.36 8.10
C THR A 89 -11.65 20.18 7.52
N LYS A 90 -12.64 20.51 8.31
CA LYS A 90 -14.03 20.37 7.82
C LYS A 90 -14.16 20.89 6.39
N LYS A 91 -13.41 21.91 6.07
CA LYS A 91 -13.48 22.46 4.70
C LYS A 91 -13.04 21.41 3.70
N GLU A 92 -11.78 21.07 3.76
CA GLU A 92 -11.27 20.05 2.82
C GLU A 92 -12.10 18.79 2.94
N LEU A 93 -12.65 18.59 4.11
CA LEU A 93 -13.48 17.39 4.33
C LEU A 93 -14.66 17.40 3.38
N GLN A 94 -15.29 18.54 3.27
CA GLN A 94 -16.45 18.65 2.37
C GLN A 94 -16.01 18.32 0.96
N SER A 95 -14.83 18.78 0.61
CA SER A 95 -14.32 18.51 -0.76
C SER A 95 -14.21 17.01 -0.98
N LEU A 96 -13.61 16.33 -0.03
CA LEU A 96 -13.47 14.87 -0.16
C LEU A 96 -14.83 14.23 -0.36
N TYR A 97 -15.79 14.71 0.39
CA TYR A 97 -17.16 14.14 0.25
C TYR A 97 -17.68 14.37 -1.16
N ARG A 98 -17.30 15.48 -1.73
CA ARG A 98 -17.77 15.79 -3.11
C ARG A 98 -17.33 14.68 -4.06
N GLY A 99 -16.08 14.31 -3.98
CA GLY A 99 -15.58 13.24 -4.88
C GLY A 99 -16.36 11.95 -4.61
N PHE A 100 -16.70 11.74 -3.36
CA PHE A 100 -17.46 10.52 -3.02
C PHE A 100 -18.90 10.64 -3.49
N LYS A 101 -19.34 11.87 -3.64
CA LYS A 101 -20.73 12.09 -4.09
C LYS A 101 -20.82 11.82 -5.58
N ASN A 102 -19.70 11.95 -6.24
CA ASN A 102 -19.69 11.71 -7.71
C ASN A 102 -20.03 10.25 -8.01
N GLU A 103 -19.70 9.39 -7.09
CA GLU A 103 -20.00 7.94 -7.31
C GLU A 103 -21.49 7.74 -7.55
N CYS A 104 -21.80 6.99 -8.58
CA CYS A 104 -23.23 6.74 -8.90
C CYS A 104 -23.76 5.42 -8.31
N PRO A 105 -22.88 4.45 -8.06
CA PRO A 105 -23.31 3.17 -7.52
C PRO A 105 -23.95 3.31 -6.14
N THR A 106 -23.15 3.34 -5.11
CA THR A 106 -23.72 3.49 -3.75
C THR A 106 -22.76 4.24 -2.82
N GLY A 107 -23.27 4.61 -1.67
CA GLY A 107 -22.41 5.36 -0.69
C GLY A 107 -21.39 4.41 -0.05
N LEU A 108 -20.97 3.44 -0.81
CA LEU A 108 -19.99 2.46 -0.29
C LEU A 108 -19.03 2.05 -1.40
N VAL A 109 -17.88 1.53 -1.01
CA VAL A 109 -16.89 1.09 -2.03
C VAL A 109 -16.44 -0.33 -1.75
N ASP A 110 -15.93 -0.99 -2.76
CA ASP A 110 -15.48 -2.38 -2.55
C ASP A 110 -14.30 -2.71 -3.44
N GLU A 111 -13.58 -3.75 -3.08
CA GLU A 111 -12.40 -4.16 -3.89
C GLU A 111 -12.69 -4.02 -5.37
N ASP A 112 -13.89 -4.40 -5.75
CA ASP A 112 -14.25 -4.29 -7.19
C ASP A 112 -14.10 -2.86 -7.67
N THR A 113 -14.62 -1.95 -6.88
CA THR A 113 -14.52 -0.53 -7.27
C THR A 113 -13.07 -0.08 -7.26
N PHE A 114 -12.35 -0.50 -6.26
CA PHE A 114 -10.92 -0.12 -6.17
C PHE A 114 -10.20 -0.56 -7.43
N LYS A 115 -10.60 -1.68 -7.97
CA LYS A 115 -9.96 -2.19 -9.19
C LYS A 115 -10.35 -1.33 -10.39
N LEU A 116 -11.57 -0.88 -10.41
CA LEU A 116 -12.02 -0.04 -11.54
C LEU A 116 -11.28 1.30 -11.54
N ILE A 117 -11.06 1.82 -10.37
CA ILE A 117 -10.34 3.12 -10.29
C ILE A 117 -8.90 2.95 -10.72
N TYR A 118 -8.27 1.91 -10.25
CA TYR A 118 -6.86 1.67 -10.62
C TYR A 118 -6.74 1.32 -12.10
N SER A 119 -7.70 0.58 -12.58
CA SER A 119 -7.66 0.20 -14.02
C SER A 119 -7.85 1.42 -14.91
N GLN A 120 -8.53 2.41 -14.38
CA GLN A 120 -8.76 3.64 -15.18
C GLN A 120 -7.65 4.65 -14.95
N PHE A 121 -6.96 4.52 -13.85
CA PHE A 121 -5.85 5.46 -13.56
C PHE A 121 -4.53 4.94 -14.11
N PHE A 122 -4.51 3.68 -14.46
CA PHE A 122 -3.26 3.10 -15.01
C PHE A 122 -3.56 2.05 -16.09
N PRO A 123 -4.20 2.51 -17.14
CA PRO A 123 -4.56 1.63 -18.25
C PRO A 123 -3.32 1.09 -18.95
N GLN A 124 -2.19 1.26 -18.33
CA GLN A 124 -0.93 0.75 -18.93
C GLN A 124 -1.04 -0.74 -19.25
N GLY A 125 -0.59 -1.57 -18.34
CA GLY A 125 -0.65 -3.04 -18.57
C GLY A 125 -1.63 -3.69 -17.58
N ASP A 126 -1.10 -4.54 -16.73
CA ASP A 126 -1.97 -5.22 -15.73
C ASP A 126 -1.79 -4.61 -14.36
N ALA A 127 -2.76 -4.79 -13.51
CA ALA A 127 -2.65 -4.22 -12.15
C ALA A 127 -3.64 -4.89 -11.19
N THR A 128 -4.45 -5.76 -11.73
CA THR A 128 -5.43 -6.46 -10.86
C THR A 128 -4.76 -7.00 -9.61
N THR A 129 -3.63 -7.61 -9.79
CA THR A 129 -2.91 -8.17 -8.61
C THR A 129 -2.51 -7.06 -7.66
N TYR A 130 -1.75 -6.12 -8.17
CA TYR A 130 -1.33 -5.00 -7.31
C TYR A 130 -2.53 -4.23 -6.77
N ALA A 131 -3.60 -4.28 -7.53
CA ALA A 131 -4.83 -3.56 -7.08
C ALA A 131 -5.38 -4.20 -5.82
N HIS A 132 -5.28 -5.50 -5.75
CA HIS A 132 -5.79 -6.19 -4.55
C HIS A 132 -4.94 -5.85 -3.34
N PHE A 133 -3.65 -5.81 -3.55
CA PHE A 133 -2.74 -5.49 -2.43
C PHE A 133 -2.97 -4.05 -1.97
N LEU A 134 -3.07 -3.15 -2.91
CA LEU A 134 -3.30 -1.74 -2.53
C LEU A 134 -4.57 -1.60 -1.71
N PHE A 135 -5.60 -2.30 -2.12
CA PHE A 135 -6.86 -2.22 -1.36
C PHE A 135 -6.65 -2.68 0.06
N ASN A 136 -5.89 -3.75 0.21
CA ASN A 136 -5.63 -4.28 1.56
C ASN A 136 -5.07 -3.16 2.45
N ALA A 137 -4.22 -2.36 1.87
CA ALA A 137 -3.62 -1.26 2.66
C ALA A 137 -4.69 -0.22 3.01
N PHE A 138 -5.64 -0.07 2.14
CA PHE A 138 -6.71 0.92 2.40
C PHE A 138 -7.80 0.32 3.28
N ASP A 139 -8.00 -0.96 3.17
CA ASP A 139 -9.04 -1.61 3.99
C ASP A 139 -8.67 -1.57 5.48
N ALA A 140 -9.66 -1.39 6.31
CA ALA A 140 -9.39 -1.34 7.77
C ALA A 140 -9.75 -2.68 8.42
N ASP A 141 -10.82 -3.27 7.97
CA ASP A 141 -11.25 -4.57 8.54
C ASP A 141 -10.91 -5.72 7.60
N GLY A 142 -10.73 -6.88 8.16
CA GLY A 142 -10.40 -8.06 7.30
C GLY A 142 -11.63 -8.54 6.53
N ASN A 143 -12.50 -7.61 6.20
CA ASN A 143 -13.72 -7.99 5.45
C ASN A 143 -13.53 -7.79 3.94
N GLY A 144 -13.82 -6.60 3.49
CA GLY A 144 -13.67 -6.31 2.04
C GLY A 144 -14.47 -5.06 1.66
N ALA A 145 -15.31 -4.63 2.57
CA ALA A 145 -16.14 -3.44 2.30
C ALA A 145 -15.50 -2.20 2.91
N ILE A 146 -15.35 -1.18 2.10
CA ILE A 146 -14.74 0.09 2.61
C ILE A 146 -15.74 1.24 2.49
N HIS A 147 -15.57 2.24 3.33
CA HIS A 147 -16.51 3.41 3.29
C HIS A 147 -15.75 4.71 3.08
N PHE A 148 -16.36 5.79 3.46
CA PHE A 148 -15.71 7.10 3.30
C PHE A 148 -14.70 7.32 4.41
N GLU A 149 -14.84 6.55 5.46
CA GLU A 149 -13.91 6.69 6.60
C GLU A 149 -12.54 6.16 6.22
N ASP A 150 -12.47 4.89 5.93
CA ASP A 150 -11.16 4.30 5.55
C ASP A 150 -10.50 5.17 4.51
N PHE A 151 -11.32 5.82 3.72
CA PHE A 151 -10.77 6.71 2.66
C PHE A 151 -10.13 7.93 3.30
N VAL A 152 -10.87 8.62 4.13
CA VAL A 152 -10.32 9.82 4.79
C VAL A 152 -9.19 9.42 5.73
N VAL A 153 -9.29 8.25 6.28
CA VAL A 153 -8.23 7.78 7.20
C VAL A 153 -6.91 7.64 6.47
N GLY A 154 -6.98 7.19 5.24
CA GLY A 154 -5.72 7.01 4.47
C GLY A 154 -5.10 8.38 4.20
N LEU A 155 -5.88 9.27 3.65
CA LEU A 155 -5.34 10.61 3.36
C LEU A 155 -4.68 11.18 4.62
N SER A 156 -5.23 10.83 5.75
CA SER A 156 -4.67 11.33 7.02
C SER A 156 -3.36 10.63 7.33
N ILE A 157 -3.25 9.38 6.96
CA ILE A 157 -2.00 8.65 7.24
C ILE A 157 -0.90 9.14 6.32
N LEU A 158 -1.29 9.61 5.16
CA LEU A 158 -0.29 10.11 4.20
C LEU A 158 0.00 11.59 4.45
N LEU A 159 -0.85 12.22 5.21
CA LEU A 159 -0.64 13.65 5.51
C LEU A 159 0.21 13.82 6.76
N ARG A 160 -0.37 13.54 7.89
CA ARG A 160 0.40 13.69 9.16
C ARG A 160 0.98 12.35 9.60
N GLY A 161 1.93 11.87 8.84
CA GLY A 161 2.55 10.57 9.20
C GLY A 161 4.03 10.55 8.77
N THR A 162 4.89 10.74 9.72
CA THR A 162 6.34 10.74 9.40
C THR A 162 6.77 9.39 8.84
N VAL A 163 8.03 9.28 8.51
CA VAL A 163 8.52 8.00 7.96
C VAL A 163 8.05 6.83 8.82
N HIS A 164 7.93 7.07 10.10
CA HIS A 164 7.46 5.99 10.99
C HIS A 164 6.07 5.52 10.59
N GLU A 165 5.13 6.43 10.61
CA GLU A 165 3.76 6.04 10.23
C GLU A 165 3.75 5.42 8.84
N LYS A 166 4.62 5.92 7.99
CA LYS A 166 4.68 5.38 6.61
C LYS A 166 5.15 3.93 6.65
N LEU A 167 6.24 3.70 7.33
CA LEU A 167 6.75 2.32 7.41
C LEU A 167 5.64 1.37 7.81
N LYS A 168 4.73 1.86 8.62
CA LYS A 168 3.61 0.99 9.05
C LYS A 168 2.69 0.72 7.88
N TRP A 169 2.41 1.74 7.11
CA TRP A 169 1.52 1.55 5.94
C TRP A 169 2.17 0.63 4.92
N ALA A 170 3.42 0.87 4.65
CA ALA A 170 4.13 0.02 3.67
C ALA A 170 4.19 -1.41 4.16
N PHE A 171 4.43 -1.56 5.44
CA PHE A 171 4.50 -2.92 6.00
C PHE A 171 3.17 -3.65 5.81
N ASN A 172 2.10 -2.90 5.90
CA ASN A 172 0.77 -3.51 5.72
C ASN A 172 0.57 -3.92 4.27
N LEU A 173 1.12 -3.15 3.38
CA LEU A 173 0.98 -3.47 1.94
C LEU A 173 1.58 -4.83 1.63
N TYR A 174 2.70 -5.10 2.24
CA TYR A 174 3.36 -6.41 1.98
C TYR A 174 2.90 -7.45 3.00
N ASP A 175 1.70 -7.94 2.82
CA ASP A 175 1.19 -8.97 3.78
C ASP A 175 0.21 -9.91 3.10
N ILE A 176 -0.48 -9.40 2.12
CA ILE A 176 -1.47 -10.25 1.42
C ILE A 176 -2.42 -10.92 2.40
N ASN A 177 -2.36 -12.22 2.49
CA ASN A 177 -3.24 -12.94 3.42
C ASN A 177 -3.17 -12.32 4.82
N LYS A 178 -4.14 -12.62 5.63
CA LYS A 178 -4.16 -12.05 6.99
C LYS A 178 -3.22 -12.82 7.91
N ASP A 179 -2.18 -12.17 8.37
CA ASP A 179 -1.22 -12.85 9.28
C ASP A 179 -0.30 -11.86 9.96
N GLY A 180 -0.23 -10.68 9.43
CA GLY A 180 0.66 -9.64 10.05
C GLY A 180 2.13 -10.07 9.95
N CYS A 181 2.44 -10.78 8.90
CA CYS A 181 3.84 -11.23 8.72
C CYS A 181 4.18 -11.36 7.24
N ILE A 182 5.45 -11.34 6.96
CA ILE A 182 5.91 -11.46 5.55
C ILE A 182 6.77 -12.70 5.41
N THR A 183 6.95 -13.13 4.21
CA THR A 183 7.79 -14.31 4.01
C THR A 183 8.41 -14.29 2.62
N LYS A 184 9.47 -15.02 2.44
CA LYS A 184 10.12 -15.04 1.11
C LYS A 184 9.09 -15.30 0.02
N GLU A 185 8.14 -16.16 0.31
CA GLU A 185 7.11 -16.47 -0.71
C GLU A 185 6.33 -15.23 -1.08
N GLU A 186 5.65 -14.66 -0.12
CA GLU A 186 4.86 -13.45 -0.41
C GLU A 186 5.72 -12.39 -1.08
N MET A 187 7.01 -12.47 -0.86
CA MET A 187 7.91 -11.47 -1.48
C MET A 187 8.06 -11.72 -2.97
N LEU A 188 8.17 -12.97 -3.34
CA LEU A 188 8.32 -13.29 -4.78
C LEU A 188 7.06 -12.86 -5.53
N ALA A 189 5.93 -13.11 -4.95
CA ALA A 189 4.67 -12.72 -5.61
C ALA A 189 4.52 -11.21 -5.65
N ILE A 190 5.02 -10.57 -4.63
CA ILE A 190 4.92 -9.09 -4.58
C ILE A 190 5.91 -8.46 -5.55
N MET A 191 7.11 -8.98 -5.57
CA MET A 191 8.12 -8.40 -6.49
C MET A 191 7.75 -8.72 -7.92
N LYS A 192 7.16 -9.87 -8.13
CA LYS A 192 6.78 -10.24 -9.51
C LYS A 192 5.72 -9.27 -10.01
N SER A 193 4.81 -8.92 -9.14
CA SER A 193 3.74 -7.98 -9.54
C SER A 193 4.34 -6.66 -9.98
N ILE A 194 5.25 -6.16 -9.19
CA ILE A 194 5.90 -4.88 -9.54
C ILE A 194 6.44 -4.94 -10.97
N TYR A 195 7.14 -6.00 -11.27
CA TYR A 195 7.70 -6.14 -12.63
C TYR A 195 6.58 -6.30 -13.65
N ASP A 196 5.59 -7.07 -13.29
CA ASP A 196 4.46 -7.28 -14.22
C ASP A 196 3.70 -5.99 -14.44
N MET A 197 3.62 -5.18 -13.41
CA MET A 197 2.89 -3.90 -13.55
C MET A 197 3.55 -3.02 -14.61
N MET A 198 4.84 -2.93 -14.54
CA MET A 198 5.56 -2.10 -15.54
C MET A 198 5.85 -2.91 -16.81
N GLY A 199 5.19 -2.54 -17.88
CA GLY A 199 5.41 -3.27 -19.16
C GLY A 199 6.84 -3.09 -19.64
N ARG A 200 7.41 -4.14 -20.17
CA ARG A 200 8.81 -4.05 -20.67
C ARG A 200 8.98 -2.85 -21.59
N HIS A 201 9.68 -1.86 -21.12
CA HIS A 201 9.90 -0.65 -21.95
C HIS A 201 11.25 -0.72 -22.66
N THR A 202 11.25 -1.30 -23.84
CA THR A 202 12.52 -1.41 -24.61
C THR A 202 13.72 -1.66 -23.70
N TYR A 203 14.84 -1.09 -24.05
CA TYR A 203 16.06 -1.28 -23.23
C TYR A 203 16.09 -0.24 -22.08
N PRO A 204 16.07 -0.71 -20.83
CA PRO A 204 16.10 0.20 -19.69
C PRO A 204 17.38 1.02 -19.67
N ILE A 205 17.67 1.62 -18.54
CA ILE A 205 18.90 2.45 -18.44
C ILE A 205 20.07 1.63 -17.89
N LEU A 206 19.75 0.67 -17.06
CA LEU A 206 20.82 -0.17 -16.48
C LEU A 206 21.07 -1.41 -17.33
N ARG A 207 22.15 -2.09 -17.08
CA ARG A 207 22.47 -3.29 -17.87
C ARG A 207 21.87 -4.55 -17.22
N GLU A 208 22.39 -4.89 -16.07
CA GLU A 208 21.86 -6.09 -15.38
C GLU A 208 20.76 -5.73 -14.38
N ASP A 209 19.82 -6.63 -14.22
CA ASP A 209 18.70 -6.36 -13.28
C ASP A 209 17.75 -7.55 -13.23
N ALA A 210 17.50 -8.04 -12.03
CA ALA A 210 16.57 -9.20 -11.89
C ALA A 210 15.74 -9.09 -10.59
N PRO A 211 14.44 -9.38 -10.68
CA PRO A 211 13.56 -9.30 -9.51
C PRO A 211 13.96 -10.34 -8.45
N LEU A 212 14.06 -11.57 -8.86
CA LEU A 212 14.44 -12.64 -7.90
C LEU A 212 15.64 -12.22 -7.04
N GLU A 213 16.61 -11.61 -7.68
CA GLU A 213 17.80 -11.18 -6.92
C GLU A 213 17.44 -10.13 -5.88
N HIS A 214 16.50 -9.28 -6.23
CA HIS A 214 16.09 -8.22 -5.27
C HIS A 214 15.44 -8.84 -4.04
N VAL A 215 14.42 -9.64 -4.27
CA VAL A 215 13.73 -10.27 -3.12
C VAL A 215 14.71 -11.10 -2.29
N GLU A 216 15.79 -11.51 -2.91
CA GLU A 216 16.78 -12.32 -2.16
C GLU A 216 17.56 -11.45 -1.19
N ARG A 217 18.10 -10.37 -1.67
CA ARG A 217 18.87 -9.48 -0.77
C ARG A 217 17.94 -8.80 0.23
N PHE A 218 16.74 -8.54 -0.20
CA PHE A 218 15.77 -7.88 0.69
C PHE A 218 15.32 -8.85 1.78
N PHE A 219 15.10 -10.09 1.40
CA PHE A 219 14.67 -11.08 2.41
C PHE A 219 15.88 -11.55 3.20
N GLN A 220 17.02 -11.46 2.58
CA GLN A 220 18.26 -11.91 3.27
C GLN A 220 18.64 -10.90 4.33
N LYS A 221 18.55 -9.63 3.99
CA LYS A 221 18.91 -8.61 4.97
C LYS A 221 17.97 -8.71 6.16
N MET A 222 16.70 -8.85 5.87
CA MET A 222 15.72 -8.97 6.97
C MET A 222 15.73 -10.40 7.50
N ASP A 223 14.55 -10.98 7.67
CA ASP A 223 14.49 -12.38 8.18
C ASP A 223 15.58 -12.60 9.24
N ARG A 224 15.93 -11.54 9.92
CA ARG A 224 16.97 -11.65 10.97
C ARG A 224 16.38 -12.04 12.32
N ASN A 225 16.22 -13.32 12.53
CA ASN A 225 15.65 -13.78 13.83
C ASN A 225 15.66 -15.30 13.92
N GLN A 226 15.32 -15.80 15.06
CA GLN A 226 15.30 -17.27 15.24
C GLN A 226 14.38 -17.92 14.22
N ASP A 227 13.24 -17.31 14.01
CA ASP A 227 12.28 -17.88 13.03
C ASP A 227 12.80 -17.72 11.61
N GLY A 228 11.91 -17.40 10.71
CA GLY A 228 12.34 -17.22 9.31
C GLY A 228 11.47 -16.17 8.61
N VAL A 229 10.30 -15.96 9.13
CA VAL A 229 9.40 -14.95 8.50
C VAL A 229 9.71 -13.57 9.04
N VAL A 230 9.28 -12.56 8.31
CA VAL A 230 9.53 -11.18 8.75
C VAL A 230 8.33 -10.63 9.50
N THR A 231 8.61 -9.94 10.57
CA THR A 231 7.53 -9.35 11.39
C THR A 231 7.76 -7.86 11.55
N ILE A 232 6.72 -7.15 11.91
CA ILE A 232 6.88 -5.69 12.08
C ILE A 232 8.20 -5.36 12.75
N ASP A 233 8.57 -6.17 13.71
CA ASP A 233 9.85 -5.91 14.41
C ASP A 233 11.01 -6.10 13.46
N GLU A 234 11.14 -7.29 12.93
CA GLU A 234 12.24 -7.55 11.98
C GLU A 234 12.23 -6.52 10.88
N PHE A 235 11.07 -6.00 10.60
CA PHE A 235 10.93 -4.98 9.55
C PHE A 235 11.42 -3.63 10.06
N LEU A 236 10.96 -3.27 11.23
CA LEU A 236 11.37 -1.98 11.80
C LEU A 236 12.84 -2.04 12.21
N GLU A 237 13.26 -3.19 12.65
CA GLU A 237 14.68 -3.33 13.06
C GLU A 237 15.59 -3.19 11.86
N THR A 238 15.18 -3.75 10.76
CA THR A 238 16.02 -3.66 9.55
C THR A 238 16.02 -2.24 9.00
N CYS A 239 14.86 -1.65 8.92
CA CYS A 239 14.76 -0.26 8.40
C CYS A 239 15.35 0.76 9.37
N GLN A 240 15.43 0.40 10.63
CA GLN A 240 16.00 1.37 11.62
C GLN A 240 17.52 1.21 11.75
N LYS A 241 17.97 0.00 11.88
CA LYS A 241 19.43 -0.21 12.00
C LYS A 241 20.17 0.27 10.76
N ASP A 242 21.39 -0.16 10.62
CA ASP A 242 22.19 0.27 9.44
C ASP A 242 21.53 -0.18 8.14
N GLU A 243 22.06 -1.22 7.54
CA GLU A 243 21.47 -1.71 6.28
C GLU A 243 21.27 -0.57 5.30
N ASN A 244 20.52 -0.82 4.26
CA ASN A 244 20.28 0.24 3.26
C ASN A 244 19.26 -0.21 2.21
N ILE A 245 18.72 -1.39 2.40
CA ILE A 245 17.73 -1.88 1.41
C ILE A 245 16.41 -1.15 1.58
N MET A 246 16.04 -0.91 2.81
CA MET A 246 14.76 -0.20 3.05
C MET A 246 14.79 1.17 2.40
N ASN A 247 15.87 1.87 2.58
CA ASN A 247 15.97 3.22 1.98
C ASN A 247 15.60 3.16 0.51
N SER A 248 16.09 2.14 -0.15
CA SER A 248 15.77 1.99 -1.59
C SER A 248 14.28 1.79 -1.78
N MET A 249 13.68 1.09 -0.86
CA MET A 249 12.23 0.85 -0.96
C MET A 249 11.47 2.16 -0.88
N GLN A 250 11.84 2.98 0.06
CA GLN A 250 11.16 4.29 0.21
C GLN A 250 11.17 5.04 -1.11
N LEU A 251 12.31 5.04 -1.75
CA LEU A 251 12.42 5.74 -3.05
C LEU A 251 11.51 5.10 -4.08
N PHE A 252 11.52 3.79 -4.09
CA PHE A 252 10.66 3.07 -5.06
C PHE A 252 9.19 3.27 -4.72
N GLU A 253 8.91 3.36 -3.45
CA GLU A 253 7.50 3.57 -3.02
C GLU A 253 7.01 4.94 -3.44
N ASN A 254 7.91 5.86 -3.58
CA ASN A 254 7.50 7.23 -3.99
C ASN A 254 6.58 7.16 -5.19
N VAL A 255 6.50 6.01 -5.80
CA VAL A 255 5.62 5.85 -6.99
C VAL A 255 4.26 5.28 -6.58
N ILE A 256 3.88 4.22 -7.25
CA ILE A 256 2.57 3.57 -6.93
C ILE A 256 1.51 4.62 -6.57
N PRO A 76 -28.34 17.62 9.48
CA PRO A 76 -28.18 18.53 8.33
C PRO A 76 -26.72 18.63 7.90
N GLU A 77 -25.89 19.14 8.77
CA GLU A 77 -24.46 19.27 8.43
C GLU A 77 -23.80 17.90 8.32
N GLY A 78 -23.76 17.38 7.12
CA GLY A 78 -23.13 16.04 6.93
C GLY A 78 -21.61 16.13 7.07
N LEU A 79 -21.00 16.97 6.29
CA LEU A 79 -19.52 17.12 6.37
C LEU A 79 -19.08 17.31 7.81
N ASP A 80 -19.82 18.10 8.54
CA ASP A 80 -19.45 18.35 9.95
C ASP A 80 -19.46 17.04 10.74
N GLN A 81 -20.54 16.32 10.63
CA GLN A 81 -20.62 15.04 11.36
C GLN A 81 -19.44 14.15 11.00
N LEU A 82 -19.12 14.10 9.74
CA LEU A 82 -17.98 13.27 9.30
C LEU A 82 -16.71 13.68 10.04
N GLN A 83 -16.43 14.96 10.00
CA GLN A 83 -15.22 15.45 10.68
C GLN A 83 -15.19 15.00 12.13
N ALA A 84 -16.32 15.08 12.79
CA ALA A 84 -16.38 14.66 14.21
C ALA A 84 -15.81 13.26 14.37
N GLN A 85 -16.34 12.34 13.61
CA GLN A 85 -15.85 10.94 13.71
C GLN A 85 -14.42 10.84 13.21
N THR A 86 -14.18 11.39 12.05
CA THR A 86 -12.81 11.34 11.48
C THR A 86 -12.07 12.64 11.75
N LYS A 87 -11.33 12.66 12.82
CA LYS A 87 -10.57 13.89 13.15
C LYS A 87 -9.85 14.43 11.93
N PHE A 88 -10.47 15.37 11.26
CA PHE A 88 -9.83 15.95 10.05
C PHE A 88 -10.24 17.41 9.87
N THR A 89 -9.72 18.03 8.84
CA THR A 89 -10.07 19.44 8.57
C THR A 89 -11.14 19.53 7.49
N LYS A 90 -12.25 20.15 7.82
CA LYS A 90 -13.35 20.27 6.82
C LYS A 90 -12.80 20.64 5.45
N LYS A 91 -11.66 21.27 5.42
CA LYS A 91 -11.07 21.65 4.12
C LYS A 91 -10.62 20.42 3.36
N GLU A 92 -9.61 19.77 3.87
CA GLU A 92 -9.12 18.56 3.18
C GLU A 92 -10.24 17.53 3.09
N LEU A 93 -11.18 17.62 4.00
CA LEU A 93 -12.29 16.64 3.98
C LEU A 93 -13.15 16.87 2.73
N GLN A 94 -13.36 18.13 2.41
CA GLN A 94 -14.17 18.42 1.22
C GLN A 94 -13.50 17.87 -0.02
N SER A 95 -12.20 18.05 -0.08
CA SER A 95 -11.46 17.52 -1.26
C SER A 95 -11.48 16.01 -1.27
N LEU A 96 -11.45 15.43 -0.10
CA LEU A 96 -11.48 13.95 -0.02
C LEU A 96 -12.87 13.44 -0.36
N TYR A 97 -13.86 14.06 0.22
CA TYR A 97 -15.24 13.60 -0.06
C TYR A 97 -15.53 13.78 -1.54
N ARG A 98 -14.88 14.74 -2.13
CA ARG A 98 -15.09 14.99 -3.57
C ARG A 98 -14.58 13.80 -4.38
N GLY A 99 -13.41 13.33 -4.03
CA GLY A 99 -12.85 12.16 -4.78
C GLY A 99 -13.79 10.97 -4.65
N PHE A 100 -14.44 10.87 -3.52
CA PHE A 100 -15.37 9.72 -3.33
C PHE A 100 -16.60 9.92 -4.21
N LYS A 101 -17.06 11.13 -4.28
CA LYS A 101 -18.24 11.42 -5.11
C LYS A 101 -17.97 11.05 -6.57
N ASN A 102 -16.73 11.18 -6.95
CA ASN A 102 -16.37 10.85 -8.36
C ASN A 102 -16.50 9.35 -8.62
N GLU A 103 -16.64 8.58 -7.58
CA GLU A 103 -16.78 7.11 -7.75
C GLU A 103 -17.88 6.54 -6.86
N CYS A 104 -18.92 6.06 -7.48
CA CYS A 104 -20.04 5.47 -6.69
C CYS A 104 -20.70 6.54 -5.81
N PRO A 105 -21.97 6.33 -5.50
CA PRO A 105 -22.72 7.27 -4.66
C PRO A 105 -22.11 7.38 -3.27
N THR A 106 -22.93 7.74 -2.32
CA THR A 106 -22.44 7.87 -0.93
C THR A 106 -22.80 6.63 -0.11
N GLY A 107 -22.09 5.57 -0.36
CA GLY A 107 -22.37 4.30 0.39
C GLY A 107 -21.06 3.57 0.71
N LEU A 108 -20.67 2.68 -0.17
CA LEU A 108 -19.42 1.93 0.07
C LEU A 108 -18.76 1.55 -1.25
N VAL A 109 -17.48 1.25 -1.18
CA VAL A 109 -16.74 0.86 -2.42
C VAL A 109 -16.31 -0.61 -2.34
N ASP A 110 -16.10 -1.21 -3.49
CA ASP A 110 -15.68 -2.65 -3.52
C ASP A 110 -14.29 -2.79 -4.12
N GLU A 111 -13.65 -3.90 -3.84
CA GLU A 111 -12.29 -4.12 -4.40
C GLU A 111 -12.28 -3.90 -5.90
N ASP A 112 -13.36 -4.23 -6.54
CA ASP A 112 -13.41 -4.05 -8.02
C ASP A 112 -13.17 -2.59 -8.37
N THR A 113 -14.03 -1.74 -7.89
CA THR A 113 -13.87 -0.30 -8.19
C THR A 113 -12.44 0.14 -7.91
N PHE A 114 -11.85 -0.42 -6.87
CA PHE A 114 -10.46 -0.04 -6.54
C PHE A 114 -9.56 -0.25 -7.74
N LYS A 115 -9.70 -1.40 -8.36
CA LYS A 115 -8.86 -1.69 -9.54
C LYS A 115 -9.13 -0.66 -10.63
N LEU A 116 -10.35 -0.19 -10.68
CA LEU A 116 -10.69 0.82 -11.70
C LEU A 116 -9.99 2.14 -11.41
N ILE A 117 -9.83 2.43 -10.14
CA ILE A 117 -9.15 3.70 -9.76
C ILE A 117 -7.69 3.66 -10.19
N TYR A 118 -7.02 2.60 -9.87
CA TYR A 118 -5.58 2.51 -10.26
C TYR A 118 -5.44 2.42 -11.77
N SER A 119 -6.34 1.70 -12.40
CA SER A 119 -6.27 1.58 -13.86
C SER A 119 -6.73 2.87 -14.52
N GLN A 120 -7.31 3.73 -13.72
CA GLN A 120 -7.80 5.03 -14.27
C GLN A 120 -6.67 6.07 -14.23
N PHE A 121 -5.87 6.01 -13.20
CA PHE A 121 -4.76 6.98 -13.09
C PHE A 121 -3.70 6.70 -14.14
N PHE A 122 -3.67 5.48 -14.61
CA PHE A 122 -2.67 5.09 -15.64
C PHE A 122 -3.36 4.40 -16.83
N PRO A 123 -2.89 4.66 -18.04
CA PRO A 123 -3.48 4.06 -19.23
C PRO A 123 -3.45 2.53 -19.15
N GLN A 124 -4.56 1.95 -18.81
CA GLN A 124 -4.62 0.47 -18.71
C GLN A 124 -3.38 -0.07 -18.00
N GLY A 125 -2.87 -1.16 -18.52
CA GLY A 125 -1.66 -1.78 -17.89
C GLY A 125 -2.04 -3.08 -17.18
N ASP A 126 -1.17 -3.53 -16.31
CA ASP A 126 -1.45 -4.79 -15.56
C ASP A 126 -1.30 -4.57 -14.06
N ALA A 127 -1.83 -3.47 -13.60
CA ALA A 127 -1.73 -3.17 -12.15
C ALA A 127 -2.77 -3.97 -11.37
N THR A 128 -3.52 -4.78 -12.07
CA THR A 128 -4.55 -5.58 -11.37
C THR A 128 -3.95 -6.29 -10.16
N THR A 129 -2.85 -6.96 -10.39
CA THR A 129 -2.20 -7.69 -9.28
C THR A 129 -1.85 -6.73 -8.15
N TYR A 130 -1.15 -5.68 -8.48
CA TYR A 130 -0.77 -4.70 -7.45
C TYR A 130 -2.01 -4.02 -6.88
N ALA A 131 -3.07 -4.03 -7.62
CA ALA A 131 -4.32 -3.39 -7.14
C ALA A 131 -4.96 -4.24 -6.06
N HIS A 132 -4.93 -5.52 -6.25
CA HIS A 132 -5.53 -6.43 -5.25
C HIS A 132 -4.75 -6.37 -3.94
N PHE A 133 -3.45 -6.48 -4.04
CA PHE A 133 -2.63 -6.42 -2.81
C PHE A 133 -2.83 -5.10 -2.11
N LEU A 134 -2.96 -4.06 -2.89
CA LEU A 134 -3.16 -2.72 -2.29
C LEU A 134 -4.40 -2.73 -1.40
N PHE A 135 -5.47 -3.25 -1.92
CA PHE A 135 -6.71 -3.29 -1.12
C PHE A 135 -6.43 -3.94 0.22
N ASN A 136 -5.74 -5.06 0.18
CA ASN A 136 -5.43 -5.75 1.44
C ASN A 136 -4.85 -4.78 2.45
N ALA A 137 -4.00 -3.91 1.96
CA ALA A 137 -3.38 -2.91 2.86
C ALA A 137 -4.43 -1.96 3.43
N PHE A 138 -5.23 -1.41 2.57
CA PHE A 138 -6.29 -0.47 3.03
C PHE A 138 -7.26 -1.19 3.97
N ASP A 139 -8.26 -0.47 4.40
CA ASP A 139 -9.26 -1.09 5.31
C ASP A 139 -8.59 -1.55 6.62
N ALA A 140 -9.40 -1.81 7.61
CA ALA A 140 -8.83 -2.27 8.90
C ALA A 140 -9.83 -3.14 9.64
N ASP A 141 -10.99 -3.30 9.08
CA ASP A 141 -12.03 -4.13 9.73
C ASP A 141 -13.07 -4.58 8.71
N GLY A 142 -12.95 -4.07 7.51
CA GLY A 142 -13.93 -4.45 6.46
C GLY A 142 -13.67 -5.90 6.00
N ASN A 143 -14.73 -6.68 5.97
CA ASN A 143 -14.57 -8.09 5.53
C ASN A 143 -14.36 -8.18 4.03
N GLY A 144 -14.63 -7.09 3.36
CA GLY A 144 -14.47 -7.08 1.87
C GLY A 144 -15.07 -5.82 1.28
N ALA A 145 -15.21 -4.82 2.11
CA ALA A 145 -15.80 -3.54 1.63
C ALA A 145 -15.14 -2.36 2.33
N ILE A 146 -15.13 -1.23 1.66
CA ILE A 146 -14.52 -0.01 2.26
C ILE A 146 -15.49 1.16 2.22
N HIS A 147 -15.44 1.98 3.24
CA HIS A 147 -16.34 3.16 3.30
C HIS A 147 -15.54 4.46 3.35
N PHE A 148 -16.16 5.54 3.00
CA PHE A 148 -15.44 6.83 3.02
C PHE A 148 -14.67 6.99 4.33
N GLU A 149 -15.21 6.43 5.38
CA GLU A 149 -14.52 6.55 6.68
C GLU A 149 -13.17 5.87 6.62
N ASP A 150 -13.19 4.57 6.39
CA ASP A 150 -11.90 3.84 6.31
C ASP A 150 -10.96 4.56 5.36
N PHE A 151 -11.53 5.11 4.32
CA PHE A 151 -10.69 5.84 3.34
C PHE A 151 -10.04 7.04 4.00
N VAL A 152 -10.83 7.81 4.70
CA VAL A 152 -10.28 9.00 5.37
C VAL A 152 -9.27 8.57 6.43
N VAL A 153 -9.60 7.51 7.13
CA VAL A 153 -8.68 7.03 8.18
C VAL A 153 -7.33 6.68 7.58
N GLY A 154 -7.36 6.02 6.45
CA GLY A 154 -6.08 5.65 5.80
C GLY A 154 -5.27 6.91 5.50
N LEU A 155 -5.89 7.85 4.82
CA LEU A 155 -5.17 9.09 4.50
C LEU A 155 -4.44 9.58 5.74
N SER A 156 -5.08 9.42 6.86
CA SER A 156 -4.46 9.87 8.13
C SER A 156 -3.21 9.07 8.40
N ILE A 157 -3.26 7.78 8.13
CA ILE A 157 -2.07 6.95 8.37
C ILE A 157 -0.95 7.34 7.41
N LEU A 158 -1.34 7.72 6.22
CA LEU A 158 -0.33 8.12 5.22
C LEU A 158 0.12 9.55 5.49
N LEU A 159 -0.82 10.43 5.65
CA LEU A 159 -0.48 11.85 5.92
C LEU A 159 -0.11 12.02 7.39
N ARG A 160 -1.04 11.68 8.25
CA ARG A 160 -0.77 11.81 9.69
C ARG A 160 0.04 10.62 10.20
N GLY A 161 0.26 10.57 11.49
CA GLY A 161 1.03 9.43 12.05
C GLY A 161 2.51 9.57 11.68
N THR A 162 3.37 9.08 12.53
CA THR A 162 4.83 9.16 12.24
C THR A 162 5.24 8.07 11.26
N VAL A 163 6.43 8.20 10.73
CA VAL A 163 6.91 7.19 9.77
C VAL A 163 6.61 5.78 10.27
N HIS A 164 6.47 5.65 11.56
CA HIS A 164 6.17 4.32 12.13
C HIS A 164 4.83 3.80 11.62
N GLU A 165 3.83 4.63 11.70
CA GLU A 165 2.49 4.20 11.23
C GLU A 165 2.53 3.85 9.75
N LYS A 166 3.24 4.66 8.99
CA LYS A 166 3.33 4.39 7.54
C LYS A 166 4.00 3.05 7.28
N LEU A 167 5.02 2.75 8.05
CA LEU A 167 5.72 1.47 7.85
C LEU A 167 4.77 0.31 8.07
N LYS A 168 3.98 0.40 9.10
CA LYS A 168 3.03 -0.70 9.37
C LYS A 168 2.14 -0.93 8.16
N TRP A 169 1.73 0.15 7.56
CA TRP A 169 0.86 0.02 6.36
C TRP A 169 1.60 -0.73 5.26
N ALA A 170 2.81 -0.32 5.01
CA ALA A 170 3.60 -0.99 3.96
C ALA A 170 3.84 -2.45 4.34
N PHE A 171 4.10 -2.67 5.59
CA PHE A 171 4.34 -4.04 6.06
C PHE A 171 3.16 -4.94 5.69
N ASN A 172 1.98 -4.38 5.76
CA ASN A 172 0.79 -5.18 5.40
C ASN A 172 0.66 -5.33 3.90
N LEU A 173 1.00 -4.28 3.19
CA LEU A 173 0.91 -4.33 1.72
C LEU A 173 1.72 -5.50 1.16
N TYR A 174 2.90 -5.68 1.69
CA TYR A 174 3.75 -6.80 1.20
C TYR A 174 3.25 -8.12 1.76
N ASP A 175 1.96 -8.26 1.84
CA ASP A 175 1.40 -9.53 2.37
C ASP A 175 -0.05 -9.70 1.96
N ILE A 176 -0.30 -10.66 1.10
CA ILE A 176 -1.69 -10.89 0.64
C ILE A 176 -2.31 -12.04 1.42
N ASN A 177 -1.56 -13.09 1.60
CA ASN A 177 -2.11 -14.25 2.35
C ASN A 177 -2.30 -13.89 3.81
N LYS A 178 -3.17 -14.61 4.47
CA LYS A 178 -3.42 -14.32 5.91
C LYS A 178 -2.10 -14.19 6.67
N ASP A 179 -1.60 -15.31 7.11
CA ASP A 179 -0.31 -15.31 7.87
C ASP A 179 -0.22 -14.11 8.80
N GLY A 180 0.84 -13.35 8.65
CA GLY A 180 1.03 -12.15 9.51
C GLY A 180 2.50 -11.75 9.50
N CYS A 181 3.28 -12.48 8.74
CA CYS A 181 4.73 -12.18 8.66
C CYS A 181 5.18 -12.12 7.19
N ILE A 182 6.30 -11.50 6.97
CA ILE A 182 6.80 -11.39 5.59
C ILE A 182 7.78 -12.51 5.31
N THR A 183 8.01 -12.78 4.07
CA THR A 183 8.96 -13.86 3.76
C THR A 183 9.62 -13.62 2.39
N LYS A 184 10.72 -14.27 2.18
CA LYS A 184 11.44 -14.08 0.89
C LYS A 184 10.52 -14.41 -0.30
N GLU A 185 9.76 -15.46 -0.16
CA GLU A 185 8.83 -15.84 -1.26
C GLU A 185 7.81 -14.75 -1.52
N GLU A 186 7.12 -14.36 -0.49
CA GLU A 186 6.10 -13.28 -0.66
C GLU A 186 6.75 -12.01 -1.18
N MET A 187 7.97 -11.78 -0.78
CA MET A 187 8.67 -10.57 -1.25
C MET A 187 8.94 -10.64 -2.74
N LEU A 188 9.23 -11.82 -3.21
CA LEU A 188 9.50 -11.98 -4.66
C LEU A 188 8.26 -11.69 -5.48
N ALA A 189 7.14 -12.10 -4.95
CA ALA A 189 5.87 -11.85 -5.69
C ALA A 189 5.61 -10.35 -5.81
N ILE A 190 5.90 -9.64 -4.76
CA ILE A 190 5.68 -8.17 -4.78
C ILE A 190 6.57 -7.51 -5.83
N MET A 191 7.83 -7.85 -5.81
CA MET A 191 8.76 -7.25 -6.81
C MET A 191 8.37 -7.68 -8.21
N LYS A 192 7.92 -8.90 -8.32
CA LYS A 192 7.51 -9.39 -9.66
C LYS A 192 6.35 -8.56 -10.19
N SER A 193 5.40 -8.29 -9.33
CA SER A 193 4.23 -7.49 -9.76
C SER A 193 4.67 -6.14 -10.31
N ILE A 194 5.49 -5.45 -9.56
CA ILE A 194 5.96 -4.13 -10.02
C ILE A 194 6.68 -4.26 -11.35
N TYR A 195 7.50 -5.27 -11.46
CA TYR A 195 8.24 -5.46 -12.73
C TYR A 195 7.28 -5.66 -13.89
N ASP A 196 6.18 -6.31 -13.61
CA ASP A 196 5.19 -6.55 -14.68
C ASP A 196 4.22 -5.37 -14.79
N MET A 197 4.08 -4.66 -13.71
CA MET A 197 3.15 -3.49 -13.73
C MET A 197 3.71 -2.39 -14.61
N MET A 198 5.00 -2.38 -14.78
CA MET A 198 5.62 -1.33 -15.62
C MET A 198 4.83 -1.13 -16.91
N GLY A 199 4.40 0.08 -17.13
CA GLY A 199 3.61 0.36 -18.37
C GLY A 199 4.50 0.19 -19.62
N ARG A 200 4.75 1.27 -20.30
CA ARG A 200 5.60 1.18 -21.52
C ARG A 200 5.10 0.07 -22.44
N HIS A 201 5.92 -0.27 -23.41
CA HIS A 201 5.52 -1.35 -24.35
C HIS A 201 6.66 -1.71 -25.30
N THR A 202 6.76 -2.98 -25.59
CA THR A 202 7.85 -3.44 -26.51
C THR A 202 9.17 -2.72 -26.24
N TYR A 203 9.92 -3.24 -25.31
CA TYR A 203 11.22 -2.59 -25.00
C TYR A 203 12.07 -3.50 -24.08
N PRO A 204 12.18 -4.75 -24.46
CA PRO A 204 12.95 -5.73 -23.69
C PRO A 204 14.39 -5.28 -23.47
N ILE A 205 14.97 -5.78 -22.42
CA ILE A 205 16.38 -5.42 -22.11
C ILE A 205 17.09 -6.58 -21.42
N LEU A 206 16.51 -7.74 -21.56
CA LEU A 206 17.10 -8.95 -20.93
C LEU A 206 17.44 -8.72 -19.47
N ARG A 207 16.48 -9.02 -18.61
CA ARG A 207 16.70 -8.83 -17.14
C ARG A 207 17.54 -7.61 -16.82
N GLU A 208 18.84 -7.78 -16.84
CA GLU A 208 19.74 -6.64 -16.56
C GLU A 208 19.69 -6.28 -15.07
N ASP A 209 18.65 -6.73 -14.42
CA ASP A 209 18.51 -6.44 -12.97
C ASP A 209 17.61 -7.49 -12.32
N ALA A 210 18.06 -8.71 -12.35
CA ALA A 210 17.27 -9.81 -11.75
C ALA A 210 16.68 -9.39 -10.38
N PRO A 211 15.36 -9.43 -10.25
CA PRO A 211 14.70 -9.05 -9.00
C PRO A 211 15.11 -9.97 -7.85
N LEU A 212 16.17 -10.71 -8.05
CA LEU A 212 16.62 -11.63 -6.98
C LEU A 212 17.58 -10.92 -6.02
N GLU A 213 18.72 -10.54 -6.52
CA GLU A 213 19.71 -9.85 -5.67
C GLU A 213 19.04 -8.83 -4.76
N HIS A 214 18.01 -8.21 -5.25
CA HIS A 214 17.31 -7.20 -4.41
C HIS A 214 16.61 -7.87 -3.24
N VAL A 215 15.64 -8.69 -3.53
CA VAL A 215 14.92 -9.38 -2.43
C VAL A 215 15.89 -10.22 -1.62
N GLU A 216 17.04 -10.49 -2.20
CA GLU A 216 18.04 -11.31 -1.48
C GLU A 216 18.72 -10.48 -0.40
N ARG A 217 19.21 -9.33 -0.78
CA ARG A 217 19.89 -8.47 0.22
C ARG A 217 18.88 -8.04 1.27
N PHE A 218 17.66 -7.90 0.85
CA PHE A 218 16.60 -7.48 1.79
C PHE A 218 16.44 -8.52 2.89
N PHE A 219 16.36 -9.77 2.51
CA PHE A 219 16.21 -10.83 3.53
C PHE A 219 17.51 -10.97 4.32
N GLN A 220 18.59 -10.62 3.69
CA GLN A 220 19.90 -10.73 4.39
C GLN A 220 19.99 -9.69 5.48
N LYS A 221 19.55 -8.49 5.18
CA LYS A 221 19.61 -7.43 6.19
C LYS A 221 18.55 -7.65 7.26
N MET A 222 17.43 -8.21 6.83
CA MET A 222 16.33 -8.47 7.77
C MET A 222 16.22 -9.97 8.05
N ASP A 223 15.05 -10.40 8.43
CA ASP A 223 14.86 -11.84 8.71
C ASP A 223 16.00 -12.37 9.58
N ARG A 224 16.42 -11.58 10.52
CA ARG A 224 17.53 -12.02 11.41
C ARG A 224 16.97 -12.67 12.67
N ASN A 225 16.62 -13.93 12.55
CA ASN A 225 16.07 -14.64 13.72
C ASN A 225 15.77 -16.09 13.37
N GLN A 226 15.30 -16.83 14.33
CA GLN A 226 14.98 -18.25 14.06
C GLN A 226 13.62 -18.39 13.39
N ASP A 227 12.88 -17.32 13.35
CA ASP A 227 11.54 -17.37 12.72
C ASP A 227 11.65 -17.41 11.20
N GLY A 228 12.79 -17.03 10.69
CA GLY A 228 12.97 -17.04 9.22
C GLY A 228 12.13 -15.95 8.55
N VAL A 229 10.92 -15.80 8.99
CA VAL A 229 10.07 -14.77 8.37
C VAL A 229 10.35 -13.42 8.99
N VAL A 230 10.00 -12.38 8.27
CA VAL A 230 10.25 -11.03 8.82
C VAL A 230 9.00 -10.48 9.49
N THR A 231 9.18 -10.03 10.71
CA THR A 231 8.03 -9.48 11.48
C THR A 231 8.20 -7.99 11.70
N ILE A 232 7.11 -7.33 12.02
CA ILE A 232 7.18 -5.86 12.25
C ILE A 232 8.44 -5.50 13.03
N ASP A 233 8.90 -6.40 13.85
CA ASP A 233 10.12 -6.12 14.63
C ASP A 233 11.32 -6.01 13.71
N GLU A 234 11.67 -7.09 13.09
CA GLU A 234 12.83 -7.06 12.17
C GLU A 234 12.60 -6.01 11.08
N PHE A 235 11.35 -5.70 10.87
CA PHE A 235 11.00 -4.70 9.84
C PHE A 235 11.29 -3.29 10.35
N LEU A 236 10.73 -2.97 11.48
CA LEU A 236 10.97 -1.62 12.02
C LEU A 236 12.41 -1.48 12.46
N GLU A 237 13.00 -2.57 12.88
CA GLU A 237 14.41 -2.50 13.32
C GLU A 237 15.34 -2.25 12.13
N THR A 238 15.04 -2.89 11.03
CA THR A 238 15.89 -2.71 9.84
C THR A 238 15.69 -1.33 9.23
N CYS A 239 14.45 -0.93 9.11
CA CYS A 239 14.16 0.40 8.52
C CYS A 239 14.65 1.52 9.44
N GLN A 240 14.48 1.35 10.72
CA GLN A 240 14.94 2.40 11.66
C GLN A 240 16.42 2.67 11.51
N LYS A 241 17.21 1.64 11.59
CA LYS A 241 18.67 1.83 11.45
C LYS A 241 18.99 2.78 10.29
N ASP A 242 19.98 3.61 10.49
CA ASP A 242 20.36 4.57 9.42
C ASP A 242 20.82 3.82 8.17
N GLU A 243 20.20 4.13 7.06
CA GLU A 243 20.59 3.46 5.81
C GLU A 243 19.96 4.14 4.61
N ASN A 244 19.32 3.37 3.77
CA ASN A 244 18.68 3.96 2.58
C ASN A 244 17.83 2.94 1.84
N ILE A 245 17.95 1.70 2.26
CA ILE A 245 17.15 0.64 1.59
C ILE A 245 15.67 0.85 1.88
N MET A 246 15.32 0.90 3.13
CA MET A 246 13.90 1.09 3.46
C MET A 246 13.48 2.50 3.06
N ASN A 247 14.41 3.41 3.11
CA ASN A 247 14.08 4.79 2.72
C ASN A 247 13.59 4.79 1.29
N SER A 248 14.19 3.95 0.49
CA SER A 248 13.80 3.87 -0.92
C SER A 248 12.37 3.34 -1.01
N MET A 249 12.12 2.28 -0.28
CA MET A 249 10.76 1.70 -0.31
C MET A 249 9.73 2.79 -0.05
N GLN A 250 10.02 3.64 0.90
CA GLN A 250 9.06 4.73 1.21
C GLN A 250 8.78 5.55 -0.04
N LEU A 251 9.83 6.04 -0.64
CA LEU A 251 9.65 6.85 -1.87
C LEU A 251 9.08 5.98 -2.99
N PHE A 252 9.46 4.74 -2.99
CA PHE A 252 8.96 3.82 -4.04
C PHE A 252 7.49 3.48 -3.79
N GLU A 253 7.09 3.55 -2.55
CA GLU A 253 5.69 3.24 -2.23
C GLU A 253 4.79 4.45 -2.44
N ASN A 254 5.33 5.61 -2.17
CA ASN A 254 4.53 6.85 -2.35
C ASN A 254 4.22 7.08 -3.82
N VAL A 255 2.96 7.34 -4.10
CA VAL A 255 2.53 7.58 -5.52
C VAL A 255 3.35 6.75 -6.50
N ILE A 256 3.32 5.46 -6.34
CA ILE A 256 4.09 4.59 -7.25
C ILE A 256 3.70 4.84 -8.70
N PRO A 76 -25.84 11.09 16.09
CA PRO A 76 -25.63 10.75 14.68
C PRO A 76 -24.63 11.70 14.02
N GLU A 77 -23.90 12.42 14.82
CA GLU A 77 -22.90 13.35 14.25
C GLU A 77 -21.71 12.59 13.66
N GLY A 78 -21.94 11.98 12.52
CA GLY A 78 -20.84 11.21 11.86
C GLY A 78 -19.84 12.16 11.21
N LEU A 79 -20.35 13.16 10.54
CA LEU A 79 -19.44 14.13 9.87
C LEU A 79 -18.61 14.87 10.92
N ASP A 80 -19.28 15.58 11.79
CA ASP A 80 -18.54 16.33 12.83
C ASP A 80 -17.51 15.45 13.50
N GLN A 81 -17.92 14.28 13.89
CA GLN A 81 -16.97 13.36 14.56
C GLN A 81 -15.76 13.13 13.66
N LEU A 82 -16.00 12.95 12.40
CA LEU A 82 -14.88 12.72 11.46
C LEU A 82 -13.89 13.88 11.52
N GLN A 83 -14.42 15.08 11.47
CA GLN A 83 -13.53 16.26 11.52
C GLN A 83 -12.63 16.21 12.74
N ALA A 84 -13.16 15.70 13.81
CA ALA A 84 -12.34 15.61 15.05
C ALA A 84 -11.36 14.44 14.97
N GLN A 85 -11.68 13.48 14.15
CA GLN A 85 -10.78 12.30 14.00
C GLN A 85 -9.91 12.42 12.75
N THR A 86 -10.50 12.15 11.62
CA THR A 86 -9.72 12.25 10.35
C THR A 86 -9.76 13.65 9.78
N LYS A 87 -9.13 13.82 8.64
CA LYS A 87 -9.11 15.15 7.99
C LYS A 87 -8.56 16.23 8.93
N PHE A 88 -8.35 17.40 8.39
CA PHE A 88 -7.82 18.53 9.20
C PHE A 88 -8.91 19.55 9.48
N THR A 89 -9.61 19.95 8.44
CA THR A 89 -10.70 20.95 8.61
C THR A 89 -12.02 20.38 8.08
N LYS A 90 -13.07 21.15 8.21
CA LYS A 90 -14.38 20.68 7.70
C LYS A 90 -14.62 21.12 6.25
N LYS A 91 -14.21 22.31 5.94
CA LYS A 91 -14.42 22.79 4.55
C LYS A 91 -13.74 21.85 3.55
N GLU A 92 -12.48 21.62 3.74
CA GLU A 92 -11.78 20.73 2.79
C GLU A 92 -12.42 19.35 2.83
N LEU A 93 -13.03 19.03 3.95
CA LEU A 93 -13.69 17.72 4.06
C LEU A 93 -14.81 17.64 3.05
N GLN A 94 -15.57 18.70 2.97
CA GLN A 94 -16.69 18.72 2.01
C GLN A 94 -16.15 18.48 0.62
N SER A 95 -15.00 19.07 0.35
CA SER A 95 -14.40 18.90 -0.99
C SER A 95 -13.97 17.45 -1.18
N LEU A 96 -13.36 16.89 -0.16
CA LEU A 96 -12.93 15.47 -0.27
C LEU A 96 -14.13 14.58 -0.46
N TYR A 97 -15.16 14.83 0.30
CA TYR A 97 -16.38 14.01 0.17
C TYR A 97 -17.03 14.25 -1.18
N ARG A 98 -16.97 15.47 -1.63
CA ARG A 98 -17.58 15.79 -2.93
C ARG A 98 -16.96 14.92 -4.02
N GLY A 99 -15.68 14.71 -3.93
CA GLY A 99 -15.01 13.87 -4.96
C GLY A 99 -15.45 12.41 -4.80
N PHE A 100 -15.63 12.00 -3.57
CA PHE A 100 -16.05 10.61 -3.32
C PHE A 100 -17.45 10.39 -3.89
N LYS A 101 -18.26 11.40 -3.83
CA LYS A 101 -19.64 11.28 -4.35
C LYS A 101 -19.62 11.32 -5.88
N ASN A 102 -18.73 12.10 -6.41
CA ASN A 102 -18.63 12.20 -7.89
C ASN A 102 -18.13 10.89 -8.48
N GLU A 103 -17.38 10.16 -7.70
CA GLU A 103 -16.87 8.86 -8.20
C GLU A 103 -18.00 7.86 -8.37
N CYS A 104 -18.91 7.88 -7.44
CA CYS A 104 -20.05 6.92 -7.53
C CYS A 104 -21.12 7.28 -6.47
N PRO A 105 -22.39 7.18 -6.86
CA PRO A 105 -23.49 7.49 -5.94
C PRO A 105 -23.44 6.60 -4.71
N THR A 106 -23.19 5.33 -4.91
CA THR A 106 -23.13 4.41 -3.77
C THR A 106 -22.30 5.00 -2.63
N GLY A 107 -22.86 5.01 -1.45
CA GLY A 107 -22.12 5.57 -0.29
C GLY A 107 -20.91 4.70 0.04
N LEU A 108 -20.98 3.45 -0.37
CA LEU A 108 -19.86 2.51 -0.10
C LEU A 108 -19.17 2.11 -1.41
N VAL A 109 -17.86 2.09 -1.39
CA VAL A 109 -17.12 1.72 -2.62
C VAL A 109 -16.71 0.24 -2.57
N ASP A 110 -16.79 -0.42 -3.71
CA ASP A 110 -16.42 -1.86 -3.75
C ASP A 110 -15.05 -2.05 -4.37
N GLU A 111 -14.45 -3.18 -4.10
CA GLU A 111 -13.10 -3.44 -4.67
C GLU A 111 -13.10 -3.17 -6.18
N ASP A 112 -14.19 -3.51 -6.82
CA ASP A 112 -14.27 -3.27 -8.28
C ASP A 112 -13.80 -1.85 -8.61
N THR A 113 -14.14 -0.93 -7.75
CA THR A 113 -13.71 0.46 -8.00
C THR A 113 -12.20 0.57 -7.99
N PHE A 114 -11.60 0.05 -6.95
CA PHE A 114 -10.12 0.10 -6.87
C PHE A 114 -9.51 -0.46 -8.14
N LYS A 115 -10.10 -1.52 -8.63
CA LYS A 115 -9.57 -2.13 -9.88
C LYS A 115 -9.87 -1.24 -11.07
N LEU A 116 -11.02 -0.61 -11.03
CA LEU A 116 -11.39 0.29 -12.15
C LEU A 116 -10.52 1.53 -12.15
N ILE A 117 -10.23 2.03 -10.97
CA ILE A 117 -9.39 3.23 -10.89
C ILE A 117 -7.98 2.92 -11.37
N TYR A 118 -7.53 1.73 -11.10
CA TYR A 118 -6.17 1.33 -11.54
C TYR A 118 -6.13 1.15 -13.05
N SER A 119 -7.23 0.68 -13.59
CA SER A 119 -7.28 0.46 -15.06
C SER A 119 -7.21 1.80 -15.79
N GLN A 120 -7.82 2.80 -15.22
CA GLN A 120 -7.80 4.13 -15.87
C GLN A 120 -6.44 4.79 -15.70
N PHE A 121 -5.88 4.68 -14.52
CA PHE A 121 -4.56 5.29 -14.28
C PHE A 121 -3.54 4.77 -15.26
N PHE A 122 -3.22 3.50 -15.15
CA PHE A 122 -2.23 2.89 -16.08
C PHE A 122 -2.95 2.11 -17.19
N PRO A 123 -2.52 2.28 -18.43
CA PRO A 123 -3.14 1.58 -19.55
C PRO A 123 -3.05 0.06 -19.37
N GLN A 124 -4.15 -0.55 -19.02
CA GLN A 124 -4.13 -2.01 -18.82
C GLN A 124 -2.92 -2.43 -17.99
N GLY A 125 -2.31 -3.52 -18.37
CA GLY A 125 -1.12 -4.01 -17.61
C GLY A 125 -1.57 -4.88 -16.43
N ASP A 126 -0.68 -5.71 -15.96
CA ASP A 126 -1.03 -6.58 -14.82
C ASP A 126 -1.21 -5.76 -13.55
N ALA A 127 -2.05 -4.77 -13.62
CA ALA A 127 -2.29 -3.92 -12.43
C ALA A 127 -3.28 -4.59 -11.47
N THR A 128 -4.18 -5.35 -12.01
CA THR A 128 -5.18 -6.03 -11.14
C THR A 128 -4.49 -6.66 -9.93
N THR A 129 -3.29 -7.14 -10.13
CA THR A 129 -2.56 -7.76 -9.00
C THR A 129 -2.29 -6.74 -7.91
N TYR A 130 -1.48 -5.78 -8.23
CA TYR A 130 -1.15 -4.74 -7.23
C TYR A 130 -2.43 -4.06 -6.77
N ALA A 131 -3.44 -4.11 -7.61
CA ALA A 131 -4.72 -3.47 -7.24
C ALA A 131 -5.38 -4.24 -6.11
N HIS A 132 -5.27 -5.54 -6.16
CA HIS A 132 -5.87 -6.37 -5.09
C HIS A 132 -5.19 -6.07 -3.76
N PHE A 133 -3.89 -6.17 -3.75
CA PHE A 133 -3.15 -5.91 -2.50
C PHE A 133 -3.47 -4.50 -1.99
N LEU A 134 -3.71 -3.61 -2.91
CA LEU A 134 -4.02 -2.22 -2.50
C LEU A 134 -5.29 -2.19 -1.65
N PHE A 135 -6.33 -2.79 -2.16
CA PHE A 135 -7.59 -2.81 -1.39
C PHE A 135 -7.37 -3.42 -0.01
N ASN A 136 -6.54 -4.41 0.05
CA ASN A 136 -6.27 -5.06 1.35
C ASN A 136 -5.55 -4.09 2.29
N ALA A 137 -4.85 -3.14 1.72
CA ALA A 137 -4.13 -2.16 2.57
C ALA A 137 -5.05 -1.04 3.02
N PHE A 138 -6.12 -0.85 2.28
CA PHE A 138 -7.07 0.23 2.66
C PHE A 138 -8.10 -0.28 3.65
N ASP A 139 -8.74 -1.37 3.33
CA ASP A 139 -9.76 -1.91 4.25
C ASP A 139 -9.18 -2.10 5.65
N ALA A 140 -10.04 -2.28 6.61
CA ALA A 140 -9.56 -2.47 8.00
C ALA A 140 -9.23 -3.94 8.28
N ASP A 141 -10.02 -4.82 7.71
CA ASP A 141 -9.76 -6.27 7.93
C ASP A 141 -9.95 -7.05 6.63
N GLY A 142 -11.12 -6.95 6.06
CA GLY A 142 -11.36 -7.69 4.78
C GLY A 142 -12.85 -8.04 4.64
N ASN A 143 -13.53 -7.27 3.83
CA ASN A 143 -14.98 -7.53 3.63
C ASN A 143 -15.39 -7.19 2.21
N GLY A 144 -14.49 -6.61 1.48
CA GLY A 144 -14.81 -6.24 0.06
C GLY A 144 -15.67 -4.97 0.01
N ALA A 145 -15.63 -4.20 1.08
CA ALA A 145 -16.43 -2.96 1.11
C ALA A 145 -15.76 -1.89 1.97
N ILE A 146 -15.63 -0.71 1.42
CA ILE A 146 -14.99 0.40 2.17
C ILE A 146 -15.86 1.65 2.09
N HIS A 147 -15.80 2.48 3.11
CA HIS A 147 -16.62 3.73 3.10
C HIS A 147 -15.74 4.97 2.99
N PHE A 148 -16.37 6.08 2.78
CA PHE A 148 -15.60 7.35 2.65
C PHE A 148 -14.56 7.45 3.75
N GLU A 149 -14.95 7.12 4.95
CA GLU A 149 -13.99 7.20 6.07
C GLU A 149 -12.71 6.45 5.76
N ASP A 150 -12.85 5.20 5.38
CA ASP A 150 -11.63 4.41 5.06
C ASP A 150 -10.77 5.15 4.06
N PHE A 151 -11.41 5.76 3.11
CA PHE A 151 -10.64 6.51 2.08
C PHE A 151 -9.98 7.74 2.71
N VAL A 152 -10.68 8.40 3.60
CA VAL A 152 -10.09 9.60 4.24
C VAL A 152 -8.96 9.19 5.17
N VAL A 153 -9.17 8.08 5.84
CA VAL A 153 -8.12 7.60 6.77
C VAL A 153 -6.82 7.37 6.03
N GLY A 154 -6.91 6.77 4.88
CA GLY A 154 -5.66 6.52 4.10
C GLY A 154 -4.99 7.84 3.77
N LEU A 155 -5.74 8.73 3.19
CA LEU A 155 -5.17 10.04 2.84
C LEU A 155 -4.56 10.68 4.06
N SER A 156 -5.14 10.40 5.20
CA SER A 156 -4.61 10.96 6.46
C SER A 156 -3.36 10.20 6.90
N ILE A 157 -3.31 8.94 6.56
CA ILE A 157 -2.13 8.13 6.95
C ILE A 157 -0.94 8.52 6.11
N LEU A 158 -1.18 8.77 4.84
CA LEU A 158 -0.07 9.16 3.95
C LEU A 158 0.38 10.59 4.24
N LEU A 159 -0.55 11.39 4.70
CA LEU A 159 -0.20 12.80 5.01
C LEU A 159 0.27 12.93 6.45
N ARG A 160 -0.62 12.71 7.38
CA ARG A 160 -0.23 12.82 8.81
C ARG A 160 0.23 11.46 9.34
N GLY A 161 1.51 11.26 9.35
CA GLY A 161 2.04 9.96 9.86
C GLY A 161 3.56 9.91 9.74
N THR A 162 4.23 9.99 10.86
CA THR A 162 5.72 9.95 10.82
C THR A 162 6.21 8.68 10.15
N VAL A 163 7.49 8.60 9.94
CA VAL A 163 8.06 7.40 9.28
C VAL A 163 7.52 6.13 9.93
N HIS A 164 7.36 6.17 11.23
CA HIS A 164 6.84 4.97 11.93
C HIS A 164 5.49 4.55 11.36
N GLU A 165 4.59 5.49 11.27
CA GLU A 165 3.24 5.18 10.73
C GLU A 165 3.35 4.70 9.29
N LYS A 166 4.18 5.35 8.52
CA LYS A 166 4.35 4.96 7.10
C LYS A 166 4.95 3.56 7.00
N LEU A 167 5.75 3.21 7.97
CA LEU A 167 6.38 1.87 7.94
C LEU A 167 5.34 0.79 8.20
N LYS A 168 4.40 1.09 9.04
CA LYS A 168 3.35 0.09 9.34
C LYS A 168 2.46 -0.11 8.13
N TRP A 169 2.23 0.95 7.41
CA TRP A 169 1.37 0.82 6.20
C TRP A 169 2.05 -0.03 5.14
N ALA A 170 3.30 0.25 4.88
CA ALA A 170 4.02 -0.54 3.86
C ALA A 170 4.11 -1.99 4.29
N PHE A 171 4.22 -2.19 5.58
CA PHE A 171 4.31 -3.58 6.09
C PHE A 171 2.97 -4.28 5.99
N ASN A 172 1.92 -3.51 5.92
CA ASN A 172 0.57 -4.12 5.80
C ASN A 172 0.24 -4.42 4.35
N LEU A 173 0.86 -3.71 3.45
CA LEU A 173 0.59 -3.94 2.01
C LEU A 173 1.31 -5.19 1.52
N TYR A 174 2.53 -5.35 1.94
CA TYR A 174 3.31 -6.54 1.51
C TYR A 174 2.69 -7.82 2.08
N ASP A 175 1.52 -8.15 1.59
CA ASP A 175 0.85 -9.38 2.08
C ASP A 175 -0.37 -9.70 1.23
N ILE A 176 -0.40 -10.91 0.71
CA ILE A 176 -1.55 -11.33 -0.15
C ILE A 176 -2.18 -12.60 0.40
N ASN A 177 -1.37 -13.50 0.88
CA ASN A 177 -1.92 -14.76 1.43
C ASN A 177 -2.53 -14.52 2.81
N LYS A 178 -2.72 -13.27 3.14
CA LYS A 178 -3.31 -12.96 4.47
C LYS A 178 -2.58 -13.69 5.59
N ASP A 179 -1.42 -13.19 5.95
CA ASP A 179 -0.64 -13.85 7.03
C ASP A 179 -0.08 -12.81 8.00
N GLY A 180 -0.20 -11.56 7.63
CA GLY A 180 0.34 -10.49 8.52
C GLY A 180 1.86 -10.53 8.52
N CYS A 181 2.40 -11.66 8.18
CA CYS A 181 3.88 -11.80 8.15
C CYS A 181 4.39 -11.76 6.73
N ILE A 182 5.64 -11.39 6.58
CA ILE A 182 6.24 -11.32 5.23
C ILE A 182 7.21 -12.46 5.03
N THR A 183 7.50 -12.76 3.82
CA THR A 183 8.44 -13.86 3.58
C THR A 183 9.15 -13.66 2.24
N LYS A 184 10.27 -14.32 2.08
CA LYS A 184 11.00 -14.18 0.81
C LYS A 184 10.10 -14.49 -0.38
N GLU A 185 9.14 -15.35 -0.16
CA GLU A 185 8.21 -15.71 -1.27
C GLU A 185 7.31 -14.54 -1.61
N GLU A 186 6.60 -14.06 -0.64
CA GLU A 186 5.70 -12.91 -0.89
C GLU A 186 6.48 -11.72 -1.40
N MET A 187 7.74 -11.66 -1.05
CA MET A 187 8.56 -10.52 -1.51
C MET A 187 8.87 -10.64 -2.99
N LEU A 188 9.09 -11.84 -3.44
CA LEU A 188 9.40 -12.04 -4.87
C LEU A 188 8.17 -11.79 -5.72
N ALA A 189 7.04 -12.28 -5.27
CA ALA A 189 5.80 -12.07 -6.04
C ALA A 189 5.43 -10.59 -6.07
N ILE A 190 5.70 -9.92 -4.98
CA ILE A 190 5.37 -8.47 -4.92
C ILE A 190 6.28 -7.70 -5.86
N MET A 191 7.56 -7.96 -5.80
CA MET A 191 8.48 -7.24 -6.69
C MET A 191 8.13 -7.47 -8.15
N LYS A 192 7.61 -8.63 -8.43
CA LYS A 192 7.23 -8.93 -9.83
C LYS A 192 6.10 -8.03 -10.29
N SER A 193 5.09 -7.91 -9.47
CA SER A 193 3.94 -7.06 -9.84
C SER A 193 4.40 -5.63 -10.09
N ILE A 194 5.32 -5.17 -9.28
CA ILE A 194 5.84 -3.80 -9.45
C ILE A 194 6.46 -3.62 -10.83
N TYR A 195 7.33 -4.53 -11.19
CA TYR A 195 7.98 -4.43 -12.52
C TYR A 195 6.93 -4.47 -13.64
N ASP A 196 5.94 -5.31 -13.47
CA ASP A 196 4.89 -5.41 -14.51
C ASP A 196 3.99 -4.18 -14.48
N MET A 197 3.67 -3.71 -13.30
CA MET A 197 2.80 -2.53 -13.19
C MET A 197 3.33 -1.39 -14.04
N MET A 198 4.62 -1.22 -14.03
CA MET A 198 5.23 -0.13 -14.85
C MET A 198 4.81 -0.25 -16.31
N GLY A 199 4.02 -1.26 -16.61
CA GLY A 199 3.55 -1.46 -18.01
C GLY A 199 3.98 -2.83 -18.53
N ARG A 200 3.41 -3.24 -19.64
CA ARG A 200 3.77 -4.57 -20.20
C ARG A 200 5.07 -4.49 -20.99
N HIS A 201 5.53 -3.29 -21.20
CA HIS A 201 6.79 -3.13 -21.97
C HIS A 201 7.99 -3.51 -21.11
N THR A 202 8.91 -4.22 -21.70
CA THR A 202 10.12 -4.63 -20.95
C THR A 202 11.25 -4.97 -21.90
N TYR A 203 12.47 -4.67 -21.47
CA TYR A 203 13.66 -4.96 -22.34
C TYR A 203 14.89 -4.09 -21.97
N PRO A 204 14.67 -2.90 -21.41
CA PRO A 204 15.79 -2.02 -21.05
C PRO A 204 16.67 -2.64 -19.97
N ILE A 205 16.16 -3.64 -19.29
CA ILE A 205 16.99 -4.28 -18.24
C ILE A 205 16.62 -5.74 -18.07
N LEU A 206 17.58 -6.55 -17.69
CA LEU A 206 17.28 -7.99 -17.50
C LEU A 206 18.17 -8.59 -16.43
N ARG A 207 19.41 -8.82 -16.76
CA ARG A 207 20.34 -9.40 -15.76
C ARG A 207 21.07 -8.30 -14.99
N GLU A 208 21.18 -7.15 -15.61
CA GLU A 208 21.88 -6.03 -14.93
C GLU A 208 21.42 -5.89 -13.49
N ASP A 209 20.22 -6.33 -13.23
CA ASP A 209 19.69 -6.23 -11.85
C ASP A 209 18.35 -6.95 -11.73
N ALA A 210 18.41 -8.25 -11.67
CA ALA A 210 17.15 -9.02 -11.56
C ALA A 210 16.43 -8.69 -10.25
N PRO A 211 15.10 -8.78 -10.26
CA PRO A 211 14.30 -8.49 -9.07
C PRO A 211 14.70 -9.39 -7.91
N LEU A 212 15.23 -10.53 -8.22
CA LEU A 212 15.65 -11.47 -7.15
C LEU A 212 16.74 -10.87 -6.28
N GLU A 213 17.77 -10.38 -6.92
CA GLU A 213 18.89 -9.78 -6.14
C GLU A 213 18.37 -8.69 -5.21
N HIS A 214 17.41 -7.95 -5.69
CA HIS A 214 16.85 -6.87 -4.84
C HIS A 214 16.16 -7.45 -3.61
N VAL A 215 15.28 -8.38 -3.83
CA VAL A 215 14.57 -8.99 -2.68
C VAL A 215 15.56 -9.66 -1.74
N GLU A 216 16.58 -10.26 -2.30
CA GLU A 216 17.59 -10.92 -1.45
C GLU A 216 18.25 -9.92 -0.52
N ARG A 217 18.56 -8.76 -1.06
CA ARG A 217 19.20 -7.73 -0.21
C ARG A 217 18.26 -7.31 0.91
N PHE A 218 17.00 -7.26 0.61
CA PHE A 218 16.01 -6.87 1.64
C PHE A 218 15.88 -7.96 2.69
N PHE A 219 15.74 -9.18 2.23
CA PHE A 219 15.60 -10.29 3.19
C PHE A 219 16.90 -10.50 3.95
N GLN A 220 18.00 -10.17 3.30
CA GLN A 220 19.31 -10.33 3.97
C GLN A 220 19.42 -9.36 5.13
N LYS A 221 19.02 -8.14 4.89
CA LYS A 221 19.10 -7.13 5.96
C LYS A 221 18.06 -7.44 7.03
N MET A 222 16.98 -8.05 6.61
CA MET A 222 15.90 -8.41 7.56
C MET A 222 15.92 -9.91 7.85
N ASP A 223 14.74 -10.48 7.96
CA ASP A 223 14.67 -11.94 8.24
C ASP A 223 15.70 -12.35 9.29
N ARG A 224 16.37 -13.45 9.05
CA ARG A 224 17.40 -13.93 10.01
C ARG A 224 16.87 -13.97 11.44
N ASN A 225 16.41 -15.13 11.85
CA ASN A 225 15.88 -15.26 13.23
C ASN A 225 15.52 -16.70 13.54
N GLN A 226 14.78 -16.90 14.60
CA GLN A 226 14.39 -18.28 14.97
C GLN A 226 13.34 -18.82 14.01
N ASP A 227 12.76 -17.93 13.25
CA ASP A 227 11.72 -18.35 12.28
C ASP A 227 12.25 -18.27 10.85
N GLY A 228 11.72 -17.33 10.12
CA GLY A 228 12.16 -17.15 8.71
C GLY A 228 11.35 -16.05 8.05
N VAL A 229 10.13 -15.89 8.49
CA VAL A 229 9.28 -14.84 7.91
C VAL A 229 9.54 -13.53 8.62
N VAL A 230 9.27 -12.44 7.95
CA VAL A 230 9.50 -11.13 8.59
C VAL A 230 8.24 -10.64 9.29
N THR A 231 8.42 -10.13 10.49
CA THR A 231 7.27 -9.62 11.28
C THR A 231 7.48 -8.16 11.63
N ILE A 232 6.42 -7.49 11.98
CA ILE A 232 6.55 -6.05 12.34
C ILE A 232 7.78 -5.83 13.20
N ASP A 233 8.25 -6.89 13.81
CA ASP A 233 9.45 -6.77 14.66
C ASP A 233 10.70 -6.65 13.79
N GLU A 234 10.96 -7.66 13.00
CA GLU A 234 12.16 -7.61 12.14
C GLU A 234 12.06 -6.42 11.21
N PHE A 235 10.88 -5.87 11.12
CA PHE A 235 10.69 -4.69 10.23
C PHE A 235 11.12 -3.43 10.94
N LEU A 236 10.56 -3.20 12.10
CA LEU A 236 10.94 -1.98 12.84
C LEU A 236 12.40 -2.04 13.25
N GLU A 237 12.91 -3.23 13.42
CA GLU A 237 14.33 -3.37 13.82
C GLU A 237 15.25 -3.11 12.62
N THR A 238 14.90 -3.67 11.50
CA THR A 238 15.73 -3.47 10.30
C THR A 238 15.58 -2.05 9.75
N CYS A 239 14.43 -1.47 9.98
CA CYS A 239 14.21 -0.09 9.48
C CYS A 239 14.77 0.94 10.46
N GLN A 240 14.65 0.66 11.73
CA GLN A 240 15.17 1.62 12.74
C GLN A 240 16.68 1.75 12.64
N LYS A 241 17.34 0.65 12.36
CA LYS A 241 18.81 0.68 12.24
C LYS A 241 19.26 1.84 11.35
N ASP A 242 19.30 1.58 10.05
CA ASP A 242 19.71 2.65 9.10
C ASP A 242 18.52 3.15 8.30
N GLU A 243 17.97 4.25 8.73
CA GLU A 243 16.81 4.82 8.00
C GLU A 243 17.20 5.20 6.58
N ASN A 244 17.35 4.21 5.74
CA ASN A 244 17.74 4.49 4.34
C ASN A 244 17.18 3.44 3.39
N ILE A 245 17.51 2.20 3.65
CA ILE A 245 17.01 1.12 2.76
C ILE A 245 15.48 1.11 2.74
N MET A 246 14.88 1.15 3.89
CA MET A 246 13.40 1.14 3.94
C MET A 246 12.86 2.40 3.28
N ASN A 247 13.67 3.43 3.29
CA ASN A 247 13.23 4.68 2.67
C ASN A 247 13.07 4.50 1.17
N SER A 248 14.09 3.96 0.55
CA SER A 248 14.02 3.75 -0.90
C SER A 248 12.78 2.94 -1.25
N MET A 249 12.49 1.97 -0.43
CA MET A 249 11.29 1.13 -0.69
C MET A 249 10.03 1.98 -0.64
N GLN A 250 9.93 2.80 0.37
CA GLN A 250 8.73 3.66 0.49
C GLN A 250 8.76 4.77 -0.55
N LEU A 251 9.95 5.26 -0.81
CA LEU A 251 10.07 6.35 -1.83
C LEU A 251 9.94 5.78 -3.23
N PHE A 252 10.24 4.52 -3.37
CA PHE A 252 10.16 3.88 -4.70
C PHE A 252 8.72 3.51 -5.03
N GLU A 253 7.94 3.28 -4.02
CA GLU A 253 6.52 2.92 -4.25
C GLU A 253 5.64 4.15 -4.30
N ASN A 254 6.04 5.18 -3.60
CA ASN A 254 5.24 6.42 -3.61
C ASN A 254 5.09 6.97 -5.02
N VAL A 255 6.10 7.64 -5.48
CA VAL A 255 6.03 8.20 -6.85
C VAL A 255 6.35 7.13 -7.88
N ILE A 256 5.51 6.13 -7.94
CA ILE A 256 5.74 5.04 -8.93
C ILE A 256 6.02 5.60 -10.31
N PRO A 76 -29.66 15.23 6.20
CA PRO A 76 -28.54 14.28 6.11
C PRO A 76 -27.25 14.91 6.71
N GLU A 77 -27.08 14.74 7.99
CA GLU A 77 -25.87 15.31 8.63
C GLU A 77 -24.74 14.30 8.64
N GLY A 78 -24.59 13.58 7.55
CA GLY A 78 -23.49 12.57 7.47
C GLY A 78 -22.13 13.26 7.50
N LEU A 79 -22.09 14.48 7.03
CA LEU A 79 -20.79 15.21 7.02
C LEU A 79 -20.36 15.57 8.43
N ASP A 80 -21.07 16.49 9.03
CA ASP A 80 -20.72 16.90 10.40
C ASP A 80 -20.43 15.68 11.27
N GLN A 81 -21.19 14.64 11.04
CA GLN A 81 -20.98 13.41 11.85
C GLN A 81 -19.55 12.92 11.70
N LEU A 82 -19.12 12.76 10.48
CA LEU A 82 -17.74 12.29 10.25
C LEU A 82 -16.73 13.23 10.90
N GLN A 83 -17.11 14.48 11.00
CA GLN A 83 -16.20 15.47 11.62
C GLN A 83 -15.95 15.11 13.07
N ALA A 84 -16.98 14.74 13.76
CA ALA A 84 -16.82 14.38 15.18
C ALA A 84 -16.01 13.09 15.32
N GLN A 85 -16.16 12.22 14.35
CA GLN A 85 -15.42 10.94 14.41
C GLN A 85 -13.97 11.13 13.97
N THR A 86 -13.68 10.74 12.75
CA THR A 86 -12.28 10.90 12.26
C THR A 86 -11.82 12.34 12.43
N LYS A 87 -11.20 12.62 13.54
CA LYS A 87 -10.71 14.01 13.78
C LYS A 87 -10.02 14.54 12.53
N PHE A 88 -10.38 15.74 12.16
CA PHE A 88 -9.76 16.35 10.95
C PHE A 88 -10.19 17.80 10.81
N THR A 89 -10.39 18.21 9.57
CA THR A 89 -10.82 19.61 9.32
C THR A 89 -11.96 19.64 8.33
N LYS A 90 -13.12 20.05 8.78
CA LYS A 90 -14.29 20.11 7.87
C LYS A 90 -13.90 20.64 6.50
N LYS A 91 -12.88 21.46 6.48
CA LYS A 91 -12.44 22.01 5.18
C LYS A 91 -11.79 20.92 4.35
N GLU A 92 -10.73 20.35 4.87
CA GLU A 92 -10.06 19.28 4.11
C GLU A 92 -11.01 18.11 3.93
N LEU A 93 -11.91 17.96 4.87
CA LEU A 93 -12.88 16.85 4.78
C LEU A 93 -13.75 17.03 3.56
N GLN A 94 -14.17 18.25 3.33
CA GLN A 94 -15.02 18.53 2.16
C GLN A 94 -14.27 18.15 0.89
N SER A 95 -13.01 18.48 0.85
CA SER A 95 -12.21 18.15 -0.34
C SER A 95 -12.21 16.64 -0.58
N LEU A 96 -12.17 15.90 0.49
CA LEU A 96 -12.18 14.43 0.36
C LEU A 96 -13.52 13.95 -0.13
N TYR A 97 -14.57 14.48 0.46
CA TYR A 97 -15.92 14.08 0.04
C TYR A 97 -16.16 14.48 -1.41
N ARG A 98 -15.52 15.54 -1.82
CA ARG A 98 -15.68 16.01 -3.21
C ARG A 98 -15.15 14.95 -4.17
N GLY A 99 -13.95 14.51 -3.93
CA GLY A 99 -13.35 13.48 -4.83
C GLY A 99 -14.25 12.23 -4.82
N PHE A 100 -14.60 11.80 -3.65
CA PHE A 100 -15.47 10.60 -3.55
C PHE A 100 -16.76 10.85 -4.30
N LYS A 101 -17.19 12.07 -4.29
CA LYS A 101 -18.45 12.41 -5.00
C LYS A 101 -18.18 12.53 -6.49
N ASN A 102 -16.98 12.93 -6.82
CA ASN A 102 -16.62 13.08 -8.25
C ASN A 102 -16.60 11.72 -8.93
N GLU A 103 -16.16 10.72 -8.22
CA GLU A 103 -16.11 9.37 -8.82
C GLU A 103 -17.50 8.95 -9.29
N CYS A 104 -17.58 7.77 -9.85
CA CYS A 104 -18.90 7.30 -10.33
C CYS A 104 -19.93 7.30 -9.18
N PRO A 105 -21.17 7.66 -9.49
CA PRO A 105 -22.23 7.70 -8.47
C PRO A 105 -22.42 6.33 -7.82
N THR A 106 -22.03 6.21 -6.58
CA THR A 106 -22.19 4.92 -5.88
C THR A 106 -22.11 5.11 -4.37
N GLY A 107 -22.68 4.18 -3.64
CA GLY A 107 -22.64 4.29 -2.15
C GLY A 107 -21.26 3.87 -1.62
N LEU A 108 -21.12 2.60 -1.36
CA LEU A 108 -19.80 2.12 -0.84
C LEU A 108 -18.88 1.72 -1.99
N VAL A 109 -17.61 1.73 -1.72
CA VAL A 109 -16.63 1.37 -2.78
C VAL A 109 -16.27 -0.11 -2.66
N ASP A 110 -15.99 -0.73 -3.77
CA ASP A 110 -15.62 -2.17 -3.75
C ASP A 110 -14.37 -2.43 -4.57
N GLU A 111 -13.73 -3.54 -4.31
CA GLU A 111 -12.51 -3.88 -5.07
C GLU A 111 -12.67 -3.53 -6.55
N ASP A 112 -13.89 -3.60 -7.01
CA ASP A 112 -14.13 -3.27 -8.45
C ASP A 112 -13.79 -1.82 -8.72
N THR A 113 -14.45 -0.93 -8.03
CA THR A 113 -14.17 0.50 -8.24
C THR A 113 -12.69 0.77 -8.03
N PHE A 114 -12.13 0.18 -7.01
CA PHE A 114 -10.69 0.39 -6.74
C PHE A 114 -9.88 0.00 -7.96
N LYS A 115 -10.20 -1.15 -8.51
CA LYS A 115 -9.48 -1.62 -9.70
C LYS A 115 -9.63 -0.61 -10.83
N LEU A 116 -10.85 -0.25 -11.09
CA LEU A 116 -11.11 0.73 -12.17
C LEU A 116 -10.29 2.01 -11.94
N ILE A 117 -10.28 2.46 -10.72
CA ILE A 117 -9.51 3.70 -10.42
C ILE A 117 -8.01 3.45 -10.58
N TYR A 118 -7.59 2.27 -10.21
CA TYR A 118 -6.15 1.95 -10.32
C TYR A 118 -5.77 1.73 -11.78
N SER A 119 -6.75 1.42 -12.58
CA SER A 119 -6.47 1.19 -14.02
C SER A 119 -6.43 2.52 -14.78
N GLN A 120 -7.18 3.46 -14.31
CA GLN A 120 -7.21 4.79 -14.97
C GLN A 120 -5.97 5.60 -14.61
N PHE A 121 -5.47 5.38 -13.42
CA PHE A 121 -4.26 6.14 -12.99
C PHE A 121 -3.04 5.67 -13.76
N PHE A 122 -2.83 4.38 -13.77
CA PHE A 122 -1.66 3.83 -14.49
C PHE A 122 -2.09 3.31 -15.88
N PRO A 123 -1.13 3.25 -16.78
CA PRO A 123 -1.41 2.79 -18.14
C PRO A 123 -2.11 1.43 -18.14
N GLN A 124 -2.42 0.94 -19.30
CA GLN A 124 -3.10 -0.37 -19.38
C GLN A 124 -2.24 -1.47 -18.78
N GLY A 125 -2.82 -2.64 -18.66
CA GLY A 125 -2.06 -3.80 -18.07
C GLY A 125 -2.90 -4.52 -17.03
N ASP A 126 -2.31 -5.46 -16.36
CA ASP A 126 -3.07 -6.21 -15.32
C ASP A 126 -3.41 -5.29 -14.14
N ALA A 127 -2.45 -5.07 -13.30
CA ALA A 127 -2.71 -4.20 -12.12
C ALA A 127 -3.77 -4.80 -11.23
N THR A 128 -4.28 -5.93 -11.61
CA THR A 128 -5.33 -6.58 -10.79
C THR A 128 -4.72 -7.20 -9.54
N THR A 129 -3.48 -7.58 -9.63
CA THR A 129 -2.82 -8.20 -8.46
C THR A 129 -2.62 -7.16 -7.36
N TYR A 130 -1.81 -6.18 -7.65
CA TYR A 130 -1.57 -5.13 -6.63
C TYR A 130 -2.89 -4.51 -6.19
N ALA A 131 -3.86 -4.56 -7.05
CA ALA A 131 -5.17 -3.98 -6.70
C ALA A 131 -5.80 -4.75 -5.55
N HIS A 132 -5.73 -6.06 -5.62
CA HIS A 132 -6.32 -6.86 -4.52
C HIS A 132 -5.60 -6.57 -3.22
N PHE A 133 -4.29 -6.59 -3.27
CA PHE A 133 -3.52 -6.30 -2.04
C PHE A 133 -3.81 -4.89 -1.55
N LEU A 134 -3.83 -3.97 -2.47
CA LEU A 134 -4.12 -2.56 -2.08
C LEU A 134 -5.41 -2.50 -1.28
N PHE A 135 -6.35 -3.33 -1.64
CA PHE A 135 -7.64 -3.34 -0.92
C PHE A 135 -7.46 -3.91 0.48
N ASN A 136 -6.60 -4.88 0.59
CA ASN A 136 -6.37 -5.49 1.92
C ASN A 136 -5.66 -4.52 2.85
N ALA A 137 -5.04 -3.54 2.27
CA ALA A 137 -4.32 -2.54 3.09
C ALA A 137 -5.28 -1.50 3.64
N PHE A 138 -6.07 -0.94 2.77
CA PHE A 138 -7.04 0.09 3.22
C PHE A 138 -8.08 -0.51 4.15
N ASP A 139 -8.92 -1.34 3.61
CA ASP A 139 -9.97 -1.98 4.45
C ASP A 139 -9.38 -2.46 5.77
N ALA A 140 -10.20 -2.50 6.79
CA ALA A 140 -9.72 -2.95 8.11
C ALA A 140 -9.44 -4.45 8.10
N ASP A 141 -10.45 -5.22 8.37
CA ASP A 141 -10.25 -6.70 8.39
C ASP A 141 -10.20 -7.24 6.96
N GLY A 142 -11.35 -7.47 6.37
CA GLY A 142 -11.36 -7.99 4.99
C GLY A 142 -12.79 -8.33 4.56
N ASN A 143 -13.70 -7.44 4.85
CA ASN A 143 -15.11 -7.68 4.47
C ASN A 143 -15.25 -7.76 2.96
N GLY A 144 -15.04 -6.66 2.30
CA GLY A 144 -15.15 -6.64 0.81
C GLY A 144 -15.80 -5.34 0.34
N ALA A 145 -15.99 -4.44 1.25
CA ALA A 145 -16.61 -3.14 0.87
C ALA A 145 -16.13 -2.02 1.79
N ILE A 146 -15.59 -0.99 1.18
CA ILE A 146 -15.09 0.16 1.98
C ILE A 146 -16.04 1.35 1.84
N HIS A 147 -15.82 2.37 2.64
CA HIS A 147 -16.71 3.56 2.56
C HIS A 147 -15.89 4.85 2.49
N PHE A 148 -16.49 5.93 2.90
CA PHE A 148 -15.78 7.22 2.86
C PHE A 148 -15.02 7.47 4.17
N GLU A 149 -15.70 7.29 5.27
CA GLU A 149 -15.02 7.51 6.58
C GLU A 149 -13.70 6.77 6.63
N ASP A 150 -13.70 5.55 6.14
CA ASP A 150 -12.44 4.77 6.16
C ASP A 150 -11.41 5.44 5.26
N PHE A 151 -11.90 6.01 4.19
CA PHE A 151 -11.00 6.68 3.25
C PHE A 151 -10.37 7.91 3.90
N VAL A 152 -11.08 8.48 4.84
CA VAL A 152 -10.55 9.68 5.53
C VAL A 152 -9.41 9.27 6.45
N VAL A 153 -9.62 8.20 7.17
CA VAL A 153 -8.57 7.73 8.09
C VAL A 153 -7.26 7.51 7.34
N GLY A 154 -7.36 6.91 6.19
CA GLY A 154 -6.12 6.66 5.40
C GLY A 154 -5.45 7.98 5.07
N LEU A 155 -6.23 8.91 4.57
CA LEU A 155 -5.66 10.22 4.21
C LEU A 155 -4.80 10.75 5.36
N SER A 156 -5.22 10.44 6.56
CA SER A 156 -4.45 10.90 7.73
C SER A 156 -3.17 10.09 7.91
N ILE A 157 -3.22 8.84 7.53
CA ILE A 157 -2.01 8.00 7.66
C ILE A 157 -0.99 8.31 6.58
N LEU A 158 -1.48 8.75 5.45
CA LEU A 158 -0.54 9.08 4.34
C LEU A 158 -0.10 10.55 4.41
N LEU A 159 -1.03 11.41 4.73
CA LEU A 159 -0.68 12.85 4.81
C LEU A 159 -0.22 13.22 6.22
N ARG A 160 -1.04 12.91 7.20
CA ARG A 160 -0.66 13.25 8.60
C ARG A 160 0.06 12.07 9.26
N GLY A 161 0.85 11.38 8.47
CA GLY A 161 1.60 10.21 9.02
C GLY A 161 3.10 10.46 8.95
N THR A 162 3.80 10.11 9.99
CA THR A 162 5.27 10.32 9.99
C THR A 162 5.99 9.10 9.44
N VAL A 163 7.29 9.07 9.64
CA VAL A 163 8.07 7.91 9.13
C VAL A 163 7.62 6.62 9.79
N HIS A 164 7.20 6.72 11.03
CA HIS A 164 6.74 5.49 11.73
C HIS A 164 5.48 4.94 11.08
N GLU A 165 4.54 5.80 10.84
CA GLU A 165 3.28 5.34 10.22
C GLU A 165 3.56 4.71 8.85
N LYS A 166 4.52 5.27 8.16
CA LYS A 166 4.86 4.72 6.83
C LYS A 166 5.35 3.28 6.93
N LEU A 167 6.25 3.06 7.86
CA LEU A 167 6.78 1.68 8.03
C LEU A 167 5.67 0.72 8.44
N LYS A 168 4.73 1.23 9.18
CA LYS A 168 3.61 0.37 9.62
C LYS A 168 2.65 0.11 8.45
N TRP A 169 2.29 1.16 7.78
CA TRP A 169 1.37 1.00 6.64
C TRP A 169 2.06 0.24 5.51
N ALA A 170 3.36 0.38 5.45
CA ALA A 170 4.12 -0.32 4.39
C ALA A 170 4.18 -1.81 4.69
N PHE A 171 4.50 -2.13 5.92
CA PHE A 171 4.58 -3.55 6.31
C PHE A 171 3.22 -4.21 6.15
N ASN A 172 2.19 -3.42 6.27
CA ASN A 172 0.83 -3.97 6.13
C ASN A 172 0.50 -4.23 4.67
N LEU A 173 0.80 -3.26 3.83
CA LEU A 173 0.51 -3.43 2.39
C LEU A 173 1.23 -4.67 1.86
N TYR A 174 2.44 -4.88 2.31
CA TYR A 174 3.20 -6.05 1.83
C TYR A 174 2.53 -7.34 2.28
N ASP A 175 2.37 -7.48 3.57
CA ASP A 175 1.73 -8.71 4.10
C ASP A 175 0.43 -9.01 3.36
N ILE A 176 0.48 -10.01 2.53
CA ILE A 176 -0.75 -10.37 1.76
C ILE A 176 -1.85 -10.85 2.70
N ASN A 177 -1.50 -11.74 3.59
CA ASN A 177 -2.51 -12.26 4.53
C ASN A 177 -2.49 -11.47 5.84
N LYS A 178 -3.16 -11.98 6.84
CA LYS A 178 -3.20 -11.27 8.15
C LYS A 178 -2.30 -11.95 9.17
N ASP A 179 -1.18 -12.44 8.73
CA ASP A 179 -0.26 -13.12 9.67
C ASP A 179 0.60 -12.10 10.40
N GLY A 180 1.03 -11.10 9.69
CA GLY A 180 1.87 -10.05 10.32
C GLY A 180 3.36 -10.42 10.16
N CYS A 181 3.60 -11.40 9.32
CA CYS A 181 5.01 -11.84 9.09
C CYS A 181 5.34 -11.81 7.61
N ILE A 182 6.59 -11.56 7.31
CA ILE A 182 7.02 -11.50 5.90
C ILE A 182 8.02 -12.61 5.63
N THR A 183 8.19 -12.94 4.40
CA THR A 183 9.15 -14.00 4.09
C THR A 183 9.69 -13.83 2.68
N LYS A 184 10.87 -14.32 2.44
CA LYS A 184 11.45 -14.17 1.09
C LYS A 184 10.42 -14.50 0.01
N GLU A 185 9.58 -15.45 0.30
CA GLU A 185 8.55 -15.83 -0.69
C GLU A 185 7.51 -14.72 -0.83
N GLU A 186 7.05 -14.22 0.28
CA GLU A 186 6.05 -13.13 0.23
C GLU A 186 6.60 -11.92 -0.50
N MET A 187 7.88 -11.70 -0.35
CA MET A 187 8.50 -10.53 -1.03
C MET A 187 8.55 -10.76 -2.53
N LEU A 188 8.74 -11.99 -2.92
CA LEU A 188 8.80 -12.31 -4.37
C LEU A 188 7.45 -12.04 -5.03
N ALA A 189 6.40 -12.33 -4.32
CA ALA A 189 5.05 -12.10 -4.89
C ALA A 189 4.81 -10.61 -5.10
N ILE A 190 5.14 -9.82 -4.11
CA ILE A 190 4.94 -8.36 -4.24
C ILE A 190 5.79 -7.80 -5.37
N MET A 191 7.02 -8.26 -5.45
CA MET A 191 7.91 -7.76 -6.53
C MET A 191 7.41 -8.20 -7.90
N LYS A 192 6.93 -9.41 -7.97
CA LYS A 192 6.42 -9.91 -9.27
C LYS A 192 5.23 -9.08 -9.73
N SER A 193 4.48 -8.57 -8.79
CA SER A 193 3.31 -7.74 -9.16
C SER A 193 3.76 -6.45 -9.80
N ILE A 194 4.68 -5.78 -9.17
CA ILE A 194 5.17 -4.50 -9.73
C ILE A 194 5.86 -4.73 -11.08
N TYR A 195 6.66 -5.77 -11.14
CA TYR A 195 7.36 -6.05 -12.42
C TYR A 195 6.36 -6.40 -13.51
N ASP A 196 5.28 -7.03 -13.13
CA ASP A 196 4.26 -7.40 -14.14
C ASP A 196 3.36 -6.21 -14.44
N MET A 197 3.38 -5.25 -13.57
CA MET A 197 2.52 -4.05 -13.78
C MET A 197 3.15 -3.13 -14.82
N MET A 198 4.46 -3.09 -14.83
CA MET A 198 5.15 -2.22 -15.82
C MET A 198 4.49 -2.33 -17.19
N GLY A 199 3.56 -1.45 -17.46
CA GLY A 199 2.86 -1.50 -18.78
C GLY A 199 3.52 -0.52 -19.76
N ARG A 200 4.83 -0.55 -19.81
CA ARG A 200 5.55 0.37 -20.72
C ARG A 200 6.71 -0.35 -21.39
N HIS A 201 6.55 -1.63 -21.57
CA HIS A 201 7.62 -2.43 -22.21
C HIS A 201 7.02 -3.55 -23.05
N THR A 202 7.11 -3.41 -24.35
CA THR A 202 6.55 -4.46 -25.24
C THR A 202 7.38 -5.73 -25.16
N TYR A 203 8.59 -5.67 -25.65
CA TYR A 203 9.44 -6.89 -25.61
C TYR A 203 10.94 -6.66 -26.00
N PRO A 204 11.27 -5.53 -26.65
CA PRO A 204 12.66 -5.28 -27.03
C PRO A 204 13.56 -5.08 -25.82
N ILE A 205 14.76 -4.62 -26.05
CA ILE A 205 15.70 -4.41 -24.92
C ILE A 205 15.14 -3.38 -23.93
N LEU A 206 16.00 -2.90 -23.07
CA LEU A 206 15.55 -1.90 -22.07
C LEU A 206 14.61 -2.54 -21.05
N ARG A 207 14.98 -3.71 -20.58
CA ARG A 207 14.12 -4.41 -19.59
C ARG A 207 14.70 -4.29 -18.18
N GLU A 208 14.97 -5.42 -17.58
CA GLU A 208 15.54 -5.38 -16.20
C GLU A 208 16.01 -6.77 -15.77
N ASP A 209 16.76 -6.82 -14.69
CA ASP A 209 17.26 -8.13 -14.21
C ASP A 209 16.14 -8.93 -13.56
N ALA A 210 16.50 -9.81 -12.66
CA ALA A 210 15.46 -10.63 -11.99
C ALA A 210 15.04 -10.00 -10.65
N PRO A 211 13.77 -10.15 -10.30
CA PRO A 211 13.25 -9.59 -9.04
C PRO A 211 13.91 -10.23 -7.83
N LEU A 212 13.89 -11.53 -7.78
CA LEU A 212 14.51 -12.26 -6.63
C LEU A 212 15.87 -11.68 -6.26
N GLU A 213 16.46 -10.93 -7.17
CA GLU A 213 17.78 -10.34 -6.86
C GLU A 213 17.66 -9.21 -5.84
N HIS A 214 16.92 -8.20 -6.20
CA HIS A 214 16.75 -7.07 -5.27
C HIS A 214 16.18 -7.55 -3.94
N VAL A 215 15.23 -8.44 -4.02
CA VAL A 215 14.62 -8.96 -2.77
C VAL A 215 15.67 -9.67 -1.92
N GLU A 216 16.53 -10.41 -2.57
CA GLU A 216 17.57 -11.14 -1.81
C GLU A 216 18.40 -10.17 -0.98
N ARG A 217 18.73 -9.05 -1.57
CA ARG A 217 19.54 -8.06 -0.82
C ARG A 217 18.78 -7.58 0.41
N PHE A 218 17.55 -7.19 0.21
CA PHE A 218 16.73 -6.72 1.36
C PHE A 218 16.67 -7.79 2.44
N PHE A 219 16.46 -9.02 2.02
CA PHE A 219 16.39 -10.11 3.01
C PHE A 219 17.74 -10.28 3.70
N GLN A 220 18.79 -10.21 2.92
CA GLN A 220 20.14 -10.36 3.52
C GLN A 220 20.35 -9.31 4.59
N LYS A 221 19.96 -8.10 4.28
CA LYS A 221 20.13 -7.02 5.26
C LYS A 221 19.22 -7.26 6.45
N MET A 222 18.05 -7.78 6.18
CA MET A 222 17.08 -8.06 7.27
C MET A 222 17.09 -9.54 7.60
N ASP A 223 15.91 -10.08 7.82
CA ASP A 223 15.82 -11.53 8.15
C ASP A 223 16.93 -11.93 9.14
N ARG A 224 17.69 -12.93 8.78
CA ARG A 224 18.79 -13.38 9.67
C ARG A 224 18.32 -13.59 11.12
N ASN A 225 17.98 -14.81 11.44
CA ASN A 225 17.52 -15.09 12.82
C ASN A 225 17.22 -16.58 13.00
N GLN A 226 17.07 -16.98 14.23
CA GLN A 226 16.79 -18.41 14.50
C GLN A 226 15.72 -18.91 13.53
N ASP A 227 14.88 -18.02 13.10
CA ASP A 227 13.81 -18.41 12.17
C ASP A 227 14.22 -18.14 10.73
N GLY A 228 13.71 -17.07 10.19
CA GLY A 228 14.06 -16.72 8.79
C GLY A 228 13.05 -15.73 8.22
N VAL A 229 11.87 -15.74 8.78
CA VAL A 229 10.84 -14.80 8.29
C VAL A 229 10.98 -13.45 8.95
N VAL A 230 10.49 -12.43 8.29
CA VAL A 230 10.59 -11.07 8.88
C VAL A 230 9.26 -10.65 9.50
N THR A 231 9.34 -10.19 10.72
CA THR A 231 8.11 -9.74 11.43
C THR A 231 8.22 -8.27 11.78
N ILE A 232 7.09 -7.65 12.06
CA ILE A 232 7.12 -6.21 12.40
C ILE A 232 8.31 -5.90 13.29
N ASP A 233 8.75 -6.88 14.02
CA ASP A 233 9.90 -6.65 14.91
C ASP A 233 11.18 -6.49 14.08
N GLU A 234 11.51 -7.52 13.35
CA GLU A 234 12.72 -7.44 12.51
C GLU A 234 12.68 -6.19 11.64
N PHE A 235 11.49 -5.79 11.30
CA PHE A 235 11.32 -4.59 10.46
C PHE A 235 11.67 -3.34 11.24
N LEU A 236 10.96 -3.12 12.31
CA LEU A 236 11.23 -1.92 13.12
C LEU A 236 12.61 -1.98 13.74
N GLU A 237 13.09 -3.18 14.00
CA GLU A 237 14.42 -3.31 14.61
C GLU A 237 15.51 -3.12 13.55
N THR A 238 15.22 -3.54 12.36
CA THR A 238 16.23 -3.39 11.27
C THR A 238 16.16 -2.01 10.63
N CYS A 239 15.00 -1.42 10.69
CA CYS A 239 14.85 -0.07 10.08
C CYS A 239 15.37 1.01 11.02
N GLN A 240 15.28 0.75 12.30
CA GLN A 240 15.77 1.76 13.28
C GLN A 240 17.27 1.62 13.51
N LYS A 241 17.72 0.40 13.62
CA LYS A 241 19.17 0.19 13.85
C LYS A 241 19.99 0.73 12.69
N ASP A 242 20.46 -0.16 11.85
CA ASP A 242 21.26 0.29 10.70
C ASP A 242 20.40 1.03 9.69
N GLU A 243 19.68 2.01 10.16
CA GLU A 243 18.80 2.79 9.25
C GLU A 243 19.53 3.13 7.95
N ASN A 244 19.41 2.27 6.97
CA ASN A 244 20.09 2.54 5.67
C ASN A 244 19.39 1.79 4.55
N ILE A 245 19.15 0.53 4.74
CA ILE A 245 18.48 -0.25 3.69
C ILE A 245 17.02 0.17 3.59
N MET A 246 16.40 0.33 4.73
CA MET A 246 14.99 0.74 4.72
C MET A 246 14.85 2.13 4.15
N ASN A 247 15.87 2.94 4.36
CA ASN A 247 15.81 4.31 3.82
C ASN A 247 15.62 4.24 2.32
N SER A 248 16.20 3.23 1.73
CA SER A 248 16.07 3.06 0.27
C SER A 248 14.63 2.72 -0.07
N MET A 249 14.08 1.79 0.67
CA MET A 249 12.67 1.40 0.39
C MET A 249 11.80 2.65 0.37
N GLN A 250 12.04 3.53 1.30
CA GLN A 250 11.24 4.77 1.35
C GLN A 250 11.48 5.60 0.09
N LEU A 251 12.72 5.66 -0.32
CA LEU A 251 13.05 6.43 -1.54
C LEU A 251 12.34 5.82 -2.75
N PHE A 252 12.23 4.52 -2.74
CA PHE A 252 11.55 3.84 -3.87
C PHE A 252 10.09 4.22 -3.91
N GLU A 253 9.49 4.30 -2.75
CA GLU A 253 8.05 4.67 -2.70
C GLU A 253 7.83 6.04 -3.34
N ASN A 254 8.73 6.95 -3.07
CA ASN A 254 8.60 8.30 -3.65
C ASN A 254 8.66 8.24 -5.18
N VAL A 255 7.56 8.53 -5.81
CA VAL A 255 7.53 8.49 -7.29
C VAL A 255 8.05 7.16 -7.80
N ILE A 256 7.22 6.16 -7.75
CA ILE A 256 7.65 4.82 -8.23
C ILE A 256 8.05 4.88 -9.70
N PRO A 76 -29.56 14.40 8.90
CA PRO A 76 -28.88 15.26 7.92
C PRO A 76 -27.44 15.55 8.36
N GLU A 77 -27.20 15.43 9.63
CA GLU A 77 -25.82 15.69 10.14
C GLU A 77 -24.87 14.61 9.66
N GLY A 78 -24.99 14.25 8.42
CA GLY A 78 -24.09 13.19 7.87
C GLY A 78 -22.62 13.62 7.98
N LEU A 79 -22.30 14.75 7.43
CA LEU A 79 -20.90 15.23 7.49
C LEU A 79 -20.49 15.51 8.93
N ASP A 80 -21.23 16.35 9.59
CA ASP A 80 -20.89 16.68 11.00
C ASP A 80 -20.54 15.40 11.77
N GLN A 81 -21.25 14.35 11.49
CA GLN A 81 -20.98 13.07 12.20
C GLN A 81 -19.59 12.57 11.82
N LEU A 82 -19.33 12.51 10.54
CA LEU A 82 -18.01 12.02 10.09
C LEU A 82 -16.90 12.83 10.74
N GLN A 83 -17.13 14.11 10.88
CA GLN A 83 -16.09 14.97 11.50
C GLN A 83 -15.78 14.48 12.91
N ALA A 84 -16.79 14.28 13.69
CA ALA A 84 -16.56 13.79 15.08
C ALA A 84 -15.76 12.51 15.06
N GLN A 85 -15.93 11.75 14.01
CA GLN A 85 -15.19 10.46 13.90
C GLN A 85 -13.76 10.70 13.43
N THR A 86 -13.62 10.96 12.15
CA THR A 86 -12.26 11.21 11.60
C THR A 86 -11.73 12.57 12.02
N LYS A 87 -10.46 12.62 12.33
CA LYS A 87 -9.87 13.91 12.75
C LYS A 87 -9.55 14.78 11.53
N PHE A 88 -10.20 15.90 11.44
CA PHE A 88 -9.94 16.79 10.27
C PHE A 88 -10.88 17.98 10.31
N THR A 89 -10.92 18.71 9.22
CA THR A 89 -11.81 19.90 9.14
C THR A 89 -12.90 19.66 8.12
N LYS A 90 -14.12 19.91 8.50
CA LYS A 90 -15.24 19.69 7.54
C LYS A 90 -14.87 20.21 6.16
N LYS A 91 -13.93 21.11 6.13
CA LYS A 91 -13.51 21.67 4.82
C LYS A 91 -12.70 20.63 4.06
N GLU A 92 -11.72 20.07 4.73
CA GLU A 92 -10.88 19.05 4.07
C GLU A 92 -11.73 17.87 3.66
N LEU A 93 -12.59 17.46 4.54
CA LEU A 93 -13.47 16.31 4.22
C LEU A 93 -14.25 16.60 2.95
N GLN A 94 -14.69 17.83 2.82
CA GLN A 94 -15.46 18.20 1.62
C GLN A 94 -14.64 17.88 0.37
N SER A 95 -13.43 18.36 0.34
CA SER A 95 -12.58 18.09 -0.84
C SER A 95 -12.40 16.59 -0.98
N LEU A 96 -12.05 15.95 0.11
CA LEU A 96 -11.85 14.49 0.05
C LEU A 96 -13.13 13.81 -0.40
N TYR A 97 -14.24 14.23 0.17
CA TYR A 97 -15.52 13.62 -0.20
C TYR A 97 -15.75 13.81 -1.69
N ARG A 98 -15.37 14.95 -2.19
CA ARG A 98 -15.55 15.21 -3.63
C ARG A 98 -14.94 14.09 -4.43
N GLY A 99 -13.72 13.76 -4.11
CA GLY A 99 -13.03 12.67 -4.85
C GLY A 99 -13.91 11.41 -4.82
N PHE A 100 -14.49 11.16 -3.67
CA PHE A 100 -15.35 9.97 -3.55
C PHE A 100 -16.46 10.02 -4.60
N LYS A 101 -16.97 11.20 -4.83
CA LYS A 101 -18.05 11.35 -5.84
C LYS A 101 -17.51 11.07 -7.23
N ASN A 102 -16.24 11.31 -7.41
CA ASN A 102 -15.63 11.08 -8.74
C ASN A 102 -15.64 9.59 -9.07
N GLU A 103 -15.56 8.77 -8.06
CA GLU A 103 -15.56 7.30 -8.29
C GLU A 103 -16.96 6.81 -8.62
N CYS A 104 -17.08 5.53 -8.83
CA CYS A 104 -18.42 4.96 -9.16
C CYS A 104 -19.40 5.18 -7.99
N PRO A 105 -20.49 5.93 -8.24
CA PRO A 105 -21.48 6.19 -7.20
C PRO A 105 -22.28 4.93 -6.84
N THR A 106 -22.45 4.72 -5.57
CA THR A 106 -23.22 3.52 -5.12
C THR A 106 -23.25 3.43 -3.60
N GLY A 107 -22.25 4.02 -2.97
CA GLY A 107 -22.19 4.00 -1.48
C GLY A 107 -20.81 3.54 -1.03
N LEU A 108 -20.64 2.25 -0.94
CA LEU A 108 -19.32 1.72 -0.51
C LEU A 108 -18.45 1.41 -1.71
N VAL A 109 -17.17 1.34 -1.49
CA VAL A 109 -16.24 1.03 -2.62
C VAL A 109 -15.83 -0.43 -2.59
N ASP A 110 -15.43 -0.94 -3.74
CA ASP A 110 -15.01 -2.37 -3.82
C ASP A 110 -13.68 -2.50 -4.55
N GLU A 111 -13.02 -3.61 -4.34
CA GLU A 111 -11.71 -3.83 -5.01
C GLU A 111 -11.76 -3.38 -6.46
N ASP A 112 -12.83 -3.74 -7.13
CA ASP A 112 -12.95 -3.33 -8.55
C ASP A 112 -12.76 -1.84 -8.71
N THR A 113 -13.45 -1.08 -7.91
CA THR A 113 -13.31 0.40 -8.01
C THR A 113 -11.87 0.81 -7.81
N PHE A 114 -11.26 0.33 -6.76
CA PHE A 114 -9.85 0.69 -6.50
C PHE A 114 -8.99 0.44 -7.73
N LYS A 115 -9.31 -0.62 -8.45
CA LYS A 115 -8.52 -0.94 -9.66
C LYS A 115 -8.72 0.14 -10.73
N LEU A 116 -9.96 0.54 -10.91
CA LEU A 116 -10.24 1.58 -11.93
C LEU A 116 -9.50 2.88 -11.59
N ILE A 117 -9.41 3.17 -10.34
CA ILE A 117 -8.70 4.42 -9.93
C ILE A 117 -7.23 4.35 -10.30
N TYR A 118 -6.62 3.23 -10.05
CA TYR A 118 -5.18 3.09 -10.38
C TYR A 118 -4.98 2.92 -11.87
N SER A 119 -6.05 2.64 -12.56
CA SER A 119 -5.94 2.46 -14.03
C SER A 119 -6.14 3.78 -14.76
N GLN A 120 -6.79 4.71 -14.10
CA GLN A 120 -7.02 6.02 -14.75
C GLN A 120 -5.87 6.99 -14.45
N PHE A 121 -5.26 6.81 -13.30
CA PHE A 121 -4.13 7.72 -12.94
C PHE A 121 -2.96 7.53 -13.89
N PHE A 122 -2.30 6.42 -13.78
CA PHE A 122 -1.15 6.15 -14.68
C PHE A 122 -1.60 6.12 -16.15
N PRO A 123 -0.78 6.68 -17.04
CA PRO A 123 -1.11 6.70 -18.47
C PRO A 123 -1.28 5.28 -19.02
N GLN A 124 -0.16 4.65 -19.28
CA GLN A 124 -0.21 3.25 -19.81
C GLN A 124 0.44 2.28 -18.85
N GLY A 125 -0.31 1.28 -18.44
CA GLY A 125 0.26 0.28 -17.49
C GLY A 125 -0.86 -0.54 -16.85
N ASP A 126 -0.55 -1.78 -16.55
CA ASP A 126 -1.57 -2.66 -15.93
C ASP A 126 -1.37 -2.76 -14.43
N ALA A 127 -1.54 -1.66 -13.74
CA ALA A 127 -1.35 -1.68 -12.27
C ALA A 127 -2.46 -2.48 -11.60
N THR A 128 -2.54 -3.75 -11.95
CA THR A 128 -3.59 -4.60 -11.35
C THR A 128 -3.08 -5.28 -10.07
N THR A 129 -1.98 -5.97 -10.18
CA THR A 129 -1.43 -6.66 -8.98
C THR A 129 -1.30 -5.70 -7.82
N TYR A 130 -0.64 -4.61 -8.05
CA TYR A 130 -0.46 -3.62 -6.95
C TYR A 130 -1.81 -3.17 -6.41
N ALA A 131 -2.79 -3.09 -7.27
CA ALA A 131 -4.13 -2.67 -6.81
C ALA A 131 -4.67 -3.64 -5.77
N HIS A 132 -4.47 -4.90 -6.00
CA HIS A 132 -4.97 -5.91 -5.03
C HIS A 132 -4.30 -5.73 -3.69
N PHE A 133 -3.00 -5.70 -3.68
CA PHE A 133 -2.28 -5.53 -2.40
C PHE A 133 -2.71 -4.23 -1.74
N LEU A 134 -2.91 -3.22 -2.54
CA LEU A 134 -3.35 -1.93 -1.97
C LEU A 134 -4.67 -2.09 -1.23
N PHE A 135 -5.64 -2.63 -1.90
CA PHE A 135 -6.95 -2.82 -1.24
C PHE A 135 -6.77 -3.53 0.09
N ASN A 136 -5.94 -4.53 0.10
CA ASN A 136 -5.71 -5.27 1.36
C ASN A 136 -5.35 -4.31 2.48
N ALA A 137 -4.52 -3.35 2.15
CA ALA A 137 -4.12 -2.36 3.18
C ALA A 137 -5.32 -1.52 3.61
N PHE A 138 -6.25 -1.33 2.70
CA PHE A 138 -7.44 -0.53 3.02
C PHE A 138 -8.62 -1.43 3.40
N ASP A 139 -8.74 -1.73 4.67
CA ASP A 139 -9.85 -2.60 5.10
C ASP A 139 -9.97 -2.65 6.62
N ALA A 140 -11.01 -3.30 7.09
CA ALA A 140 -11.21 -3.40 8.55
C ALA A 140 -12.09 -4.60 8.89
N ASP A 141 -11.63 -5.43 9.77
CA ASP A 141 -12.43 -6.62 10.14
C ASP A 141 -12.54 -7.59 8.97
N GLY A 142 -13.29 -7.20 7.98
CA GLY A 142 -13.46 -8.09 6.79
C GLY A 142 -14.86 -7.92 6.19
N ASN A 143 -14.91 -7.31 5.03
CA ASN A 143 -16.24 -7.11 4.39
C ASN A 143 -16.08 -7.02 2.87
N GLY A 144 -14.88 -7.20 2.40
CA GLY A 144 -14.66 -7.13 0.93
C GLY A 144 -15.15 -5.79 0.38
N ALA A 145 -15.53 -4.91 1.28
CA ALA A 145 -16.02 -3.58 0.85
C ALA A 145 -15.54 -2.49 1.79
N ILE A 146 -15.01 -1.43 1.22
CA ILE A 146 -14.50 -0.31 2.06
C ILE A 146 -15.48 0.86 2.04
N HIS A 147 -15.20 1.87 2.85
CA HIS A 147 -16.10 3.05 2.89
C HIS A 147 -15.29 4.34 2.96
N PHE A 148 -15.99 5.44 3.06
CA PHE A 148 -15.27 6.75 3.14
C PHE A 148 -14.54 6.90 4.47
N GLU A 149 -15.15 6.42 5.52
CA GLU A 149 -14.50 6.53 6.85
C GLU A 149 -13.14 5.85 6.84
N ASP A 150 -13.14 4.57 6.61
CA ASP A 150 -11.86 3.84 6.59
C ASP A 150 -10.90 4.46 5.57
N PHE A 151 -11.46 4.93 4.49
CA PHE A 151 -10.59 5.55 3.45
C PHE A 151 -9.99 6.85 3.97
N VAL A 152 -10.76 7.57 4.74
CA VAL A 152 -10.25 8.84 5.28
C VAL A 152 -9.08 8.58 6.22
N VAL A 153 -9.25 7.64 7.12
CA VAL A 153 -8.15 7.33 8.05
C VAL A 153 -6.90 6.97 7.28
N GLY A 154 -7.06 6.13 6.30
CA GLY A 154 -5.88 5.74 5.50
C GLY A 154 -5.36 6.95 4.74
N LEU A 155 -6.23 7.58 4.01
CA LEU A 155 -5.80 8.76 3.25
C LEU A 155 -5.02 9.69 4.16
N SER A 156 -5.33 9.66 5.44
CA SER A 156 -4.59 10.54 6.38
C SER A 156 -3.20 9.99 6.61
N ILE A 157 -3.09 8.69 6.62
CA ILE A 157 -1.77 8.07 6.84
C ILE A 157 -0.86 8.33 5.66
N LEU A 158 -1.39 8.14 4.47
CA LEU A 158 -0.56 8.37 3.26
C LEU A 158 -0.20 9.86 3.18
N LEU A 159 -1.20 10.69 3.15
CA LEU A 159 -0.94 12.15 3.07
C LEU A 159 -0.08 12.61 4.24
N ARG A 160 -0.66 12.59 5.41
CA ARG A 160 0.10 13.02 6.61
C ARG A 160 0.73 11.82 7.30
N GLY A 161 0.08 11.35 8.34
CA GLY A 161 0.63 10.17 9.07
C GLY A 161 2.00 10.50 9.67
N THR A 162 2.42 9.69 10.60
CA THR A 162 3.74 9.93 11.26
C THR A 162 4.78 8.96 10.72
N VAL A 163 6.03 9.24 11.00
CA VAL A 163 7.10 8.34 10.51
C VAL A 163 6.85 6.91 10.96
N HIS A 164 6.53 6.75 12.21
CA HIS A 164 6.27 5.39 12.74
C HIS A 164 5.06 4.79 12.04
N GLU A 165 4.00 5.53 11.99
CA GLU A 165 2.78 5.01 11.33
C GLU A 165 3.06 4.72 9.87
N LYS A 166 3.98 5.45 9.30
CA LYS A 166 4.31 5.23 7.87
C LYS A 166 5.02 3.89 7.69
N LEU A 167 6.03 3.67 8.49
CA LEU A 167 6.78 2.39 8.38
C LEU A 167 5.83 1.23 8.60
N LYS A 168 4.93 1.37 9.53
CA LYS A 168 3.97 0.28 9.80
C LYS A 168 3.08 0.05 8.59
N TRP A 169 2.71 1.12 7.96
CA TRP A 169 1.85 1.00 6.76
C TRP A 169 2.60 0.27 5.66
N ALA A 170 3.84 0.62 5.50
CA ALA A 170 4.65 -0.04 4.44
C ALA A 170 4.75 -1.53 4.69
N PHE A 171 5.01 -1.89 5.92
CA PHE A 171 5.12 -3.32 6.25
C PHE A 171 3.79 -4.01 6.02
N ASN A 172 2.73 -3.37 6.42
CA ASN A 172 1.39 -3.98 6.23
C ASN A 172 1.05 -4.02 4.75
N LEU A 173 1.52 -3.05 4.01
CA LEU A 173 1.25 -3.03 2.56
C LEU A 173 1.88 -4.23 1.88
N TYR A 174 3.16 -4.40 2.08
CA TYR A 174 3.86 -5.55 1.45
C TYR A 174 3.37 -6.86 2.04
N ASP A 175 2.15 -7.21 1.75
CA ASP A 175 1.62 -8.48 2.30
C ASP A 175 0.34 -8.90 1.56
N ILE A 176 0.29 -10.15 1.19
CA ILE A 176 -0.91 -10.64 0.48
C ILE A 176 -1.91 -11.23 1.45
N ASN A 177 -1.44 -12.13 2.28
CA ASN A 177 -2.34 -12.75 3.28
C ASN A 177 -2.22 -12.07 4.63
N LYS A 178 -3.20 -12.26 5.47
CA LYS A 178 -3.14 -11.63 6.81
C LYS A 178 -2.29 -12.46 7.74
N ASP A 179 -1.25 -13.05 7.22
CA ASP A 179 -0.37 -13.88 8.07
C ASP A 179 0.42 -13.02 9.05
N GLY A 180 0.39 -11.73 8.83
CA GLY A 180 1.14 -10.81 9.74
C GLY A 180 2.65 -11.01 9.60
N CYS A 181 3.04 -11.83 8.65
CA CYS A 181 4.50 -12.09 8.44
C CYS A 181 4.88 -11.88 6.98
N ILE A 182 6.15 -11.68 6.75
CA ILE A 182 6.64 -11.47 5.36
C ILE A 182 7.70 -12.49 5.00
N THR A 183 7.92 -12.66 3.74
CA THR A 183 8.94 -13.63 3.31
C THR A 183 9.51 -13.21 1.95
N LYS A 184 10.66 -13.71 1.62
CA LYS A 184 11.26 -13.35 0.32
C LYS A 184 10.30 -13.66 -0.83
N GLU A 185 9.50 -14.68 -0.65
CA GLU A 185 8.54 -15.04 -1.72
C GLU A 185 7.57 -13.91 -1.97
N GLU A 186 6.85 -13.54 -0.94
CA GLU A 186 5.88 -12.43 -1.09
C GLU A 186 6.59 -11.20 -1.62
N MET A 187 7.85 -11.10 -1.33
CA MET A 187 8.63 -9.93 -1.81
C MET A 187 8.85 -10.01 -3.31
N LEU A 188 8.98 -11.21 -3.81
CA LEU A 188 9.21 -11.37 -5.27
C LEU A 188 7.98 -10.92 -6.04
N ALA A 189 6.82 -11.36 -5.60
CA ALA A 189 5.59 -10.95 -6.32
C ALA A 189 5.33 -9.47 -6.11
N ILE A 190 5.84 -8.95 -5.03
CA ILE A 190 5.63 -7.51 -4.75
C ILE A 190 6.53 -6.66 -5.63
N MET A 191 7.78 -7.04 -5.71
CA MET A 191 8.71 -6.26 -6.54
C MET A 191 8.36 -6.40 -8.01
N LYS A 192 7.89 -7.57 -8.37
CA LYS A 192 7.52 -7.79 -9.78
C LYS A 192 6.35 -6.90 -10.15
N SER A 193 5.41 -6.78 -9.24
CA SER A 193 4.24 -5.92 -9.52
C SER A 193 4.68 -4.50 -9.81
N ILE A 194 5.53 -3.99 -8.95
CA ILE A 194 6.02 -2.61 -9.15
C ILE A 194 6.58 -2.46 -10.57
N TYR A 195 7.45 -3.37 -10.93
CA TYR A 195 8.04 -3.31 -12.28
C TYR A 195 6.98 -3.51 -13.33
N ASP A 196 6.06 -4.40 -13.04
CA ASP A 196 4.97 -4.67 -14.01
C ASP A 196 4.09 -3.44 -14.18
N MET A 197 3.78 -2.80 -13.09
CA MET A 197 2.93 -1.60 -13.18
C MET A 197 3.60 -0.54 -14.04
N MET A 198 4.90 -0.53 -14.03
CA MET A 198 5.63 0.47 -14.85
C MET A 198 5.47 0.20 -16.34
N GLY A 199 4.79 1.09 -17.02
CA GLY A 199 4.58 0.91 -18.48
C GLY A 199 4.00 -0.48 -18.78
N ARG A 200 3.85 -0.77 -20.06
CA ARG A 200 3.30 -2.09 -20.46
C ARG A 200 4.38 -2.97 -21.07
N HIS A 201 4.12 -4.25 -21.12
CA HIS A 201 5.12 -5.18 -21.69
C HIS A 201 4.45 -6.48 -22.13
N THR A 202 5.25 -7.51 -22.32
CA THR A 202 4.68 -8.82 -22.75
C THR A 202 5.11 -9.93 -21.80
N TYR A 203 5.41 -11.07 -22.35
CA TYR A 203 5.84 -12.21 -21.49
C TYR A 203 6.94 -13.02 -22.18
N PRO A 204 8.08 -12.40 -22.32
CA PRO A 204 9.25 -13.03 -22.96
C PRO A 204 9.88 -14.09 -22.06
N ILE A 205 9.67 -13.95 -20.77
CA ILE A 205 10.25 -14.94 -19.82
C ILE A 205 11.76 -15.06 -20.02
N LEU A 206 12.46 -13.98 -19.77
CA LEU A 206 13.92 -14.02 -19.94
C LEU A 206 14.57 -12.82 -19.24
N ARG A 207 14.87 -11.80 -19.99
CA ARG A 207 15.50 -10.61 -19.39
C ARG A 207 16.77 -11.00 -18.64
N GLU A 208 17.35 -10.06 -17.95
CA GLU A 208 18.59 -10.35 -17.19
C GLU A 208 18.63 -9.58 -15.88
N ASP A 209 18.08 -8.39 -15.90
CA ASP A 209 18.08 -7.57 -14.67
C ASP A 209 16.84 -7.85 -13.83
N ALA A 210 16.48 -9.11 -13.75
CA ALA A 210 15.28 -9.47 -12.96
C ALA A 210 15.40 -8.94 -11.51
N PRO A 211 14.29 -8.44 -10.97
CA PRO A 211 14.27 -7.90 -9.60
C PRO A 211 14.63 -8.98 -8.57
N LEU A 212 15.36 -9.97 -9.00
CA LEU A 212 15.75 -11.05 -8.06
C LEU A 212 16.88 -10.61 -7.13
N GLU A 213 17.71 -9.72 -7.61
CA GLU A 213 18.82 -9.23 -6.77
C GLU A 213 18.32 -8.32 -5.66
N HIS A 214 17.50 -7.38 -6.00
CA HIS A 214 16.97 -6.45 -4.98
C HIS A 214 16.24 -7.22 -3.89
N VAL A 215 15.27 -7.99 -4.28
CA VAL A 215 14.51 -8.77 -3.27
C VAL A 215 15.44 -9.67 -2.48
N GLU A 216 16.46 -10.16 -3.13
CA GLU A 216 17.42 -11.04 -2.44
C GLU A 216 18.25 -10.23 -1.46
N ARG A 217 18.62 -9.05 -1.87
CA ARG A 217 19.43 -8.19 -0.98
C ARG A 217 18.61 -7.73 0.20
N PHE A 218 17.38 -7.38 -0.05
CA PHE A 218 16.51 -6.92 1.06
C PHE A 218 16.41 -7.99 2.12
N PHE A 219 16.25 -9.22 1.70
CA PHE A 219 16.15 -10.31 2.69
C PHE A 219 17.48 -10.51 3.39
N GLN A 220 18.55 -10.41 2.63
CA GLN A 220 19.88 -10.59 3.24
C GLN A 220 20.04 -9.59 4.38
N LYS A 221 19.54 -8.40 4.16
CA LYS A 221 19.63 -7.36 5.21
C LYS A 221 18.59 -7.63 6.29
N MET A 222 17.44 -8.05 5.85
CA MET A 222 16.36 -8.35 6.82
C MET A 222 16.44 -9.79 7.26
N ASP A 223 15.32 -10.48 7.25
CA ASP A 223 15.31 -11.90 7.67
C ASP A 223 16.30 -12.15 8.81
N ARG A 224 17.47 -12.61 8.45
CA ARG A 224 18.50 -12.88 9.49
C ARG A 224 18.02 -13.94 10.48
N ASN A 225 17.11 -13.56 11.33
CA ASN A 225 16.59 -14.52 12.34
C ASN A 225 16.38 -15.91 11.73
N GLN A 226 16.76 -16.92 12.49
CA GLN A 226 16.60 -18.29 11.98
C GLN A 226 15.15 -18.54 11.58
N ASP A 227 14.31 -17.59 11.91
CA ASP A 227 12.88 -17.74 11.57
C ASP A 227 12.68 -17.68 10.06
N GLY A 228 13.55 -16.95 9.41
CA GLY A 228 13.44 -16.84 7.93
C GLY A 228 12.45 -15.75 7.49
N VAL A 229 11.27 -15.78 8.04
CA VAL A 229 10.27 -14.76 7.64
C VAL A 229 10.43 -13.46 8.43
N VAL A 230 9.98 -12.39 7.82
CA VAL A 230 10.10 -11.07 8.49
C VAL A 230 8.79 -10.67 9.17
N THR A 231 8.93 -10.04 10.30
CA THR A 231 7.74 -9.60 11.08
C THR A 231 7.87 -8.12 11.41
N ILE A 232 6.76 -7.51 11.74
CA ILE A 232 6.80 -6.06 12.10
C ILE A 232 8.01 -5.76 12.97
N ASP A 233 8.34 -6.66 13.85
CA ASP A 233 9.50 -6.42 14.73
C ASP A 233 10.79 -6.41 13.92
N GLU A 234 11.06 -7.50 13.26
CA GLU A 234 12.29 -7.59 12.44
C GLU A 234 12.28 -6.51 11.36
N PHE A 235 11.10 -6.05 11.03
CA PHE A 235 10.98 -5.01 9.97
C PHE A 235 11.29 -3.63 10.55
N LEU A 236 10.74 -3.35 11.70
CA LEU A 236 10.99 -2.04 12.32
C LEU A 236 12.40 -1.99 12.91
N GLU A 237 12.88 -3.13 13.32
CA GLU A 237 14.24 -3.16 13.92
C GLU A 237 15.28 -3.06 12.82
N THR A 238 14.95 -3.54 11.65
CA THR A 238 15.92 -3.47 10.53
C THR A 238 15.96 -2.07 9.93
N CYS A 239 14.80 -1.51 9.71
CA CYS A 239 14.74 -0.15 9.13
C CYS A 239 15.46 0.85 10.02
N GLN A 240 15.16 0.81 11.29
CA GLN A 240 15.82 1.76 12.22
C GLN A 240 17.31 1.47 12.33
N LYS A 241 17.65 0.21 12.25
CA LYS A 241 19.09 -0.16 12.35
C LYS A 241 19.83 0.18 11.07
N ASP A 242 21.02 0.71 11.22
CA ASP A 242 21.86 1.09 10.03
C ASP A 242 21.14 2.10 9.12
N GLU A 243 19.83 2.13 9.19
CA GLU A 243 19.03 3.09 8.35
C GLU A 243 19.75 3.41 7.04
N ASN A 244 19.63 2.51 6.09
CA ASN A 244 20.30 2.75 4.78
C ASN A 244 19.45 2.18 3.64
N ILE A 245 19.12 0.93 3.73
CA ILE A 245 18.31 0.32 2.66
C ILE A 245 16.89 0.82 2.77
N MET A 246 16.39 0.85 3.96
CA MET A 246 15.02 1.32 4.14
C MET A 246 14.95 2.82 3.89
N ASN A 247 16.07 3.48 4.05
CA ASN A 247 16.08 4.94 3.81
C ASN A 247 15.63 5.18 2.38
N SER A 248 16.07 4.32 1.49
CA SER A 248 15.67 4.49 0.08
C SER A 248 14.21 4.12 -0.07
N MET A 249 13.81 3.09 0.64
CA MET A 249 12.40 2.66 0.56
C MET A 249 11.49 3.80 0.99
N GLN A 250 11.92 4.54 1.98
CA GLN A 250 11.10 5.68 2.45
C GLN A 250 10.93 6.71 1.35
N LEU A 251 12.03 7.18 0.84
CA LEU A 251 11.95 8.18 -0.25
C LEU A 251 11.27 7.58 -1.47
N PHE A 252 11.44 6.30 -1.63
CA PHE A 252 10.81 5.62 -2.79
C PHE A 252 9.31 5.45 -2.57
N GLU A 253 8.93 5.37 -1.34
CA GLU A 253 7.48 5.20 -1.03
C GLU A 253 6.82 6.56 -0.86
N ASN A 254 7.49 7.45 -0.18
CA ASN A 254 6.91 8.80 0.03
C ASN A 254 6.92 9.59 -1.27
N VAL A 255 6.15 9.15 -2.23
CA VAL A 255 6.10 9.87 -3.51
C VAL A 255 4.97 9.34 -4.40
N ILE A 256 4.77 8.05 -4.35
CA ILE A 256 3.69 7.46 -5.17
C ILE A 256 2.36 8.14 -4.91
N PRO A 76 -27.47 15.91 10.80
CA PRO A 76 -28.09 15.04 9.79
C PRO A 76 -27.14 14.76 8.63
N GLU A 77 -26.01 15.41 8.65
CA GLU A 77 -25.03 15.18 7.56
C GLU A 77 -24.07 14.05 7.91
N GLY A 78 -23.82 13.21 6.95
CA GLY A 78 -22.90 12.06 7.21
C GLY A 78 -21.58 12.56 7.81
N LEU A 79 -21.07 13.63 7.26
CA LEU A 79 -19.80 14.17 7.80
C LEU A 79 -19.90 14.44 9.29
N ASP A 80 -20.93 15.15 9.68
CA ASP A 80 -21.10 15.46 11.12
C ASP A 80 -20.95 14.19 11.94
N GLN A 81 -21.67 13.18 11.57
CA GLN A 81 -21.57 11.91 12.32
C GLN A 81 -20.16 11.37 12.25
N LEU A 82 -19.58 11.46 11.08
CA LEU A 82 -18.19 10.96 10.93
C LEU A 82 -17.25 11.73 11.82
N GLN A 83 -17.40 13.04 11.83
CA GLN A 83 -16.51 13.86 12.68
C GLN A 83 -16.49 13.29 14.08
N ALA A 84 -17.65 12.91 14.56
CA ALA A 84 -17.71 12.34 15.92
C ALA A 84 -16.91 11.05 15.99
N GLN A 85 -16.99 10.28 14.92
CA GLN A 85 -16.26 9.01 14.87
C GLN A 85 -14.80 9.24 14.50
N THR A 86 -14.51 9.18 13.22
CA THR A 86 -13.11 9.41 12.79
C THR A 86 -12.68 10.83 13.14
N LYS A 87 -12.38 11.04 14.40
CA LYS A 87 -11.95 12.38 14.86
C LYS A 87 -11.04 13.05 13.82
N PHE A 88 -11.36 14.27 13.50
CA PHE A 88 -10.54 15.01 12.51
C PHE A 88 -10.98 16.47 12.42
N THR A 89 -11.21 16.94 11.23
CA THR A 89 -11.65 18.36 11.06
C THR A 89 -12.66 18.48 9.92
N LYS A 90 -13.85 18.92 10.25
CA LYS A 90 -14.87 19.06 9.19
C LYS A 90 -14.30 19.74 7.97
N LYS A 91 -13.18 20.41 8.14
CA LYS A 91 -12.56 21.09 6.99
C LYS A 91 -11.97 20.08 6.02
N GLU A 92 -10.96 19.38 6.46
CA GLU A 92 -10.35 18.37 5.57
C GLU A 92 -11.41 17.40 5.09
N LEU A 93 -12.35 17.10 5.95
CA LEU A 93 -13.41 16.16 5.53
C LEU A 93 -14.10 16.69 4.29
N GLN A 94 -14.41 17.95 4.31
CA GLN A 94 -15.09 18.54 3.13
C GLN A 94 -14.29 18.26 1.88
N SER A 95 -13.05 18.66 1.90
CA SER A 95 -12.19 18.42 0.71
C SER A 95 -12.08 16.93 0.44
N LEU A 96 -11.78 16.18 1.47
CA LEU A 96 -11.65 14.72 1.29
C LEU A 96 -12.96 14.14 0.80
N TYR A 97 -14.06 14.66 1.31
CA TYR A 97 -15.37 14.13 0.87
C TYR A 97 -15.56 14.39 -0.61
N ARG A 98 -15.12 15.55 -1.04
CA ARG A 98 -15.27 15.88 -2.48
C ARG A 98 -14.64 14.78 -3.33
N GLY A 99 -13.41 14.46 -3.03
CA GLY A 99 -12.75 13.39 -3.82
C GLY A 99 -13.65 12.17 -3.89
N PHE A 100 -14.20 11.80 -2.75
CA PHE A 100 -15.10 10.62 -2.73
C PHE A 100 -16.28 10.85 -3.66
N LYS A 101 -16.74 12.07 -3.72
CA LYS A 101 -17.89 12.38 -4.60
C LYS A 101 -17.54 12.05 -6.05
N ASN A 102 -16.28 12.18 -6.36
CA ASN A 102 -15.83 11.88 -7.75
C ASN A 102 -16.22 10.45 -8.14
N GLU A 103 -16.16 9.56 -7.18
CA GLU A 103 -16.53 8.15 -7.48
C GLU A 103 -17.93 8.10 -8.09
N CYS A 104 -18.02 7.68 -9.33
CA CYS A 104 -19.35 7.59 -9.98
C CYS A 104 -20.41 7.06 -9.01
N PRO A 105 -20.21 5.86 -8.48
CA PRO A 105 -21.16 5.28 -7.54
C PRO A 105 -21.39 6.22 -6.36
N THR A 106 -22.19 5.79 -5.42
CA THR A 106 -22.46 6.67 -4.25
C THR A 106 -22.95 5.85 -3.07
N GLY A 107 -22.49 6.23 -1.90
CA GLY A 107 -22.91 5.49 -0.68
C GLY A 107 -21.89 4.40 -0.33
N LEU A 108 -21.40 3.72 -1.33
CA LEU A 108 -20.42 2.64 -1.07
C LEU A 108 -19.47 2.47 -2.26
N VAL A 109 -18.27 2.03 -1.97
CA VAL A 109 -17.26 1.83 -3.04
C VAL A 109 -16.82 0.36 -3.08
N ASP A 110 -16.26 -0.05 -4.19
CA ASP A 110 -15.79 -1.46 -4.31
C ASP A 110 -14.38 -1.52 -4.84
N GLU A 111 -13.64 -2.51 -4.41
CA GLU A 111 -12.24 -2.62 -4.89
C GLU A 111 -12.18 -2.42 -6.40
N ASP A 112 -13.32 -2.52 -7.03
CA ASP A 112 -13.35 -2.33 -8.50
C ASP A 112 -12.92 -0.92 -8.86
N THR A 113 -13.50 0.04 -8.19
CA THR A 113 -13.15 1.44 -8.47
C THR A 113 -11.67 1.66 -8.25
N PHE A 114 -11.15 1.07 -7.20
CA PHE A 114 -9.71 1.22 -6.90
C PHE A 114 -8.88 0.81 -8.11
N LYS A 115 -9.22 -0.31 -8.68
CA LYS A 115 -8.46 -0.79 -9.86
C LYS A 115 -8.67 0.15 -11.04
N LEU A 116 -9.87 0.62 -11.18
CA LEU A 116 -10.17 1.55 -12.30
C LEU A 116 -9.37 2.84 -12.14
N ILE A 117 -9.28 3.31 -10.92
CA ILE A 117 -8.52 4.56 -10.69
C ILE A 117 -7.03 4.31 -10.86
N TYR A 118 -6.58 3.19 -10.36
CA TYR A 118 -5.14 2.87 -10.49
C TYR A 118 -4.78 2.54 -11.93
N SER A 119 -5.73 1.93 -12.62
CA SER A 119 -5.46 1.58 -14.04
C SER A 119 -5.46 2.82 -14.92
N GLN A 120 -6.34 3.72 -14.63
CA GLN A 120 -6.39 4.97 -15.44
C GLN A 120 -5.19 5.86 -15.15
N PHE A 121 -4.64 5.70 -13.97
CA PHE A 121 -3.46 6.53 -13.60
C PHE A 121 -2.47 6.59 -14.76
N PHE A 122 -2.02 5.45 -15.21
CA PHE A 122 -1.05 5.44 -16.33
C PHE A 122 -1.78 5.46 -17.68
N PRO A 123 -1.13 5.98 -18.69
CA PRO A 123 -1.72 6.06 -20.02
C PRO A 123 -2.05 4.66 -20.55
N GLN A 124 -1.16 3.74 -20.31
CA GLN A 124 -1.41 2.36 -20.79
C GLN A 124 -0.50 1.36 -20.07
N GLY A 125 -1.10 0.37 -19.46
CA GLY A 125 -0.29 -0.63 -18.72
C GLY A 125 -1.20 -1.60 -17.96
N ASP A 126 -0.61 -2.41 -17.12
CA ASP A 126 -1.42 -3.38 -16.34
C ASP A 126 -1.72 -2.84 -14.95
N ALA A 127 -0.83 -3.11 -14.03
CA ALA A 127 -1.05 -2.61 -12.64
C ALA A 127 -2.23 -3.34 -12.00
N THR A 128 -2.33 -4.61 -12.27
CA THR A 128 -3.45 -5.39 -11.69
C THR A 128 -3.04 -5.98 -10.33
N THR A 129 -2.01 -6.76 -10.33
CA THR A 129 -1.55 -7.36 -9.05
C THR A 129 -1.34 -6.28 -8.00
N TYR A 130 -0.61 -5.26 -8.37
CA TYR A 130 -0.35 -4.16 -7.40
C TYR A 130 -1.64 -3.51 -6.94
N ALA A 131 -2.59 -3.41 -7.85
CA ALA A 131 -3.88 -2.79 -7.48
C ALA A 131 -4.60 -3.61 -6.42
N HIS A 132 -4.57 -4.91 -6.60
CA HIS A 132 -5.24 -5.78 -5.61
C HIS A 132 -4.64 -5.59 -4.22
N PHE A 133 -3.35 -5.45 -4.18
CA PHE A 133 -2.68 -5.25 -2.87
C PHE A 133 -3.07 -3.92 -2.27
N LEU A 134 -3.20 -2.92 -3.10
CA LEU A 134 -3.60 -1.59 -2.59
C LEU A 134 -4.95 -1.64 -1.93
N PHE A 135 -5.87 -2.36 -2.52
CA PHE A 135 -7.20 -2.43 -1.91
C PHE A 135 -7.11 -3.08 -0.54
N ASN A 136 -6.40 -4.17 -0.46
CA ASN A 136 -6.27 -4.85 0.85
C ASN A 136 -5.92 -3.83 1.91
N ALA A 137 -5.00 -2.96 1.59
CA ALA A 137 -4.61 -1.92 2.58
C ALA A 137 -5.76 -0.96 2.79
N PHE A 138 -6.54 -0.77 1.75
CA PHE A 138 -7.69 0.15 1.84
C PHE A 138 -8.97 -0.63 2.13
N ASP A 139 -9.13 -1.04 3.36
CA ASP A 139 -10.35 -1.82 3.71
C ASP A 139 -10.33 -2.20 5.19
N ALA A 140 -11.47 -2.63 5.67
CA ALA A 140 -11.57 -3.04 7.10
C ALA A 140 -11.84 -4.52 7.22
N ASP A 141 -12.99 -4.85 7.76
CA ASP A 141 -13.33 -6.29 7.92
C ASP A 141 -14.16 -6.78 6.73
N GLY A 142 -14.27 -5.97 5.72
CA GLY A 142 -15.06 -6.38 4.52
C GLY A 142 -14.14 -7.02 3.48
N ASN A 143 -14.64 -8.06 2.85
CA ASN A 143 -13.81 -8.75 1.82
C ASN A 143 -14.18 -8.27 0.42
N GLY A 144 -14.54 -7.02 0.32
CA GLY A 144 -14.92 -6.47 -1.01
C GLY A 144 -15.92 -5.33 -0.84
N ALA A 145 -15.84 -4.65 0.27
CA ALA A 145 -16.76 -3.52 0.52
C ALA A 145 -16.08 -2.44 1.32
N ILE A 146 -16.08 -1.24 0.78
CA ILE A 146 -15.43 -0.10 1.49
C ILE A 146 -16.32 1.13 1.48
N HIS A 147 -16.10 2.01 2.42
CA HIS A 147 -16.91 3.27 2.49
C HIS A 147 -16.01 4.49 2.52
N PHE A 148 -16.54 5.58 3.02
CA PHE A 148 -15.72 6.80 3.09
C PHE A 148 -14.93 6.83 4.39
N GLU A 149 -15.40 6.09 5.36
CA GLU A 149 -14.70 6.05 6.67
C GLU A 149 -13.34 5.41 6.51
N ASP A 150 -13.34 4.15 6.17
CA ASP A 150 -12.05 3.44 6.00
C ASP A 150 -11.10 4.30 5.17
N PHE A 151 -11.66 5.06 4.27
CA PHE A 151 -10.80 5.92 3.42
C PHE A 151 -10.23 7.06 4.24
N VAL A 152 -11.00 7.54 5.18
CA VAL A 152 -10.51 8.65 6.03
C VAL A 152 -9.40 8.15 6.94
N VAL A 153 -9.57 6.95 7.43
CA VAL A 153 -8.55 6.39 8.33
C VAL A 153 -7.21 6.24 7.60
N GLY A 154 -7.25 5.66 6.44
CA GLY A 154 -5.98 5.49 5.68
C GLY A 154 -5.45 6.86 5.29
N LEU A 155 -6.32 7.69 4.80
CA LEU A 155 -5.87 9.03 4.39
C LEU A 155 -5.21 9.70 5.59
N SER A 156 -5.83 9.58 6.73
CA SER A 156 -5.26 10.19 7.94
C SER A 156 -3.87 9.63 8.23
N ILE A 157 -3.64 8.40 7.82
CA ILE A 157 -2.31 7.80 8.07
C ILE A 157 -1.31 8.28 7.03
N LEU A 158 -1.78 8.44 5.83
CA LEU A 158 -0.86 8.92 4.75
C LEU A 158 -0.64 10.42 4.86
N LEU A 159 -1.66 11.11 5.30
CA LEU A 159 -1.54 12.59 5.44
C LEU A 159 -1.03 12.96 6.82
N ARG A 160 -1.78 12.61 7.83
CA ARG A 160 -1.34 12.93 9.22
C ARG A 160 -0.54 11.79 9.81
N GLY A 161 0.76 11.89 9.74
CA GLY A 161 1.61 10.80 10.29
C GLY A 161 3.09 11.08 10.01
N THR A 162 3.91 10.85 11.00
CA THR A 162 5.36 11.08 10.79
C THR A 162 5.99 9.95 9.98
N VAL A 163 6.96 9.28 10.58
CA VAL A 163 7.62 8.15 9.87
C VAL A 163 7.26 6.82 10.49
N HIS A 164 6.87 6.84 11.73
CA HIS A 164 6.49 5.57 12.40
C HIS A 164 5.22 5.00 11.81
N GLU A 165 4.13 5.67 12.03
CA GLU A 165 2.85 5.17 11.48
C GLU A 165 2.97 4.99 9.97
N LYS A 166 3.87 5.73 9.39
CA LYS A 166 4.05 5.63 7.92
C LYS A 166 4.64 4.27 7.56
N LEU A 167 5.64 3.87 8.30
CA LEU A 167 6.28 2.57 8.01
C LEU A 167 5.28 1.44 8.22
N LYS A 168 4.34 1.66 9.11
CA LYS A 168 3.33 0.60 9.36
C LYS A 168 2.43 0.43 8.16
N TRP A 169 2.00 1.53 7.59
CA TRP A 169 1.12 1.43 6.40
C TRP A 169 1.86 0.80 5.23
N ALA A 170 3.05 1.28 4.98
CA ALA A 170 3.82 0.70 3.86
C ALA A 170 4.11 -0.76 4.13
N PHE A 171 4.34 -1.06 5.38
CA PHE A 171 4.63 -2.46 5.75
C PHE A 171 3.43 -3.34 5.46
N ASN A 172 2.28 -2.88 5.88
CA ASN A 172 1.04 -3.67 5.63
C ASN A 172 0.86 -3.93 4.15
N LEU A 173 1.07 -2.92 3.35
CA LEU A 173 0.92 -3.10 1.88
C LEU A 173 1.78 -4.25 1.39
N TYR A 174 2.98 -4.33 1.91
CA TYR A 174 3.88 -5.42 1.48
C TYR A 174 3.34 -6.78 1.91
N ASP A 175 2.95 -6.87 3.15
CA ASP A 175 2.40 -8.16 3.65
C ASP A 175 0.90 -8.22 3.44
N ILE A 176 0.49 -8.82 2.36
CA ILE A 176 -0.97 -8.93 2.08
C ILE A 176 -1.57 -10.16 2.74
N ASN A 177 -0.79 -10.83 3.53
CA ASN A 177 -1.31 -12.05 4.21
C ASN A 177 -2.12 -11.68 5.44
N LYS A 178 -2.25 -12.63 6.34
CA LYS A 178 -3.02 -12.36 7.58
C LYS A 178 -2.27 -12.85 8.80
N ASP A 179 -1.02 -13.19 8.60
CA ASP A 179 -0.21 -13.68 9.73
C ASP A 179 0.51 -12.52 10.42
N GLY A 180 0.74 -11.47 9.68
CA GLY A 180 1.42 -10.30 10.27
C GLY A 180 2.94 -10.46 10.17
N CYS A 181 3.37 -11.18 9.16
CA CYS A 181 4.82 -11.40 8.98
C CYS A 181 5.18 -11.38 7.50
N ILE A 182 6.42 -11.10 7.23
CA ILE A 182 6.88 -11.06 5.82
C ILE A 182 7.79 -12.24 5.54
N THR A 183 7.94 -12.56 4.30
CA THR A 183 8.81 -13.69 3.96
C THR A 183 9.35 -13.52 2.54
N LYS A 184 10.41 -14.21 2.24
CA LYS A 184 10.99 -14.10 0.88
C LYS A 184 9.92 -14.27 -0.20
N GLU A 185 8.99 -15.15 0.05
CA GLU A 185 7.91 -15.36 -0.95
C GLU A 185 7.11 -14.09 -1.16
N GLU A 186 6.44 -13.65 -0.14
CA GLU A 186 5.62 -12.43 -0.27
C GLU A 186 6.45 -11.29 -0.87
N MET A 187 7.72 -11.30 -0.60
CA MET A 187 8.58 -10.23 -1.15
C MET A 187 8.81 -10.44 -2.64
N LEU A 188 8.80 -11.67 -3.06
CA LEU A 188 9.03 -11.94 -4.50
C LEU A 188 7.81 -11.54 -5.30
N ALA A 189 6.66 -11.66 -4.70
CA ALA A 189 5.43 -11.29 -5.43
C ALA A 189 5.29 -9.78 -5.49
N ILE A 190 5.77 -9.11 -4.48
CA ILE A 190 5.68 -7.64 -4.47
C ILE A 190 6.61 -7.03 -5.51
N MET A 191 7.81 -7.55 -5.57
CA MET A 191 8.77 -7.02 -6.57
C MET A 191 8.36 -7.44 -7.97
N LYS A 192 7.94 -8.67 -8.10
CA LYS A 192 7.53 -9.14 -9.43
C LYS A 192 6.28 -8.40 -9.88
N SER A 193 5.48 -8.01 -8.93
CA SER A 193 4.24 -7.28 -9.29
C SER A 193 4.59 -5.94 -9.88
N ILE A 194 5.54 -5.28 -9.29
CA ILE A 194 5.95 -3.95 -9.81
C ILE A 194 6.52 -4.08 -11.21
N TYR A 195 7.21 -5.17 -11.45
CA TYR A 195 7.79 -5.37 -12.80
C TYR A 195 6.71 -5.82 -13.76
N ASP A 196 5.76 -6.55 -13.25
CA ASP A 196 4.67 -7.03 -14.12
C ASP A 196 3.90 -5.84 -14.66
N MET A 197 3.86 -4.79 -13.89
CA MET A 197 3.14 -3.58 -14.33
C MET A 197 4.05 -2.72 -15.19
N MET A 198 5.27 -2.56 -14.74
CA MET A 198 6.23 -1.74 -15.51
C MET A 198 5.58 -0.47 -16.02
N GLY A 199 5.62 -0.27 -17.32
CA GLY A 199 5.00 0.97 -17.87
C GLY A 199 4.56 0.79 -19.33
N ARG A 200 4.88 1.78 -20.13
CA ARG A 200 4.52 1.71 -21.57
C ARG A 200 4.98 0.43 -22.26
N HIS A 201 5.75 -0.36 -21.56
CA HIS A 201 6.22 -1.62 -22.19
C HIS A 201 6.63 -2.65 -21.16
N THR A 202 6.80 -3.86 -21.61
CA THR A 202 7.18 -4.95 -20.67
C THR A 202 7.43 -6.24 -21.44
N TYR A 203 8.32 -6.19 -22.40
CA TYR A 203 8.62 -7.40 -23.19
C TYR A 203 8.74 -8.63 -22.29
N PRO A 204 8.57 -9.80 -22.87
CA PRO A 204 8.66 -11.04 -22.12
C PRO A 204 10.00 -11.14 -21.39
N ILE A 205 9.97 -10.88 -20.11
CA ILE A 205 11.22 -10.96 -19.31
C ILE A 205 12.01 -12.20 -19.67
N LEU A 206 13.29 -12.16 -19.38
CA LEU A 206 14.13 -13.34 -19.69
C LEU A 206 14.00 -14.41 -18.62
N ARG A 207 15.11 -14.99 -18.24
CA ARG A 207 15.07 -16.05 -17.20
C ARG A 207 16.35 -16.06 -16.38
N GLU A 208 17.45 -15.75 -17.02
CA GLU A 208 18.73 -15.74 -16.28
C GLU A 208 18.77 -14.62 -15.26
N ASP A 209 18.27 -13.46 -15.66
CA ASP A 209 18.26 -12.30 -14.72
C ASP A 209 16.86 -12.06 -14.19
N ALA A 210 16.75 -11.88 -12.90
CA ALA A 210 15.42 -11.64 -12.31
C ALA A 210 15.53 -10.83 -11.01
N PRO A 211 14.43 -10.21 -10.62
CA PRO A 211 14.39 -9.40 -9.41
C PRO A 211 14.72 -10.23 -8.16
N LEU A 212 15.02 -11.48 -8.35
CA LEU A 212 15.35 -12.34 -7.19
C LEU A 212 16.53 -11.78 -6.40
N GLU A 213 17.40 -11.08 -7.08
CA GLU A 213 18.58 -10.50 -6.38
C GLU A 213 18.15 -9.43 -5.38
N HIS A 214 17.34 -8.51 -5.83
CA HIS A 214 16.89 -7.43 -4.91
C HIS A 214 16.25 -8.00 -3.66
N VAL A 215 15.42 -8.99 -3.83
CA VAL A 215 14.75 -9.61 -2.64
C VAL A 215 15.79 -10.30 -1.75
N GLU A 216 16.85 -10.76 -2.36
CA GLU A 216 17.89 -11.45 -1.55
C GLU A 216 18.64 -10.44 -0.70
N ARG A 217 18.95 -9.32 -1.27
CA ARG A 217 19.69 -8.28 -0.50
C ARG A 217 18.83 -7.76 0.65
N PHE A 218 17.57 -7.53 0.36
CA PHE A 218 16.68 -7.02 1.42
C PHE A 218 16.56 -8.04 2.55
N PHE A 219 16.42 -9.28 2.19
CA PHE A 219 16.30 -10.33 3.23
C PHE A 219 17.61 -10.44 4.00
N GLN A 220 18.69 -10.29 3.30
CA GLN A 220 20.01 -10.38 3.97
C GLN A 220 20.10 -9.37 5.10
N LYS A 221 19.54 -8.21 4.87
CA LYS A 221 19.58 -7.17 5.91
C LYS A 221 18.44 -7.37 6.90
N MET A 222 17.40 -8.03 6.46
CA MET A 222 16.26 -8.28 7.37
C MET A 222 16.35 -9.65 8.01
N ASP A 223 15.25 -10.37 8.03
CA ASP A 223 15.26 -11.72 8.64
C ASP A 223 16.08 -11.71 9.93
N ARG A 224 17.31 -12.10 9.83
CA ARG A 224 18.17 -12.12 11.04
C ARG A 224 17.75 -13.23 12.00
N ASN A 225 16.71 -13.00 12.75
CA ASN A 225 16.25 -14.05 13.69
C ASN A 225 16.13 -15.39 12.99
N GLN A 226 16.47 -16.44 13.69
CA GLN A 226 16.39 -17.78 13.07
C GLN A 226 14.96 -18.10 12.64
N ASP A 227 14.08 -17.13 12.78
CA ASP A 227 12.67 -17.38 12.38
C ASP A 227 12.52 -17.33 10.87
N GLY A 228 13.48 -16.71 10.23
CA GLY A 228 13.42 -16.62 8.75
C GLY A 228 12.40 -15.58 8.27
N VAL A 229 11.26 -15.56 8.88
CA VAL A 229 10.24 -14.57 8.44
C VAL A 229 10.49 -13.22 9.09
N VAL A 230 10.15 -12.18 8.36
CA VAL A 230 10.34 -10.82 8.90
C VAL A 230 9.06 -10.26 9.50
N THR A 231 9.21 -9.71 10.68
CA THR A 231 8.04 -9.12 11.38
C THR A 231 8.21 -7.61 11.48
N ILE A 232 7.13 -6.92 11.72
CA ILE A 232 7.24 -5.44 11.83
C ILE A 232 8.47 -5.02 12.62
N ASP A 233 8.99 -5.93 13.40
CA ASP A 233 10.19 -5.60 14.20
C ASP A 233 11.40 -5.46 13.29
N GLU A 234 11.80 -6.54 12.68
CA GLU A 234 12.98 -6.49 11.78
C GLU A 234 12.83 -5.32 10.81
N PHE A 235 11.61 -5.07 10.42
CA PHE A 235 11.35 -3.96 9.48
C PHE A 235 11.61 -2.61 10.13
N LEU A 236 10.97 -2.39 11.23
CA LEU A 236 11.18 -1.10 11.93
C LEU A 236 12.59 -1.00 12.46
N GLU A 237 13.20 -2.13 12.70
CA GLU A 237 14.59 -2.11 13.22
C GLU A 237 15.59 -1.92 12.08
N THR A 238 15.32 -2.57 10.98
CA THR A 238 16.24 -2.43 9.83
C THR A 238 16.05 -1.08 9.14
N CYS A 239 14.88 -0.53 9.27
CA CYS A 239 14.62 0.79 8.64
C CYS A 239 15.04 1.92 9.56
N GLN A 240 14.99 1.69 10.83
CA GLN A 240 15.38 2.74 11.79
C GLN A 240 16.88 2.97 11.76
N LYS A 241 17.64 1.93 11.98
CA LYS A 241 19.11 2.07 11.96
C LYS A 241 19.64 2.02 10.53
N ASP A 242 20.87 2.42 10.37
CA ASP A 242 21.48 2.40 9.00
C ASP A 242 20.83 3.46 8.11
N GLU A 243 19.53 3.62 8.26
CA GLU A 243 18.78 4.64 7.43
C GLU A 243 19.42 4.83 6.05
N ASN A 244 19.24 3.84 5.20
CA ASN A 244 19.82 3.96 3.84
C ASN A 244 19.05 3.10 2.84
N ILE A 245 19.11 1.80 3.03
CA ILE A 245 18.39 0.91 2.10
C ILE A 245 16.91 1.29 2.03
N MET A 246 16.30 1.43 3.18
CA MET A 246 14.88 1.80 3.18
C MET A 246 14.70 3.21 2.63
N ASN A 247 15.74 4.00 2.76
CA ASN A 247 15.65 5.37 2.24
C ASN A 247 15.42 5.32 0.75
N SER A 248 16.02 4.34 0.12
CA SER A 248 15.85 4.21 -1.34
C SER A 248 14.43 3.78 -1.64
N MET A 249 13.93 2.87 -0.84
CA MET A 249 12.54 2.40 -1.05
C MET A 249 11.58 3.57 -1.04
N GLN A 250 11.93 4.59 -0.28
CA GLN A 250 11.05 5.77 -0.21
C GLN A 250 11.12 6.57 -1.51
N LEU A 251 12.32 6.90 -1.91
CA LEU A 251 12.47 7.66 -3.17
C LEU A 251 11.83 6.91 -4.34
N PHE A 252 11.80 5.60 -4.23
CA PHE A 252 11.18 4.80 -5.31
C PHE A 252 9.68 4.74 -5.14
N GLU A 253 9.24 4.82 -3.92
CA GLU A 253 7.78 4.78 -3.66
C GLU A 253 7.18 6.18 -3.71
N ASN A 254 8.03 7.16 -3.54
CA ASN A 254 7.53 8.56 -3.58
C ASN A 254 7.28 9.00 -5.02
N VAL A 255 7.16 8.05 -5.90
CA VAL A 255 6.90 8.40 -7.32
C VAL A 255 6.43 7.17 -8.10
N ILE A 256 5.78 6.27 -7.42
CA ILE A 256 5.30 5.06 -8.11
C ILE A 256 4.10 5.38 -9.00
N PRO A 76 -28.90 15.16 9.38
CA PRO A 76 -27.83 14.24 8.97
C PRO A 76 -26.51 14.59 9.65
N GLU A 77 -26.29 14.00 10.80
CA GLU A 77 -25.02 14.29 11.52
C GLU A 77 -23.93 13.31 11.12
N GLY A 78 -24.29 12.34 10.33
CA GLY A 78 -23.28 11.33 9.89
C GLY A 78 -21.97 12.02 9.50
N LEU A 79 -22.05 12.86 8.49
CA LEU A 79 -20.82 13.57 8.04
C LEU A 79 -20.18 14.32 9.20
N ASP A 80 -20.97 15.13 9.87
CA ASP A 80 -20.43 15.90 11.01
C ASP A 80 -19.66 14.99 11.96
N GLN A 81 -20.26 13.90 12.31
CA GLN A 81 -19.56 12.97 13.24
C GLN A 81 -18.25 12.51 12.63
N LEU A 82 -18.19 12.47 11.33
CA LEU A 82 -16.94 12.03 10.66
C LEU A 82 -15.84 13.07 10.86
N GLN A 83 -16.17 14.31 10.59
CA GLN A 83 -15.15 15.38 10.76
C GLN A 83 -14.61 15.42 12.19
N ALA A 84 -15.47 15.20 13.14
CA ALA A 84 -15.02 15.22 14.55
C ALA A 84 -14.15 14.01 14.86
N GLN A 85 -14.38 12.93 14.15
CA GLN A 85 -13.59 11.70 14.40
C GLN A 85 -12.63 11.38 13.25
N THR A 86 -12.34 12.35 12.41
CA THR A 86 -11.41 12.06 11.28
C THR A 86 -10.91 13.32 10.57
N LYS A 87 -9.62 13.43 10.49
CA LYS A 87 -8.97 14.60 9.84
C LYS A 87 -9.47 15.96 10.33
N PHE A 88 -9.12 16.97 9.56
CA PHE A 88 -9.52 18.36 9.90
C PHE A 88 -11.04 18.56 10.00
N THR A 89 -11.46 19.80 9.86
CA THR A 89 -12.91 20.13 9.94
C THR A 89 -13.72 19.44 8.84
N LYS A 90 -14.77 20.09 8.42
CA LYS A 90 -15.63 19.51 7.36
C LYS A 90 -15.35 20.13 6.00
N LYS A 91 -14.64 21.23 5.99
CA LYS A 91 -14.33 21.88 4.70
C LYS A 91 -13.46 20.98 3.85
N GLU A 92 -12.23 20.81 4.26
CA GLU A 92 -11.32 19.94 3.48
C GLU A 92 -11.97 18.59 3.26
N LEU A 93 -12.80 18.20 4.20
CA LEU A 93 -13.48 16.91 4.08
C LEU A 93 -14.46 16.96 2.92
N GLN A 94 -15.25 17.99 2.87
CA GLN A 94 -16.23 18.10 1.76
C GLN A 94 -15.52 17.83 0.45
N SER A 95 -14.35 18.36 0.32
CA SER A 95 -13.58 18.15 -0.93
C SER A 95 -13.35 16.66 -1.13
N LEU A 96 -12.93 16.01 -0.07
CA LEU A 96 -12.68 14.56 -0.19
C LEU A 96 -13.98 13.82 -0.37
N TYR A 97 -14.99 14.23 0.36
CA TYR A 97 -16.31 13.58 0.23
C TYR A 97 -16.86 13.79 -1.16
N ARG A 98 -16.58 14.94 -1.72
CA ARG A 98 -17.08 15.23 -3.09
C ARG A 98 -16.56 14.19 -4.05
N GLY A 99 -15.27 13.96 -4.00
CA GLY A 99 -14.69 12.94 -4.92
C GLY A 99 -15.37 11.59 -4.72
N PHE A 100 -15.64 11.26 -3.48
CA PHE A 100 -16.30 9.97 -3.19
C PHE A 100 -17.68 9.91 -3.85
N LYS A 101 -18.42 10.99 -3.74
CA LYS A 101 -19.76 11.01 -4.35
C LYS A 101 -19.68 10.79 -5.86
N ASN A 102 -18.59 11.22 -6.43
CA ASN A 102 -18.43 11.06 -7.89
C ASN A 102 -18.20 9.59 -8.24
N GLU A 103 -17.67 8.85 -7.30
CA GLU A 103 -17.41 7.41 -7.56
C GLU A 103 -18.56 6.55 -7.02
N CYS A 104 -19.63 6.49 -7.78
CA CYS A 104 -20.79 5.68 -7.34
C CYS A 104 -21.44 6.30 -6.07
N PRO A 105 -22.75 6.56 -6.12
CA PRO A 105 -23.44 7.14 -4.96
C PRO A 105 -23.34 6.23 -3.74
N THR A 106 -23.27 4.95 -3.97
CA THR A 106 -23.17 4.01 -2.82
C THR A 106 -22.16 4.50 -1.80
N GLY A 107 -22.49 4.34 -0.54
CA GLY A 107 -21.56 4.81 0.53
C GLY A 107 -20.43 3.79 0.74
N LEU A 108 -20.40 2.78 -0.11
CA LEU A 108 -19.34 1.74 0.02
C LEU A 108 -18.60 1.57 -1.29
N VAL A 109 -17.36 1.13 -1.21
CA VAL A 109 -16.56 0.93 -2.44
C VAL A 109 -15.99 -0.47 -2.50
N ASP A 110 -15.99 -1.06 -3.68
CA ASP A 110 -15.45 -2.43 -3.82
C ASP A 110 -14.07 -2.43 -4.47
N GLU A 111 -13.34 -3.49 -4.29
CA GLU A 111 -11.98 -3.56 -4.89
C GLU A 111 -12.05 -3.36 -6.39
N ASP A 112 -13.06 -3.91 -7.00
CA ASP A 112 -13.19 -3.77 -8.48
C ASP A 112 -12.99 -2.31 -8.88
N THR A 113 -13.66 -1.43 -8.19
CA THR A 113 -13.52 0.01 -8.51
C THR A 113 -12.09 0.46 -8.34
N PHE A 114 -11.48 0.02 -7.27
CA PHE A 114 -10.07 0.40 -7.01
C PHE A 114 -9.19 0.03 -8.20
N LYS A 115 -9.48 -1.10 -8.79
CA LYS A 115 -8.67 -1.54 -9.95
C LYS A 115 -8.84 -0.60 -11.13
N LEU A 116 -10.08 -0.31 -11.45
CA LEU A 116 -10.34 0.61 -12.57
C LEU A 116 -9.69 1.96 -12.33
N ILE A 117 -9.72 2.40 -11.10
CA ILE A 117 -9.10 3.71 -10.78
C ILE A 117 -7.60 3.64 -10.96
N TYR A 118 -7.02 2.60 -10.44
CA TYR A 118 -5.55 2.45 -10.56
C TYR A 118 -5.16 2.34 -12.03
N SER A 119 -5.95 1.60 -12.77
CA SER A 119 -5.64 1.43 -14.20
C SER A 119 -5.54 2.80 -14.89
N GLN A 120 -6.44 3.68 -14.55
CA GLN A 120 -6.41 5.02 -15.16
C GLN A 120 -5.33 5.88 -14.51
N PHE A 121 -5.04 5.61 -13.27
CA PHE A 121 -4.00 6.39 -12.56
C PHE A 121 -2.66 6.31 -13.29
N PHE A 122 -2.21 5.11 -13.53
CA PHE A 122 -0.91 4.94 -14.23
C PHE A 122 -1.11 5.12 -15.75
N PRO A 123 -0.41 6.09 -16.34
CA PRO A 123 -0.53 6.33 -17.78
C PRO A 123 -0.13 5.10 -18.58
N GLN A 124 1.16 4.88 -18.68
CA GLN A 124 1.65 3.70 -19.44
C GLN A 124 2.12 2.60 -18.50
N GLY A 125 1.57 1.42 -18.67
CA GLY A 125 1.95 0.28 -17.79
C GLY A 125 0.78 -0.14 -16.90
N ASP A 126 0.15 -1.22 -17.27
CA ASP A 126 -1.00 -1.70 -16.47
C ASP A 126 -0.59 -1.91 -15.01
N ALA A 127 -1.54 -2.35 -14.21
CA ALA A 127 -1.21 -2.57 -12.78
C ALA A 127 -2.36 -3.26 -12.05
N THR A 128 -2.57 -4.51 -12.36
CA THR A 128 -3.66 -5.25 -11.70
C THR A 128 -3.18 -5.89 -10.42
N THR A 129 -1.96 -6.36 -10.44
CA THR A 129 -1.40 -6.99 -9.23
C THR A 129 -1.17 -5.96 -8.14
N TYR A 130 -0.51 -4.88 -8.50
CA TYR A 130 -0.26 -3.82 -7.50
C TYR A 130 -1.57 -3.23 -7.00
N ALA A 131 -2.54 -3.17 -7.88
CA ALA A 131 -3.84 -2.61 -7.47
C ALA A 131 -4.48 -3.47 -6.38
N HIS A 132 -4.34 -4.75 -6.52
CA HIS A 132 -4.93 -5.66 -5.51
C HIS A 132 -4.28 -5.43 -4.15
N PHE A 133 -2.97 -5.46 -4.13
CA PHE A 133 -2.28 -5.24 -2.84
C PHE A 133 -2.66 -3.89 -2.25
N LEU A 134 -2.79 -2.91 -3.10
CA LEU A 134 -3.17 -1.56 -2.60
C LEU A 134 -4.46 -1.65 -1.80
N PHE A 135 -5.41 -2.38 -2.32
CA PHE A 135 -6.69 -2.51 -1.61
C PHE A 135 -6.46 -3.10 -0.22
N ASN A 136 -5.76 -4.20 -0.18
CA ASN A 136 -5.49 -4.83 1.14
C ASN A 136 -5.01 -3.79 2.13
N ALA A 137 -4.22 -2.87 1.65
CA ALA A 137 -3.71 -1.82 2.56
C ALA A 137 -4.86 -1.02 3.14
N PHE A 138 -5.77 -0.63 2.29
CA PHE A 138 -6.94 0.15 2.77
C PHE A 138 -7.96 -0.76 3.45
N ASP A 139 -7.74 -1.04 4.70
CA ASP A 139 -8.70 -1.92 5.42
C ASP A 139 -8.41 -1.94 6.92
N ALA A 140 -9.28 -2.58 7.66
CA ALA A 140 -9.06 -2.65 9.13
C ALA A 140 -9.62 -3.97 9.67
N ASP A 141 -10.73 -4.39 9.12
CA ASP A 141 -11.33 -5.66 9.59
C ASP A 141 -12.12 -6.33 8.47
N GLY A 142 -12.85 -5.54 7.74
CA GLY A 142 -13.65 -6.11 6.62
C GLY A 142 -12.72 -6.76 5.58
N ASN A 143 -13.24 -7.75 4.90
CA ASN A 143 -12.42 -8.45 3.87
C ASN A 143 -12.96 -8.19 2.47
N GLY A 144 -12.37 -7.23 1.80
CA GLY A 144 -12.82 -6.90 0.42
C GLY A 144 -13.94 -5.84 0.45
N ALA A 145 -13.93 -5.03 1.46
CA ALA A 145 -14.97 -3.98 1.55
C ALA A 145 -14.45 -2.75 2.28
N ILE A 146 -14.51 -1.61 1.63
CA ILE A 146 -14.01 -0.36 2.27
C ILE A 146 -15.06 0.74 2.17
N HIS A 147 -14.93 1.75 3.01
CA HIS A 147 -15.91 2.86 3.00
C HIS A 147 -15.20 4.21 3.04
N PHE A 148 -15.98 5.26 2.98
CA PHE A 148 -15.37 6.61 3.01
C PHE A 148 -14.59 6.81 4.30
N GLU A 149 -15.08 6.21 5.37
CA GLU A 149 -14.37 6.35 6.67
C GLU A 149 -12.96 5.80 6.56
N ASP A 150 -12.86 4.54 6.25
CA ASP A 150 -11.52 3.93 6.12
C ASP A 150 -10.68 4.72 5.13
N PHE A 151 -11.33 5.17 4.08
CA PHE A 151 -10.60 5.95 3.06
C PHE A 151 -10.08 7.25 3.68
N VAL A 152 -10.93 7.93 4.42
CA VAL A 152 -10.48 9.20 5.05
C VAL A 152 -9.35 8.91 6.02
N VAL A 153 -9.55 7.90 6.82
CA VAL A 153 -8.50 7.55 7.81
C VAL A 153 -7.17 7.35 7.10
N GLY A 154 -7.21 6.66 5.99
CA GLY A 154 -5.95 6.43 5.24
C GLY A 154 -5.24 7.76 4.99
N LEU A 155 -5.95 8.69 4.41
CA LEU A 155 -5.30 9.99 4.15
C LEU A 155 -4.58 10.47 5.40
N SER A 156 -5.20 10.23 6.53
CA SER A 156 -4.57 10.65 7.80
C SER A 156 -3.31 9.84 8.08
N ILE A 157 -3.31 8.60 7.63
CA ILE A 157 -2.12 7.74 7.86
C ILE A 157 -0.93 8.25 7.04
N LEU A 158 -1.21 8.82 5.91
CA LEU A 158 -0.12 9.33 5.05
C LEU A 158 0.21 10.78 5.39
N LEU A 159 -0.79 11.53 5.77
CA LEU A 159 -0.55 12.95 6.13
C LEU A 159 -0.24 13.10 7.62
N ARG A 160 -1.21 12.83 8.44
CA ARG A 160 -0.99 12.94 9.91
C ARG A 160 0.03 11.93 10.40
N GLY A 161 -0.01 10.75 9.84
CA GLY A 161 0.95 9.70 10.25
C GLY A 161 2.38 10.26 10.24
N THR A 162 3.14 9.92 11.26
CA THR A 162 4.53 10.43 11.32
C THR A 162 5.50 9.39 10.75
N VAL A 163 6.29 8.81 11.61
CA VAL A 163 7.27 7.78 11.16
C VAL A 163 6.75 6.37 11.41
N HIS A 164 6.75 6.00 12.65
CA HIS A 164 6.26 4.63 13.00
C HIS A 164 4.93 4.34 12.31
N GLU A 165 4.08 5.33 12.27
CA GLU A 165 2.76 5.13 11.62
C GLU A 165 2.92 4.81 10.15
N LYS A 166 3.88 5.45 9.52
CA LYS A 166 4.09 5.20 8.08
C LYS A 166 4.61 3.78 7.86
N LEU A 167 5.58 3.39 8.65
CA LEU A 167 6.13 2.02 8.49
C LEU A 167 5.05 0.98 8.71
N LYS A 168 4.10 1.31 9.54
CA LYS A 168 3.00 0.35 9.82
C LYS A 168 2.17 0.13 8.56
N TRP A 169 1.76 1.20 7.94
CA TRP A 169 0.96 1.07 6.71
C TRP A 169 1.76 0.37 5.63
N ALA A 170 3.00 0.78 5.47
CA ALA A 170 3.85 0.15 4.44
C ALA A 170 3.96 -1.34 4.71
N PHE A 171 4.08 -1.68 5.96
CA PHE A 171 4.19 -3.11 6.32
C PHE A 171 2.94 -3.87 5.91
N ASN A 172 1.82 -3.35 6.29
CA ASN A 172 0.54 -4.01 5.94
C ASN A 172 0.41 -4.16 4.42
N LEU A 173 1.08 -3.31 3.70
CA LEU A 173 1.00 -3.39 2.22
C LEU A 173 1.74 -4.62 1.71
N TYR A 174 2.99 -4.73 2.07
CA TYR A 174 3.78 -5.89 1.61
C TYR A 174 3.23 -7.19 2.19
N ASP A 175 2.05 -7.56 1.77
CA ASP A 175 1.43 -8.80 2.30
C ASP A 175 0.12 -9.09 1.59
N ILE A 176 0.06 -10.20 0.90
CA ILE A 176 -1.19 -10.56 0.17
C ILE A 176 -2.06 -11.51 1.00
N ASN A 177 -1.41 -12.33 1.78
CA ASN A 177 -2.19 -13.29 2.63
C ASN A 177 -2.99 -12.55 3.70
N LYS A 178 -3.08 -13.16 4.87
CA LYS A 178 -3.84 -12.52 5.98
C LYS A 178 -2.92 -12.12 7.14
N ASP A 179 -2.27 -13.10 7.72
CA ASP A 179 -1.36 -12.79 8.86
C ASP A 179 -0.52 -11.55 8.57
N GLY A 180 -0.06 -10.92 9.63
CA GLY A 180 0.77 -9.69 9.45
C GLY A 180 2.26 -10.05 9.49
N CYS A 181 2.63 -10.97 8.62
CA CYS A 181 4.06 -11.40 8.58
C CYS A 181 4.58 -11.30 7.15
N ILE A 182 5.88 -11.28 7.02
CA ILE A 182 6.48 -11.18 5.66
C ILE A 182 7.45 -12.32 5.42
N THR A 183 7.67 -12.58 4.19
CA THR A 183 8.59 -13.66 3.83
C THR A 183 9.15 -13.37 2.45
N LYS A 184 10.30 -13.89 2.14
CA LYS A 184 10.87 -13.61 0.81
C LYS A 184 9.87 -14.00 -0.28
N GLU A 185 8.90 -14.81 0.09
CA GLU A 185 7.88 -15.23 -0.90
C GLU A 185 6.98 -14.06 -1.26
N GLU A 186 6.17 -13.65 -0.31
CA GLU A 186 5.26 -12.52 -0.58
C GLU A 186 6.04 -11.39 -1.24
N MET A 187 7.30 -11.29 -0.87
CA MET A 187 8.13 -10.22 -1.47
C MET A 187 8.35 -10.49 -2.94
N LEU A 188 8.39 -11.74 -3.29
CA LEU A 188 8.59 -12.10 -4.72
C LEU A 188 7.43 -11.59 -5.55
N ALA A 189 6.23 -11.83 -5.09
CA ALA A 189 5.04 -11.35 -5.84
C ALA A 189 5.04 -9.84 -5.94
N ILE A 190 5.47 -9.18 -4.90
CA ILE A 190 5.50 -7.70 -4.93
C ILE A 190 6.52 -7.21 -5.94
N MET A 191 7.67 -7.82 -5.96
CA MET A 191 8.71 -7.39 -6.91
C MET A 191 8.28 -7.67 -8.34
N LYS A 192 7.68 -8.80 -8.56
CA LYS A 192 7.24 -9.13 -9.93
C LYS A 192 6.20 -8.13 -10.40
N SER A 193 5.37 -7.70 -9.48
CA SER A 193 4.32 -6.72 -9.86
C SER A 193 4.97 -5.41 -10.32
N ILE A 194 5.82 -4.88 -9.49
CA ILE A 194 6.49 -3.62 -9.87
C ILE A 194 7.20 -3.80 -11.21
N TYR A 195 7.88 -4.90 -11.35
CA TYR A 195 8.59 -5.16 -12.62
C TYR A 195 7.59 -5.28 -13.75
N ASP A 196 6.45 -5.85 -13.44
CA ASP A 196 5.41 -6.01 -14.48
C ASP A 196 4.78 -4.67 -14.82
N MET A 197 4.61 -3.85 -13.81
CA MET A 197 4.01 -2.52 -14.06
C MET A 197 4.77 -1.79 -15.15
N MET A 198 6.05 -1.64 -14.95
CA MET A 198 6.86 -0.93 -15.98
C MET A 198 6.74 -1.64 -17.32
N GLY A 199 6.13 -0.96 -18.27
CA GLY A 199 5.97 -1.60 -19.62
C GLY A 199 6.11 -0.54 -20.72
N ARG A 200 6.69 -0.95 -21.82
CA ARG A 200 6.86 0.00 -22.94
C ARG A 200 7.26 -0.75 -24.21
N HIS A 201 6.99 -0.17 -25.34
CA HIS A 201 7.36 -0.85 -26.61
C HIS A 201 6.93 -2.31 -26.57
N THR A 202 7.88 -3.20 -26.71
CA THR A 202 7.54 -4.64 -26.68
C THR A 202 7.29 -5.10 -25.25
N TYR A 203 7.77 -6.27 -24.93
CA TYR A 203 7.57 -6.79 -23.56
C TYR A 203 8.57 -7.90 -23.23
N PRO A 204 9.79 -7.49 -22.94
CA PRO A 204 10.85 -8.44 -22.62
C PRO A 204 10.55 -9.20 -21.32
N ILE A 205 10.11 -10.42 -21.46
CA ILE A 205 9.79 -11.22 -20.26
C ILE A 205 11.06 -11.66 -19.55
N LEU A 206 11.08 -11.49 -18.25
CA LEU A 206 12.28 -11.89 -17.48
C LEU A 206 13.49 -11.08 -17.91
N ARG A 207 14.62 -11.74 -18.04
CA ARG A 207 15.85 -11.03 -18.46
C ARG A 207 16.39 -10.16 -17.33
N GLU A 208 17.35 -9.34 -17.64
CA GLU A 208 17.92 -8.46 -16.60
C GLU A 208 18.24 -9.25 -15.33
N ASP A 209 18.45 -8.56 -14.25
CA ASP A 209 18.76 -9.26 -12.98
C ASP A 209 17.51 -9.91 -12.41
N ALA A 210 17.57 -11.21 -12.25
CA ALA A 210 16.39 -11.92 -11.70
C ALA A 210 15.82 -11.17 -10.48
N PRO A 211 14.50 -11.04 -10.41
CA PRO A 211 13.86 -10.35 -9.30
C PRO A 211 14.21 -10.99 -7.96
N LEU A 212 15.04 -12.00 -8.01
CA LEU A 212 15.45 -12.67 -6.75
C LEU A 212 16.47 -11.85 -5.99
N GLU A 213 17.31 -11.16 -6.72
CA GLU A 213 18.34 -10.33 -6.05
C GLU A 213 17.70 -9.25 -5.18
N HIS A 214 16.73 -8.57 -5.73
CA HIS A 214 16.06 -7.51 -4.95
C HIS A 214 15.52 -8.07 -3.65
N VAL A 215 14.65 -9.03 -3.76
CA VAL A 215 14.07 -9.63 -2.54
C VAL A 215 15.17 -10.14 -1.63
N GLU A 216 16.20 -10.69 -2.21
CA GLU A 216 17.32 -11.20 -1.38
C GLU A 216 17.96 -10.07 -0.60
N ARG A 217 18.17 -8.96 -1.25
CA ARG A 217 18.80 -7.82 -0.55
C ARG A 217 17.96 -7.40 0.64
N PHE A 218 16.69 -7.21 0.42
CA PHE A 218 15.81 -6.80 1.55
C PHE A 218 15.82 -7.87 2.62
N PHE A 219 15.67 -9.11 2.21
CA PHE A 219 15.67 -10.19 3.22
C PHE A 219 17.03 -10.26 3.89
N GLN A 220 18.06 -10.08 3.11
CA GLN A 220 19.41 -10.13 3.69
C GLN A 220 19.51 -9.14 4.83
N LYS A 221 18.97 -7.97 4.59
CA LYS A 221 19.01 -6.93 5.65
C LYS A 221 17.96 -7.25 6.71
N MET A 222 16.82 -7.69 6.24
CA MET A 222 15.74 -8.02 7.19
C MET A 222 15.97 -9.41 7.77
N ASP A 223 14.90 -10.18 7.88
CA ASP A 223 15.04 -11.56 8.43
C ASP A 223 16.13 -11.60 9.52
N ARG A 224 17.24 -12.21 9.20
CA ARG A 224 18.37 -12.32 10.19
C ARG A 224 17.98 -13.13 11.42
N ASN A 225 16.92 -12.74 12.07
CA ASN A 225 16.48 -13.48 13.27
C ASN A 225 16.26 -14.95 12.96
N GLN A 226 15.76 -15.68 13.94
CA GLN A 226 15.53 -17.12 13.70
C GLN A 226 14.44 -17.33 12.67
N ASP A 227 13.68 -18.38 12.82
CA ASP A 227 12.58 -18.65 11.85
C ASP A 227 13.00 -18.32 10.43
N GLY A 228 12.76 -17.11 10.03
CA GLY A 228 13.13 -16.68 8.67
C GLY A 228 12.09 -15.69 8.15
N VAL A 229 10.97 -15.69 8.79
CA VAL A 229 9.88 -14.78 8.38
C VAL A 229 10.06 -13.42 9.04
N VAL A 230 9.63 -12.36 8.34
CA VAL A 230 9.77 -11.00 8.92
C VAL A 230 8.44 -10.48 9.41
N THR A 231 8.43 -10.07 10.64
CA THR A 231 7.20 -9.53 11.26
C THR A 231 7.38 -8.06 11.60
N ILE A 232 6.29 -7.37 11.81
CA ILE A 232 6.39 -5.92 12.15
C ILE A 232 7.59 -5.65 13.05
N ASP A 233 8.01 -6.65 13.77
CA ASP A 233 9.15 -6.47 14.67
C ASP A 233 10.45 -6.36 13.85
N GLU A 234 10.76 -7.41 13.14
CA GLU A 234 12.00 -7.38 12.32
C GLU A 234 11.98 -6.15 11.42
N PHE A 235 10.80 -5.63 11.22
CA PHE A 235 10.65 -4.44 10.36
C PHE A 235 11.16 -3.20 11.06
N LEU A 236 10.55 -2.89 12.18
CA LEU A 236 10.98 -1.69 12.93
C LEU A 236 12.45 -1.79 13.30
N GLU A 237 12.91 -2.99 13.56
CA GLU A 237 14.33 -3.15 13.93
C GLU A 237 15.24 -2.84 12.75
N THR A 238 14.84 -3.30 11.59
CA THR A 238 15.65 -3.04 10.38
C THR A 238 15.53 -1.59 9.92
N CYS A 239 14.39 -1.02 10.12
CA CYS A 239 14.19 0.39 9.70
C CYS A 239 14.73 1.37 10.75
N GLN A 240 14.75 0.94 11.99
CA GLN A 240 15.26 1.83 13.05
C GLN A 240 16.77 2.00 12.94
N LYS A 241 17.46 0.90 12.91
CA LYS A 241 18.94 0.98 12.81
C LYS A 241 19.35 1.71 11.54
N ASP A 242 18.38 2.20 10.82
CA ASP A 242 18.70 2.94 9.57
C ASP A 242 19.64 2.12 8.70
N GLU A 243 19.18 0.98 8.27
CA GLU A 243 20.03 0.12 7.42
C GLU A 243 20.22 0.74 6.04
N ASN A 244 19.71 1.93 5.86
CA ASN A 244 19.85 2.60 4.55
C ASN A 244 19.05 1.86 3.48
N ILE A 245 18.75 0.62 3.74
CA ILE A 245 17.97 -0.17 2.74
C ILE A 245 16.57 0.41 2.60
N MET A 246 15.93 0.65 3.71
CA MET A 246 14.57 1.20 3.64
C MET A 246 14.58 2.48 2.83
N ASN A 247 15.70 3.17 2.86
CA ASN A 247 15.79 4.42 2.09
C ASN A 247 15.35 4.15 0.67
N SER A 248 15.82 3.06 0.14
CA SER A 248 15.44 2.71 -1.24
C SER A 248 13.95 2.42 -1.30
N MET A 249 13.47 1.69 -0.31
CA MET A 249 12.03 1.38 -0.29
C MET A 249 11.21 2.66 -0.29
N GLN A 250 11.72 3.65 0.40
CA GLN A 250 11.01 4.94 0.46
C GLN A 250 10.93 5.56 -0.92
N LEU A 251 12.05 5.62 -1.59
CA LEU A 251 12.06 6.21 -2.95
C LEU A 251 10.99 5.56 -3.81
N PHE A 252 10.75 4.29 -3.55
CA PHE A 252 9.72 3.58 -4.34
C PHE A 252 8.34 4.09 -3.99
N GLU A 253 8.13 4.39 -2.74
CA GLU A 253 6.80 4.90 -2.31
C GLU A 253 6.55 6.28 -2.90
N ASN A 254 7.59 6.99 -3.20
CA ASN A 254 7.43 8.34 -3.77
C ASN A 254 6.82 8.27 -5.17
N VAL A 255 7.59 8.67 -6.14
CA VAL A 255 7.08 8.62 -7.54
C VAL A 255 7.50 7.33 -8.23
N ILE A 256 6.53 6.64 -8.76
CA ILE A 256 6.85 5.37 -9.45
C ILE A 256 5.87 5.10 -10.59
#